data_8CN9
#
_entry.id   8CN9
#
_cell.length_a   144.782
_cell.length_b   100.794
_cell.length_c   181.739
_cell.angle_alpha   90.000
_cell.angle_beta   101.220
_cell.angle_gamma   90.000
#
_symmetry.space_group_name_H-M   'P 1 21 1'
#
loop_
_entity.id
_entity.type
_entity.pdbx_description
1 polymer 'Fab light chain'
2 polymer 'Fab heavy chain'
3 polymer 'Coagulation factor VII'
4 polymer 'Coagulation factor VII'
5 polymer 'Tissue factor'
6 non-polymer 'CALCIUM ION'
7 non-polymer beta-D-glucopyranose
8 non-polymer 'CESIUM ION'
#
loop_
_entity_poly.entity_id
_entity_poly.type
_entity_poly.pdbx_seq_one_letter_code
_entity_poly.pdbx_strand_id
1 'polypeptide(L)'
;EIVLTQSPATLSLSPGERATLSCRASQGISDYLHWYQQKPGEAPRLLIKYTSQPATGIPARFSGSGSGTDFTLTISSLEP
EDFAVYYCQNGHSFPLTFGQGTKLEIKRTVAAPSVFIFPPSDEQLKSGTASVVCLLNNFYPREAKVQWKVDNALQSGNSQ
ESVTEQDSKDSTYSLSSTLTLSKADYEKHKVYACEVTHQGLSSPVTKSFNRGEC
;
A,F,K,P
2 'polypeptide(L)'
;QVQLQESGPGLVKPSQTLSLTCTVSGYSISSDSAWSWIRQPPGKGLEWIGYIQYSGSTNYNPSLKSRVTISRDTSKNQFS
LKLSSVTAADTAVYYCARSVNYYGNSFAVGYWGQGTLVTVSSASTKGPSVFPLAPCSRSTSESTAALGCLVKDYFPEPVT
VSWNSGALTSGVHTFPAVLQSSGLYSLSSVVTVPSSSLGTKTYTCNVDHKPSNTKVDKRV
;
B,G,L,Q
3 'polypeptide(L)'
;IVGGKVCPKGECPWQVLLLVNGAQLCGGTLINTIWVVSAAHCFDKIKNWRNLIAVLGEHDLSEHDGDEQSRRVAQVIIPS
TYVPGTTNHDIALLRLHQPVVLTDHVVPLCLPERTFSERTLAFVRFSLVSGWGQLLDRGATALELMVLNVPRLMTQDCLQ
QSRKVGDSPNITEYMFCAGYSDGSKDSCKGDSGGPHATHYRGTWYLTGIVSWGQGCATVGHFGVYTRVSQYIEWLQKLMR
SEPRPGVLLRAPFP
;
C,H,M,R
4 'polypeptide(L)'
;DGDQCASSPCQNGGSCKDQLQSYICFCLPAFEGRNCETHKDDQLICVNENGGCEQYCSDHTGTKRSCRCHEGYSLLADGV
SCTPTVEYPCGKIPILEKRNASKPQGR
;
D,I,N,S
5 'polypeptide(L)'
;SGTTNTVAAYNLTWKSTNFKTILEWEPKPVNQVYTVQISTKSGDWKSKCFYTTDTECDLTDEIVKDVKQTYLARVFSYPA
GNVESTGSAGEPLYENSPEFTPYLETNLGQPTIQSFEQVGTKVNVTVEDERTLVRRNNTFLSLRDVFGKDLIYTLYYWKS
SSSGKKTAKTNTNEFLIDVDKGENYCFSVQAVIPSRTVNRKSTDSPVECMGQEKGEFRE
;
E,J,O,T
#
loop_
_chem_comp.id
_chem_comp.type
_chem_comp.name
_chem_comp.formula
BGC D-saccharide, beta linking beta-D-glucopyranose 'C6 H12 O6'
CA non-polymer 'CALCIUM ION' 'Ca 2'
CS non-polymer 'CESIUM ION' 'Cs 1'
#
# COMPACT_ATOMS: atom_id res chain seq x y z
N GLU A 1 -19.52 58.76 -25.53
CA GLU A 1 -19.89 60.14 -25.80
C GLU A 1 -21.23 60.20 -26.55
N ILE A 2 -22.13 61.05 -26.07
CA ILE A 2 -23.45 61.20 -26.66
C ILE A 2 -23.38 62.31 -27.69
N VAL A 3 -23.56 61.96 -28.96
CA VAL A 3 -23.58 62.93 -30.04
C VAL A 3 -25.00 63.47 -30.18
N LEU A 4 -25.16 64.78 -30.04
CA LEU A 4 -26.46 65.43 -30.08
C LEU A 4 -26.56 66.26 -31.34
N THR A 5 -27.65 66.07 -32.09
CA THR A 5 -27.88 66.79 -33.34
C THR A 5 -29.11 67.69 -33.18
N GLN A 6 -28.97 68.94 -33.62
CA GLN A 6 -30.06 69.91 -33.56
C GLN A 6 -30.48 70.28 -34.98
N SER A 7 -31.78 70.24 -35.23
CA SER A 7 -32.34 70.61 -36.52
C SER A 7 -33.61 71.43 -36.29
N PRO A 8 -33.92 72.35 -37.21
CA PRO A 8 -33.16 72.75 -38.40
C PRO A 8 -32.02 73.70 -38.05
N ALA A 9 -31.00 73.81 -38.91
CA ALA A 9 -29.89 74.70 -38.63
C ALA A 9 -30.34 76.16 -38.62
N THR A 10 -31.16 76.56 -39.59
CA THR A 10 -31.66 77.91 -39.70
C THR A 10 -33.18 77.89 -39.79
N LEU A 11 -33.82 78.81 -39.06
CA LEU A 11 -35.27 78.92 -39.06
C LEU A 11 -35.66 80.40 -39.07
N SER A 12 -36.53 80.77 -39.99
CA SER A 12 -37.00 82.15 -40.13
C SER A 12 -38.52 82.15 -40.07
N LEU A 13 -39.07 82.69 -38.97
CA LEU A 13 -40.52 82.70 -38.77
C LEU A 13 -40.96 84.06 -38.28
N SER A 14 -42.17 84.44 -38.67
CA SER A 14 -42.75 85.71 -38.27
C SER A 14 -43.20 85.66 -36.81
N PRO A 15 -43.33 86.82 -36.15
CA PRO A 15 -43.81 86.82 -34.76
C PRO A 15 -45.18 86.18 -34.58
N GLY A 16 -46.07 86.35 -35.56
CA GLY A 16 -47.42 85.81 -35.43
C GLY A 16 -47.49 84.30 -35.54
N GLU A 17 -46.41 83.65 -35.94
CA GLU A 17 -46.40 82.20 -36.12
C GLU A 17 -45.87 81.52 -34.86
N ARG A 18 -45.67 80.21 -34.92
CA ARG A 18 -45.09 79.44 -33.83
C ARG A 18 -43.91 78.65 -34.35
N ALA A 19 -42.88 78.54 -33.53
CA ALA A 19 -41.62 77.90 -33.91
C ALA A 19 -41.47 76.58 -33.18
N THR A 20 -41.11 75.53 -33.91
CA THR A 20 -40.87 74.21 -33.35
C THR A 20 -39.42 73.83 -33.59
N LEU A 21 -38.73 73.43 -32.52
CA LEU A 21 -37.32 73.08 -32.56
C LEU A 21 -37.15 71.64 -32.09
N SER A 22 -36.28 70.89 -32.77
CA SER A 22 -36.09 69.48 -32.51
C SER A 22 -34.69 69.22 -31.97
N CYS A 23 -34.59 68.22 -31.09
CA CYS A 23 -33.33 67.87 -30.43
C CYS A 23 -33.26 66.35 -30.34
N ARG A 24 -32.58 65.72 -31.29
CA ARG A 24 -32.45 64.28 -31.32
C ARG A 24 -31.19 63.83 -30.60
N ALA A 25 -31.30 62.75 -29.84
CA ALA A 25 -30.19 62.20 -29.07
C ALA A 25 -29.79 60.84 -29.62
N SER A 26 -28.50 60.52 -29.47
CA SER A 26 -27.97 59.25 -29.96
C SER A 26 -28.43 58.07 -29.11
N GLN A 27 -28.90 58.32 -27.89
CA GLN A 27 -29.37 57.27 -27.01
C GLN A 27 -30.59 57.76 -26.26
N GLY A 28 -31.19 56.86 -25.48
CA GLY A 28 -32.33 57.24 -24.66
C GLY A 28 -31.89 57.85 -23.35
N ILE A 29 -31.95 59.17 -23.25
CA ILE A 29 -31.52 59.88 -22.05
C ILE A 29 -32.71 60.22 -21.15
N SER A 30 -33.85 59.56 -21.35
CA SER A 30 -35.07 59.75 -20.54
C SER A 30 -35.48 61.22 -20.66
N ASP A 31 -35.83 61.88 -19.56
CA ASP A 31 -36.20 63.29 -19.56
C ASP A 31 -35.02 64.20 -19.22
N TYR A 32 -33.83 63.66 -19.04
CA TYR A 32 -32.67 64.43 -18.62
C TYR A 32 -32.12 65.24 -19.80
N LEU A 33 -32.85 66.31 -20.13
CA LEU A 33 -32.46 67.21 -21.21
C LEU A 33 -32.93 68.61 -20.86
N HIS A 34 -32.01 69.57 -20.93
CA HIS A 34 -32.31 70.96 -20.60
C HIS A 34 -32.11 71.84 -21.82
N TRP A 35 -32.92 72.89 -21.92
CA TRP A 35 -32.93 73.79 -23.06
C TRP A 35 -32.35 75.14 -22.68
N TYR A 36 -31.64 75.76 -23.62
CA TYR A 36 -30.98 77.04 -23.39
C TYR A 36 -31.26 78.01 -24.53
N GLN A 37 -31.19 79.29 -24.22
CA GLN A 37 -31.29 80.36 -25.19
C GLN A 37 -30.09 81.28 -25.03
N GLN A 38 -29.39 81.57 -26.13
CA GLN A 38 -28.19 82.39 -26.10
C GLN A 38 -28.38 83.56 -27.07
N LYS A 39 -28.76 84.71 -26.52
CA LYS A 39 -28.75 85.92 -27.31
C LYS A 39 -27.30 86.32 -27.61
N PRO A 40 -27.04 86.90 -28.77
CA PRO A 40 -25.65 87.22 -29.14
C PRO A 40 -25.01 88.20 -28.15
N GLY A 41 -23.76 87.94 -27.81
CA GLY A 41 -23.04 88.75 -26.85
C GLY A 41 -23.37 88.47 -25.40
N GLU A 42 -24.18 87.45 -25.12
CA GLU A 42 -24.60 87.13 -23.76
C GLU A 42 -24.47 85.63 -23.51
N ALA A 43 -24.45 85.27 -22.23
CA ALA A 43 -24.38 83.88 -21.82
C ALA A 43 -25.74 83.20 -22.00
N PRO A 44 -25.73 81.88 -22.22
CA PRO A 44 -27.01 81.17 -22.38
C PRO A 44 -27.84 81.18 -21.10
N ARG A 45 -29.16 81.12 -21.28
CA ARG A 45 -30.11 81.11 -20.18
C ARG A 45 -30.85 79.78 -20.16
N LEU A 46 -31.06 79.24 -18.96
CA LEU A 46 -31.80 77.98 -18.80
C LEU A 46 -33.28 78.25 -18.99
N LEU A 47 -33.80 77.87 -20.16
CA LEU A 47 -35.22 78.08 -20.44
C LEU A 47 -36.07 76.99 -19.81
N ILE A 48 -35.88 75.74 -20.25
CA ILE A 48 -36.67 74.61 -19.79
C ILE A 48 -35.71 73.53 -19.30
N LYS A 49 -35.93 73.04 -18.09
CA LYS A 49 -35.12 71.99 -17.50
C LYS A 49 -35.91 70.68 -17.49
N TYR A 50 -35.22 69.59 -17.84
CA TYR A 50 -35.81 68.26 -17.89
C TYR A 50 -36.96 68.16 -18.90
N THR A 51 -36.91 69.03 -19.92
CA THR A 51 -37.73 68.96 -21.13
C THR A 51 -39.19 69.33 -20.88
N SER A 52 -39.59 69.48 -19.63
CA SER A 52 -40.97 69.87 -19.39
C SER A 52 -41.11 71.04 -18.42
N GLN A 53 -40.27 71.09 -17.39
CA GLN A 53 -40.42 72.12 -16.37
C GLN A 53 -39.73 73.41 -16.81
N PRO A 54 -40.44 74.52 -16.91
CA PRO A 54 -39.78 75.80 -17.17
C PRO A 54 -39.16 76.36 -15.91
N ALA A 55 -38.16 77.23 -16.11
CA ALA A 55 -37.45 77.83 -14.99
C ALA A 55 -38.27 78.98 -14.41
N THR A 56 -37.68 79.73 -13.49
CA THR A 56 -38.35 80.85 -12.85
C THR A 56 -38.00 82.14 -13.58
N GLY A 57 -39.02 82.92 -13.92
CA GLY A 57 -38.87 84.12 -14.71
C GLY A 57 -38.94 83.91 -16.20
N ILE A 58 -39.03 82.66 -16.65
CA ILE A 58 -39.15 82.37 -18.08
C ILE A 58 -40.59 82.62 -18.51
N PRO A 59 -40.81 83.32 -19.62
CA PRO A 59 -42.19 83.54 -20.09
C PRO A 59 -42.88 82.23 -20.46
N ALA A 60 -44.20 82.21 -20.27
CA ALA A 60 -44.99 81.00 -20.48
C ALA A 60 -45.07 80.58 -21.94
N ARG A 61 -44.63 81.42 -22.87
CA ARG A 61 -44.71 81.07 -24.28
C ARG A 61 -43.84 79.88 -24.62
N PHE A 62 -42.74 79.68 -23.90
CA PHE A 62 -41.85 78.56 -24.14
C PHE A 62 -42.39 77.30 -23.48
N SER A 63 -42.20 76.17 -24.15
CA SER A 63 -42.67 74.88 -23.66
C SER A 63 -41.85 73.77 -24.30
N GLY A 64 -41.94 72.58 -23.72
CA GLY A 64 -41.20 71.45 -24.22
C GLY A 64 -41.93 70.14 -23.99
N SER A 65 -41.52 69.13 -24.74
CA SER A 65 -42.10 67.80 -24.64
C SER A 65 -41.13 66.79 -25.25
N GLY A 66 -41.42 65.52 -25.02
CA GLY A 66 -40.61 64.45 -25.55
C GLY A 66 -39.78 63.77 -24.47
N SER A 67 -39.44 62.51 -24.73
CA SER A 67 -38.63 61.73 -23.80
C SER A 67 -37.96 60.60 -24.56
N GLY A 68 -36.69 60.36 -24.25
CA GLY A 68 -35.95 59.29 -24.89
C GLY A 68 -34.94 59.77 -25.92
N THR A 69 -35.27 59.61 -27.21
CA THR A 69 -34.38 59.98 -28.29
C THR A 69 -34.70 61.33 -28.91
N ASP A 70 -35.99 61.67 -29.03
CA ASP A 70 -36.41 62.89 -29.70
C ASP A 70 -37.04 63.85 -28.70
N PHE A 71 -36.65 65.12 -28.79
CA PHE A 71 -37.19 66.16 -27.93
C PHE A 71 -37.57 67.37 -28.77
N THR A 72 -38.59 68.09 -28.33
CA THR A 72 -39.11 69.24 -29.06
C THR A 72 -39.15 70.46 -28.15
N LEU A 73 -38.77 71.62 -28.71
CA LEU A 73 -38.88 72.90 -28.04
C LEU A 73 -39.88 73.76 -28.79
N THR A 74 -40.89 74.26 -28.08
CA THR A 74 -42.01 74.96 -28.69
C THR A 74 -42.08 76.39 -28.19
N ILE A 75 -42.24 77.33 -29.11
CA ILE A 75 -42.51 78.73 -28.80
C ILE A 75 -43.91 79.03 -29.32
N SER A 76 -44.88 79.12 -28.42
CA SER A 76 -46.29 79.20 -28.84
C SER A 76 -46.57 80.53 -29.53
N SER A 77 -46.43 81.64 -28.82
CA SER A 77 -46.69 82.97 -29.36
C SER A 77 -45.35 83.70 -29.46
N LEU A 78 -44.70 83.53 -30.60
CA LEU A 78 -43.39 84.14 -30.81
C LEU A 78 -43.49 85.66 -30.77
N GLU A 79 -42.44 86.29 -30.26
CA GLU A 79 -42.39 87.73 -30.10
C GLU A 79 -41.05 88.24 -30.62
N PRO A 80 -40.95 89.54 -30.94
CA PRO A 80 -39.71 90.06 -31.54
C PRO A 80 -38.48 89.89 -30.67
N GLU A 81 -38.64 89.66 -29.36
CA GLU A 81 -37.51 89.48 -28.46
C GLU A 81 -36.94 88.07 -28.47
N ASP A 82 -37.50 87.17 -29.27
CA ASP A 82 -37.09 85.76 -29.25
C ASP A 82 -35.89 85.47 -30.14
N PHE A 83 -35.33 86.46 -30.83
CA PHE A 83 -34.18 86.24 -31.69
C PHE A 83 -32.97 85.81 -30.88
N ALA A 84 -32.56 84.54 -31.03
CA ALA A 84 -31.41 83.99 -30.32
C ALA A 84 -31.12 82.61 -30.89
N VAL A 85 -29.97 82.07 -30.49
CA VAL A 85 -29.58 80.70 -30.83
C VAL A 85 -29.88 79.82 -29.62
N TYR A 86 -30.63 78.75 -29.85
CA TYR A 86 -31.13 77.90 -28.78
C TYR A 86 -30.36 76.59 -28.74
N TYR A 87 -30.10 76.09 -27.54
CA TYR A 87 -29.30 74.90 -27.33
C TYR A 87 -30.01 73.96 -26.36
N CYS A 88 -29.84 72.66 -26.58
CA CYS A 88 -30.29 71.63 -25.65
C CYS A 88 -29.08 70.88 -25.12
N GLN A 89 -29.08 70.61 -23.82
CA GLN A 89 -27.93 70.02 -23.14
C GLN A 89 -28.27 68.59 -22.71
N ASN A 90 -27.35 67.67 -22.99
CA ASN A 90 -27.44 66.33 -22.41
C ASN A 90 -27.28 66.44 -20.90
N GLY A 91 -28.19 65.80 -20.16
CA GLY A 91 -28.16 65.90 -18.73
C GLY A 91 -28.33 64.57 -18.03
N HIS A 92 -27.96 63.48 -18.70
CA HIS A 92 -28.12 62.14 -18.18
C HIS A 92 -26.79 61.44 -17.90
N SER A 93 -25.89 61.42 -18.88
CA SER A 93 -24.60 60.76 -18.74
C SER A 93 -23.50 61.66 -19.26
N PHE A 94 -22.32 61.51 -18.66
CA PHE A 94 -21.14 62.22 -19.12
C PHE A 94 -20.53 61.51 -20.32
N PRO A 95 -19.77 62.24 -21.17
CA PRO A 95 -19.40 63.66 -21.09
C PRO A 95 -20.57 64.58 -21.40
N LEU A 96 -20.74 65.63 -20.60
CA LEU A 96 -21.85 66.56 -20.78
C LEU A 96 -21.72 67.22 -22.14
N THR A 97 -22.74 67.07 -22.97
CA THR A 97 -22.68 67.53 -24.35
C THR A 97 -23.81 68.51 -24.63
N PHE A 98 -23.48 69.60 -25.32
CA PHE A 98 -24.45 70.59 -25.76
C PHE A 98 -24.70 70.43 -27.26
N GLY A 99 -25.73 71.12 -27.74
CA GLY A 99 -26.10 71.02 -29.14
C GLY A 99 -25.27 71.89 -30.04
N GLN A 100 -25.50 71.73 -31.35
CA GLN A 100 -24.79 72.55 -32.33
C GLN A 100 -25.35 73.96 -32.38
N GLY A 101 -26.65 74.11 -32.20
CA GLY A 101 -27.27 75.43 -32.21
C GLY A 101 -28.14 75.61 -33.44
N THR A 102 -29.32 76.18 -33.23
CA THR A 102 -30.27 76.47 -34.30
C THR A 102 -30.55 77.96 -34.29
N LYS A 103 -30.00 78.68 -35.28
CA LYS A 103 -30.24 80.11 -35.38
C LYS A 103 -31.70 80.38 -35.73
N LEU A 104 -32.27 81.40 -35.09
CA LEU A 104 -33.68 81.77 -35.28
C LEU A 104 -33.73 83.24 -35.66
N GLU A 105 -33.68 83.52 -36.96
CA GLU A 105 -33.82 84.88 -37.47
C GLU A 105 -35.29 85.23 -37.62
N ILE A 106 -35.69 86.39 -37.12
CA ILE A 106 -37.08 86.80 -37.12
C ILE A 106 -37.35 87.71 -38.31
N LYS A 107 -38.61 87.73 -38.75
CA LYS A 107 -39.07 88.56 -39.84
C LYS A 107 -39.88 89.74 -39.29
N ARG A 108 -40.06 90.76 -40.13
CA ARG A 108 -40.79 91.95 -39.74
C ARG A 108 -41.31 92.64 -40.99
N THR A 109 -41.91 93.81 -40.80
CA THR A 109 -42.40 94.60 -41.93
C THR A 109 -41.25 95.25 -42.68
N VAL A 110 -41.49 95.49 -43.98
CA VAL A 110 -40.46 96.09 -44.82
C VAL A 110 -40.10 97.48 -44.30
N ALA A 111 -38.81 97.81 -44.35
CA ALA A 111 -38.30 99.05 -43.80
C ALA A 111 -37.60 99.87 -44.88
N ALA A 112 -37.49 101.17 -44.61
CA ALA A 112 -36.76 102.09 -45.49
C ALA A 112 -35.45 102.48 -44.81
N PRO A 113 -34.31 102.01 -45.31
CA PRO A 113 -33.04 102.26 -44.61
C PRO A 113 -32.64 103.72 -44.62
N SER A 114 -31.63 104.02 -43.80
CA SER A 114 -31.00 105.33 -43.75
C SER A 114 -29.51 105.16 -44.04
N VAL A 115 -28.99 105.98 -44.94
CA VAL A 115 -27.60 105.88 -45.39
C VAL A 115 -26.88 107.17 -45.04
N PHE A 116 -25.69 107.05 -44.45
CA PHE A 116 -24.87 108.19 -44.11
C PHE A 116 -23.43 107.92 -44.52
N ILE A 117 -22.72 108.99 -44.86
CA ILE A 117 -21.34 108.90 -45.32
C ILE A 117 -20.47 109.79 -44.43
N PHE A 118 -19.33 109.26 -44.01
CA PHE A 118 -18.42 109.97 -43.11
C PHE A 118 -17.05 110.12 -43.77
N PRO A 119 -16.54 111.34 -43.94
CA PRO A 119 -15.17 111.49 -44.45
C PRO A 119 -14.17 111.05 -43.40
N PRO A 120 -13.00 110.57 -43.80
CA PRO A 120 -11.96 110.24 -42.82
C PRO A 120 -11.51 111.49 -42.07
N SER A 121 -11.22 111.31 -40.79
CA SER A 121 -10.80 112.44 -39.96
C SER A 121 -9.44 112.95 -40.40
N ASP A 122 -9.25 114.26 -40.25
CA ASP A 122 -7.97 114.87 -40.61
C ASP A 122 -6.83 114.35 -39.75
N GLU A 123 -7.12 114.04 -38.47
CA GLU A 123 -6.11 113.46 -37.60
C GLU A 123 -5.71 112.06 -38.06
N GLN A 124 -6.65 111.31 -38.66
CA GLN A 124 -6.33 109.99 -39.18
C GLN A 124 -5.30 110.05 -40.30
N LEU A 125 -5.37 111.09 -41.14
CA LEU A 125 -4.43 111.23 -42.25
C LEU A 125 -2.99 111.41 -41.80
N LYS A 126 -2.77 111.77 -40.53
CA LYS A 126 -1.40 111.94 -40.04
C LYS A 126 -0.63 110.64 -40.04
N SER A 127 -1.32 109.51 -39.94
CA SER A 127 -0.68 108.19 -39.90
C SER A 127 -0.47 107.59 -41.29
N GLY A 128 -0.78 108.34 -42.35
CA GLY A 128 -0.60 107.86 -43.69
C GLY A 128 -1.66 106.90 -44.19
N THR A 129 -2.81 106.82 -43.51
CA THR A 129 -3.91 105.96 -43.92
C THR A 129 -5.21 106.74 -43.90
N ALA A 130 -6.12 106.37 -44.80
CA ALA A 130 -7.42 107.01 -44.91
C ALA A 130 -8.49 105.95 -45.08
N SER A 131 -9.62 106.14 -44.40
CA SER A 131 -10.73 105.21 -44.48
C SER A 131 -12.04 105.98 -44.39
N VAL A 132 -12.91 105.79 -45.38
CA VAL A 132 -14.22 106.42 -45.43
C VAL A 132 -15.27 105.34 -45.22
N VAL A 133 -16.23 105.62 -44.34
CA VAL A 133 -17.18 104.62 -43.88
C VAL A 133 -18.59 105.04 -44.31
N CYS A 134 -19.29 104.14 -44.99
CA CYS A 134 -20.70 104.30 -45.34
C CYS A 134 -21.50 103.25 -44.59
N LEU A 135 -22.56 103.67 -43.90
CA LEU A 135 -23.25 102.81 -42.97
C LEU A 135 -24.74 102.76 -43.25
N LEU A 136 -25.35 101.63 -42.89
CA LEU A 136 -26.79 101.47 -42.82
C LEU A 136 -27.14 101.10 -41.38
N ASN A 137 -28.16 101.75 -40.83
CA ASN A 137 -28.44 101.64 -39.40
C ASN A 137 -29.75 100.92 -39.08
N ASN A 138 -30.79 101.13 -39.88
CA ASN A 138 -32.11 100.56 -39.61
C ASN A 138 -32.68 99.92 -40.87
N PHE A 139 -31.87 99.09 -41.54
CA PHE A 139 -32.27 98.45 -42.78
C PHE A 139 -32.69 97.01 -42.53
N TYR A 140 -33.84 96.63 -43.10
CA TYR A 140 -34.35 95.27 -43.09
C TYR A 140 -34.95 95.01 -44.47
N PRO A 141 -34.73 93.83 -45.05
CA PRO A 141 -34.01 92.66 -44.52
C PRO A 141 -32.49 92.77 -44.63
N ARG A 142 -31.79 91.65 -44.42
CA ARG A 142 -30.34 91.61 -44.53
C ARG A 142 -29.87 91.40 -45.97
N GLU A 143 -30.78 91.07 -46.89
CA GLU A 143 -30.41 90.81 -48.28
C GLU A 143 -30.30 92.14 -49.03
N ALA A 144 -29.23 92.87 -48.72
CA ALA A 144 -28.95 94.16 -49.33
C ALA A 144 -27.54 94.16 -49.90
N LYS A 145 -27.33 94.96 -50.94
CA LYS A 145 -26.04 95.07 -51.59
C LYS A 145 -25.63 96.53 -51.65
N VAL A 146 -24.36 96.80 -51.37
CA VAL A 146 -23.79 98.13 -51.42
C VAL A 146 -22.68 98.15 -52.46
N GLN A 147 -22.75 99.12 -53.38
CA GLN A 147 -21.74 99.30 -54.41
C GLN A 147 -21.06 100.65 -54.17
N TRP A 148 -19.74 100.62 -54.03
CA TRP A 148 -18.96 101.83 -53.77
C TRP A 148 -18.27 102.27 -55.05
N LYS A 149 -18.64 103.45 -55.54
CA LYS A 149 -18.03 104.05 -56.72
C LYS A 149 -17.33 105.34 -56.31
N VAL A 150 -16.01 105.36 -56.45
CA VAL A 150 -15.20 106.50 -56.02
C VAL A 150 -14.73 107.25 -57.25
N ASP A 151 -15.17 108.51 -57.37
CA ASP A 151 -14.86 109.36 -58.52
C ASP A 151 -15.16 108.65 -59.84
N ASN A 152 -16.38 108.10 -59.93
CA ASN A 152 -16.83 107.36 -61.12
C ASN A 152 -15.92 106.18 -61.42
N ALA A 153 -15.43 105.53 -60.37
CA ALA A 153 -14.61 104.33 -60.50
C ALA A 153 -15.00 103.35 -59.40
N LEU A 154 -15.07 102.07 -59.76
CA LEU A 154 -15.52 101.02 -58.85
C LEU A 154 -14.34 100.17 -58.40
N GLN A 155 -14.28 99.88 -57.10
CA GLN A 155 -13.27 99.02 -56.52
C GLN A 155 -13.90 97.71 -56.09
N SER A 156 -13.11 96.63 -56.15
CA SER A 156 -13.61 95.31 -55.81
C SER A 156 -12.63 94.50 -54.96
N GLY A 157 -11.64 95.14 -54.37
CA GLY A 157 -10.64 94.42 -53.59
C GLY A 157 -10.44 94.92 -52.18
N ASN A 158 -10.89 96.14 -51.91
CA ASN A 158 -10.69 96.78 -50.62
C ASN A 158 -11.97 96.98 -49.81
N SER A 159 -13.11 96.50 -50.32
CA SER A 159 -14.38 96.70 -49.63
C SER A 159 -14.55 95.68 -48.51
N GLN A 160 -14.87 96.15 -47.31
CA GLN A 160 -15.12 95.31 -46.16
C GLN A 160 -16.49 95.64 -45.59
N GLU A 161 -17.31 94.61 -45.37
CA GLU A 161 -18.66 94.77 -44.87
C GLU A 161 -18.80 94.05 -43.54
N SER A 162 -19.32 94.75 -42.53
CA SER A 162 -19.59 94.16 -41.23
C SER A 162 -21.05 94.41 -40.88
N VAL A 163 -21.74 93.37 -40.41
CA VAL A 163 -23.16 93.42 -40.13
C VAL A 163 -23.40 92.96 -38.70
N THR A 164 -24.18 93.74 -37.96
CA THR A 164 -24.55 93.38 -36.60
C THR A 164 -25.67 92.35 -36.59
N GLU A 165 -25.84 91.71 -35.44
CA GLU A 165 -26.95 90.78 -35.27
C GLU A 165 -28.28 91.57 -35.19
N GLN A 166 -29.37 90.83 -35.30
CA GLN A 166 -30.70 91.44 -35.20
C GLN A 166 -30.89 92.06 -33.81
N ASP A 167 -31.31 93.32 -33.78
CA ASP A 167 -31.53 93.97 -32.51
C ASP A 167 -32.84 93.48 -31.89
N SER A 168 -32.97 93.66 -30.57
CA SER A 168 -34.08 93.10 -29.83
C SER A 168 -35.34 93.95 -29.87
N LYS A 169 -35.27 95.20 -30.33
CA LYS A 169 -36.43 96.08 -30.24
C LYS A 169 -37.30 96.05 -31.48
N ASP A 170 -36.74 96.42 -32.63
CA ASP A 170 -37.51 96.53 -33.87
C ASP A 170 -37.07 95.53 -34.94
N SER A 171 -36.15 94.63 -34.61
CA SER A 171 -35.67 93.58 -35.52
C SER A 171 -35.18 94.18 -36.85
N THR A 172 -34.24 95.11 -36.74
CA THR A 172 -33.63 95.76 -37.89
C THR A 172 -32.12 95.56 -37.85
N TYR A 173 -31.53 95.33 -39.01
CA TYR A 173 -30.10 95.11 -39.13
C TYR A 173 -29.34 96.43 -39.26
N SER A 174 -28.02 96.34 -39.13
CA SER A 174 -27.14 97.48 -39.34
C SER A 174 -25.89 97.01 -40.07
N LEU A 175 -25.51 97.75 -41.11
CA LEU A 175 -24.36 97.40 -41.94
C LEU A 175 -23.37 98.55 -41.97
N SER A 176 -22.08 98.21 -41.88
CA SER A 176 -21.00 99.18 -41.96
C SER A 176 -20.03 98.73 -43.04
N SER A 177 -19.78 99.59 -44.02
CA SER A 177 -18.85 99.31 -45.11
C SER A 177 -17.67 100.26 -44.99
N THR A 178 -16.46 99.71 -44.89
CA THR A 178 -15.24 100.49 -44.84
C THR A 178 -14.26 99.95 -45.87
N LEU A 179 -13.76 100.85 -46.71
CA LEU A 179 -12.70 100.51 -47.68
C LEU A 179 -11.48 101.33 -47.31
N THR A 180 -10.38 100.64 -47.04
CA THR A 180 -9.15 101.28 -46.56
C THR A 180 -8.20 101.45 -47.74
N LEU A 181 -7.83 102.71 -48.00
CA LEU A 181 -6.91 103.05 -49.08
C LEU A 181 -5.79 103.91 -48.51
N SER A 182 -4.66 103.90 -49.22
CA SER A 182 -3.53 104.72 -48.81
C SER A 182 -3.90 106.19 -48.85
N LYS A 183 -3.38 106.95 -47.88
CA LYS A 183 -3.70 108.37 -47.80
C LYS A 183 -3.28 109.11 -49.06
N ALA A 184 -2.21 108.65 -49.73
CA ALA A 184 -1.84 109.22 -51.02
C ALA A 184 -2.92 108.96 -52.07
N ASP A 185 -3.48 107.76 -52.08
CA ASP A 185 -4.57 107.46 -53.02
C ASP A 185 -5.84 108.22 -52.66
N TYR A 186 -6.01 108.59 -51.39
CA TYR A 186 -7.16 109.38 -50.99
C TYR A 186 -7.08 110.82 -51.51
N GLU A 187 -5.90 111.27 -51.91
CA GLU A 187 -5.70 112.58 -52.51
C GLU A 187 -5.71 112.52 -54.04
N LYS A 188 -6.04 111.36 -54.61
CA LYS A 188 -6.11 111.20 -56.05
C LYS A 188 -7.50 111.49 -56.61
N HIS A 189 -8.54 111.37 -55.80
CA HIS A 189 -9.91 111.60 -56.21
C HIS A 189 -10.49 112.79 -55.46
N LYS A 190 -11.74 113.14 -55.77
CA LYS A 190 -12.32 114.34 -55.18
C LYS A 190 -13.65 114.08 -54.48
N VAL A 191 -14.49 113.20 -55.02
CA VAL A 191 -15.80 112.89 -54.44
C VAL A 191 -15.92 111.38 -54.28
N TYR A 192 -16.13 110.94 -53.05
CA TYR A 192 -16.32 109.52 -52.74
C TYR A 192 -17.75 109.32 -52.26
N ALA A 193 -18.48 108.44 -52.93
CA ALA A 193 -19.89 108.21 -52.63
C ALA A 193 -20.17 106.72 -52.64
N CYS A 194 -21.16 106.32 -51.84
CA CYS A 194 -21.59 104.93 -51.74
C CYS A 194 -22.99 104.80 -52.31
N GLU A 195 -23.19 103.83 -53.19
CA GLU A 195 -24.49 103.55 -53.79
C GLU A 195 -25.11 102.37 -53.05
N VAL A 196 -26.30 102.58 -52.49
CA VAL A 196 -27.00 101.57 -51.70
C VAL A 196 -28.29 101.22 -52.42
N THR A 197 -28.47 99.93 -52.71
CA THR A 197 -29.71 99.43 -53.30
C THR A 197 -30.41 98.53 -52.28
N HIS A 198 -31.74 98.65 -52.21
CA HIS A 198 -32.50 97.92 -51.24
C HIS A 198 -33.95 97.81 -51.71
N GLN A 199 -34.62 96.75 -51.24
CA GLN A 199 -36.01 96.53 -51.63
C GLN A 199 -36.92 97.64 -51.09
N GLY A 200 -36.63 98.13 -49.90
CA GLY A 200 -37.43 99.21 -49.33
C GLY A 200 -37.25 100.55 -50.02
N LEU A 201 -36.15 100.72 -50.74
CA LEU A 201 -35.91 101.96 -51.49
C LEU A 201 -36.41 101.79 -52.92
N SER A 202 -37.22 102.74 -53.37
CA SER A 202 -37.74 102.68 -54.74
C SER A 202 -36.62 102.78 -55.76
N SER A 203 -35.66 103.67 -55.52
CA SER A 203 -34.50 103.83 -56.38
C SER A 203 -33.24 103.85 -55.53
N PRO A 204 -32.11 103.40 -56.08
CA PRO A 204 -30.86 103.43 -55.31
C PRO A 204 -30.34 104.84 -55.09
N VAL A 205 -30.48 105.33 -53.86
CA VAL A 205 -30.04 106.68 -53.50
C VAL A 205 -28.57 106.65 -53.15
N THR A 206 -27.83 107.65 -53.63
CA THR A 206 -26.40 107.77 -53.38
C THR A 206 -26.13 109.04 -52.59
N LYS A 207 -25.38 108.90 -51.50
CA LYS A 207 -24.97 110.02 -50.67
C LYS A 207 -23.48 110.27 -50.85
N SER A 208 -23.11 111.52 -51.11
CA SER A 208 -21.75 111.89 -51.45
C SER A 208 -21.28 113.04 -50.57
N PHE A 209 -20.00 113.37 -50.71
CA PHE A 209 -19.41 114.51 -50.02
C PHE A 209 -18.27 115.05 -50.88
N ASN A 210 -18.15 116.37 -50.92
CA ASN A 210 -17.10 117.03 -51.68
C ASN A 210 -15.96 117.46 -50.76
N ARG A 211 -14.76 117.54 -51.32
CA ARG A 211 -13.59 117.92 -50.53
C ARG A 211 -13.74 119.35 -50.00
N GLY A 212 -13.32 119.55 -48.77
CA GLY A 212 -13.42 120.85 -48.12
C GLY A 212 -14.77 121.11 -47.50
N GLN B 1 -29.30 86.36 -6.17
CA GLN B 1 -28.26 87.38 -6.18
C GLN B 1 -26.90 86.77 -6.48
N VAL B 2 -26.83 85.44 -6.51
CA VAL B 2 -25.56 84.75 -6.73
C VAL B 2 -25.05 85.10 -8.12
N GLN B 3 -23.84 85.63 -8.18
CA GLN B 3 -23.21 86.01 -9.44
C GLN B 3 -21.75 85.56 -9.44
N LEU B 4 -21.23 85.31 -10.64
CA LEU B 4 -19.87 84.83 -10.80
C LEU B 4 -19.27 85.46 -12.05
N GLN B 5 -17.96 85.68 -12.01
CA GLN B 5 -17.26 86.33 -13.11
C GLN B 5 -15.86 85.73 -13.22
N GLU B 6 -15.40 85.55 -14.46
CA GLU B 6 -14.09 84.99 -14.73
C GLU B 6 -13.08 86.08 -15.03
N SER B 7 -11.84 85.85 -14.62
CA SER B 7 -10.73 86.78 -14.84
C SER B 7 -9.60 86.04 -15.52
N GLY B 8 -9.10 86.61 -16.62
CA GLY B 8 -8.03 85.99 -17.37
C GLY B 8 -7.15 86.99 -18.09
N PRO B 9 -6.06 86.49 -18.70
CA PRO B 9 -5.16 87.41 -19.40
C PRO B 9 -5.71 87.91 -20.73
N GLY B 10 -6.52 87.11 -21.42
CA GLY B 10 -7.06 87.48 -22.71
C GLY B 10 -6.22 87.10 -23.90
N LEU B 11 -5.02 86.55 -23.69
CA LEU B 11 -4.15 86.15 -24.79
C LEU B 11 -3.12 85.15 -24.27
N VAL B 12 -3.05 83.99 -24.92
CA VAL B 12 -2.10 82.94 -24.55
C VAL B 12 -1.41 82.45 -25.81
N LYS B 13 -0.09 82.46 -25.81
CA LYS B 13 0.68 82.00 -26.95
C LYS B 13 0.51 80.48 -27.13
N PRO B 14 0.49 80.00 -28.37
CA PRO B 14 0.40 78.55 -28.58
C PRO B 14 1.59 77.81 -27.99
N SER B 15 1.40 76.51 -27.78
CA SER B 15 2.39 75.64 -27.12
C SER B 15 2.69 76.12 -25.70
N GLN B 16 1.71 76.74 -25.06
CA GLN B 16 1.85 77.20 -23.68
C GLN B 16 0.66 76.71 -22.85
N THR B 17 0.53 77.23 -21.63
CA THR B 17 -0.54 76.83 -20.72
C THR B 17 -1.57 77.94 -20.63
N LEU B 18 -2.85 77.55 -20.66
CA LEU B 18 -3.96 78.48 -20.57
C LEU B 18 -4.52 78.45 -19.15
N SER B 19 -4.63 79.63 -18.53
CA SER B 19 -5.11 79.74 -17.16
C SER B 19 -6.23 80.77 -17.10
N LEU B 20 -7.27 80.44 -16.35
CA LEU B 20 -8.40 81.33 -16.13
C LEU B 20 -8.88 81.19 -14.69
N THR B 21 -9.33 82.31 -14.12
CA THR B 21 -9.76 82.35 -12.73
C THR B 21 -11.18 82.89 -12.65
N CYS B 22 -12.05 82.18 -11.95
CA CYS B 22 -13.44 82.56 -11.79
C CYS B 22 -13.74 82.80 -10.32
N THR B 23 -14.39 83.92 -10.02
CA THR B 23 -14.70 84.33 -8.65
C THR B 23 -16.20 84.27 -8.42
N VAL B 24 -16.59 83.67 -7.31
CA VAL B 24 -18.00 83.54 -6.92
C VAL B 24 -18.22 84.37 -5.67
N SER B 25 -19.36 85.07 -5.62
CA SER B 25 -19.67 85.99 -4.53
C SER B 25 -20.85 85.51 -3.68
N GLY B 26 -21.98 85.21 -4.30
CA GLY B 26 -23.20 84.91 -3.56
C GLY B 26 -23.37 83.50 -3.06
N TYR B 27 -22.43 82.61 -3.33
CA TYR B 27 -22.55 81.21 -2.93
C TYR B 27 -21.21 80.67 -2.49
N SER B 28 -21.25 79.66 -1.63
CA SER B 28 -20.05 79.02 -1.10
C SER B 28 -19.72 77.78 -1.93
N ILE B 29 -18.46 77.66 -2.35
CA ILE B 29 -18.05 76.57 -3.22
C ILE B 29 -18.19 75.23 -2.53
N SER B 30 -18.11 75.20 -1.21
CA SER B 30 -18.04 73.96 -0.45
C SER B 30 -19.34 73.64 0.28
N SER B 31 -20.49 74.03 -0.27
CA SER B 31 -21.77 73.66 0.35
C SER B 31 -22.59 72.72 -0.52
N ASP B 32 -23.02 73.14 -1.70
CA ASP B 32 -23.75 72.27 -2.62
C ASP B 32 -23.69 72.87 -4.01
N SER B 33 -22.79 72.36 -4.85
CA SER B 33 -22.69 72.84 -6.22
C SER B 33 -21.66 72.01 -6.98
N ALA B 34 -21.79 72.02 -8.30
CA ALA B 34 -20.76 71.54 -9.22
C ALA B 34 -20.39 72.69 -10.14
N TRP B 35 -19.09 72.99 -10.21
CA TRP B 35 -18.60 74.14 -10.95
C TRP B 35 -17.85 73.69 -12.19
N SER B 36 -18.25 74.21 -13.34
CA SER B 36 -17.76 73.73 -14.63
C SER B 36 -17.25 74.88 -15.47
N TRP B 37 -16.37 74.54 -16.41
CA TRP B 37 -15.84 75.46 -17.40
C TRP B 37 -16.34 75.03 -18.78
N ILE B 38 -17.00 75.94 -19.49
CA ILE B 38 -17.56 75.67 -20.80
C ILE B 38 -17.02 76.71 -21.77
N ARG B 39 -16.52 76.26 -22.91
CA ARG B 39 -15.92 77.12 -23.91
C ARG B 39 -16.74 77.12 -25.19
N GLN B 40 -16.68 78.23 -25.93
CA GLN B 40 -17.32 78.31 -27.23
C GLN B 40 -16.40 78.99 -28.24
N PRO B 41 -15.98 78.26 -29.28
CA PRO B 41 -15.18 78.87 -30.33
C PRO B 41 -15.99 79.89 -31.12
N PRO B 42 -15.38 80.65 -32.02
CA PRO B 42 -16.17 81.58 -32.85
C PRO B 42 -17.25 80.90 -33.67
N GLY B 43 -17.10 79.61 -33.98
CA GLY B 43 -18.17 78.86 -34.61
C GLY B 43 -19.32 78.53 -33.68
N LYS B 44 -19.22 78.91 -32.40
CA LYS B 44 -20.28 78.73 -31.41
C LYS B 44 -20.54 77.26 -31.12
N GLY B 45 -19.48 76.45 -31.15
CA GLY B 45 -19.55 75.04 -30.81
C GLY B 45 -19.36 74.77 -29.33
N LEU B 46 -20.39 75.01 -28.53
CA LEU B 46 -20.34 74.81 -27.08
C LEU B 46 -19.69 73.48 -26.71
N GLU B 47 -18.63 73.56 -25.91
CA GLU B 47 -17.88 72.39 -25.49
C GLU B 47 -17.69 72.43 -23.98
N TRP B 48 -17.99 71.33 -23.31
CA TRP B 48 -17.86 71.21 -21.86
C TRP B 48 -16.47 70.68 -21.54
N ILE B 49 -15.58 71.56 -21.06
CA ILE B 49 -14.21 71.14 -20.78
C ILE B 49 -14.16 70.20 -19.59
N GLY B 50 -14.83 70.56 -18.50
CA GLY B 50 -14.82 69.75 -17.31
C GLY B 50 -15.53 70.47 -16.18
N TYR B 51 -15.59 69.78 -15.04
CA TYR B 51 -16.26 70.35 -13.88
C TYR B 51 -15.58 69.87 -12.61
N ILE B 52 -15.69 70.69 -11.56
CA ILE B 52 -15.23 70.33 -10.23
C ILE B 52 -16.36 70.67 -9.25
N GLN B 53 -16.80 69.68 -8.49
CA GLN B 53 -17.81 69.90 -7.47
C GLN B 53 -17.13 70.15 -6.12
N TYR B 54 -17.93 70.42 -5.10
CA TYR B 54 -17.40 70.62 -3.75
C TYR B 54 -16.60 69.41 -3.30
N SER B 55 -15.78 69.61 -2.26
CA SER B 55 -14.88 68.64 -1.64
C SER B 55 -13.64 68.38 -2.49
N GLY B 56 -13.53 68.94 -3.69
CA GLY B 56 -12.31 68.89 -4.47
C GLY B 56 -12.25 67.83 -5.55
N SER B 57 -13.19 66.88 -5.55
CA SER B 57 -13.18 65.84 -6.59
C SER B 57 -13.48 66.45 -7.95
N THR B 58 -12.79 65.95 -8.98
CA THR B 58 -12.89 66.50 -10.32
C THR B 58 -13.17 65.40 -11.33
N ASN B 59 -13.84 65.77 -12.41
CA ASN B 59 -14.08 64.90 -13.56
C ASN B 59 -13.94 65.73 -14.83
N TYR B 60 -13.26 65.17 -15.83
CA TYR B 60 -12.93 65.89 -17.04
C TYR B 60 -13.52 65.21 -18.27
N ASN B 61 -13.60 65.97 -19.35
CA ASN B 61 -14.04 65.43 -20.63
C ASN B 61 -12.98 64.47 -21.16
N PRO B 62 -13.34 63.24 -21.50
CA PRO B 62 -12.34 62.30 -22.05
C PRO B 62 -11.71 62.77 -23.35
N SER B 63 -12.35 63.69 -24.07
CA SER B 63 -11.77 64.21 -25.31
C SER B 63 -10.46 64.93 -25.06
N LEU B 64 -10.31 65.56 -23.89
CA LEU B 64 -9.13 66.35 -23.58
C LEU B 64 -8.64 66.07 -22.15
N LYS B 65 -8.94 64.89 -21.62
CA LYS B 65 -8.63 64.57 -20.23
C LYS B 65 -7.12 64.53 -19.97
N SER B 66 -6.30 64.38 -21.00
CA SER B 66 -4.86 64.22 -20.81
C SER B 66 -4.12 65.55 -20.68
N ARG B 67 -4.78 66.69 -20.92
CA ARG B 67 -4.11 67.98 -20.89
C ARG B 67 -4.89 69.02 -20.09
N VAL B 68 -5.76 68.60 -19.18
CA VAL B 68 -6.59 69.51 -18.40
C VAL B 68 -6.42 69.20 -16.92
N THR B 69 -6.35 70.25 -16.11
CA THR B 69 -6.32 70.13 -14.66
C THR B 69 -7.12 71.28 -14.07
N ILE B 70 -8.08 70.96 -13.19
CA ILE B 70 -8.93 71.94 -12.56
C ILE B 70 -8.75 71.84 -11.05
N SER B 71 -8.42 72.96 -10.43
CA SER B 71 -8.18 73.03 -8.99
C SER B 71 -8.96 74.21 -8.40
N ARG B 72 -8.94 74.30 -7.07
CA ARG B 72 -9.66 75.35 -6.38
C ARG B 72 -9.02 75.60 -5.02
N ASP B 73 -9.28 76.80 -4.48
CA ASP B 73 -8.86 77.17 -3.13
C ASP B 73 -10.08 77.71 -2.39
N THR B 74 -10.54 76.97 -1.38
CA THR B 74 -11.79 77.32 -0.70
C THR B 74 -11.69 78.66 0.03
N SER B 75 -10.49 79.02 0.49
CA SER B 75 -10.34 80.24 1.27
C SER B 75 -10.68 81.48 0.45
N LYS B 76 -10.26 81.52 -0.80
CA LYS B 76 -10.45 82.70 -1.65
C LYS B 76 -11.75 82.67 -2.45
N ASN B 77 -12.55 81.60 -2.32
CA ASN B 77 -13.83 81.49 -3.01
C ASN B 77 -13.66 81.63 -4.53
N GLN B 78 -12.70 80.90 -5.07
CA GLN B 78 -12.48 80.90 -6.51
C GLN B 78 -11.93 79.54 -6.94
N PHE B 79 -12.21 79.17 -8.19
CA PHE B 79 -11.69 77.95 -8.78
C PHE B 79 -11.19 78.25 -10.18
N SER B 80 -10.08 77.63 -10.56
CA SER B 80 -9.38 77.94 -11.79
C SER B 80 -9.22 76.68 -12.65
N LEU B 81 -8.75 76.89 -13.88
CA LEU B 81 -8.49 75.81 -14.81
C LEU B 81 -7.07 75.95 -15.35
N LYS B 82 -6.49 74.82 -15.73
CA LYS B 82 -5.13 74.78 -16.30
C LYS B 82 -5.16 73.86 -17.51
N LEU B 83 -5.26 74.45 -18.70
CA LEU B 83 -5.24 73.71 -19.96
C LEU B 83 -3.90 73.96 -20.65
N SER B 84 -3.14 72.90 -20.86
CA SER B 84 -1.81 72.98 -21.44
C SER B 84 -1.82 72.55 -22.91
N SER B 85 -0.72 72.86 -23.60
CA SER B 85 -0.54 72.51 -25.00
C SER B 85 -1.67 73.06 -25.87
N VAL B 86 -1.95 74.35 -25.71
CA VAL B 86 -3.02 74.98 -26.46
C VAL B 86 -2.60 75.18 -27.91
N THR B 87 -3.53 74.94 -28.82
CA THR B 87 -3.32 75.13 -30.26
C THR B 87 -4.29 76.20 -30.76
N ALA B 88 -4.30 76.39 -32.08
CA ALA B 88 -5.20 77.37 -32.68
C ALA B 88 -6.67 76.99 -32.47
N ALA B 89 -6.96 75.70 -32.32
CA ALA B 89 -8.33 75.25 -32.11
C ALA B 89 -8.86 75.61 -30.73
N ASP B 90 -8.00 76.04 -29.81
CA ASP B 90 -8.42 76.40 -28.46
C ASP B 90 -8.88 77.85 -28.34
N THR B 91 -8.82 78.62 -29.44
CA THR B 91 -9.29 79.99 -29.43
C THR B 91 -10.81 79.99 -29.23
N ALA B 92 -11.25 80.40 -28.04
CA ALA B 92 -12.66 80.33 -27.70
C ALA B 92 -12.95 81.26 -26.54
N VAL B 93 -14.24 81.49 -26.30
CA VAL B 93 -14.71 82.26 -25.15
C VAL B 93 -15.08 81.26 -24.06
N TYR B 94 -14.38 81.33 -22.93
CA TYR B 94 -14.52 80.35 -21.86
C TYR B 94 -15.49 80.89 -20.82
N TYR B 95 -16.54 80.11 -20.55
CA TYR B 95 -17.59 80.51 -19.62
C TYR B 95 -17.44 79.78 -18.30
N CYS B 96 -17.47 80.53 -17.20
CA CYS B 96 -17.55 79.95 -15.87
C CYS B 96 -19.02 79.83 -15.48
N ALA B 97 -19.39 78.68 -14.91
CA ALA B 97 -20.79 78.41 -14.66
C ALA B 97 -20.95 77.52 -13.45
N ARG B 98 -22.15 77.58 -12.86
CA ARG B 98 -22.53 76.78 -11.71
C ARG B 98 -23.65 75.83 -12.10
N SER B 99 -23.65 74.64 -11.48
CA SER B 99 -24.63 73.61 -11.78
C SER B 99 -25.87 73.78 -10.91
N VAL B 100 -27.04 73.76 -11.55
CA VAL B 100 -28.32 73.77 -10.84
C VAL B 100 -28.92 72.38 -10.94
N ASN B 101 -29.67 71.99 -9.89
CA ASN B 101 -30.26 70.67 -9.79
C ASN B 101 -29.21 69.58 -9.91
N TYR B 102 -28.15 69.70 -9.10
CA TYR B 102 -27.02 68.77 -9.11
C TYR B 102 -27.24 67.72 -8.03
N TYR B 103 -27.52 66.49 -8.44
CA TYR B 103 -27.77 65.38 -7.52
C TYR B 103 -26.79 64.23 -7.78
N GLY B 104 -25.51 64.54 -7.98
CA GLY B 104 -24.55 63.49 -8.20
C GLY B 104 -24.25 63.19 -9.66
N ASN B 105 -24.97 62.21 -10.21
CA ASN B 105 -24.64 61.66 -11.53
C ASN B 105 -24.51 62.75 -12.59
N SER B 106 -25.51 63.62 -12.71
CA SER B 106 -25.48 64.67 -13.71
C SER B 106 -26.25 65.87 -13.18
N PHE B 107 -26.12 66.99 -13.90
CA PHE B 107 -26.69 68.25 -13.43
C PHE B 107 -27.13 69.07 -14.64
N ALA B 108 -27.60 70.29 -14.36
CA ALA B 108 -27.90 71.31 -15.35
C ALA B 108 -26.95 72.49 -15.13
N VAL B 109 -27.14 73.55 -15.91
CA VAL B 109 -26.31 74.75 -15.82
C VAL B 109 -27.24 75.94 -15.73
N GLY B 110 -27.48 76.44 -14.52
CA GLY B 110 -28.40 77.53 -14.32
C GLY B 110 -27.75 78.90 -14.28
N TYR B 111 -26.59 79.00 -13.64
CA TYR B 111 -25.87 80.26 -13.47
C TYR B 111 -24.65 80.28 -14.38
N TRP B 112 -24.48 81.36 -15.12
CA TRP B 112 -23.42 81.49 -16.10
C TRP B 112 -22.59 82.74 -15.83
N GLY B 113 -21.34 82.71 -16.29
CA GLY B 113 -20.48 83.88 -16.24
C GLY B 113 -20.59 84.74 -17.49
N GLN B 114 -19.90 85.89 -17.44
CA GLN B 114 -19.93 86.81 -18.57
C GLN B 114 -19.12 86.32 -19.76
N GLY B 115 -18.17 85.41 -19.55
CA GLY B 115 -17.38 84.88 -20.64
C GLY B 115 -16.20 85.78 -20.99
N THR B 116 -15.01 85.18 -21.12
CA THR B 116 -13.80 85.90 -21.49
C THR B 116 -13.20 85.27 -22.74
N LEU B 117 -12.93 86.10 -23.74
CA LEU B 117 -12.37 85.62 -24.99
C LEU B 117 -10.86 85.44 -24.86
N VAL B 118 -10.37 84.30 -25.34
CA VAL B 118 -8.95 83.99 -25.35
C VAL B 118 -8.52 83.73 -26.79
N THR B 119 -7.51 84.46 -27.24
CA THR B 119 -6.98 84.32 -28.59
C THR B 119 -5.61 83.65 -28.53
N VAL B 120 -5.43 82.59 -29.30
CA VAL B 120 -4.18 81.85 -29.37
C VAL B 120 -3.51 82.18 -30.69
N SER B 121 -2.37 82.88 -30.61
CA SER B 121 -1.62 83.25 -31.79
C SER B 121 -0.20 83.62 -31.38
N SER B 122 0.70 83.60 -32.35
CA SER B 122 2.10 83.94 -32.14
C SER B 122 2.39 85.40 -32.47
N ALA B 123 1.41 86.27 -32.32
CA ALA B 123 1.55 87.69 -32.65
C ALA B 123 1.74 88.50 -31.36
N SER B 124 1.80 89.81 -31.52
CA SER B 124 2.02 90.73 -30.41
C SER B 124 0.76 91.55 -30.15
N THR B 125 0.68 92.10 -28.94
CA THR B 125 -0.45 92.93 -28.53
C THR B 125 -0.23 94.36 -28.96
N LYS B 126 -1.23 94.93 -29.64
CA LYS B 126 -1.15 96.29 -30.15
C LYS B 126 -2.35 97.10 -29.68
N GLY B 127 -2.09 98.29 -29.15
CA GLY B 127 -3.15 99.18 -28.72
C GLY B 127 -3.71 99.99 -29.89
N PRO B 128 -5.00 100.30 -29.82
CA PRO B 128 -5.65 100.99 -30.94
C PRO B 128 -5.64 102.51 -30.81
N SER B 129 -5.79 103.16 -31.96
CA SER B 129 -5.95 104.60 -32.04
C SER B 129 -7.33 104.89 -32.61
N VAL B 130 -8.10 105.71 -31.88
CA VAL B 130 -9.49 105.99 -32.25
C VAL B 130 -9.54 107.23 -33.14
N PHE B 131 -10.33 107.15 -34.20
CA PHE B 131 -10.52 108.24 -35.14
C PHE B 131 -11.98 108.67 -35.16
N PRO B 132 -12.27 109.96 -34.99
CA PRO B 132 -13.66 110.40 -34.96
C PRO B 132 -14.30 110.39 -36.35
N LEU B 133 -15.62 110.27 -36.36
CA LEU B 133 -16.42 110.31 -37.58
C LEU B 133 -17.54 111.32 -37.37
N ALA B 134 -17.49 112.42 -38.12
CA ALA B 134 -18.46 113.49 -38.00
C ALA B 134 -19.02 113.84 -39.36
N PRO B 135 -20.28 114.28 -39.43
CA PRO B 135 -20.86 114.63 -40.73
C PRO B 135 -20.19 115.86 -41.33
N CYS B 136 -20.13 115.87 -42.66
CA CYS B 136 -19.49 116.95 -43.40
C CYS B 136 -20.43 118.12 -43.68
N SER B 137 -21.74 117.95 -43.49
CA SER B 137 -22.73 118.99 -43.79
C SER B 137 -23.53 119.28 -42.53
N ARG B 138 -23.56 120.55 -42.14
CA ARG B 138 -24.30 120.99 -40.97
C ARG B 138 -25.71 121.40 -41.39
N SER B 139 -26.71 120.67 -40.90
CA SER B 139 -28.11 120.98 -41.22
C SER B 139 -28.85 121.44 -39.98
N SER B 143 -32.62 116.85 -39.68
CA SER B 143 -33.41 116.38 -38.55
C SER B 143 -32.57 115.51 -37.62
N THR B 144 -32.04 114.41 -38.16
CA THR B 144 -31.23 113.47 -37.41
C THR B 144 -29.87 113.33 -38.08
N ALA B 145 -28.82 113.30 -37.27
CA ALA B 145 -27.46 113.17 -37.75
C ALA B 145 -26.81 111.95 -37.11
N ALA B 146 -25.75 111.44 -37.75
CA ALA B 146 -25.04 110.26 -37.30
C ALA B 146 -23.58 110.61 -37.04
N LEU B 147 -23.03 110.03 -35.98
CA LEU B 147 -21.62 110.19 -35.63
C LEU B 147 -21.12 108.88 -35.04
N GLY B 148 -19.82 108.64 -35.18
CA GLY B 148 -19.26 107.39 -34.70
C GLY B 148 -17.77 107.49 -34.48
N CYS B 149 -17.21 106.36 -34.02
CA CYS B 149 -15.78 106.25 -33.75
C CYS B 149 -15.22 105.05 -34.50
N LEU B 150 -13.97 105.16 -34.94
CA LEU B 150 -13.31 104.12 -35.70
C LEU B 150 -12.14 103.57 -34.90
N VAL B 151 -12.09 102.24 -34.77
CA VAL B 151 -11.01 101.54 -34.08
C VAL B 151 -10.28 100.70 -35.14
N LYS B 152 -8.99 100.94 -35.31
CA LYS B 152 -8.27 100.44 -36.48
C LYS B 152 -7.23 99.38 -36.14
N ASP B 153 -6.27 99.67 -35.27
CA ASP B 153 -5.13 98.79 -35.04
C ASP B 153 -5.15 98.25 -33.62
N TYR B 154 -5.90 97.16 -33.41
CA TYR B 154 -5.96 96.50 -32.12
C TYR B 154 -5.98 94.98 -32.31
N PHE B 155 -5.28 94.28 -31.41
CA PHE B 155 -5.28 92.83 -31.34
C PHE B 155 -4.87 92.42 -29.94
N PRO B 156 -5.57 91.48 -29.28
CA PRO B 156 -6.71 90.67 -29.74
C PRO B 156 -8.03 91.44 -29.77
N GLU B 157 -9.17 90.73 -29.73
CA GLU B 157 -10.45 91.39 -29.92
C GLU B 157 -11.39 91.31 -28.72
N PRO B 158 -10.96 91.61 -27.48
CA PRO B 158 -11.94 91.95 -26.44
C PRO B 158 -12.15 93.45 -26.31
N VAL B 159 -12.48 94.13 -27.41
CA VAL B 159 -12.62 95.59 -27.40
C VAL B 159 -14.09 95.94 -27.19
N THR B 160 -14.34 96.78 -26.19
CA THR B 160 -15.68 97.25 -25.87
C THR B 160 -15.72 98.77 -25.97
N VAL B 161 -16.77 99.30 -26.58
CA VAL B 161 -16.95 100.74 -26.77
C VAL B 161 -18.23 101.17 -26.09
N SER B 162 -18.12 102.18 -25.24
CA SER B 162 -19.27 102.79 -24.58
C SER B 162 -19.30 104.28 -24.88
N TRP B 163 -20.50 104.85 -24.94
CA TRP B 163 -20.70 106.23 -25.34
C TRP B 163 -21.14 107.06 -24.14
N ASN B 164 -20.41 108.13 -23.85
CA ASN B 164 -20.73 109.07 -22.78
C ASN B 164 -20.86 108.37 -21.43
N SER B 165 -20.01 107.36 -21.21
CA SER B 165 -19.99 106.60 -19.96
C SER B 165 -21.36 106.00 -19.65
N GLY B 166 -22.05 105.52 -20.68
CA GLY B 166 -23.35 104.92 -20.50
C GLY B 166 -24.52 105.88 -20.42
N ALA B 167 -24.29 107.18 -20.66
CA ALA B 167 -25.38 108.14 -20.61
C ALA B 167 -26.42 107.87 -21.69
N LEU B 168 -25.97 107.58 -22.91
CA LEU B 168 -26.86 107.25 -24.02
C LEU B 168 -26.59 105.81 -24.46
N THR B 169 -27.66 105.02 -24.57
CA THR B 169 -27.57 103.63 -24.99
C THR B 169 -28.43 103.29 -26.20
N SER B 170 -29.39 104.15 -26.55
CA SER B 170 -30.25 103.90 -27.70
C SER B 170 -29.57 104.42 -28.96
N GLY B 171 -29.54 103.58 -30.00
CA GLY B 171 -28.89 103.93 -31.24
C GLY B 171 -27.44 103.52 -31.34
N VAL B 172 -26.85 103.00 -30.27
CA VAL B 172 -25.47 102.55 -30.31
C VAL B 172 -25.41 101.22 -31.06
N HIS B 173 -24.49 101.13 -32.03
CA HIS B 173 -24.32 99.91 -32.82
C HIS B 173 -22.82 99.65 -32.96
N THR B 174 -22.28 98.81 -32.07
CA THR B 174 -20.89 98.38 -32.12
C THR B 174 -20.80 97.20 -33.08
N PHE B 175 -20.33 97.47 -34.29
CA PHE B 175 -20.27 96.44 -35.32
C PHE B 175 -19.25 95.37 -34.95
N PRO B 176 -19.48 94.12 -35.33
CA PRO B 176 -18.49 93.07 -35.09
C PRO B 176 -17.19 93.38 -35.84
N ALA B 177 -16.08 92.97 -35.24
CA ALA B 177 -14.77 93.26 -35.80
C ALA B 177 -14.57 92.55 -37.13
N VAL B 178 -13.94 93.24 -38.06
CA VAL B 178 -13.56 92.68 -39.36
C VAL B 178 -12.04 92.66 -39.43
N LEU B 179 -11.48 91.51 -39.80
CA LEU B 179 -10.04 91.39 -39.94
C LEU B 179 -9.59 92.10 -41.20
N GLN B 180 -8.66 93.05 -41.06
CA GLN B 180 -8.17 93.79 -42.20
C GLN B 180 -7.33 92.87 -43.11
N SER B 181 -6.98 93.39 -44.28
CA SER B 181 -6.20 92.61 -45.23
C SER B 181 -4.84 92.21 -44.68
N SER B 182 -4.33 92.94 -43.69
CA SER B 182 -3.07 92.60 -43.05
C SER B 182 -3.23 91.59 -41.92
N GLY B 183 -4.45 91.15 -41.63
CA GLY B 183 -4.69 90.23 -40.55
C GLY B 183 -4.91 90.88 -39.20
N LEU B 184 -5.23 92.17 -39.17
CA LEU B 184 -5.39 92.91 -37.92
C LEU B 184 -6.84 93.37 -37.81
N TYR B 185 -7.43 93.18 -36.61
CA TYR B 185 -8.83 93.47 -36.42
C TYR B 185 -9.10 94.98 -36.42
N SER B 186 -10.31 95.34 -36.87
CA SER B 186 -10.74 96.73 -36.89
C SER B 186 -12.26 96.77 -36.79
N LEU B 187 -12.78 97.61 -35.89
CA LEU B 187 -14.21 97.77 -35.71
C LEU B 187 -14.55 99.25 -35.60
N SER B 188 -15.82 99.57 -35.85
CA SER B 188 -16.31 100.93 -35.72
C SER B 188 -17.66 100.91 -35.00
N SER B 189 -17.86 101.85 -34.09
CA SER B 189 -19.10 101.98 -33.35
C SER B 189 -19.75 103.32 -33.70
N VAL B 190 -21.05 103.28 -34.04
CA VAL B 190 -21.78 104.43 -34.52
C VAL B 190 -23.06 104.59 -33.71
N VAL B 191 -23.43 105.83 -33.42
CA VAL B 191 -24.67 106.15 -32.73
C VAL B 191 -25.44 107.17 -33.54
N THR B 192 -26.75 107.20 -33.33
CA THR B 192 -27.65 108.13 -34.01
C THR B 192 -28.25 109.08 -33.00
N VAL B 193 -28.12 110.38 -33.27
CA VAL B 193 -28.65 111.41 -32.37
C VAL B 193 -29.32 112.50 -33.19
N PRO B 194 -30.30 113.18 -32.59
CA PRO B 194 -30.93 114.32 -33.27
C PRO B 194 -29.91 115.41 -33.57
N SER B 195 -30.13 116.09 -34.70
CA SER B 195 -29.19 117.11 -35.16
C SER B 195 -29.21 118.37 -34.29
N SER B 196 -30.26 118.57 -33.49
CA SER B 196 -30.36 119.78 -32.69
C SER B 196 -29.32 119.82 -31.59
N SER B 197 -29.01 118.67 -30.99
CA SER B 197 -28.05 118.61 -29.88
C SER B 197 -26.65 118.32 -30.40
N LEU B 198 -26.18 119.22 -31.27
CA LEU B 198 -24.83 119.13 -31.83
C LEU B 198 -23.94 120.30 -31.46
N GLY B 199 -24.43 121.25 -30.66
CA GLY B 199 -23.64 122.39 -30.26
C GLY B 199 -23.43 122.50 -28.77
N THR B 200 -24.27 121.82 -27.99
CA THR B 200 -24.20 121.86 -26.54
C THR B 200 -23.77 120.53 -25.94
N LYS B 201 -24.47 119.45 -26.26
CA LYS B 201 -24.11 118.14 -25.71
C LYS B 201 -22.83 117.63 -26.36
N THR B 202 -21.98 117.03 -25.54
CA THR B 202 -20.72 116.47 -26.00
C THR B 202 -20.86 114.95 -26.10
N TYR B 203 -20.60 114.41 -27.28
CA TYR B 203 -20.65 112.97 -27.52
C TYR B 203 -19.23 112.43 -27.57
N THR B 204 -18.93 111.49 -26.67
CA THR B 204 -17.61 110.88 -26.59
C THR B 204 -17.75 109.36 -26.58
N CYS B 205 -16.79 108.69 -27.20
CA CYS B 205 -16.75 107.24 -27.24
C CYS B 205 -15.63 106.75 -26.32
N ASN B 206 -15.97 105.84 -25.42
CA ASN B 206 -15.03 105.30 -24.45
C ASN B 206 -14.58 103.93 -24.95
N VAL B 207 -13.39 103.87 -25.53
CA VAL B 207 -12.84 102.64 -26.11
C VAL B 207 -11.82 102.07 -25.14
N ASP B 208 -12.02 100.81 -24.76
CA ASP B 208 -11.14 100.13 -23.83
C ASP B 208 -10.63 98.84 -24.47
N HIS B 209 -9.32 98.61 -24.38
CA HIS B 209 -8.67 97.41 -24.87
C HIS B 209 -7.93 96.79 -23.68
N LYS B 210 -8.59 95.85 -23.01
CA LYS B 210 -8.05 95.35 -21.74
C LYS B 210 -6.69 94.68 -21.84
N PRO B 211 -6.38 93.81 -22.82
CA PRO B 211 -5.04 93.22 -22.84
C PRO B 211 -3.92 94.24 -22.94
N SER B 212 -4.11 95.29 -23.74
CA SER B 212 -3.10 96.33 -23.86
C SER B 212 -3.16 97.35 -22.73
N ASN B 213 -4.28 97.40 -21.99
CA ASN B 213 -4.49 98.38 -20.93
C ASN B 213 -4.33 99.81 -21.46
N THR B 214 -4.98 100.08 -22.58
CA THR B 214 -5.00 101.42 -23.18
C THR B 214 -6.43 101.92 -23.25
N LYS B 215 -6.67 103.10 -22.70
CA LYS B 215 -7.99 103.71 -22.66
C LYS B 215 -7.90 105.13 -23.22
N VAL B 216 -8.47 105.34 -24.40
CA VAL B 216 -8.46 106.64 -25.05
C VAL B 216 -9.91 107.13 -25.14
N ASP B 217 -10.15 108.33 -24.62
CA ASP B 217 -11.47 108.95 -24.59
C ASP B 217 -11.48 110.10 -25.58
N LYS B 218 -12.05 109.87 -26.76
CA LYS B 218 -12.13 110.87 -27.82
C LYS B 218 -13.59 111.24 -28.07
N ARG B 219 -13.84 112.54 -28.23
CA ARG B 219 -15.17 113.04 -28.51
C ARG B 219 -15.28 113.44 -29.98
N VAL B 220 -16.50 113.37 -30.51
CA VAL B 220 -16.74 113.68 -31.91
C VAL B 220 -17.20 115.12 -32.06
N ILE C 1 -33.19 42.43 12.50
CA ILE C 1 -32.73 41.38 11.61
C ILE C 1 -32.52 40.09 12.39
N VAL C 2 -33.26 39.05 12.03
CA VAL C 2 -33.20 37.75 12.68
C VAL C 2 -32.78 36.72 11.65
N GLY C 3 -31.78 35.91 12.00
CA GLY C 3 -31.31 34.85 11.15
C GLY C 3 -30.33 35.27 10.08
N GLY C 4 -29.96 36.54 10.02
CA GLY C 4 -29.03 37.03 9.02
C GLY C 4 -27.58 36.90 9.45
N LYS C 5 -26.71 37.47 8.63
CA LYS C 5 -25.28 37.50 8.90
C LYS C 5 -24.79 38.94 8.85
N VAL C 6 -23.64 39.17 9.50
CA VAL C 6 -23.09 40.52 9.57
C VAL C 6 -22.64 40.97 8.19
N CYS C 7 -23.14 42.13 7.77
CA CYS C 7 -22.76 42.68 6.47
C CYS C 7 -21.41 43.38 6.59
N PRO C 8 -20.40 42.97 5.82
CA PRO C 8 -19.07 43.59 5.94
C PRO C 8 -19.12 45.08 5.65
N LYS C 9 -18.23 45.83 6.31
CA LYS C 9 -18.19 47.27 6.13
C LYS C 9 -17.91 47.61 4.67
N GLY C 10 -18.74 48.49 4.10
CA GLY C 10 -18.64 48.87 2.71
C GLY C 10 -19.46 48.04 1.75
N GLU C 11 -19.97 46.89 2.20
CA GLU C 11 -20.87 46.09 1.36
C GLU C 11 -22.30 46.58 1.41
N CYS C 12 -22.65 47.43 2.37
CA CYS C 12 -23.98 48.02 2.50
C CYS C 12 -23.85 49.52 2.68
N PRO C 13 -23.37 50.23 1.65
CA PRO C 13 -23.07 51.67 1.82
C PRO C 13 -24.28 52.58 1.68
N TRP C 14 -25.34 52.14 0.99
CA TRP C 14 -26.51 52.98 0.79
C TRP C 14 -27.41 53.06 2.01
N GLN C 15 -27.08 52.35 3.08
CA GLN C 15 -27.83 52.42 4.32
C GLN C 15 -27.42 53.66 5.11
N VAL C 16 -28.42 54.33 5.70
CA VAL C 16 -28.17 55.48 6.56
C VAL C 16 -28.83 55.23 7.91
N LEU C 17 -28.30 55.88 8.94
CA LEU C 17 -28.81 55.78 10.30
C LEU C 17 -29.46 57.10 10.68
N LEU C 18 -30.76 57.06 10.96
CA LEU C 18 -31.50 58.26 11.34
C LEU C 18 -31.53 58.38 12.86
N LEU C 19 -31.00 59.48 13.37
CA LEU C 19 -30.97 59.76 14.81
C LEU C 19 -31.76 61.02 15.09
N VAL C 20 -32.69 60.93 16.04
CA VAL C 20 -33.43 62.09 16.53
C VAL C 20 -32.99 62.35 17.97
N ASN C 21 -32.69 63.61 18.26
CA ASN C 21 -32.18 64.09 19.55
C ASN C 21 -31.18 63.11 20.16
N GLY C 22 -30.28 62.59 19.34
CA GLY C 22 -29.29 61.63 19.81
C GLY C 22 -29.86 60.30 20.23
N ALA C 23 -30.89 59.81 19.52
CA ALA C 23 -31.51 58.53 19.83
C ALA C 23 -31.82 57.79 18.54
N GLN C 24 -31.73 56.46 18.60
CA GLN C 24 -32.02 55.64 17.43
C GLN C 24 -33.50 55.72 17.07
N LEU C 25 -33.78 56.07 15.82
CA LEU C 25 -35.16 56.20 15.34
C LEU C 25 -35.50 55.16 14.27
N CYS C 26 -34.76 55.15 13.17
CA CYS C 26 -35.06 54.25 12.05
C CYS C 26 -33.86 54.22 11.12
N GLY C 27 -33.86 53.24 10.21
CA GLY C 27 -32.88 53.19 9.15
C GLY C 27 -33.31 54.04 7.97
N GLY C 28 -32.52 53.96 6.91
CA GLY C 28 -32.84 54.72 5.70
C GLY C 28 -31.99 54.27 4.53
N THR C 29 -32.43 54.67 3.35
CA THR C 29 -31.76 54.34 2.10
C THR C 29 -31.39 55.62 1.36
N LEU C 30 -30.11 55.76 1.03
CA LEU C 30 -29.64 56.92 0.29
C LEU C 30 -29.76 56.64 -1.21
N ILE C 31 -30.52 57.48 -1.92
CA ILE C 31 -30.69 57.32 -3.36
C ILE C 31 -29.86 58.32 -4.16
N ASN C 32 -29.67 59.54 -3.67
CA ASN C 32 -28.83 60.52 -4.34
C ASN C 32 -28.11 61.34 -3.27
N THR C 33 -27.34 62.33 -3.71
CA THR C 33 -26.49 63.08 -2.81
C THR C 33 -27.28 63.97 -1.84
N ILE C 34 -28.52 64.31 -2.17
CA ILE C 34 -29.30 65.24 -1.39
C ILE C 34 -30.45 64.56 -0.66
N TRP C 35 -31.08 63.56 -1.28
CA TRP C 35 -32.31 63.00 -0.77
C TRP C 35 -32.08 61.58 -0.25
N VAL C 36 -32.78 61.25 0.84
CA VAL C 36 -32.71 59.94 1.46
C VAL C 36 -34.13 59.42 1.63
N VAL C 37 -34.26 58.09 1.58
CA VAL C 37 -35.57 57.44 1.62
C VAL C 37 -35.62 56.51 2.81
N SER C 38 -36.71 56.57 3.56
CA SER C 38 -36.94 55.69 4.71
C SER C 38 -38.44 55.48 4.86
N ALA C 39 -38.83 54.83 5.94
CA ALA C 39 -40.24 54.58 6.21
C ALA C 39 -40.92 55.85 6.72
N ALA C 40 -42.26 55.83 6.68
CA ALA C 40 -43.05 56.96 7.12
C ALA C 40 -43.60 56.80 8.53
N HIS C 41 -43.81 55.57 8.99
CA HIS C 41 -44.32 55.34 10.34
C HIS C 41 -43.32 55.69 11.42
N CYS C 42 -42.05 55.91 11.06
CA CYS C 42 -41.04 56.29 12.04
C CYS C 42 -41.27 57.70 12.59
N PHE C 43 -41.99 58.54 11.86
CA PHE C 43 -42.15 59.95 12.21
C PHE C 43 -43.51 60.27 12.80
N ASP C 44 -44.27 59.26 13.23
CA ASP C 44 -45.56 59.53 13.84
C ASP C 44 -45.40 60.24 15.18
N LYS C 45 -44.56 59.70 16.06
CA LYS C 45 -44.40 60.23 17.41
C LYS C 45 -43.15 61.11 17.50
N ILE C 46 -43.17 62.22 16.77
CA ILE C 46 -42.08 63.19 16.81
C ILE C 46 -42.66 64.58 16.62
N LYS C 47 -42.12 65.55 17.35
CA LYS C 47 -42.55 66.94 17.22
C LYS C 47 -41.41 67.94 17.18
N ASN C 48 -40.18 67.55 17.51
CA ASN C 48 -39.01 68.42 17.41
C ASN C 48 -38.18 67.95 16.21
N TRP C 49 -38.31 68.64 15.10
CA TRP C 49 -37.68 68.25 13.85
C TRP C 49 -36.29 68.86 13.67
N ARG C 50 -35.85 69.73 14.57
CA ARG C 50 -34.56 70.40 14.41
C ARG C 50 -33.40 69.45 14.68
N ASN C 51 -33.60 68.46 15.55
CA ASN C 51 -32.53 67.57 15.97
C ASN C 51 -32.49 66.27 15.18
N LEU C 52 -33.16 66.22 14.03
CA LEU C 52 -33.14 65.03 13.19
C LEU C 52 -31.84 65.02 12.37
N ILE C 53 -31.05 63.96 12.55
CA ILE C 53 -29.74 63.84 11.91
C ILE C 53 -29.64 62.47 11.25
N ALA C 54 -29.06 62.44 10.05
CA ALA C 54 -28.82 61.20 9.33
C ALA C 54 -27.33 60.91 9.32
N VAL C 55 -26.95 59.68 9.67
CA VAL C 55 -25.56 59.26 9.76
C VAL C 55 -25.26 58.32 8.60
N LEU C 56 -24.21 58.62 7.84
CA LEU C 56 -23.84 57.85 6.66
C LEU C 56 -22.43 57.28 6.84
N GLY C 57 -22.24 56.07 6.32
CA GLY C 57 -20.98 55.38 6.45
C GLY C 57 -20.78 54.66 7.77
N GLU C 58 -21.75 54.75 8.68
CA GLU C 58 -21.63 54.09 9.97
C GLU C 58 -21.82 52.58 9.82
N HIS C 59 -20.93 51.82 10.44
CA HIS C 59 -21.06 50.37 10.48
C HIS C 59 -21.14 49.82 11.90
N ASP C 60 -20.27 50.26 12.80
CA ASP C 60 -20.25 49.81 14.17
C ASP C 60 -20.67 50.97 15.07
N LEU C 61 -21.81 50.81 15.74
CA LEU C 61 -22.32 51.87 16.61
C LEU C 61 -21.44 52.15 17.81
N SER C 62 -20.49 51.27 18.12
CA SER C 62 -19.62 51.46 19.27
C SER C 62 -18.31 52.16 18.92
N GLU C 63 -17.78 51.94 17.72
CA GLU C 63 -16.52 52.54 17.31
C GLU C 63 -16.76 53.68 16.34
N HIS C 64 -15.88 54.68 16.40
CA HIS C 64 -15.97 55.88 15.56
C HIS C 64 -14.77 55.89 14.63
N ASP C 65 -14.97 55.36 13.41
CA ASP C 65 -13.95 55.43 12.39
C ASP C 65 -14.14 56.68 11.54
N GLY C 66 -13.15 56.97 10.70
CA GLY C 66 -13.15 58.19 9.91
C GLY C 66 -14.15 58.19 8.77
N ASP C 67 -14.78 57.06 8.47
CA ASP C 67 -15.72 56.97 7.36
C ASP C 67 -17.11 57.49 7.72
N GLU C 68 -17.41 57.70 9.00
CA GLU C 68 -18.73 58.17 9.38
C GLU C 68 -18.95 59.61 8.95
N GLN C 69 -20.16 59.89 8.46
CA GLN C 69 -20.57 61.23 8.08
C GLN C 69 -21.95 61.50 8.64
N SER C 70 -22.20 62.77 8.96
CA SER C 70 -23.50 63.19 9.50
C SER C 70 -23.91 64.50 8.86
N ARG C 71 -25.17 64.57 8.42
CA ARG C 71 -25.74 65.78 7.85
C ARG C 71 -27.12 66.01 8.44
N ARG C 72 -27.48 67.29 8.56
CA ARG C 72 -28.79 67.65 9.08
C ARG C 72 -29.84 67.59 7.98
N VAL C 73 -31.00 67.03 8.30
CA VAL C 73 -32.12 66.96 7.37
C VAL C 73 -33.05 68.14 7.65
N ALA C 74 -33.37 68.91 6.60
CA ALA C 74 -34.18 70.10 6.74
C ALA C 74 -35.60 69.95 6.25
N GLN C 75 -35.97 68.80 5.67
CA GLN C 75 -37.32 68.61 5.17
C GLN C 75 -37.64 67.12 5.14
N VAL C 76 -38.86 66.80 5.56
CA VAL C 76 -39.39 65.44 5.49
C VAL C 76 -40.70 65.48 4.72
N ILE C 77 -40.84 64.61 3.73
CA ILE C 77 -41.99 64.60 2.83
C ILE C 77 -42.68 63.25 2.94
N ILE C 78 -43.98 63.28 3.15
CA ILE C 78 -44.80 62.07 3.21
C ILE C 78 -45.99 62.23 2.28
N PRO C 79 -46.47 61.16 1.65
CA PRO C 79 -47.62 61.29 0.76
C PRO C 79 -48.87 61.71 1.51
N SER C 80 -49.74 62.45 0.82
CA SER C 80 -50.97 62.94 1.44
C SER C 80 -51.94 61.82 1.79
N THR C 81 -51.84 60.68 1.11
CA THR C 81 -52.74 59.55 1.33
C THR C 81 -52.31 58.67 2.50
N TYR C 82 -51.43 59.15 3.36
CA TYR C 82 -50.98 58.41 4.53
C TYR C 82 -51.51 59.07 5.79
N VAL C 83 -52.15 58.29 6.63
CA VAL C 83 -52.62 58.74 7.95
C VAL C 83 -51.76 58.06 9.00
N PRO C 84 -51.28 58.78 10.02
CA PRO C 84 -50.40 58.16 11.02
C PRO C 84 -51.08 57.01 11.73
N GLY C 85 -50.27 55.99 12.07
CA GLY C 85 -50.77 54.80 12.69
C GLY C 85 -51.25 53.72 11.74
N THR C 86 -51.03 53.89 10.45
CA THR C 86 -51.45 52.92 9.44
C THR C 86 -50.24 52.45 8.64
N THR C 87 -50.31 51.20 8.18
CA THR C 87 -49.22 50.62 7.40
C THR C 87 -49.27 51.03 5.92
N ASN C 88 -50.45 51.40 5.42
CA ASN C 88 -50.57 51.75 4.01
C ASN C 88 -49.84 53.05 3.71
N HIS C 89 -49.23 53.13 2.53
CA HIS C 89 -48.47 54.29 2.09
C HIS C 89 -47.35 54.63 3.07
N ASP C 90 -46.51 53.64 3.37
CA ASP C 90 -45.43 53.79 4.34
C ASP C 90 -44.14 54.11 3.60
N ILE C 91 -44.00 55.38 3.23
CA ILE C 91 -42.79 55.87 2.57
C ILE C 91 -42.61 57.34 2.94
N ALA C 92 -41.35 57.76 3.05
CA ALA C 92 -41.02 59.13 3.40
C ALA C 92 -39.76 59.56 2.64
N LEU C 93 -39.77 60.79 2.16
CA LEU C 93 -38.63 61.37 1.46
C LEU C 93 -38.08 62.53 2.28
N LEU C 94 -36.77 62.50 2.53
CA LEU C 94 -36.12 63.49 3.38
C LEU C 94 -35.03 64.20 2.59
N ARG C 95 -34.92 65.51 2.81
CA ARG C 95 -33.92 66.35 2.15
C ARG C 95 -32.90 66.80 3.18
N LEU C 96 -31.62 66.51 2.92
CA LEU C 96 -30.55 66.94 3.80
C LEU C 96 -30.27 68.43 3.59
N HIS C 97 -29.90 69.11 4.68
CA HIS C 97 -29.54 70.52 4.59
C HIS C 97 -28.33 70.72 3.69
N GLN C 98 -27.32 69.86 3.82
CA GLN C 98 -26.15 69.87 2.96
C GLN C 98 -25.91 68.46 2.42
N PRO C 99 -25.33 68.35 1.22
CA PRO C 99 -25.09 67.02 0.65
C PRO C 99 -23.96 66.30 1.37
N VAL C 100 -23.83 65.02 1.04
CA VAL C 100 -22.81 64.17 1.61
C VAL C 100 -21.67 64.02 0.61
N VAL C 101 -20.48 63.69 1.12
CA VAL C 101 -19.31 63.46 0.29
C VAL C 101 -19.23 61.97 -0.02
N LEU C 102 -19.35 61.62 -1.29
CA LEU C 102 -19.32 60.22 -1.69
C LEU C 102 -17.93 59.64 -1.50
N THR C 103 -17.84 58.55 -0.76
CA THR C 103 -16.58 57.84 -0.51
C THR C 103 -16.77 56.38 -0.87
N ASP C 104 -15.72 55.58 -0.60
CA ASP C 104 -15.80 54.15 -0.85
C ASP C 104 -16.80 53.45 0.05
N HIS C 105 -17.13 54.06 1.19
CA HIS C 105 -18.12 53.49 2.11
C HIS C 105 -19.46 54.20 2.05
N VAL C 106 -19.63 55.18 1.17
CA VAL C 106 -20.87 55.93 1.02
C VAL C 106 -21.12 56.10 -0.48
N VAL C 107 -22.00 55.27 -1.04
CA VAL C 107 -22.44 55.41 -2.42
C VAL C 107 -23.95 55.28 -2.45
N PRO C 108 -24.65 56.02 -3.30
CA PRO C 108 -26.12 55.97 -3.31
C PRO C 108 -26.64 54.75 -4.06
N LEU C 109 -27.92 54.48 -3.85
CA LEU C 109 -28.64 53.39 -4.49
C LEU C 109 -29.62 53.95 -5.51
N CYS C 110 -29.57 53.42 -6.74
CA CYS C 110 -30.41 53.97 -7.80
C CYS C 110 -31.89 53.72 -7.53
N LEU C 111 -32.71 54.70 -7.85
CA LEU C 111 -34.16 54.54 -7.83
C LEU C 111 -34.59 54.08 -9.21
N PRO C 112 -35.08 52.85 -9.38
CA PRO C 112 -35.37 52.35 -10.72
C PRO C 112 -36.58 53.02 -11.34
N GLU C 113 -36.66 52.94 -12.66
CA GLU C 113 -37.85 53.40 -13.36
C GLU C 113 -39.03 52.49 -13.02
N ARG C 114 -40.23 53.06 -13.10
CA ARG C 114 -41.43 52.31 -12.72
C ARG C 114 -41.62 51.09 -13.62
N THR C 115 -41.44 51.26 -14.94
CA THR C 115 -41.58 50.14 -15.85
C THR C 115 -40.52 49.07 -15.58
N PHE C 116 -39.29 49.50 -15.33
CA PHE C 116 -38.21 48.55 -15.08
C PHE C 116 -38.43 47.78 -13.78
N SER C 117 -38.93 48.46 -12.75
CA SER C 117 -39.13 47.80 -11.47
C SER C 117 -40.34 46.88 -11.48
N GLU C 118 -41.38 47.24 -12.26
CA GLU C 118 -42.61 46.45 -12.26
C GLU C 118 -42.51 45.19 -13.10
N ARG C 119 -41.54 45.10 -13.99
CA ARG C 119 -41.46 43.97 -14.92
C ARG C 119 -40.21 43.14 -14.78
N THR C 120 -39.07 43.75 -14.48
CA THR C 120 -37.79 43.04 -14.44
C THR C 120 -37.32 42.75 -13.03
N LEU C 121 -37.31 43.75 -12.15
CA LEU C 121 -36.82 43.55 -10.79
C LEU C 121 -37.80 42.79 -9.93
N ALA C 122 -39.09 42.89 -10.22
CA ALA C 122 -40.10 42.23 -9.39
C ALA C 122 -40.07 40.71 -9.51
N PHE C 123 -39.32 40.16 -10.45
CA PHE C 123 -39.24 38.72 -10.65
C PHE C 123 -37.84 38.18 -10.33
N VAL C 124 -37.15 38.83 -9.39
CA VAL C 124 -35.90 38.32 -8.83
C VAL C 124 -36.21 37.82 -7.43
N ARG C 125 -35.82 36.59 -7.14
CA ARG C 125 -36.28 35.92 -5.92
C ARG C 125 -35.63 36.53 -4.68
N PHE C 126 -34.31 36.49 -4.61
CA PHE C 126 -33.58 36.81 -3.39
C PHE C 126 -33.10 38.25 -3.44
N SER C 127 -33.76 39.11 -2.68
CA SER C 127 -33.33 40.49 -2.46
C SER C 127 -32.94 40.66 -1.00
N LEU C 128 -31.96 41.53 -0.77
CA LEU C 128 -31.32 41.64 0.55
C LEU C 128 -31.83 42.85 1.30
N VAL C 129 -32.07 42.68 2.60
CA VAL C 129 -32.45 43.76 3.50
C VAL C 129 -31.36 43.92 4.55
N SER C 130 -31.18 45.15 5.03
CA SER C 130 -30.18 45.45 6.03
C SER C 130 -30.73 46.47 7.02
N GLY C 131 -30.18 46.46 8.22
CA GLY C 131 -30.60 47.40 9.24
C GLY C 131 -29.91 47.10 10.55
N TRP C 132 -30.13 48.00 11.51
CA TRP C 132 -29.58 47.88 12.85
C TRP C 132 -30.62 47.46 13.88
N GLY C 133 -31.71 46.82 13.43
CA GLY C 133 -32.77 46.43 14.32
C GLY C 133 -32.34 45.38 15.34
N GLN C 134 -33.30 44.95 16.15
CA GLN C 134 -33.03 43.95 17.16
C GLN C 134 -32.59 42.65 16.52
N LEU C 135 -31.46 42.12 17.00
CA LEU C 135 -30.94 40.87 16.44
C LEU C 135 -31.87 39.70 16.75
N LEU C 136 -32.55 39.74 17.89
CA LEU C 136 -33.53 38.74 18.26
C LEU C 136 -34.88 39.42 18.48
N ASP C 137 -35.96 38.64 18.32
CA ASP C 137 -37.30 39.17 18.52
C ASP C 137 -37.43 39.77 19.92
N ARG C 138 -37.97 40.99 19.97
CA ARG C 138 -38.09 41.79 21.19
C ARG C 138 -36.87 41.64 22.09
N GLY C 139 -35.69 41.81 21.49
CA GLY C 139 -34.44 41.65 22.20
C GLY C 139 -33.61 42.91 22.29
N ALA C 140 -32.32 42.81 21.98
CA ALA C 140 -31.40 43.93 22.09
C ALA C 140 -30.94 44.38 20.70
N THR C 141 -30.84 45.70 20.53
CA THR C 141 -30.37 46.25 19.26
C THR C 141 -28.94 45.81 18.99
N ALA C 142 -28.69 45.35 17.76
CA ALA C 142 -27.36 44.87 17.40
C ALA C 142 -26.37 46.02 17.32
N LEU C 143 -25.10 45.70 17.61
CA LEU C 143 -24.03 46.68 17.55
C LEU C 143 -23.43 46.82 16.15
N GLU C 144 -23.56 45.79 15.32
CA GLU C 144 -23.01 45.80 13.97
C GLU C 144 -24.13 45.60 12.96
N LEU C 145 -23.88 46.07 11.73
CA LEU C 145 -24.89 45.98 10.69
C LEU C 145 -25.15 44.52 10.32
N MET C 146 -26.43 44.18 10.17
CA MET C 146 -26.87 42.83 9.85
C MET C 146 -27.61 42.85 8.53
N VAL C 147 -27.27 41.91 7.65
CA VAL C 147 -27.92 41.77 6.35
C VAL C 147 -28.66 40.44 6.31
N LEU C 148 -29.79 40.44 5.60
CA LEU C 148 -30.65 39.27 5.51
C LEU C 148 -31.08 39.06 4.07
N ASN C 149 -31.10 37.79 3.65
CA ASN C 149 -31.56 37.41 2.32
C ASN C 149 -32.97 36.86 2.44
N VAL C 150 -33.91 37.48 1.72
CA VAL C 150 -35.31 37.08 1.82
C VAL C 150 -35.87 36.85 0.41
N PRO C 151 -36.84 35.94 0.25
CA PRO C 151 -37.48 35.76 -1.05
C PRO C 151 -38.70 36.67 -1.21
N ARG C 152 -38.92 37.07 -2.46
CA ARG C 152 -40.03 37.95 -2.81
C ARG C 152 -41.22 37.12 -3.28
N LEU C 153 -42.39 37.40 -2.72
CA LEU C 153 -43.62 36.71 -3.07
C LEU C 153 -44.69 37.73 -3.45
N MET C 154 -45.58 37.32 -4.35
CA MET C 154 -46.71 38.14 -4.72
C MET C 154 -47.78 38.10 -3.64
N THR C 155 -48.67 39.10 -3.66
CA THR C 155 -49.70 39.19 -2.64
C THR C 155 -50.65 38.00 -2.70
N GLN C 156 -50.95 37.51 -3.90
CA GLN C 156 -51.86 36.38 -4.03
C GLN C 156 -51.32 35.13 -3.36
N ASP C 157 -50.04 34.81 -3.62
CA ASP C 157 -49.43 33.66 -2.96
C ASP C 157 -49.17 33.92 -1.48
N CYS C 158 -48.94 35.19 -1.12
CA CYS C 158 -48.62 35.53 0.26
C CYS C 158 -49.83 35.38 1.18
N LEU C 159 -51.02 35.70 0.68
CA LEU C 159 -52.21 35.70 1.53
C LEU C 159 -52.57 34.28 1.99
N GLN C 160 -52.49 33.29 1.09
CA GLN C 160 -52.94 31.96 1.44
C GLN C 160 -52.01 31.28 2.46
N GLN C 161 -50.71 31.58 2.40
CA GLN C 161 -49.75 30.94 3.28
C GLN C 161 -49.73 31.56 4.68
N SER C 162 -50.43 32.67 4.89
CA SER C 162 -50.41 33.33 6.19
C SER C 162 -51.15 32.50 7.23
N ARG C 163 -50.60 32.47 8.44
CA ARG C 163 -51.22 31.79 9.56
C ARG C 163 -52.38 32.62 10.11
N LYS C 164 -53.10 32.04 11.07
CA LYS C 164 -54.28 32.69 11.64
C LYS C 164 -53.88 33.88 12.51
N VAL C 165 -53.89 35.07 11.93
CA VAL C 165 -53.55 36.30 12.62
C VAL C 165 -54.83 36.97 13.10
N GLY C 166 -54.79 37.55 14.31
CA GLY C 166 -55.97 38.21 14.84
C GLY C 166 -56.41 39.38 14.00
N ASP C 167 -55.46 40.20 13.55
CA ASP C 167 -55.74 41.35 12.71
C ASP C 167 -54.84 41.30 11.49
N SER C 168 -55.43 41.20 10.30
CA SER C 168 -54.68 41.18 9.06
C SER C 168 -54.98 42.45 8.27
N PRO C 169 -54.13 43.47 8.35
CA PRO C 169 -54.36 44.68 7.54
C PRO C 169 -54.27 44.37 6.06
N ASN C 170 -55.06 45.11 5.28
CA ASN C 170 -55.10 44.89 3.85
C ASN C 170 -53.77 45.24 3.21
N ILE C 171 -53.30 44.38 2.31
CA ILE C 171 -52.07 44.58 1.58
C ILE C 171 -52.45 45.20 0.23
N THR C 172 -52.28 46.51 0.14
CA THR C 172 -52.70 47.26 -1.05
C THR C 172 -51.69 47.07 -2.17
N GLU C 173 -51.87 47.83 -3.25
CA GLU C 173 -50.98 47.77 -4.40
C GLU C 173 -49.63 48.42 -4.13
N TYR C 174 -49.46 49.09 -2.98
CA TYR C 174 -48.23 49.78 -2.64
C TYR C 174 -47.35 48.98 -1.68
N MET C 175 -47.65 47.70 -1.46
CA MET C 175 -46.89 46.88 -0.54
C MET C 175 -46.82 45.45 -1.06
N PHE C 176 -45.82 44.72 -0.56
CA PHE C 176 -45.62 43.32 -0.92
C PHE C 176 -44.92 42.61 0.22
N CYS C 177 -45.29 41.34 0.45
CA CYS C 177 -44.66 40.56 1.48
C CYS C 177 -43.38 39.91 0.95
N ALA C 178 -42.43 39.69 1.86
CA ALA C 178 -41.16 39.05 1.51
C ALA C 178 -40.52 38.52 2.78
N GLY C 179 -40.05 37.28 2.72
CA GLY C 179 -39.40 36.64 3.84
C GLY C 179 -39.75 35.17 3.91
N TYR C 180 -39.50 34.58 5.08
CA TYR C 180 -39.79 33.17 5.33
C TYR C 180 -40.87 33.04 6.39
N SER C 181 -41.67 31.97 6.26
CA SER C 181 -42.78 31.72 7.18
C SER C 181 -42.42 30.74 8.29
N ASP C 182 -41.20 30.23 8.32
CA ASP C 182 -40.79 29.27 9.35
C ASP C 182 -40.32 29.94 10.63
N GLY C 183 -40.30 31.28 10.67
CA GLY C 183 -39.82 31.99 11.84
C GLY C 183 -38.32 32.12 11.95
N SER C 184 -37.57 31.68 10.94
CA SER C 184 -36.12 31.76 11.00
C SER C 184 -35.62 33.16 10.66
N LYS C 185 -36.15 33.74 9.58
CA LYS C 185 -35.71 35.05 9.11
C LYS C 185 -36.92 35.94 8.88
N ASP C 186 -36.80 37.20 9.29
CA ASP C 186 -37.90 38.15 9.19
C ASP C 186 -37.32 39.55 9.28
N SER C 187 -38.15 40.53 8.91
CA SER C 187 -37.79 41.94 9.02
C SER C 187 -38.32 42.48 10.35
N CYS C 188 -37.41 42.92 11.22
CA CYS C 188 -37.78 43.38 12.54
C CYS C 188 -38.30 44.82 12.47
N LYS C 189 -38.59 45.39 13.64
CA LYS C 189 -39.10 46.74 13.73
C LYS C 189 -38.00 47.79 13.82
N GLY C 190 -36.92 47.48 14.55
CA GLY C 190 -35.85 48.45 14.74
C GLY C 190 -35.09 48.79 13.48
N ASP C 191 -35.17 47.93 12.46
CA ASP C 191 -34.50 48.17 11.18
C ASP C 191 -35.44 48.77 10.14
N SER C 192 -36.60 49.28 10.56
CA SER C 192 -37.56 49.83 9.62
C SER C 192 -36.93 50.98 8.84
N GLY C 193 -37.27 51.05 7.55
CA GLY C 193 -36.65 51.99 6.64
C GLY C 193 -35.40 51.48 5.96
N GLY C 194 -34.99 50.25 6.24
CA GLY C 194 -33.80 49.68 5.64
C GLY C 194 -34.00 49.35 4.17
N PRO C 195 -32.90 49.23 3.42
CA PRO C 195 -32.99 49.01 1.98
C PRO C 195 -33.26 47.55 1.65
N HIS C 196 -34.32 47.32 0.87
CA HIS C 196 -34.61 46.01 0.29
C HIS C 196 -34.02 45.97 -1.12
N ALA C 197 -32.69 45.88 -1.16
CA ALA C 197 -31.96 46.02 -2.41
C ALA C 197 -32.11 44.79 -3.29
N THR C 198 -32.16 45.01 -4.61
CA THR C 198 -32.28 43.95 -5.60
C THR C 198 -31.16 44.08 -6.62
N HIS C 199 -30.59 42.94 -7.01
CA HIS C 199 -29.42 42.91 -7.89
C HIS C 199 -29.84 42.52 -9.31
N TYR C 200 -29.23 43.18 -10.30
CA TYR C 200 -29.49 42.85 -11.70
C TYR C 200 -28.26 43.24 -12.52
N ARG C 201 -27.41 42.27 -12.83
CA ARG C 201 -26.25 42.43 -13.72
C ARG C 201 -25.29 43.50 -13.18
N GLY C 202 -24.73 43.20 -12.01
CA GLY C 202 -23.67 44.05 -11.47
C GLY C 202 -24.13 45.38 -10.92
N THR C 203 -25.43 45.60 -10.77
CA THR C 203 -25.96 46.84 -10.25
C THR C 203 -27.02 46.55 -9.20
N TRP C 204 -27.10 47.43 -8.20
CA TRP C 204 -28.02 47.27 -7.09
C TRP C 204 -29.09 48.35 -7.14
N TYR C 205 -30.35 47.95 -6.96
CA TYR C 205 -31.48 48.86 -7.02
C TYR C 205 -32.35 48.71 -5.78
N LEU C 206 -33.05 49.78 -5.44
CA LEU C 206 -33.99 49.78 -4.33
C LEU C 206 -35.36 49.36 -4.83
N THR C 207 -35.89 48.25 -4.30
CA THR C 207 -37.19 47.75 -4.70
C THR C 207 -38.23 47.78 -3.59
N GLY C 208 -37.83 47.92 -2.32
CA GLY C 208 -38.79 47.91 -1.24
C GLY C 208 -38.23 48.58 -0.01
N ILE C 209 -39.14 48.89 0.92
CA ILE C 209 -38.80 49.51 2.19
C ILE C 209 -39.49 48.72 3.29
N VAL C 210 -38.72 48.27 4.27
CA VAL C 210 -39.29 47.49 5.37
C VAL C 210 -40.20 48.39 6.20
N SER C 211 -41.45 47.97 6.37
CA SER C 211 -42.44 48.74 7.12
C SER C 211 -42.95 47.99 8.33
N TRP C 212 -43.39 46.75 8.16
CA TRP C 212 -43.92 45.96 9.27
C TRP C 212 -43.74 44.48 8.96
N GLY C 213 -43.11 43.76 9.89
CA GLY C 213 -42.91 42.33 9.73
C GLY C 213 -43.78 41.52 10.65
N GLN C 214 -44.90 42.09 11.09
CA GLN C 214 -45.79 41.48 12.08
C GLN C 214 -45.01 41.11 13.34
N GLY C 215 -44.25 42.08 13.83
CA GLY C 215 -43.38 41.85 14.99
C GLY C 215 -41.96 41.47 14.55
N CYS C 216 -41.58 40.22 14.81
CA CYS C 216 -40.29 39.71 14.40
C CYS C 216 -40.23 38.19 14.51
N ALA C 217 -39.74 37.53 13.46
CA ALA C 217 -39.53 36.09 13.45
C ALA C 217 -40.78 35.33 13.87
N THR C 218 -41.93 35.81 13.41
CA THR C 218 -43.20 35.18 13.76
C THR C 218 -43.45 33.97 12.87
N VAL C 219 -43.85 32.86 13.49
CA VAL C 219 -44.07 31.62 12.75
C VAL C 219 -45.31 31.79 11.87
N GLY C 220 -45.18 31.38 10.61
CA GLY C 220 -46.28 31.50 9.67
C GLY C 220 -46.65 32.92 9.30
N HIS C 221 -45.67 33.81 9.21
CA HIS C 221 -45.90 35.18 8.78
C HIS C 221 -44.68 35.69 8.05
N PHE C 222 -44.89 36.68 7.17
CA PHE C 222 -43.84 37.25 6.36
C PHE C 222 -43.59 38.70 6.75
N GLY C 223 -42.57 39.29 6.13
CA GLY C 223 -42.26 40.69 6.34
C GLY C 223 -42.74 41.57 5.21
N VAL C 224 -43.80 42.33 5.46
CA VAL C 224 -44.41 43.17 4.44
C VAL C 224 -43.54 44.41 4.23
N TYR C 225 -43.15 44.64 2.98
CA TYR C 225 -42.34 45.79 2.61
C TYR C 225 -43.15 46.75 1.75
N THR C 226 -42.78 48.02 1.77
CA THR C 226 -43.46 49.02 0.96
C THR C 226 -42.93 48.99 -0.47
N ARG C 227 -43.85 48.91 -1.43
CA ARG C 227 -43.46 48.88 -2.84
C ARG C 227 -43.06 50.28 -3.29
N VAL C 228 -41.84 50.41 -3.80
CA VAL C 228 -41.37 51.71 -4.31
C VAL C 228 -41.69 51.91 -5.79
N SER C 229 -42.16 50.87 -6.48
CA SER C 229 -42.50 51.01 -7.89
C SER C 229 -43.70 51.93 -8.09
N GLN C 230 -44.49 52.18 -7.06
CA GLN C 230 -45.68 53.02 -7.16
C GLN C 230 -45.42 54.46 -6.76
N TYR C 231 -44.17 54.83 -6.47
CA TYR C 231 -43.86 56.18 -6.01
C TYR C 231 -42.79 56.88 -6.81
N ILE C 232 -42.23 56.25 -7.85
CA ILE C 232 -41.11 56.85 -8.58
C ILE C 232 -41.54 58.16 -9.24
N GLU C 233 -42.71 58.16 -9.89
CA GLU C 233 -43.20 59.40 -10.49
C GLU C 233 -43.51 60.45 -9.43
N TRP C 234 -44.13 60.04 -8.32
CA TRP C 234 -44.43 60.98 -7.25
C TRP C 234 -43.17 61.50 -6.58
N LEU C 235 -42.19 60.63 -6.35
CA LEU C 235 -40.96 61.05 -5.68
C LEU C 235 -40.21 62.09 -6.50
N GLN C 236 -40.04 61.84 -7.81
CA GLN C 236 -39.19 62.69 -8.63
C GLN C 236 -39.82 64.05 -8.90
N LYS C 237 -41.16 64.13 -8.90
CA LYS C 237 -41.81 65.41 -9.17
C LYS C 237 -41.48 66.44 -8.11
N LEU C 238 -41.51 66.05 -6.84
CA LEU C 238 -41.19 66.95 -5.74
C LEU C 238 -39.72 66.90 -5.35
N MET C 239 -38.99 65.85 -5.72
CA MET C 239 -37.56 65.79 -5.45
C MET C 239 -36.82 66.91 -6.17
N ARG C 240 -37.34 67.36 -7.31
CA ARG C 240 -36.73 68.42 -8.10
C ARG C 240 -37.45 69.76 -7.92
N SER C 241 -38.29 69.88 -6.91
CA SER C 241 -39.03 71.10 -6.66
C SER C 241 -38.20 72.05 -5.79
N GLU C 242 -38.75 73.23 -5.53
CA GLU C 242 -38.03 74.25 -4.77
C GLU C 242 -38.14 73.96 -3.27
N PRO C 243 -37.16 74.44 -2.47
CA PRO C 243 -37.17 74.15 -1.03
C PRO C 243 -38.21 74.94 -0.26
N ARG C 244 -39.44 74.42 -0.22
CA ARG C 244 -40.49 75.07 0.55
C ARG C 244 -40.14 75.06 2.04
N PRO C 245 -40.55 76.09 2.79
CA PRO C 245 -40.12 76.20 4.19
C PRO C 245 -40.67 75.11 5.09
N GLY C 246 -41.71 74.39 4.69
CA GLY C 246 -42.29 73.35 5.52
C GLY C 246 -41.33 72.21 5.80
N VAL C 247 -41.06 71.96 7.08
CA VAL C 247 -40.19 70.86 7.45
C VAL C 247 -40.86 69.52 7.15
N LEU C 248 -42.13 69.39 7.54
CA LEU C 248 -42.93 68.21 7.24
C LEU C 248 -44.02 68.65 6.27
N LEU C 249 -43.83 68.35 4.99
CA LEU C 249 -44.75 68.75 3.94
C LEU C 249 -45.58 67.57 3.49
N ARG C 250 -46.90 67.73 3.52
CA ARG C 250 -47.83 66.69 3.09
C ARG C 250 -48.08 66.86 1.59
N ALA C 251 -47.15 66.35 0.80
CA ALA C 251 -47.25 66.49 -0.64
C ALA C 251 -48.43 65.69 -1.18
N PRO C 252 -49.17 66.25 -2.15
CA PRO C 252 -50.33 65.52 -2.69
C PRO C 252 -49.89 64.36 -3.57
N PHE C 253 -50.48 63.18 -3.31
CA PHE C 253 -50.28 61.94 -4.05
C PHE C 253 -51.39 61.77 -5.08
N PRO C 254 -51.08 61.31 -6.30
CA PRO C 254 -49.74 60.97 -6.80
C PRO C 254 -49.02 62.13 -7.47
N GLN D 4 -47.76 7.81 -37.68
CA GLN D 4 -48.83 8.77 -37.44
C GLN D 4 -48.28 10.18 -37.41
N CYS D 5 -47.35 10.47 -38.33
CA CYS D 5 -46.71 11.78 -38.39
C CYS D 5 -46.60 12.32 -39.81
N ALA D 6 -47.47 11.88 -40.73
CA ALA D 6 -47.40 12.28 -42.13
C ALA D 6 -48.15 13.56 -42.43
N SER D 7 -48.74 14.20 -41.43
CA SER D 7 -49.53 15.41 -41.63
C SER D 7 -48.69 16.68 -41.64
N SER D 8 -47.40 16.56 -41.93
CA SER D 8 -46.46 17.67 -41.91
C SER D 8 -46.52 18.47 -40.60
N PRO D 9 -46.36 17.80 -39.44
CA PRO D 9 -46.50 18.52 -38.16
C PRO D 9 -45.29 19.37 -37.81
N CYS D 10 -44.09 18.83 -38.03
CA CYS D 10 -42.88 19.56 -37.67
C CYS D 10 -42.68 20.74 -38.60
N GLN D 11 -42.39 21.90 -38.03
CA GLN D 11 -42.17 23.12 -38.79
C GLN D 11 -40.75 23.62 -38.59
N ASN D 12 -40.19 24.21 -39.64
CA ASN D 12 -38.88 24.85 -39.61
C ASN D 12 -37.78 23.84 -39.24
N GLY D 13 -37.66 22.80 -40.06
CA GLY D 13 -36.56 21.87 -39.94
C GLY D 13 -36.66 20.88 -38.79
N GLY D 14 -37.84 20.73 -38.19
CA GLY D 14 -37.96 19.81 -37.08
C GLY D 14 -37.98 18.35 -37.51
N SER D 15 -37.71 17.48 -36.54
CA SER D 15 -37.73 16.03 -36.74
C SER D 15 -38.78 15.43 -35.82
N CYS D 16 -39.62 14.56 -36.35
CA CYS D 16 -40.72 13.98 -35.59
C CYS D 16 -40.38 12.59 -35.07
N LYS D 17 -41.09 12.19 -34.01
CA LYS D 17 -41.03 10.85 -33.46
C LYS D 17 -42.45 10.36 -33.21
N ASP D 18 -42.72 9.11 -33.57
CA ASP D 18 -44.07 8.58 -33.50
C ASP D 18 -44.46 8.30 -32.06
N GLN D 19 -45.67 8.73 -31.68
CA GLN D 19 -46.24 8.46 -30.37
C GLN D 19 -47.71 8.09 -30.54
N LEU D 20 -48.25 7.37 -29.55
CA LEU D 20 -49.64 6.96 -29.58
C LEU D 20 -50.54 8.19 -29.49
N GLN D 21 -51.20 8.53 -30.60
CA GLN D 21 -52.08 9.68 -30.73
C GLN D 21 -51.37 11.00 -30.45
N SER D 22 -50.05 11.01 -30.39
CA SER D 22 -49.28 12.21 -30.14
C SER D 22 -48.14 12.30 -31.13
N TYR D 23 -47.54 13.49 -31.22
CA TYR D 23 -46.47 13.75 -32.17
C TYR D 23 -45.50 14.74 -31.53
N ILE D 24 -44.32 14.25 -31.14
CA ILE D 24 -43.28 15.09 -30.56
C ILE D 24 -42.29 15.47 -31.64
N CYS D 25 -41.98 16.76 -31.73
CA CYS D 25 -41.10 17.29 -32.77
C CYS D 25 -39.76 17.62 -32.14
N PHE D 26 -38.70 17.00 -32.66
CA PHE D 26 -37.34 17.25 -32.20
C PHE D 26 -36.74 18.35 -33.08
N CYS D 27 -36.64 19.56 -32.54
CA CYS D 27 -36.25 20.73 -33.31
C CYS D 27 -34.84 21.17 -32.98
N LEU D 28 -34.27 21.97 -33.88
CA LEU D 28 -32.97 22.57 -33.68
C LEU D 28 -33.06 23.66 -32.60
N PRO D 29 -31.92 24.02 -32.00
CA PRO D 29 -31.97 25.00 -30.88
C PRO D 29 -32.55 26.35 -31.27
N ALA D 30 -32.57 26.70 -32.55
CA ALA D 30 -33.10 28.00 -32.96
C ALA D 30 -34.62 28.08 -32.85
N PHE D 31 -35.32 26.96 -32.68
CA PHE D 31 -36.77 26.95 -32.62
C PHE D 31 -37.23 26.13 -31.42
N GLU D 32 -38.44 26.44 -30.95
CA GLU D 32 -39.02 25.73 -29.82
C GLU D 32 -40.52 25.61 -30.02
N GLY D 33 -41.12 24.67 -29.31
CA GLY D 33 -42.55 24.43 -29.37
C GLY D 33 -42.87 22.99 -29.71
N ARG D 34 -44.17 22.67 -29.59
CA ARG D 34 -44.64 21.34 -29.95
C ARG D 34 -44.44 21.08 -31.44
N ASN D 35 -44.69 22.09 -32.27
CA ASN D 35 -44.42 22.02 -33.70
C ASN D 35 -43.23 22.87 -34.11
N CYS D 36 -42.47 23.38 -33.14
CA CYS D 36 -41.34 24.27 -33.38
C CYS D 36 -41.75 25.46 -34.25
N GLU D 37 -42.87 26.08 -33.89
CA GLU D 37 -43.39 27.24 -34.60
C GLU D 37 -42.93 28.56 -34.02
N THR D 38 -42.08 28.54 -33.00
CA THR D 38 -41.61 29.75 -32.34
C THR D 38 -40.19 30.05 -32.76
N HIS D 39 -39.93 31.30 -33.13
CA HIS D 39 -38.61 31.76 -33.56
C HIS D 39 -37.93 32.38 -32.34
N LYS D 40 -37.13 31.56 -31.64
CA LYS D 40 -36.50 32.00 -30.40
C LYS D 40 -35.58 33.19 -30.61
N ASP D 41 -35.04 33.33 -31.83
CA ASP D 41 -34.21 34.50 -32.13
C ASP D 41 -35.05 35.74 -32.39
N ASP D 42 -36.26 35.58 -32.92
CA ASP D 42 -37.11 36.71 -33.29
C ASP D 42 -38.14 37.01 -32.20
N GLN D 43 -37.65 37.25 -30.98
CA GLN D 43 -38.53 37.63 -29.88
C GLN D 43 -37.89 38.70 -28.99
N LEU D 44 -37.10 39.59 -29.59
CA LEU D 44 -36.40 40.61 -28.81
C LEU D 44 -37.35 41.69 -28.32
N ILE D 45 -38.25 41.34 -27.41
CA ILE D 45 -39.19 42.27 -26.81
C ILE D 45 -38.72 42.59 -25.39
N CYS D 46 -39.02 43.81 -24.95
CA CYS D 46 -38.49 44.30 -23.67
C CYS D 46 -39.04 43.55 -22.47
N VAL D 47 -40.17 42.87 -22.61
CA VAL D 47 -40.68 42.06 -21.50
C VAL D 47 -39.95 40.73 -21.40
N ASN D 48 -39.26 40.31 -22.47
CA ASN D 48 -38.51 39.05 -22.49
C ASN D 48 -37.12 39.29 -21.93
N GLU D 49 -36.97 39.05 -20.62
CA GLU D 49 -35.69 39.17 -19.92
C GLU D 49 -35.06 40.54 -20.16
N ASN D 50 -35.88 41.59 -20.01
CA ASN D 50 -35.45 42.97 -20.21
C ASN D 50 -34.90 43.19 -21.62
N GLY D 51 -35.38 42.41 -22.58
CA GLY D 51 -34.89 42.51 -23.95
C GLY D 51 -33.43 42.19 -24.10
N GLY D 52 -32.90 41.29 -23.26
CA GLY D 52 -31.50 40.92 -23.33
C GLY D 52 -30.55 42.10 -23.14
N CYS D 53 -30.88 42.99 -22.22
CA CYS D 53 -30.07 44.18 -21.97
C CYS D 53 -29.74 44.27 -20.48
N GLU D 54 -28.65 44.98 -20.19
CA GLU D 54 -28.11 44.99 -18.84
C GLU D 54 -28.99 45.78 -17.88
N GLN D 55 -29.22 47.05 -18.18
CA GLN D 55 -29.88 47.95 -17.22
C GLN D 55 -31.25 48.43 -17.70
N TYR D 56 -31.33 49.07 -18.85
CA TYR D 56 -32.57 49.70 -19.30
C TYR D 56 -32.81 49.39 -20.77
N CYS D 57 -34.08 49.44 -21.15
CA CYS D 57 -34.49 49.22 -22.53
C CYS D 57 -35.75 50.03 -22.81
N SER D 58 -35.98 50.28 -24.10
CA SER D 58 -37.16 51.03 -24.54
C SER D 58 -37.67 50.39 -25.82
N ASP D 59 -38.77 49.65 -25.72
CA ASP D 59 -39.31 48.95 -26.88
C ASP D 59 -39.96 49.95 -27.83
N HIS D 60 -39.44 50.03 -29.04
CA HIS D 60 -40.02 50.89 -30.07
C HIS D 60 -41.23 50.20 -30.69
N THR D 61 -42.00 50.98 -31.45
CA THR D 61 -43.25 50.46 -32.02
C THR D 61 -42.98 49.39 -33.06
N GLY D 62 -42.28 49.74 -34.15
CA GLY D 62 -42.06 48.81 -35.23
C GLY D 62 -40.67 48.21 -35.28
N THR D 63 -39.65 49.04 -35.08
CA THR D 63 -38.27 48.61 -35.26
C THR D 63 -37.79 47.84 -34.02
N LYS D 64 -36.50 47.53 -33.99
CA LYS D 64 -35.92 46.79 -32.88
C LYS D 64 -35.89 47.66 -31.62
N ARG D 65 -35.78 46.98 -30.48
CA ARG D 65 -35.74 47.66 -29.20
C ARG D 65 -34.46 48.49 -29.05
N SER D 66 -34.58 49.62 -28.36
CA SER D 66 -33.46 50.46 -28.02
C SER D 66 -33.22 50.40 -26.52
N CYS D 67 -31.96 50.38 -26.11
CA CYS D 67 -31.59 50.19 -24.72
C CYS D 67 -30.93 51.44 -24.17
N ARG D 68 -31.45 51.94 -23.05
CA ARG D 68 -30.93 53.10 -22.35
C ARG D 68 -30.14 52.64 -21.13
N CYS D 69 -29.73 53.61 -20.30
CA CYS D 69 -29.04 53.32 -19.05
C CYS D 69 -29.53 54.29 -17.98
N HIS D 70 -29.25 53.94 -16.73
CA HIS D 70 -29.62 54.80 -15.62
C HIS D 70 -28.78 56.08 -15.62
N GLU D 71 -29.19 57.03 -14.78
CA GLU D 71 -28.48 58.31 -14.69
C GLU D 71 -27.02 58.09 -14.33
N GLY D 72 -26.14 58.78 -15.04
CA GLY D 72 -24.71 58.64 -14.86
C GLY D 72 -24.08 57.48 -15.62
N TYR D 73 -24.84 56.78 -16.45
CA TYR D 73 -24.36 55.63 -17.21
C TYR D 73 -24.57 55.86 -18.70
N SER D 74 -23.58 55.47 -19.49
CA SER D 74 -23.65 55.55 -20.95
C SER D 74 -23.44 54.16 -21.52
N LEU D 75 -24.30 53.77 -22.47
CA LEU D 75 -24.20 52.44 -23.06
C LEU D 75 -22.98 52.34 -23.97
N LEU D 76 -22.41 51.13 -24.03
CA LEU D 76 -21.27 50.87 -24.88
C LEU D 76 -21.74 50.67 -26.32
N ALA D 77 -20.78 50.42 -27.21
CA ALA D 77 -21.09 50.23 -28.62
C ALA D 77 -21.90 48.97 -28.89
N ASP D 78 -21.86 48.00 -27.98
CA ASP D 78 -22.61 46.75 -28.17
C ASP D 78 -24.11 46.97 -28.08
N GLY D 79 -24.56 48.05 -27.45
CA GLY D 79 -25.98 48.33 -27.33
C GLY D 79 -26.69 47.58 -26.24
N VAL D 80 -25.99 46.75 -25.46
CA VAL D 80 -26.62 45.98 -24.40
C VAL D 80 -25.99 46.22 -23.03
N SER D 81 -24.79 46.76 -22.95
CA SER D 81 -24.12 46.99 -21.68
C SER D 81 -23.93 48.48 -21.43
N CYS D 82 -23.91 48.85 -20.15
CA CYS D 82 -23.73 50.24 -19.74
C CYS D 82 -22.47 50.35 -18.89
N THR D 83 -21.70 51.41 -19.12
CA THR D 83 -20.48 51.66 -18.38
C THR D 83 -20.61 52.94 -17.56
N PRO D 84 -20.01 52.98 -16.37
CA PRO D 84 -20.08 54.20 -15.55
C PRO D 84 -19.25 55.32 -16.16
N THR D 85 -19.68 56.55 -15.88
CA THR D 85 -18.97 57.75 -16.31
C THR D 85 -18.44 58.58 -15.16
N VAL D 86 -19.23 58.76 -14.10
CA VAL D 86 -18.76 59.49 -12.93
C VAL D 86 -17.80 58.62 -12.13
N GLU D 87 -17.05 59.28 -11.23
CA GLU D 87 -16.06 58.57 -10.43
C GLU D 87 -16.72 57.53 -9.52
N TYR D 88 -17.84 57.89 -8.90
CA TYR D 88 -18.55 57.01 -7.98
C TYR D 88 -19.91 56.69 -8.56
N PRO D 89 -20.05 55.57 -9.27
CA PRO D 89 -21.35 55.22 -9.86
C PRO D 89 -22.35 54.78 -8.82
N CYS D 90 -23.58 54.50 -9.25
CA CYS D 90 -24.63 54.05 -8.36
C CYS D 90 -24.69 52.53 -8.31
N GLY D 91 -25.21 52.01 -7.20
CA GLY D 91 -25.50 50.59 -7.08
C GLY D 91 -24.32 49.68 -7.24
N LYS D 92 -23.09 50.19 -7.08
CA LYS D 92 -21.89 49.39 -7.21
C LYS D 92 -21.00 49.61 -5.99
N ILE D 93 -20.56 48.51 -5.39
CA ILE D 93 -19.69 48.56 -4.22
C ILE D 93 -18.26 48.78 -4.69
N PRO D 94 -17.61 49.88 -4.29
CA PRO D 94 -16.26 50.15 -4.78
C PRO D 94 -15.19 49.22 -4.21
N ILE D 95 -15.45 48.58 -3.07
CA ILE D 95 -14.45 47.70 -2.46
C ILE D 95 -14.40 46.33 -3.11
N LEU D 96 -15.37 46.00 -3.96
CA LEU D 96 -15.42 44.70 -4.62
C LEU D 96 -14.68 44.69 -5.95
N GLU D 97 -14.05 45.79 -6.34
CA GLU D 97 -13.28 45.85 -7.58
C GLU D 97 -11.80 46.04 -7.29
N THR E 4 -64.69 42.09 -12.89
CA THR E 4 -63.32 41.60 -12.93
C THR E 4 -62.73 41.82 -14.32
N ASN E 5 -61.44 42.17 -14.36
CA ASN E 5 -60.79 42.45 -15.63
C ASN E 5 -60.72 41.21 -16.51
N THR E 6 -60.14 40.13 -16.01
CA THR E 6 -60.00 38.88 -16.75
C THR E 6 -60.39 37.71 -15.86
N VAL E 7 -60.46 36.54 -16.47
CA VAL E 7 -60.72 35.31 -15.76
C VAL E 7 -59.39 34.69 -15.36
N ALA E 8 -59.42 33.82 -14.34
CA ALA E 8 -58.23 33.17 -13.84
C ALA E 8 -58.03 31.82 -14.53
N ALA E 9 -56.78 31.50 -14.82
CA ALA E 9 -56.46 30.20 -15.39
C ALA E 9 -56.80 29.08 -14.40
N TYR E 10 -57.18 27.93 -14.94
CA TYR E 10 -57.52 26.78 -14.12
C TYR E 10 -57.27 25.51 -14.91
N ASN E 11 -57.25 24.38 -14.17
CA ASN E 11 -56.98 23.06 -14.76
C ASN E 11 -55.64 23.03 -15.48
N LEU E 12 -54.62 23.59 -14.85
CA LEU E 12 -53.27 23.55 -15.42
C LEU E 12 -52.70 22.14 -15.31
N THR E 13 -52.25 21.59 -16.43
CA THR E 13 -51.73 20.23 -16.49
C THR E 13 -50.44 20.21 -17.27
N TRP E 14 -49.53 19.32 -16.86
CA TRP E 14 -48.25 19.13 -17.52
C TRP E 14 -48.32 17.90 -18.41
N LYS E 15 -47.91 18.06 -19.66
CA LYS E 15 -47.87 16.96 -20.63
C LYS E 15 -46.43 16.83 -21.13
N SER E 16 -45.71 15.84 -20.63
CA SER E 16 -44.31 15.62 -20.99
C SER E 16 -44.14 14.16 -21.39
N THR E 17 -43.81 13.93 -22.66
CA THR E 17 -43.50 12.61 -23.18
C THR E 17 -42.12 12.67 -23.85
N ASN E 18 -41.22 11.79 -23.41
CA ASN E 18 -39.83 11.80 -23.86
C ASN E 18 -39.19 13.17 -23.64
N PHE E 19 -39.49 13.76 -22.49
CA PHE E 19 -38.94 15.02 -21.99
C PHE E 19 -39.42 16.24 -22.74
N LYS E 20 -40.43 16.10 -23.62
CA LYS E 20 -41.03 17.26 -24.27
C LYS E 20 -42.12 17.79 -23.34
N THR E 21 -41.72 18.72 -22.47
CA THR E 21 -42.60 19.25 -21.44
C THR E 21 -43.42 20.42 -22.00
N ILE E 22 -44.74 20.28 -21.97
CA ILE E 22 -45.66 21.31 -22.44
C ILE E 22 -46.67 21.58 -21.34
N LEU E 23 -46.79 22.85 -20.95
CA LEU E 23 -47.77 23.27 -19.96
C LEU E 23 -49.07 23.62 -20.68
N GLU E 24 -50.14 22.90 -20.35
CA GLU E 24 -51.43 23.05 -21.00
C GLU E 24 -52.49 23.45 -19.97
N TRP E 25 -53.34 24.39 -20.34
CA TRP E 25 -54.37 24.87 -19.43
C TRP E 25 -55.53 25.47 -20.21
N GLU E 26 -56.73 25.28 -19.70
CA GLU E 26 -57.94 25.93 -20.18
C GLU E 26 -58.22 27.16 -19.32
N PRO E 27 -59.17 28.03 -19.72
CA PRO E 27 -60.04 28.03 -20.92
C PRO E 27 -59.43 28.71 -22.13
N LYS E 28 -60.01 28.51 -23.30
CA LYS E 28 -59.62 29.27 -24.47
C LYS E 28 -59.92 30.75 -24.22
N PRO E 29 -59.02 31.66 -24.59
CA PRO E 29 -59.17 33.06 -24.18
C PRO E 29 -60.46 33.69 -24.73
N VAL E 30 -61.07 34.53 -23.90
CA VAL E 30 -62.25 35.30 -24.28
C VAL E 30 -61.93 36.76 -23.97
N ASN E 31 -61.57 37.53 -25.00
CA ASN E 31 -61.18 38.93 -24.84
C ASN E 31 -60.05 39.08 -23.82
N GLN E 32 -59.05 38.21 -23.92
CA GLN E 32 -57.93 38.23 -22.99
C GLN E 32 -56.74 37.51 -23.63
N VAL E 33 -55.59 37.63 -22.96
CA VAL E 33 -54.35 36.99 -23.40
C VAL E 33 -53.69 36.34 -22.18
N TYR E 34 -52.70 35.50 -22.45
CA TYR E 34 -52.02 34.75 -21.39
C TYR E 34 -50.51 34.98 -21.48
N THR E 35 -49.85 34.81 -20.34
CA THR E 35 -48.40 34.84 -20.24
C THR E 35 -47.97 33.83 -19.18
N VAL E 36 -46.85 33.14 -19.45
CA VAL E 36 -46.40 32.02 -18.62
C VAL E 36 -45.02 32.33 -18.07
N GLN E 37 -44.81 31.96 -16.81
CA GLN E 37 -43.51 32.07 -16.17
C GLN E 37 -43.14 30.74 -15.54
N ILE E 38 -41.86 30.38 -15.62
CA ILE E 38 -41.35 29.13 -15.09
C ILE E 38 -40.10 29.42 -14.27
N SER E 39 -39.96 28.74 -13.13
CA SER E 39 -38.81 28.94 -12.26
C SER E 39 -38.53 27.66 -11.49
N THR E 40 -37.33 27.61 -10.92
CA THR E 40 -36.94 26.52 -10.04
C THR E 40 -37.26 26.90 -8.59
N LYS E 41 -37.10 25.94 -7.69
CA LYS E 41 -37.35 26.20 -6.28
C LYS E 41 -36.35 27.22 -5.74
N SER E 42 -36.85 28.37 -5.29
CA SER E 42 -36.02 29.47 -4.82
C SER E 42 -34.96 29.85 -5.85
N GLY E 43 -35.39 29.96 -7.10
CA GLY E 43 -34.48 30.28 -8.19
C GLY E 43 -34.70 31.67 -8.77
N ASP E 44 -35.26 31.73 -9.97
CA ASP E 44 -35.52 33.00 -10.65
C ASP E 44 -36.63 32.78 -11.67
N TRP E 45 -37.65 33.64 -11.64
CA TRP E 45 -38.79 33.48 -12.53
C TRP E 45 -38.43 33.99 -13.93
N LYS E 46 -38.58 33.12 -14.92
CA LYS E 46 -38.35 33.45 -16.32
C LYS E 46 -39.68 33.39 -17.06
N SER E 47 -40.00 34.45 -17.80
CA SER E 47 -41.26 34.55 -18.50
C SER E 47 -41.15 33.99 -19.91
N LYS E 48 -42.25 33.40 -20.38
CA LYS E 48 -42.31 32.81 -21.71
C LYS E 48 -43.75 32.87 -22.20
N CYS E 49 -43.92 32.69 -23.52
CA CYS E 49 -45.22 32.74 -24.17
C CYS E 49 -45.91 34.08 -23.91
N PHE E 50 -45.29 35.14 -24.42
CA PHE E 50 -45.66 36.50 -24.07
C PHE E 50 -46.93 36.91 -24.81
N TYR E 51 -47.97 37.23 -24.04
CA TYR E 51 -49.21 37.82 -24.57
C TYR E 51 -49.81 36.95 -25.67
N THR E 52 -49.76 35.65 -25.49
CA THR E 52 -50.28 34.71 -26.48
C THR E 52 -51.72 34.34 -26.16
N THR E 53 -52.46 33.98 -27.20
CA THR E 53 -53.84 33.52 -27.06
C THR E 53 -53.95 32.00 -27.08
N ASP E 54 -52.83 31.29 -27.00
CA ASP E 54 -52.85 29.84 -27.00
C ASP E 54 -53.23 29.31 -25.62
N THR E 55 -53.50 28.01 -25.56
CA THR E 55 -53.78 27.32 -24.32
C THR E 55 -52.66 26.37 -23.92
N GLU E 56 -51.47 26.56 -24.49
CA GLU E 56 -50.33 25.71 -24.18
C GLU E 56 -49.05 26.53 -24.31
N CYS E 57 -48.08 26.21 -23.47
CA CYS E 57 -46.78 26.88 -23.48
C CYS E 57 -45.69 25.83 -23.42
N ASP E 58 -44.68 25.98 -24.28
CA ASP E 58 -43.57 25.04 -24.34
C ASP E 58 -42.50 25.50 -23.35
N LEU E 59 -42.33 24.75 -22.26
CA LEU E 59 -41.30 25.02 -21.26
C LEU E 59 -40.19 23.99 -21.30
N THR E 60 -40.02 23.31 -22.43
CA THR E 60 -39.01 22.26 -22.53
C THR E 60 -37.61 22.83 -22.38
N ASP E 61 -37.34 23.98 -23.00
CA ASP E 61 -36.00 24.57 -22.98
C ASP E 61 -35.57 25.01 -21.59
N GLU E 62 -36.49 25.11 -20.63
CA GLU E 62 -36.15 25.52 -19.27
C GLU E 62 -36.04 24.35 -18.30
N ILE E 63 -36.83 23.29 -18.48
CA ILE E 63 -36.79 22.16 -17.55
C ILE E 63 -35.58 21.26 -17.79
N VAL E 64 -34.98 21.32 -18.98
CA VAL E 64 -33.83 20.45 -19.28
C VAL E 64 -32.52 20.98 -18.72
N LYS E 65 -32.50 22.20 -18.19
CA LYS E 65 -31.28 22.73 -17.60
C LYS E 65 -30.88 21.94 -16.36
N ASP E 66 -31.84 21.59 -15.52
CA ASP E 66 -31.60 20.77 -14.33
C ASP E 66 -32.67 19.68 -14.31
N VAL E 67 -32.30 18.48 -14.77
CA VAL E 67 -33.26 17.38 -14.89
C VAL E 67 -33.77 16.96 -13.52
N LYS E 68 -32.98 17.14 -12.45
CA LYS E 68 -33.37 16.69 -11.14
C LYS E 68 -34.10 17.75 -10.32
N GLN E 69 -33.99 19.02 -10.71
CA GLN E 69 -34.61 20.10 -9.93
C GLN E 69 -36.11 20.16 -10.20
N THR E 70 -36.87 20.44 -9.15
CA THR E 70 -38.31 20.59 -9.27
C THR E 70 -38.66 21.99 -9.76
N TYR E 71 -39.51 22.07 -10.78
CA TYR E 71 -39.90 23.34 -11.39
C TYR E 71 -41.34 23.68 -11.03
N LEU E 72 -41.61 24.98 -10.92
CA LEU E 72 -42.95 25.50 -10.66
C LEU E 72 -43.25 26.60 -11.65
N ALA E 73 -44.47 26.61 -12.18
CA ALA E 73 -44.87 27.53 -13.22
C ALA E 73 -46.17 28.23 -12.86
N ARG E 74 -46.39 29.39 -13.48
CA ARG E 74 -47.60 30.17 -13.28
C ARG E 74 -48.02 30.79 -14.61
N VAL E 75 -49.32 31.05 -14.73
CA VAL E 75 -49.91 31.56 -15.97
C VAL E 75 -50.71 32.81 -15.64
N PHE E 76 -50.37 33.92 -16.30
CA PHE E 76 -51.07 35.18 -16.12
C PHE E 76 -52.23 35.30 -17.09
N SER E 77 -53.10 36.29 -16.82
CA SER E 77 -54.25 36.59 -17.68
C SER E 77 -54.36 38.11 -17.79
N TYR E 78 -53.72 38.66 -18.82
CA TYR E 78 -53.75 40.10 -19.04
C TYR E 78 -55.03 40.51 -19.78
N PRO E 79 -55.51 41.72 -19.54
CA PRO E 79 -56.74 42.18 -20.21
C PRO E 79 -56.44 42.74 -21.61
N ALA E 80 -57.50 43.11 -22.30
CA ALA E 80 -57.41 43.66 -23.64
C ALA E 80 -57.18 45.17 -23.66
N GLY E 81 -57.38 45.85 -22.54
CA GLY E 81 -57.21 47.29 -22.50
C GLY E 81 -56.08 47.76 -21.60
N ASN E 82 -55.83 47.01 -20.52
CA ASN E 82 -54.75 47.32 -19.59
C ASN E 82 -53.66 46.25 -19.64
N VAL E 83 -53.37 45.76 -20.85
CA VAL E 83 -52.29 44.78 -21.01
C VAL E 83 -50.94 45.37 -20.62
N GLU E 84 -50.82 46.70 -20.65
CA GLU E 84 -49.62 47.38 -20.19
C GLU E 84 -50.07 48.65 -19.48
N SER E 85 -49.15 49.60 -19.28
CA SER E 85 -49.39 50.84 -18.56
C SER E 85 -49.71 50.56 -17.10
N THR E 86 -50.05 51.59 -16.33
CA THR E 86 -50.28 51.41 -14.90
C THR E 86 -51.74 51.67 -14.53
N GLY E 87 -52.26 52.88 -14.77
CA GLY E 87 -53.59 53.26 -14.35
C GLY E 87 -53.95 52.79 -12.95
N SER E 88 -53.17 53.21 -11.96
CA SER E 88 -53.25 52.67 -10.60
C SER E 88 -53.04 51.16 -10.60
N ALA E 89 -51.85 50.76 -11.05
CA ALA E 89 -51.57 49.35 -11.30
C ALA E 89 -51.55 48.53 -10.02
N GLY E 90 -52.13 47.34 -10.10
CA GLY E 90 -52.00 46.35 -9.05
C GLY E 90 -51.17 45.18 -9.51
N GLU E 91 -51.57 43.97 -9.12
CA GLU E 91 -50.86 42.81 -9.62
C GLU E 91 -51.75 41.99 -10.54
N PRO E 92 -51.20 41.45 -11.63
CA PRO E 92 -52.04 40.71 -12.58
C PRO E 92 -52.62 39.44 -11.99
N LEU E 93 -53.82 39.09 -12.44
CA LEU E 93 -54.44 37.85 -12.02
C LEU E 93 -53.73 36.66 -12.65
N TYR E 94 -53.56 35.59 -11.86
CA TYR E 94 -52.81 34.43 -12.32
C TYR E 94 -53.22 33.22 -11.49
N GLU E 95 -52.62 32.08 -11.81
CA GLU E 95 -52.85 30.84 -11.08
C GLU E 95 -51.62 29.96 -11.21
N ASN E 96 -51.27 29.28 -10.11
CA ASN E 96 -50.07 28.46 -10.09
C ASN E 96 -50.32 27.11 -10.74
N SER E 97 -49.23 26.44 -11.11
CA SER E 97 -49.24 25.12 -11.68
C SER E 97 -48.73 24.10 -10.68
N PRO E 98 -49.11 22.83 -10.81
CA PRO E 98 -48.58 21.80 -9.90
C PRO E 98 -47.08 21.64 -10.08
N GLU E 99 -46.41 21.28 -8.99
CA GLU E 99 -44.98 21.06 -9.02
C GLU E 99 -44.63 19.92 -9.97
N PHE E 100 -43.56 20.11 -10.75
CA PHE E 100 -43.15 19.15 -11.76
C PHE E 100 -41.66 18.88 -11.65
N THR E 101 -41.29 17.60 -11.66
CA THR E 101 -39.88 17.19 -11.67
C THR E 101 -39.59 16.43 -12.95
N PRO E 102 -38.76 16.96 -13.85
CA PRO E 102 -38.58 16.31 -15.15
C PRO E 102 -37.99 14.91 -15.07
N TYR E 103 -37.19 14.60 -14.05
CA TYR E 103 -36.53 13.30 -14.01
C TYR E 103 -37.50 12.17 -13.69
N LEU E 104 -38.55 12.45 -12.93
CA LEU E 104 -39.50 11.42 -12.50
C LEU E 104 -40.89 11.59 -13.08
N GLU E 105 -41.39 12.82 -13.20
CA GLU E 105 -42.77 13.03 -13.60
C GLU E 105 -42.99 12.93 -15.11
N THR E 106 -41.92 12.97 -15.90
CA THR E 106 -42.08 12.87 -17.35
C THR E 106 -42.46 11.44 -17.73
N ASN E 107 -43.19 11.33 -18.85
CA ASN E 107 -43.59 10.03 -19.37
C ASN E 107 -42.48 9.46 -20.25
N LEU E 108 -42.32 8.15 -20.21
CA LEU E 108 -41.34 7.48 -21.04
C LEU E 108 -41.93 7.25 -22.43
N GLY E 109 -41.17 7.64 -23.46
CA GLY E 109 -41.65 7.53 -24.82
C GLY E 109 -41.77 6.07 -25.26
N GLN E 110 -42.49 5.89 -26.36
CA GLN E 110 -42.71 4.56 -26.90
C GLN E 110 -41.40 4.02 -27.46
N PRO E 111 -40.90 2.90 -26.96
CA PRO E 111 -39.65 2.35 -27.46
C PRO E 111 -39.81 1.71 -28.84
N THR E 112 -38.70 1.67 -29.58
CA THR E 112 -38.64 1.02 -30.87
C THR E 112 -37.54 -0.03 -30.84
N ILE E 113 -37.85 -1.25 -31.29
CA ILE E 113 -36.87 -2.30 -31.33
C ILE E 113 -35.85 -2.01 -32.44
N GLN E 114 -34.57 -2.18 -32.13
CA GLN E 114 -33.52 -1.89 -33.10
C GLN E 114 -33.33 -3.06 -34.06
N SER E 115 -32.99 -4.23 -33.53
CA SER E 115 -32.73 -5.39 -34.37
C SER E 115 -32.95 -6.65 -33.55
N PHE E 116 -33.16 -7.76 -34.27
CA PHE E 116 -33.33 -9.07 -33.66
C PHE E 116 -32.92 -10.12 -34.68
N GLU E 117 -32.05 -11.04 -34.27
CA GLU E 117 -31.50 -12.05 -35.17
C GLU E 117 -31.63 -13.43 -34.55
N GLN E 118 -31.66 -14.43 -35.42
CA GLN E 118 -31.71 -15.84 -35.01
C GLN E 118 -30.43 -16.53 -35.46
N VAL E 119 -29.75 -17.16 -34.52
CA VAL E 119 -28.53 -17.93 -34.79
C VAL E 119 -28.76 -19.42 -34.56
N GLY E 120 -30.00 -19.82 -34.28
CA GLY E 120 -30.28 -21.19 -33.92
C GLY E 120 -30.96 -21.31 -32.58
N THR E 121 -30.25 -21.82 -31.58
CA THR E 121 -30.82 -22.08 -30.27
C THR E 121 -30.88 -20.83 -29.38
N LYS E 122 -30.38 -19.69 -29.83
CA LYS E 122 -30.42 -18.47 -29.04
C LYS E 122 -30.79 -17.29 -29.94
N VAL E 123 -31.67 -16.44 -29.43
CA VAL E 123 -32.11 -15.22 -30.12
C VAL E 123 -31.74 -14.02 -29.26
N ASN E 124 -31.20 -12.99 -29.90
CA ASN E 124 -30.72 -11.79 -29.21
C ASN E 124 -31.50 -10.58 -29.72
N VAL E 125 -32.28 -9.97 -28.84
CA VAL E 125 -33.06 -8.76 -29.16
C VAL E 125 -32.27 -7.55 -28.68
N THR E 126 -32.09 -6.58 -29.57
CA THR E 126 -31.38 -5.35 -29.27
C THR E 126 -32.35 -4.18 -29.35
N VAL E 127 -32.16 -3.21 -28.46
CA VAL E 127 -33.02 -2.03 -28.37
C VAL E 127 -32.15 -0.80 -28.64
N GLU E 128 -32.62 0.06 -29.55
CA GLU E 128 -31.88 1.25 -29.90
C GLU E 128 -31.88 2.25 -28.75
N ASP E 129 -30.86 3.10 -28.73
CA ASP E 129 -30.73 4.14 -27.71
C ASP E 129 -31.56 5.33 -28.14
N GLU E 130 -32.77 5.45 -27.59
CA GLU E 130 -33.68 6.52 -27.96
C GLU E 130 -33.12 7.87 -27.51
N ARG E 131 -33.29 8.89 -28.35
CA ARG E 131 -32.80 10.22 -28.07
C ARG E 131 -33.85 11.00 -27.29
N THR E 132 -33.40 11.66 -26.21
CA THR E 132 -34.27 12.50 -25.41
C THR E 132 -34.19 13.95 -25.91
N LEU E 133 -34.84 14.86 -25.20
CA LEU E 133 -34.89 16.27 -25.58
C LEU E 133 -33.97 17.13 -24.74
N VAL E 134 -33.11 16.54 -23.92
CA VAL E 134 -32.13 17.28 -23.12
C VAL E 134 -31.01 17.70 -24.07
N ARG E 135 -31.03 18.97 -24.48
CA ARG E 135 -30.08 19.46 -25.47
C ARG E 135 -28.74 19.72 -24.81
N ARG E 136 -27.77 18.85 -25.07
CA ARG E 136 -26.38 19.06 -24.67
C ARG E 136 -25.61 19.54 -25.90
N ASN E 137 -25.00 20.72 -25.81
CA ASN E 137 -24.26 21.32 -26.92
C ASN E 137 -25.16 21.45 -28.14
N ASN E 138 -24.94 20.59 -29.15
CA ASN E 138 -25.76 20.59 -30.35
C ASN E 138 -26.34 19.21 -30.66
N THR E 139 -26.27 18.28 -29.71
CA THR E 139 -26.76 16.92 -29.91
C THR E 139 -27.77 16.57 -28.81
N PHE E 140 -28.66 15.64 -29.14
CA PHE E 140 -29.71 15.22 -28.21
C PHE E 140 -29.21 14.07 -27.35
N LEU E 141 -29.26 14.24 -26.04
CA LEU E 141 -28.81 13.19 -25.13
C LEU E 141 -29.73 11.98 -25.22
N SER E 142 -29.12 10.80 -25.18
CA SER E 142 -29.86 9.56 -25.30
C SER E 142 -30.50 9.17 -23.96
N LEU E 143 -31.39 8.18 -24.02
CA LEU E 143 -32.08 7.72 -22.81
C LEU E 143 -31.10 7.06 -21.84
N ARG E 144 -30.13 6.31 -22.36
CA ARG E 144 -29.19 5.60 -21.50
C ARG E 144 -28.32 6.57 -20.70
N ASP E 145 -27.88 7.66 -21.32
CA ASP E 145 -26.94 8.58 -20.69
C ASP E 145 -27.62 9.68 -19.87
N VAL E 146 -28.96 9.68 -19.80
CA VAL E 146 -29.72 10.64 -18.99
C VAL E 146 -30.23 9.99 -17.71
N PHE E 147 -31.00 8.91 -17.82
CA PHE E 147 -31.50 8.22 -16.63
C PHE E 147 -30.40 7.42 -15.93
N GLY E 148 -29.33 7.11 -16.61
CA GLY E 148 -28.20 6.41 -16.01
C GLY E 148 -28.39 4.91 -16.04
N LYS E 149 -28.37 4.27 -14.87
CA LYS E 149 -28.47 2.83 -14.75
C LYS E 149 -29.83 2.38 -14.24
N ASP E 150 -30.80 3.29 -14.13
CA ASP E 150 -32.09 2.98 -13.52
C ASP E 150 -33.14 2.53 -14.51
N LEU E 151 -32.84 2.49 -15.81
CA LEU E 151 -33.81 2.06 -16.81
C LEU E 151 -33.60 0.57 -17.07
N ILE E 152 -34.58 -0.23 -16.66
CA ILE E 152 -34.57 -1.68 -16.87
C ILE E 152 -35.67 -2.03 -17.87
N TYR E 153 -35.31 -2.79 -18.90
CA TYR E 153 -36.23 -3.13 -19.97
C TYR E 153 -36.85 -4.49 -19.73
N THR E 154 -38.09 -4.64 -20.19
CA THR E 154 -38.84 -5.89 -20.10
C THR E 154 -39.24 -6.34 -21.49
N LEU E 155 -39.09 -7.64 -21.76
CA LEU E 155 -39.40 -8.20 -23.07
C LEU E 155 -40.37 -9.37 -22.91
N TYR E 156 -41.36 -9.43 -23.78
CA TYR E 156 -42.30 -10.53 -23.84
C TYR E 156 -42.17 -11.21 -25.19
N TYR E 157 -42.10 -12.54 -25.18
CA TYR E 157 -41.90 -13.32 -26.39
C TYR E 157 -42.93 -14.44 -26.47
N TRP E 158 -43.48 -14.64 -27.67
CA TRP E 158 -44.45 -15.70 -27.89
C TRP E 158 -44.32 -16.19 -29.32
N LYS E 159 -44.84 -17.39 -29.57
CA LYS E 159 -44.81 -18.03 -30.88
C LYS E 159 -46.21 -18.49 -31.28
N SER E 160 -47.17 -17.58 -31.15
CA SER E 160 -48.59 -17.77 -31.45
C SER E 160 -49.28 -18.72 -30.48
N SER E 161 -48.58 -19.24 -29.48
CA SER E 161 -49.20 -20.10 -28.48
C SER E 161 -48.46 -19.87 -27.16
N SER E 162 -49.00 -18.98 -26.33
CA SER E 162 -48.40 -18.67 -25.05
C SER E 162 -49.41 -18.75 -23.91
N THR E 167 -42.27 -13.76 -20.33
CA THR E 167 -41.69 -12.49 -19.88
C THR E 167 -40.18 -12.63 -19.69
N ALA E 168 -39.45 -11.60 -20.13
CA ALA E 168 -38.00 -11.57 -19.99
C ALA E 168 -37.58 -10.24 -19.37
N LYS E 169 -36.60 -10.30 -18.48
CA LYS E 169 -36.08 -9.12 -17.80
C LYS E 169 -34.58 -9.05 -18.00
N THR E 170 -34.07 -7.82 -18.11
CA THR E 170 -32.63 -7.60 -18.21
C THR E 170 -32.32 -6.19 -17.71
N ASN E 171 -31.09 -6.03 -17.21
CA ASN E 171 -30.62 -4.73 -16.73
C ASN E 171 -29.86 -3.96 -17.78
N THR E 172 -29.57 -4.57 -18.93
CA THR E 172 -28.86 -3.91 -20.02
C THR E 172 -29.86 -3.57 -21.13
N ASN E 173 -29.34 -3.07 -22.26
CA ASN E 173 -30.17 -2.75 -23.41
C ASN E 173 -30.15 -3.88 -24.45
N GLU E 174 -30.03 -5.12 -23.99
CA GLU E 174 -30.04 -6.28 -24.88
C GLU E 174 -30.65 -7.46 -24.14
N PHE E 175 -31.33 -8.32 -24.89
CA PHE E 175 -32.00 -9.48 -24.35
C PHE E 175 -31.43 -10.76 -24.94
N LEU E 176 -31.23 -11.77 -24.10
CA LEU E 176 -30.71 -13.06 -24.53
C LEU E 176 -31.64 -14.15 -24.03
N ILE E 177 -32.31 -14.85 -24.95
CA ILE E 177 -33.20 -15.97 -24.64
C ILE E 177 -33.02 -17.03 -25.71
N ASP E 178 -33.56 -18.22 -25.43
CA ASP E 178 -33.47 -19.34 -26.36
C ASP E 178 -34.68 -19.40 -27.29
N GLY E 182 -35.78 -22.18 -35.58
CA GLY E 182 -36.93 -22.36 -34.71
C GLY E 182 -38.19 -21.71 -35.26
N GLU E 183 -39.17 -21.48 -34.39
CA GLU E 183 -40.42 -20.88 -34.77
C GLU E 183 -40.28 -19.36 -34.86
N ASN E 184 -41.35 -18.70 -35.30
CA ASN E 184 -41.38 -17.25 -35.34
C ASN E 184 -41.74 -16.70 -33.97
N TYR E 185 -40.90 -15.79 -33.46
CA TYR E 185 -41.06 -15.24 -32.12
C TYR E 185 -41.39 -13.75 -32.23
N CYS E 186 -42.45 -13.33 -31.55
CA CYS E 186 -42.89 -11.95 -31.56
C CYS E 186 -42.45 -11.28 -30.26
N PHE E 187 -41.59 -10.28 -30.38
CA PHE E 187 -41.01 -9.60 -29.22
C PHE E 187 -41.63 -8.21 -29.05
N SER E 188 -42.01 -7.90 -27.82
CA SER E 188 -42.46 -6.56 -27.45
C SER E 188 -41.62 -6.07 -26.28
N VAL E 189 -41.07 -4.87 -26.40
CA VAL E 189 -40.23 -4.29 -25.36
C VAL E 189 -41.02 -3.20 -24.65
N GLN E 190 -40.66 -2.94 -23.40
CA GLN E 190 -41.33 -1.94 -22.57
C GLN E 190 -40.30 -1.27 -21.69
N ALA E 191 -40.50 0.02 -21.44
CA ALA E 191 -39.59 0.80 -20.63
C ALA E 191 -40.18 1.04 -19.24
N VAL E 192 -39.38 0.77 -18.21
CA VAL E 192 -39.80 0.96 -16.82
C VAL E 192 -38.57 1.20 -15.96
N ILE E 193 -38.64 2.21 -15.09
CA ILE E 193 -37.58 2.47 -14.12
C ILE E 193 -38.14 2.20 -12.73
N PRO E 194 -37.54 1.30 -11.94
CA PRO E 194 -38.12 0.97 -10.63
C PRO E 194 -37.98 2.08 -9.61
N SER E 195 -37.14 3.09 -9.86
CA SER E 195 -36.93 4.17 -8.92
C SER E 195 -37.99 5.26 -9.01
N ARG E 196 -39.12 4.98 -9.66
CA ARG E 196 -40.20 5.94 -9.81
C ARG E 196 -41.38 5.54 -8.94
N THR E 197 -41.97 6.53 -8.26
CA THR E 197 -43.21 6.31 -7.53
C THR E 197 -44.43 6.47 -8.42
N VAL E 198 -44.38 7.34 -9.42
CA VAL E 198 -45.47 7.56 -10.36
C VAL E 198 -44.92 7.43 -11.78
N ASN E 199 -45.80 7.05 -12.71
CA ASN E 199 -45.43 6.82 -14.12
C ASN E 199 -44.26 5.85 -14.23
N ARG E 200 -44.33 4.77 -13.45
CA ARG E 200 -43.22 3.81 -13.40
C ARG E 200 -43.00 3.16 -14.75
N LYS E 201 -44.07 2.75 -15.43
CA LYS E 201 -43.98 2.01 -16.68
C LYS E 201 -44.38 2.90 -17.85
N SER E 202 -44.08 2.41 -19.06
CA SER E 202 -44.38 3.09 -20.30
C SER E 202 -45.34 2.24 -21.14
N THR E 203 -45.61 2.70 -22.35
CA THR E 203 -46.46 1.95 -23.27
C THR E 203 -45.66 0.88 -23.99
N ASP E 204 -46.36 -0.19 -24.37
CA ASP E 204 -45.72 -1.30 -25.05
C ASP E 204 -45.30 -0.90 -26.46
N SER E 205 -44.15 -1.42 -26.88
CA SER E 205 -43.64 -1.14 -28.21
C SER E 205 -44.46 -1.88 -29.27
N PRO E 206 -44.40 -1.44 -30.52
CA PRO E 206 -45.07 -2.18 -31.60
C PRO E 206 -44.52 -3.59 -31.71
N VAL E 207 -45.42 -4.53 -32.04
CA VAL E 207 -45.09 -5.94 -32.08
C VAL E 207 -44.63 -6.30 -33.49
N GLU E 208 -43.43 -6.88 -33.59
CA GLU E 208 -42.87 -7.33 -34.86
C GLU E 208 -42.36 -8.75 -34.71
N CYS E 209 -42.81 -9.64 -35.59
CA CYS E 209 -42.43 -11.04 -35.52
C CYS E 209 -41.19 -11.30 -36.38
N MET E 210 -40.80 -12.56 -36.47
CA MET E 210 -39.61 -12.96 -37.22
C MET E 210 -39.96 -13.26 -38.68
N GLU F 1 7.65 28.88 -8.61
CA GLU F 1 7.86 27.53 -9.14
C GLU F 1 8.06 27.56 -10.64
N ILE F 2 9.13 26.92 -11.11
CA ILE F 2 9.43 26.85 -12.54
C ILE F 2 8.74 25.61 -13.10
N VAL F 3 7.81 25.82 -14.02
CA VAL F 3 7.06 24.74 -14.63
C VAL F 3 7.84 24.21 -15.84
N LEU F 4 8.07 22.91 -15.87
CA LEU F 4 8.79 22.25 -16.94
C LEU F 4 7.81 21.47 -17.80
N THR F 5 7.82 21.75 -19.10
CA THR F 5 6.93 21.10 -20.06
C THR F 5 7.76 20.18 -20.95
N GLN F 6 7.34 18.92 -21.05
CA GLN F 6 8.05 17.92 -21.84
C GLN F 6 7.17 17.47 -23.00
N SER F 7 7.75 17.45 -24.20
CA SER F 7 7.07 16.99 -25.40
C SER F 7 8.04 16.14 -26.21
N PRO F 8 7.53 15.14 -26.94
CA PRO F 8 6.14 14.70 -27.04
C PRO F 8 5.72 13.83 -25.88
N ALA F 9 4.42 13.75 -25.59
CA ALA F 9 3.95 12.89 -24.50
C ALA F 9 4.26 11.43 -24.78
N THR F 10 4.05 10.99 -26.03
CA THR F 10 4.29 9.62 -26.44
C THR F 10 5.21 9.61 -27.65
N LEU F 11 6.27 8.80 -27.59
CA LEU F 11 7.22 8.68 -28.68
C LEU F 11 7.51 7.21 -28.93
N SER F 12 7.42 6.79 -30.20
CA SER F 12 7.66 5.42 -30.60
C SER F 12 8.66 5.41 -31.76
N LEU F 13 9.91 5.02 -31.47
CA LEU F 13 10.97 5.03 -32.45
C LEU F 13 11.62 3.64 -32.54
N SER F 14 12.11 3.32 -33.74
CA SER F 14 12.76 2.05 -33.98
C SER F 14 14.16 2.04 -33.35
N PRO F 15 14.71 0.85 -33.08
CA PRO F 15 16.06 0.78 -32.48
C PRO F 15 17.13 1.46 -33.32
N GLY F 16 17.05 1.34 -34.65
CA GLY F 16 18.09 1.91 -35.50
C GLY F 16 18.03 3.42 -35.65
N GLU F 17 16.97 4.05 -35.16
CA GLU F 17 16.76 5.48 -35.33
C GLU F 17 17.29 6.23 -34.11
N ARG F 18 17.05 7.55 -34.09
CA ARG F 18 17.47 8.41 -32.98
C ARG F 18 16.25 9.16 -32.46
N ALA F 19 16.12 9.22 -31.14
CA ALA F 19 15.01 9.88 -30.48
C ALA F 19 15.48 11.17 -29.83
N THR F 20 14.74 12.26 -30.05
CA THR F 20 15.04 13.55 -29.46
C THR F 20 13.86 14.00 -28.62
N LEU F 21 14.12 14.37 -27.37
CA LEU F 21 13.09 14.80 -26.43
C LEU F 21 13.42 16.19 -25.92
N SER F 22 12.40 17.04 -25.82
CA SER F 22 12.56 18.45 -25.50
C SER F 22 11.95 18.78 -24.14
N CYS F 23 12.55 19.76 -23.47
CA CYS F 23 12.09 20.20 -22.16
C CYS F 23 12.21 21.72 -22.10
N ARG F 24 11.08 22.41 -22.19
CA ARG F 24 11.06 23.87 -22.13
C ARG F 24 10.82 24.34 -20.70
N ALA F 25 11.54 25.38 -20.31
CA ALA F 25 11.47 25.93 -18.96
C ALA F 25 10.77 27.27 -18.97
N SER F 26 10.11 27.59 -17.84
CA SER F 26 9.42 28.87 -17.70
C SER F 26 10.36 30.03 -17.45
N GLN F 27 11.60 29.76 -17.02
CA GLN F 27 12.59 30.79 -16.75
C GLN F 27 13.92 30.38 -17.35
N GLY F 28 14.92 31.26 -17.23
CA GLY F 28 16.26 30.94 -17.64
C GLY F 28 17.04 30.25 -16.52
N ILE F 29 17.15 28.94 -16.60
CA ILE F 29 17.76 28.15 -15.53
C ILE F 29 19.23 27.84 -15.82
N SER F 30 19.82 28.54 -16.79
CA SER F 30 21.24 28.36 -17.17
C SER F 30 21.42 26.89 -17.55
N ASP F 31 22.49 26.23 -17.10
CA ASP F 31 22.71 24.82 -17.38
C ASP F 31 22.18 23.91 -16.28
N TYR F 32 21.50 24.47 -15.28
CA TYR F 32 21.03 23.70 -14.13
C TYR F 32 19.76 22.94 -14.54
N LEU F 33 19.98 21.82 -15.24
CA LEU F 33 18.89 21.00 -15.75
C LEU F 33 19.39 19.56 -15.84
N HIS F 34 18.69 18.64 -15.17
CA HIS F 34 19.08 17.24 -15.14
C HIS F 34 17.92 16.37 -15.59
N TRP F 35 18.27 15.23 -16.20
CA TRP F 35 17.29 14.30 -16.76
C TRP F 35 17.26 13.00 -15.96
N TYR F 36 16.08 12.40 -15.89
CA TYR F 36 15.88 11.16 -15.15
C TYR F 36 15.09 10.16 -15.97
N GLN F 37 15.36 8.88 -15.74
CA GLN F 37 14.68 7.77 -16.41
C GLN F 37 14.12 6.83 -15.36
N GLN F 38 12.84 6.51 -15.46
CA GLN F 38 12.16 5.64 -14.50
C GLN F 38 11.64 4.41 -15.23
N LYS F 39 12.46 3.36 -15.24
CA LYS F 39 11.99 2.07 -15.70
C LYS F 39 10.92 1.54 -14.74
N PRO F 40 9.86 0.92 -15.26
CA PRO F 40 8.79 0.43 -14.35
C PRO F 40 9.33 -0.54 -13.31
N GLY F 41 8.87 -0.36 -12.08
CA GLY F 41 9.35 -1.15 -10.97
C GLY F 41 10.68 -0.73 -10.40
N GLU F 42 11.24 0.40 -10.84
CA GLU F 42 12.55 0.83 -10.40
C GLU F 42 12.52 2.34 -10.12
N ALA F 43 13.53 2.80 -9.39
CA ALA F 43 13.67 4.20 -9.06
C ALA F 43 14.27 4.98 -10.22
N PRO F 44 14.02 6.30 -10.28
CA PRO F 44 14.60 7.10 -11.37
C PRO F 44 16.12 7.11 -11.33
N ARG F 45 16.72 7.25 -12.51
CA ARG F 45 18.17 7.22 -12.68
C ARG F 45 18.66 8.57 -13.21
N LEU F 46 19.78 9.04 -12.65
CA LEU F 46 20.40 10.27 -13.11
C LEU F 46 21.05 10.03 -14.47
N LEU F 47 20.39 10.44 -15.54
CA LEU F 47 20.92 10.21 -16.88
C LEU F 47 21.95 11.28 -17.24
N ILE F 48 21.51 12.52 -17.37
CA ILE F 48 22.35 13.64 -17.79
C ILE F 48 22.33 14.69 -16.68
N LYS F 49 23.51 15.12 -16.26
CA LYS F 49 23.65 16.14 -15.23
C LYS F 49 24.15 17.44 -15.87
N TYR F 50 23.48 18.54 -15.55
CA TYR F 50 23.85 19.87 -16.04
C TYR F 50 23.82 19.96 -17.56
N THR F 51 22.98 19.13 -18.20
CA THR F 51 22.69 19.10 -19.63
C THR F 51 23.89 18.67 -20.47
N SER F 52 25.05 18.45 -19.86
CA SER F 52 26.24 18.05 -20.59
C SER F 52 26.93 16.83 -19.99
N GLN F 53 26.97 16.73 -18.67
CA GLN F 53 27.63 15.58 -18.05
C GLN F 53 26.70 14.37 -18.07
N PRO F 54 27.14 13.23 -18.60
CA PRO F 54 26.29 12.03 -18.66
C PRO F 54 26.25 11.22 -17.38
N ALA F 55 26.71 11.75 -16.26
CA ALA F 55 26.70 11.04 -14.96
C ALA F 55 27.51 9.75 -15.08
N THR F 56 27.17 8.74 -14.29
CA THR F 56 27.88 7.48 -14.27
C THR F 56 27.05 6.37 -14.88
N GLY F 57 27.70 5.50 -15.65
CA GLY F 57 27.06 4.33 -16.22
C GLY F 57 26.23 4.58 -17.45
N ILE F 58 26.03 5.83 -17.84
CA ILE F 58 25.20 6.14 -19.00
C ILE F 58 25.99 5.85 -20.28
N PRO F 59 25.46 5.06 -21.21
CA PRO F 59 26.18 4.80 -22.45
C PRO F 59 26.33 6.07 -23.28
N ALA F 60 27.38 6.09 -24.11
CA ALA F 60 27.67 7.27 -24.92
C ALA F 60 26.57 7.58 -25.92
N ARG F 61 25.67 6.62 -26.18
CA ARG F 61 24.56 6.87 -27.10
C ARG F 61 23.59 7.91 -26.54
N PHE F 62 23.54 8.07 -25.23
CA PHE F 62 22.75 9.13 -24.61
C PHE F 62 23.51 10.44 -24.66
N SER F 63 22.77 11.54 -24.87
CA SER F 63 23.40 12.85 -24.95
C SER F 63 22.37 13.92 -24.61
N GLY F 64 22.87 15.11 -24.29
CA GLY F 64 22.00 16.25 -24.00
C GLY F 64 22.67 17.53 -24.39
N SER F 65 21.85 18.57 -24.57
CA SER F 65 22.34 19.88 -24.96
C SER F 65 21.29 20.92 -24.61
N GLY F 66 21.69 22.18 -24.69
CA GLY F 66 20.80 23.30 -24.45
C GLY F 66 21.12 24.01 -23.14
N SER F 67 20.76 25.29 -23.09
CA SER F 67 20.96 26.09 -21.89
C SER F 67 19.99 27.26 -21.92
N GLY F 68 19.33 27.52 -20.79
CA GLY F 68 18.38 28.61 -20.71
C GLY F 68 16.93 28.17 -20.66
N THR F 69 16.22 28.35 -21.78
CA THR F 69 14.80 28.05 -21.86
C THR F 69 14.51 26.68 -22.44
N ASP F 70 15.24 26.25 -23.46
CA ASP F 70 14.95 25.01 -24.17
C ASP F 70 16.12 24.03 -24.00
N PHE F 71 15.78 22.77 -23.75
CA PHE F 71 16.76 21.71 -23.58
C PHE F 71 16.34 20.49 -24.40
N THR F 72 17.33 19.73 -24.87
CA THR F 72 17.10 18.60 -25.76
C THR F 72 17.88 17.39 -25.24
N LEU F 73 17.19 16.25 -25.18
CA LEU F 73 17.80 14.97 -24.81
C LEU F 73 17.73 14.04 -26.01
N THR F 74 18.88 13.51 -26.43
CA THR F 74 18.98 12.68 -27.61
C THR F 74 19.46 11.28 -27.24
N ILE F 75 18.84 10.27 -27.83
CA ILE F 75 19.22 8.88 -27.62
C ILE F 75 19.59 8.31 -28.98
N SER F 76 20.87 8.37 -29.32
CA SER F 76 21.33 7.81 -30.59
C SER F 76 21.28 6.29 -30.56
N SER F 77 20.87 5.69 -31.67
CA SER F 77 20.86 4.24 -31.83
C SER F 77 20.14 3.55 -30.66
N LEU F 78 18.83 3.82 -30.60
CA LEU F 78 17.99 3.31 -29.53
C LEU F 78 18.15 1.80 -29.37
N GLU F 79 17.94 1.32 -28.15
CA GLU F 79 18.10 -0.08 -27.80
C GLU F 79 16.85 -0.59 -27.12
N PRO F 80 16.60 -1.90 -27.18
CA PRO F 80 15.35 -2.45 -26.61
C PRO F 80 15.21 -2.22 -25.11
N GLU F 81 16.30 -1.98 -24.40
CA GLU F 81 16.23 -1.72 -22.96
C GLU F 81 15.89 -0.27 -22.65
N ASP F 82 15.71 0.58 -23.66
CA ASP F 82 15.46 2.00 -23.45
C ASP F 82 14.01 2.30 -23.06
N PHE F 83 13.14 1.29 -23.05
CA PHE F 83 11.73 1.54 -22.72
C PHE F 83 11.58 2.01 -21.29
N ALA F 84 11.26 3.30 -21.13
CA ALA F 84 11.05 3.91 -19.83
C ALA F 84 10.48 5.31 -20.05
N VAL F 85 10.03 5.92 -18.96
CA VAL F 85 9.54 7.29 -18.98
C VAL F 85 10.66 8.21 -18.51
N TYR F 86 10.95 9.23 -19.30
CA TYR F 86 12.06 10.14 -19.03
C TYR F 86 11.53 11.44 -18.45
N TYR F 87 12.28 12.00 -17.51
CA TYR F 87 11.81 13.13 -16.70
C TYR F 87 12.80 14.29 -16.76
N CYS F 88 12.26 15.49 -16.56
CA CYS F 88 13.03 16.73 -16.54
C CYS F 88 12.95 17.32 -15.13
N GLN F 89 14.10 17.69 -14.57
CA GLN F 89 14.17 18.16 -13.19
C GLN F 89 14.60 19.62 -13.14
N ASN F 90 13.88 20.42 -12.35
CA ASN F 90 14.31 21.79 -12.08
C ASN F 90 15.53 21.78 -11.19
N GLY F 91 16.54 22.57 -11.56
CA GLY F 91 17.78 22.60 -10.80
C GLY F 91 18.27 24.00 -10.49
N HIS F 92 17.41 24.99 -10.70
CA HIS F 92 17.76 26.38 -10.45
C HIS F 92 16.96 26.98 -9.31
N SER F 93 15.64 26.97 -9.40
CA SER F 93 14.80 27.40 -8.29
C SER F 93 14.65 26.27 -7.28
N PHE F 94 14.41 26.64 -6.03
CA PHE F 94 14.33 25.64 -4.97
C PHE F 94 13.01 24.87 -4.94
N PRO F 95 11.86 25.49 -5.22
CA PRO F 95 10.62 24.68 -5.29
C PRO F 95 10.69 23.70 -6.45
N LEU F 96 11.42 22.60 -6.24
CA LEU F 96 11.72 21.64 -7.29
C LEU F 96 10.46 21.13 -7.96
N THR F 97 10.42 21.27 -9.28
CA THR F 97 9.35 20.72 -10.11
C THR F 97 9.95 19.77 -11.14
N PHE F 98 9.24 18.69 -11.41
CA PHE F 98 9.65 17.70 -12.40
C PHE F 98 8.78 17.82 -13.64
N GLY F 99 9.22 17.14 -14.71
CA GLY F 99 8.51 17.19 -15.96
C GLY F 99 7.28 16.30 -15.98
N GLN F 100 6.51 16.43 -17.06
CA GLN F 100 5.31 15.62 -17.22
C GLN F 100 5.65 14.16 -17.46
N GLY F 101 6.73 13.90 -18.18
CA GLY F 101 7.13 12.54 -18.53
C GLY F 101 6.91 12.28 -19.99
N THR F 102 7.87 11.60 -20.62
CA THR F 102 7.82 11.29 -22.05
C THR F 102 7.99 9.78 -22.20
N LYS F 103 6.88 9.08 -22.42
CA LYS F 103 6.93 7.64 -22.62
C LYS F 103 7.64 7.31 -23.92
N LEU F 104 8.51 6.30 -23.88
CA LEU F 104 9.30 5.89 -25.04
C LEU F 104 9.08 4.40 -25.28
N GLU F 105 8.18 4.07 -26.20
CA GLU F 105 7.96 2.70 -26.60
C GLU F 105 8.85 2.38 -27.80
N ILE F 106 9.58 1.28 -27.72
CA ILE F 106 10.48 0.85 -28.79
C ILE F 106 9.76 -0.18 -29.65
N LYS F 107 9.95 -0.08 -30.96
CA LYS F 107 9.27 -0.95 -31.91
C LYS F 107 10.09 -2.19 -32.22
N ARG F 108 9.41 -3.21 -32.75
CA ARG F 108 10.03 -4.46 -33.14
C ARG F 108 9.12 -5.14 -34.15
N THR F 109 9.59 -6.26 -34.69
CA THR F 109 8.76 -7.05 -35.60
C THR F 109 7.58 -7.65 -34.87
N VAL F 110 6.43 -7.70 -35.54
CA VAL F 110 5.21 -8.24 -34.94
C VAL F 110 5.35 -9.75 -34.78
N ALA F 111 4.96 -10.25 -33.61
CA ALA F 111 5.06 -11.67 -33.30
C ALA F 111 3.80 -12.14 -32.60
N ALA F 112 3.52 -13.44 -32.73
CA ALA F 112 2.39 -14.09 -32.06
C ALA F 112 2.90 -15.36 -31.39
N PRO F 113 3.62 -15.22 -30.27
CA PRO F 113 4.28 -16.39 -29.66
C PRO F 113 3.32 -17.46 -29.16
N SER F 114 2.40 -17.10 -28.28
CA SER F 114 1.56 -18.11 -27.64
C SER F 114 0.31 -17.48 -27.06
N VAL F 115 -0.81 -18.19 -27.19
CA VAL F 115 -2.09 -17.82 -26.59
C VAL F 115 -2.55 -18.99 -25.73
N PHE F 116 -2.93 -18.69 -24.49
CA PHE F 116 -3.26 -19.73 -23.52
C PHE F 116 -4.61 -19.44 -22.86
N ILE F 117 -5.27 -20.51 -22.46
CA ILE F 117 -6.54 -20.45 -21.73
C ILE F 117 -6.41 -21.29 -20.46
N PHE F 118 -6.95 -20.79 -19.36
CA PHE F 118 -6.83 -21.45 -18.07
C PHE F 118 -8.21 -21.70 -17.47
N PRO F 119 -8.57 -22.96 -17.16
CA PRO F 119 -9.87 -23.21 -16.55
C PRO F 119 -9.89 -22.71 -15.11
N PRO F 120 -11.06 -22.36 -14.58
CA PRO F 120 -11.15 -21.96 -13.18
C PRO F 120 -10.80 -23.11 -12.25
N SER F 121 -10.14 -22.79 -11.15
CA SER F 121 -9.77 -23.79 -10.16
C SER F 121 -11.00 -24.25 -9.39
N ASP F 122 -10.99 -25.53 -9.00
CA ASP F 122 -12.09 -26.08 -8.22
C ASP F 122 -12.20 -25.41 -6.85
N GLU F 123 -11.06 -25.05 -6.25
CA GLU F 123 -11.07 -24.37 -4.96
C GLU F 123 -11.75 -23.01 -5.04
N GLN F 124 -11.64 -22.35 -6.19
CA GLN F 124 -12.26 -21.03 -6.36
C GLN F 124 -13.78 -21.10 -6.22
N LEU F 125 -14.40 -22.20 -6.66
CA LEU F 125 -15.85 -22.34 -6.60
C LEU F 125 -16.39 -22.37 -5.18
N LYS F 126 -15.52 -22.56 -4.17
CA LYS F 126 -15.99 -22.59 -2.79
C LYS F 126 -16.61 -21.25 -2.37
N SER F 127 -16.16 -20.15 -2.96
CA SER F 127 -16.65 -18.83 -2.61
C SER F 127 -17.87 -18.41 -3.43
N GLY F 128 -18.45 -19.33 -4.20
CA GLY F 128 -19.61 -19.00 -5.02
C GLY F 128 -19.30 -18.20 -6.25
N THR F 129 -18.03 -18.06 -6.62
CA THR F 129 -17.61 -17.28 -7.77
C THR F 129 -16.70 -18.12 -8.65
N ALA F 130 -16.79 -17.89 -9.96
CA ALA F 130 -15.96 -18.58 -10.94
C ALA F 130 -15.37 -17.57 -11.91
N SER F 131 -14.09 -17.74 -12.24
CA SER F 131 -13.42 -16.87 -13.20
C SER F 131 -12.54 -17.70 -14.10
N VAL F 132 -12.68 -17.49 -15.42
CA VAL F 132 -11.87 -18.18 -16.42
C VAL F 132 -10.91 -17.17 -17.01
N VAL F 133 -9.64 -17.55 -17.12
CA VAL F 133 -8.56 -16.66 -17.51
C VAL F 133 -8.06 -17.06 -18.89
N CYS F 134 -8.05 -16.09 -19.82
CA CYS F 134 -7.45 -16.26 -21.14
C CYS F 134 -6.23 -15.35 -21.22
N LEU F 135 -5.11 -15.89 -21.67
CA LEU F 135 -3.83 -15.20 -21.61
C LEU F 135 -3.20 -15.07 -22.98
N LEU F 136 -2.59 -13.92 -23.23
CA LEU F 136 -1.77 -13.67 -24.41
C LEU F 136 -0.35 -13.35 -23.95
N ASN F 137 0.64 -13.99 -24.55
CA ASN F 137 2.01 -13.93 -24.08
C ASN F 137 2.90 -13.31 -25.14
N ASN F 138 3.60 -12.23 -24.77
CA ASN F 138 4.69 -11.65 -25.56
C ASN F 138 4.25 -11.24 -26.96
N PHE F 139 3.07 -10.64 -27.07
CA PHE F 139 2.55 -10.19 -28.36
C PHE F 139 2.79 -8.70 -28.52
N TYR F 140 3.33 -8.31 -29.68
CA TYR F 140 3.54 -6.93 -30.05
C TYR F 140 2.72 -6.58 -31.29
N PRO F 141 2.06 -5.42 -31.32
CA PRO F 141 1.98 -4.38 -30.28
C PRO F 141 0.87 -4.63 -29.27
N ARG F 142 0.45 -3.59 -28.55
CA ARG F 142 -0.64 -3.71 -27.58
C ARG F 142 -2.01 -3.71 -28.24
N GLU F 143 -2.08 -3.48 -29.55
CA GLU F 143 -3.36 -3.35 -30.25
C GLU F 143 -3.91 -4.74 -30.54
N ALA F 144 -4.53 -5.33 -29.51
CA ALA F 144 -5.18 -6.63 -29.63
C ALA F 144 -6.50 -6.60 -28.86
N LYS F 145 -7.41 -7.49 -29.26
CA LYS F 145 -8.73 -7.58 -28.65
C LYS F 145 -8.99 -9.01 -28.22
N VAL F 146 -9.39 -9.18 -26.97
CA VAL F 146 -9.79 -10.47 -26.44
C VAL F 146 -11.29 -10.43 -26.23
N GLN F 147 -12.02 -11.23 -27.00
CA GLN F 147 -13.47 -11.33 -26.90
C GLN F 147 -13.83 -12.69 -26.31
N TRP F 148 -14.72 -12.68 -25.33
CA TRP F 148 -15.10 -13.88 -24.60
C TRP F 148 -16.54 -14.25 -24.97
N LYS F 149 -16.72 -15.49 -25.43
CA LYS F 149 -18.01 -15.94 -25.96
C LYS F 149 -18.47 -17.16 -25.17
N VAL F 150 -19.68 -17.08 -24.61
CA VAL F 150 -20.29 -18.18 -23.87
C VAL F 150 -21.24 -18.93 -24.79
N ASP F 151 -21.12 -20.26 -24.80
CA ASP F 151 -21.93 -21.15 -25.65
C ASP F 151 -22.17 -20.56 -27.04
N ASN F 152 -21.06 -20.21 -27.71
CA ASN F 152 -21.09 -19.61 -29.05
C ASN F 152 -21.96 -18.35 -29.09
N ALA F 153 -22.12 -17.69 -27.94
CA ALA F 153 -22.91 -16.47 -27.84
C ALA F 153 -22.07 -15.41 -27.13
N LEU F 154 -22.24 -14.16 -27.56
CA LEU F 154 -21.42 -13.08 -27.04
C LEU F 154 -21.73 -12.82 -25.57
N GLN F 155 -20.68 -12.54 -24.80
CA GLN F 155 -20.80 -12.17 -23.39
C GLN F 155 -19.88 -10.99 -23.14
N SER F 156 -20.46 -9.84 -22.77
CA SER F 156 -19.69 -8.62 -22.57
C SER F 156 -20.19 -7.92 -21.32
N GLY F 157 -19.42 -6.90 -20.91
CA GLY F 157 -19.74 -6.14 -19.71
C GLY F 157 -19.12 -6.67 -18.43
N ASN F 158 -18.63 -7.91 -18.44
CA ASN F 158 -18.00 -8.50 -17.26
C ASN F 158 -16.53 -8.84 -17.50
N SER F 159 -15.96 -8.42 -18.62
CA SER F 159 -14.59 -8.75 -18.98
C SER F 159 -13.64 -7.72 -18.38
N GLN F 160 -12.57 -8.22 -17.75
CA GLN F 160 -11.50 -7.38 -17.22
C GLN F 160 -10.19 -7.80 -17.85
N GLU F 161 -9.47 -6.84 -18.45
CA GLU F 161 -8.22 -7.10 -19.15
C GLU F 161 -7.12 -6.26 -18.51
N SER F 162 -6.00 -6.90 -18.21
CA SER F 162 -4.82 -6.24 -17.68
C SER F 162 -3.64 -6.53 -18.59
N VAL F 163 -2.88 -5.49 -18.92
CA VAL F 163 -1.73 -5.61 -19.81
C VAL F 163 -0.49 -5.09 -19.08
N THR F 164 0.63 -5.77 -19.30
CA THR F 164 1.89 -5.36 -18.70
C THR F 164 2.60 -4.34 -19.57
N GLU F 165 3.63 -3.72 -19.01
CA GLU F 165 4.42 -2.77 -19.76
C GLU F 165 5.31 -3.52 -20.76
N GLN F 166 5.93 -2.75 -21.66
CA GLN F 166 6.82 -3.34 -22.66
C GLN F 166 7.99 -4.02 -21.97
N ASP F 167 8.30 -5.24 -22.42
CA ASP F 167 9.39 -6.01 -21.82
C ASP F 167 10.73 -5.39 -22.18
N SER F 168 11.71 -5.57 -21.29
CA SER F 168 13.04 -5.04 -21.51
C SER F 168 13.91 -5.95 -22.39
N LYS F 169 13.50 -7.20 -22.61
CA LYS F 169 14.31 -8.14 -23.37
C LYS F 169 13.92 -8.17 -24.84
N ASP F 170 12.66 -8.51 -25.13
CA ASP F 170 12.17 -8.59 -26.50
C ASP F 170 11.18 -7.50 -26.86
N SER F 171 10.84 -6.62 -25.92
CA SER F 171 9.93 -5.50 -26.17
C SER F 171 8.58 -5.99 -26.68
N THR F 172 7.97 -6.91 -25.93
CA THR F 172 6.69 -7.50 -26.29
C THR F 172 5.73 -7.39 -25.12
N TYR F 173 4.47 -7.08 -25.43
CA TYR F 173 3.43 -6.93 -24.42
C TYR F 173 2.74 -8.25 -24.15
N SER F 174 2.12 -8.35 -22.98
CA SER F 174 1.34 -9.52 -22.60
C SER F 174 0.05 -9.08 -21.92
N LEU F 175 -1.05 -9.71 -22.30
CA LEU F 175 -2.38 -9.35 -21.81
C LEU F 175 -3.04 -10.55 -21.16
N SER F 176 -3.71 -10.32 -20.04
CA SER F 176 -4.47 -11.34 -19.34
C SER F 176 -5.92 -10.90 -19.23
N SER F 177 -6.84 -11.79 -19.61
CA SER F 177 -8.28 -11.52 -19.56
C SER F 177 -8.91 -12.36 -18.46
N THR F 178 -9.65 -11.70 -17.57
CA THR F 178 -10.33 -12.35 -16.46
C THR F 178 -11.82 -12.08 -16.54
N LEU F 179 -12.62 -13.13 -16.54
CA LEU F 179 -14.07 -13.04 -16.63
C LEU F 179 -14.67 -13.48 -15.30
N THR F 180 -15.08 -12.51 -14.49
CA THR F 180 -15.64 -12.78 -13.16
C THR F 180 -17.13 -13.04 -13.32
N LEU F 181 -17.55 -14.26 -13.01
CA LEU F 181 -18.95 -14.66 -13.07
C LEU F 181 -19.33 -15.37 -11.79
N SER F 182 -20.59 -15.22 -11.40
CA SER F 182 -21.10 -15.96 -10.25
C SER F 182 -21.24 -17.44 -10.61
N LYS F 183 -21.24 -18.28 -9.58
CA LYS F 183 -21.41 -19.71 -9.80
C LYS F 183 -22.76 -20.02 -10.43
N ALA F 184 -23.78 -19.22 -10.12
CA ALA F 184 -25.07 -19.37 -10.78
C ALA F 184 -24.98 -19.06 -12.27
N ASP F 185 -24.24 -18.01 -12.63
CA ASP F 185 -24.05 -17.69 -14.05
C ASP F 185 -23.26 -18.77 -14.76
N TYR F 186 -22.39 -19.47 -14.04
CA TYR F 186 -21.71 -20.64 -14.59
C TYR F 186 -22.66 -21.84 -14.53
N GLU F 187 -22.11 -23.04 -14.72
CA GLU F 187 -22.85 -24.30 -14.68
C GLU F 187 -23.88 -24.40 -15.80
N LYS F 188 -23.81 -23.53 -16.81
CA LYS F 188 -24.72 -23.57 -17.93
C LYS F 188 -24.20 -24.43 -19.08
N HIS F 189 -22.87 -24.57 -19.18
CA HIS F 189 -22.24 -25.40 -20.20
C HIS F 189 -20.81 -25.69 -19.76
N LYS F 190 -20.07 -26.39 -20.61
CA LYS F 190 -18.67 -26.70 -20.34
C LYS F 190 -17.79 -26.31 -21.52
N VAL F 191 -18.15 -25.25 -22.24
CA VAL F 191 -17.33 -24.76 -23.33
C VAL F 191 -17.23 -23.24 -23.25
N TYR F 192 -16.13 -22.75 -22.69
CA TYR F 192 -15.85 -21.33 -22.60
C TYR F 192 -14.61 -21.04 -23.44
N ALA F 193 -14.75 -20.12 -24.40
CA ALA F 193 -13.69 -19.82 -25.35
C ALA F 193 -13.47 -18.32 -25.44
N CYS F 194 -12.21 -17.95 -25.69
CA CYS F 194 -11.82 -16.56 -25.88
C CYS F 194 -11.35 -16.36 -27.31
N GLU F 195 -11.86 -15.34 -27.98
CA GLU F 195 -11.47 -15.03 -29.34
C GLU F 195 -10.35 -14.00 -29.32
N VAL F 196 -9.21 -14.34 -29.90
CA VAL F 196 -8.04 -13.48 -29.94
C VAL F 196 -7.78 -13.11 -31.39
N THR F 197 -7.81 -11.81 -31.69
CA THR F 197 -7.50 -11.29 -33.01
C THR F 197 -6.27 -10.40 -32.90
N HIS F 198 -5.31 -10.60 -33.80
CA HIS F 198 -4.06 -9.85 -33.77
C HIS F 198 -3.49 -9.78 -35.18
N GLN F 199 -2.79 -8.67 -35.46
CA GLN F 199 -2.22 -8.50 -36.79
C GLN F 199 -1.09 -9.50 -37.06
N GLY F 200 -0.44 -9.99 -36.00
CA GLY F 200 0.57 -11.02 -36.16
C GLY F 200 0.01 -12.40 -36.42
N LEU F 201 -1.25 -12.63 -36.06
CA LEU F 201 -1.91 -13.91 -36.32
C LEU F 201 -2.57 -13.87 -37.69
N SER F 202 -2.27 -14.87 -38.51
CA SER F 202 -2.85 -14.94 -39.85
C SER F 202 -4.37 -15.09 -39.78
N SER F 203 -4.85 -15.93 -38.87
CA SER F 203 -6.27 -16.14 -38.65
C SER F 203 -6.59 -16.02 -37.17
N PRO F 204 -7.82 -15.60 -36.83
CA PRO F 204 -8.18 -15.50 -35.42
C PRO F 204 -8.33 -16.87 -34.76
N VAL F 205 -7.37 -17.24 -33.93
CA VAL F 205 -7.38 -18.54 -33.26
C VAL F 205 -8.19 -18.42 -31.98
N THR F 206 -8.90 -19.50 -31.64
CA THR F 206 -9.73 -19.55 -30.45
C THR F 206 -9.32 -20.76 -29.61
N LYS F 207 -9.09 -20.52 -28.32
CA LYS F 207 -8.71 -21.57 -27.38
C LYS F 207 -9.88 -21.83 -26.44
N SER F 208 -10.23 -23.10 -26.28
CA SER F 208 -11.38 -23.49 -25.47
C SER F 208 -11.01 -24.69 -24.62
N PHE F 209 -11.94 -25.09 -23.75
CA PHE F 209 -11.75 -26.24 -22.88
C PHE F 209 -13.08 -26.88 -22.53
N GLN G 1 27.72 2.49 -2.06
CA GLN G 1 27.87 3.18 -0.79
C GLN G 1 26.51 3.54 -0.17
N VAL G 2 25.94 4.68 -0.56
CA VAL G 2 24.69 5.15 0.01
C VAL G 2 23.55 4.24 -0.44
N GLN G 3 22.76 3.78 0.53
CA GLN G 3 21.59 2.95 0.25
C GLN G 3 20.41 3.45 1.07
N LEU G 4 19.22 3.39 0.49
CA LEU G 4 18.01 3.88 1.11
C LEU G 4 16.91 2.83 1.03
N GLN G 5 16.05 2.82 2.05
CA GLN G 5 14.90 1.92 2.08
C GLN G 5 13.74 2.63 2.78
N GLU G 6 12.56 2.50 2.19
CA GLU G 6 11.36 3.16 2.70
C GLU G 6 10.56 2.21 3.57
N SER G 7 10.01 2.75 4.67
CA SER G 7 9.17 1.99 5.58
C SER G 7 7.87 2.76 5.81
N GLY G 8 6.74 2.10 5.59
CA GLY G 8 5.45 2.72 5.73
C GLY G 8 4.36 1.76 6.13
N PRO G 9 3.20 2.29 6.49
CA PRO G 9 2.08 1.43 6.89
C PRO G 9 1.37 0.78 5.71
N GLY G 10 1.34 1.49 4.58
CA GLY G 10 0.62 1.02 3.41
C GLY G 10 -0.83 1.43 3.34
N LEU G 11 -1.36 2.04 4.39
CA LEU G 11 -2.75 2.51 4.40
C LEU G 11 -2.88 3.58 5.47
N VAL G 12 -3.37 4.75 5.10
CA VAL G 12 -3.59 5.85 6.02
C VAL G 12 -4.99 6.41 5.80
N LYS G 13 -5.77 6.48 6.88
CA LYS G 13 -7.12 7.01 6.79
C LYS G 13 -7.07 8.50 6.45
N PRO G 14 -8.05 9.00 5.69
CA PRO G 14 -8.08 10.43 5.37
C PRO G 14 -8.27 11.27 6.62
N SER G 15 -7.89 12.54 6.50
CA SER G 15 -7.93 13.50 7.62
C SER G 15 -7.03 13.05 8.78
N GLN G 16 -5.94 12.36 8.46
CA GLN G 16 -5.00 11.92 9.48
C GLN G 16 -3.57 12.30 9.09
N THR G 17 -2.58 11.79 9.83
CA THR G 17 -1.19 12.12 9.61
C THR G 17 -0.47 10.93 8.99
N LEU G 18 0.28 11.17 7.92
CA LEU G 18 1.06 10.14 7.25
C LEU G 18 2.53 10.30 7.63
N SER G 19 3.14 9.20 8.09
CA SER G 19 4.51 9.19 8.54
C SER G 19 5.31 8.13 7.80
N LEU G 20 6.51 8.49 7.35
CA LEU G 20 7.42 7.57 6.69
C LEU G 20 8.82 7.79 7.21
N THR G 21 9.60 6.72 7.33
CA THR G 21 10.96 6.78 7.82
C THR G 21 11.90 6.11 6.82
N CYS G 22 12.99 6.79 6.49
CA CYS G 22 14.01 6.27 5.60
C CYS G 22 15.33 6.18 6.35
N THR G 23 16.00 5.03 6.22
CA THR G 23 17.23 4.76 6.94
C THR G 23 18.40 4.69 5.98
N VAL G 24 19.53 5.29 6.37
CA VAL G 24 20.75 5.30 5.58
C VAL G 24 21.79 4.45 6.29
N SER G 25 22.60 3.73 5.51
CA SER G 25 23.62 2.84 6.05
C SER G 25 25.03 3.25 5.67
N GLY G 26 25.27 3.52 4.39
CA GLY G 26 26.61 3.81 3.91
C GLY G 26 27.02 5.26 3.89
N TYR G 27 26.18 6.16 4.43
CA TYR G 27 26.47 7.58 4.39
C TYR G 27 25.99 8.24 5.68
N SER G 28 26.66 9.31 6.08
CA SER G 28 26.31 10.04 7.29
C SER G 28 25.33 11.16 6.94
N ILE G 29 24.19 11.16 7.63
CA ILE G 29 23.10 12.07 7.29
C ILE G 29 23.48 13.53 7.56
N SER G 30 24.51 13.79 8.36
CA SER G 30 24.82 15.14 8.83
C SER G 30 26.20 15.59 8.37
N SER G 31 26.61 15.25 7.15
CA SER G 31 27.90 15.70 6.64
C SER G 31 27.78 16.65 5.46
N ASP G 32 27.24 16.21 4.33
CA ASP G 32 27.20 17.10 3.17
C ASP G 32 25.85 17.13 2.46
N SER G 33 25.17 15.99 2.35
CA SER G 33 24.01 15.90 1.49
C SER G 33 22.76 16.45 2.17
N ALA G 34 21.80 16.84 1.34
CA ALA G 34 20.47 17.23 1.79
C ALA G 34 19.48 16.16 1.36
N TRP G 35 18.65 15.72 2.30
CA TRP G 35 17.76 14.59 2.09
C TRP G 35 16.33 15.09 1.86
N SER G 36 15.70 14.59 0.81
CA SER G 36 14.40 15.09 0.37
C SER G 36 13.44 13.92 0.18
N TRP G 37 12.15 14.22 0.28
CA TRP G 37 11.08 13.26 0.07
C TRP G 37 10.34 13.64 -1.21
N ILE G 38 10.27 12.71 -2.15
CA ILE G 38 9.62 12.92 -3.44
C ILE G 38 8.59 11.82 -3.65
N ARG G 39 7.38 12.22 -4.03
CA ARG G 39 6.27 11.28 -4.17
C ARG G 39 5.84 11.15 -5.63
N GLN G 40 5.29 9.99 -5.97
CA GLN G 40 4.82 9.69 -7.32
C GLN G 40 3.44 9.06 -7.25
N PRO G 41 2.38 9.78 -7.59
CA PRO G 41 1.05 9.16 -7.69
C PRO G 41 1.04 8.09 -8.77
N PRO G 42 0.01 7.25 -8.82
CA PRO G 42 -0.06 6.22 -9.86
C PRO G 42 -0.09 6.79 -11.27
N GLY G 43 -0.37 8.08 -11.42
CA GLY G 43 -0.35 8.76 -12.71
C GLY G 43 1.02 9.14 -13.21
N LYS G 44 2.08 8.71 -12.53
CA LYS G 44 3.47 8.96 -12.94
C LYS G 44 3.77 10.45 -13.01
N GLY G 45 3.69 11.11 -11.86
CA GLY G 45 4.09 12.49 -11.74
C GLY G 45 4.96 12.73 -10.52
N LEU G 46 6.14 13.30 -10.72
CA LEU G 46 7.10 13.48 -9.65
C LEU G 46 6.89 14.84 -8.98
N GLU G 47 6.72 14.82 -7.66
CA GLU G 47 6.49 16.03 -6.88
C GLU G 47 7.43 16.05 -5.68
N TRP G 48 8.16 17.15 -5.52
CA TRP G 48 9.12 17.29 -4.42
C TRP G 48 8.41 17.89 -3.22
N ILE G 49 8.15 17.04 -2.21
CA ILE G 49 7.42 17.50 -1.03
C ILE G 49 8.27 18.46 -0.22
N GLY G 50 9.52 18.10 0.03
CA GLY G 50 10.38 18.93 0.85
C GLY G 50 11.74 18.28 0.99
N TYR G 51 12.60 18.92 1.79
CA TYR G 51 13.96 18.44 1.97
C TYR G 51 14.40 18.73 3.40
N ILE G 52 15.44 18.01 3.82
CA ILE G 52 16.11 18.28 5.09
C ILE G 52 17.61 18.34 4.83
N GLN G 53 18.26 19.36 5.39
CA GLN G 53 19.69 19.56 5.19
C GLN G 53 20.49 18.74 6.21
N TYR G 54 21.80 18.67 5.99
CA TYR G 54 22.67 18.03 6.96
C TYR G 54 22.67 18.77 8.29
N SER G 55 22.48 20.09 8.25
CA SER G 55 22.46 20.90 9.46
C SER G 55 21.06 21.03 10.07
N GLY G 56 20.03 20.53 9.40
CA GLY G 56 18.69 20.53 9.94
C GLY G 56 17.76 21.58 9.38
N SER G 57 18.27 22.54 8.62
CA SER G 57 17.41 23.55 8.03
C SER G 57 16.52 22.94 6.96
N THR G 58 15.25 23.32 6.97
CA THR G 58 14.25 22.75 6.07
C THR G 58 13.50 23.85 5.33
N ASN G 59 13.09 23.52 4.11
CA ASN G 59 12.23 24.35 3.28
C ASN G 59 11.30 23.43 2.51
N TYR G 60 10.03 23.81 2.43
CA TYR G 60 9.00 22.94 1.87
C TYR G 60 8.38 23.58 0.65
N ASN G 61 7.70 22.74 -0.14
CA ASN G 61 6.95 23.23 -1.29
C ASN G 61 5.81 24.11 -0.80
N PRO G 62 5.70 25.34 -1.31
CA PRO G 62 4.61 26.22 -0.85
C PRO G 62 3.22 25.67 -1.10
N SER G 63 3.07 24.70 -2.02
CA SER G 63 1.76 24.09 -2.25
C SER G 63 1.26 23.35 -1.02
N LEU G 64 2.17 22.77 -0.23
CA LEU G 64 1.78 22.01 0.94
C LEU G 64 2.66 22.30 2.16
N LYS G 65 3.31 23.48 2.19
CA LYS G 65 4.22 23.81 3.28
C LYS G 65 3.53 23.92 4.63
N SER G 66 2.22 24.14 4.65
CA SER G 66 1.50 24.33 5.90
C SER G 66 1.09 23.03 6.58
N ARG G 67 1.27 21.88 5.92
CA ARG G 67 0.84 20.61 6.49
C ARG G 67 1.93 19.55 6.42
N VAL G 68 3.19 19.95 6.28
CA VAL G 68 4.31 19.01 6.20
C VAL G 68 5.38 19.42 7.20
N THR G 69 5.93 18.43 7.90
CA THR G 69 7.05 18.63 8.80
C THR G 69 8.06 17.51 8.56
N ILE G 70 9.33 17.88 8.41
CA ILE G 70 10.41 16.92 8.20
C ILE G 70 11.43 17.08 9.32
N SER G 71 11.75 15.99 10.00
CA SER G 71 12.72 15.97 11.08
C SER G 71 13.71 14.84 10.83
N ARG G 72 14.73 14.77 11.68
CA ARG G 72 15.76 13.75 11.55
C ARG G 72 16.37 13.46 12.91
N ASP G 73 17.02 12.31 13.01
CA ASP G 73 17.74 11.89 14.21
C ASP G 73 19.14 11.48 13.79
N THR G 74 20.14 12.25 14.22
CA THR G 74 21.51 12.02 13.77
C THR G 74 22.06 10.68 14.26
N SER G 75 21.67 10.25 15.46
CA SER G 75 22.22 9.01 16.02
C SER G 75 21.81 7.79 15.19
N LYS G 76 20.56 7.74 14.75
CA LYS G 76 20.04 6.57 14.05
C LYS G 76 20.15 6.68 12.53
N ASN G 77 20.70 7.77 12.00
CA ASN G 77 20.86 7.97 10.56
C ASN G 77 19.51 7.83 9.84
N GLN G 78 18.50 8.52 10.36
CA GLN G 78 17.16 8.45 9.81
C GLN G 78 16.54 9.85 9.76
N PHE G 79 15.75 10.10 8.72
CA PHE G 79 14.96 11.31 8.59
C PHE G 79 13.56 10.94 8.14
N SER G 80 12.56 11.61 8.70
CA SER G 80 11.16 11.23 8.52
C SER G 80 10.35 12.42 8.03
N LEU G 81 9.10 12.13 7.66
CA LEU G 81 8.14 13.14 7.24
C LEU G 81 6.84 12.93 7.99
N LYS G 82 6.10 14.02 8.20
CA LYS G 82 4.79 13.96 8.85
C LYS G 82 3.85 14.88 8.07
N LEU G 83 3.04 14.28 7.20
CA LEU G 83 2.06 15.02 6.40
C LEU G 83 0.68 14.80 6.98
N SER G 84 0.04 15.88 7.41
CA SER G 84 -1.27 15.82 8.05
C SER G 84 -2.36 16.29 7.09
N SER G 85 -3.61 16.02 7.49
CA SER G 85 -4.80 16.39 6.70
C SER G 85 -4.72 15.80 5.30
N VAL G 86 -4.47 14.50 5.22
CA VAL G 86 -4.32 13.82 3.94
C VAL G 86 -5.67 13.70 3.26
N THR G 87 -5.69 13.92 1.95
CA THR G 87 -6.88 13.77 1.13
C THR G 87 -6.63 12.66 0.10
N ALA G 88 -7.61 12.46 -0.78
CA ALA G 88 -7.48 11.43 -1.81
C ALA G 88 -6.35 11.72 -2.79
N ALA G 89 -5.93 12.98 -2.92
CA ALA G 89 -4.87 13.33 -3.85
C ALA G 89 -3.49 12.89 -3.37
N ASP G 90 -3.36 12.44 -2.12
CA ASP G 90 -2.08 12.05 -1.56
C ASP G 90 -1.72 10.59 -1.83
N THR G 91 -2.59 9.84 -2.52
CA THR G 91 -2.25 8.48 -2.91
C THR G 91 -1.06 8.49 -3.85
N ALA G 92 0.10 8.02 -3.36
CA ALA G 92 1.32 8.10 -4.16
C ALA G 92 2.35 7.15 -3.58
N VAL G 93 3.40 6.91 -4.37
CA VAL G 93 4.57 6.17 -3.93
C VAL G 93 5.63 7.19 -3.53
N TYR G 94 6.02 7.17 -2.27
CA TYR G 94 6.90 8.20 -1.71
C TYR G 94 8.34 7.69 -1.75
N TYR G 95 9.20 8.44 -2.44
CA TYR G 95 10.62 8.10 -2.57
C TYR G 95 11.44 9.07 -1.74
N CYS G 96 12.37 8.54 -0.95
CA CYS G 96 13.34 9.35 -0.25
C CYS G 96 14.66 9.33 -1.03
N ALA G 97 15.34 10.47 -1.08
CA ALA G 97 16.54 10.59 -1.88
C ALA G 97 17.49 11.59 -1.25
N ARG G 98 18.76 11.46 -1.60
CA ARG G 98 19.81 12.36 -1.14
C ARG G 98 20.25 13.26 -2.28
N SER G 99 20.82 14.40 -1.93
CA SER G 99 21.22 15.41 -2.90
C SER G 99 22.68 15.21 -3.29
N VAL G 100 22.93 15.12 -4.60
CA VAL G 100 24.27 15.11 -5.15
C VAL G 100 24.49 16.44 -5.86
N ASN G 101 25.72 16.95 -5.78
CA ASN G 101 26.06 18.28 -6.30
C ASN G 101 25.20 19.35 -5.64
N TYR G 102 25.36 19.46 -4.32
CA TYR G 102 24.51 20.35 -3.53
C TYR G 102 24.95 21.81 -3.65
N TYR G 103 26.15 22.11 -3.15
CA TYR G 103 26.73 23.46 -3.18
C TYR G 103 25.75 24.55 -2.79
N GLY G 104 24.82 24.27 -1.87
CA GLY G 104 23.94 25.30 -1.37
C GLY G 104 22.55 25.35 -1.99
N ASN G 105 22.37 26.25 -2.95
CA ASN G 105 21.03 26.67 -3.38
C ASN G 105 20.19 25.50 -3.87
N SER G 106 20.58 24.87 -4.98
CA SER G 106 19.79 23.81 -5.58
C SER G 106 20.68 22.60 -5.81
N PHE G 107 20.03 21.44 -6.01
CA PHE G 107 20.73 20.16 -6.07
C PHE G 107 20.06 19.25 -7.09
N ALA G 108 20.61 18.06 -7.23
CA ALA G 108 20.02 16.95 -7.96
C ALA G 108 19.73 15.81 -6.98
N VAL G 109 19.19 14.71 -7.51
CA VAL G 109 18.89 13.53 -6.71
C VAL G 109 19.47 12.32 -7.43
N GLY G 110 20.68 11.90 -7.03
CA GLY G 110 21.34 10.79 -7.67
C GLY G 110 21.04 9.44 -7.05
N TYR G 111 20.92 9.40 -5.73
CA TYR G 111 20.65 8.16 -5.01
C TYR G 111 19.20 8.14 -4.57
N TRP G 112 18.51 7.04 -4.89
CA TRP G 112 17.08 6.90 -4.63
C TRP G 112 16.82 5.60 -3.89
N GLY G 113 15.73 5.60 -3.11
CA GLY G 113 15.24 4.37 -2.51
C GLY G 113 14.28 3.63 -3.42
N GLN G 114 13.94 2.40 -3.02
CA GLN G 114 13.00 1.62 -3.80
C GLN G 114 11.59 2.17 -3.75
N GLY G 115 11.26 2.93 -2.71
CA GLY G 115 9.96 3.57 -2.64
C GLY G 115 8.88 2.63 -2.15
N THR G 116 8.03 3.10 -1.24
CA THR G 116 6.91 2.33 -0.73
C THR G 116 5.62 3.07 -1.04
N LEU G 117 4.57 2.31 -1.37
CA LEU G 117 3.30 2.89 -1.77
C LEU G 117 2.38 3.04 -0.56
N VAL G 118 1.77 4.21 -0.44
CA VAL G 118 0.83 4.50 0.63
C VAL G 118 -0.51 4.87 -0.01
N THR G 119 -1.56 4.15 0.38
CA THR G 119 -2.90 4.38 -0.13
C THR G 119 -3.74 5.04 0.95
N VAL G 120 -4.38 6.16 0.61
CA VAL G 120 -5.25 6.87 1.53
C VAL G 120 -6.68 6.67 1.06
N SER G 121 -7.48 6.00 1.89
CA SER G 121 -8.87 5.70 1.56
C SER G 121 -9.62 5.38 2.84
N SER G 122 -10.94 5.39 2.75
CA SER G 122 -11.82 5.09 3.88
C SER G 122 -12.28 3.64 3.88
N ALA G 123 -11.45 2.73 3.35
CA ALA G 123 -11.78 1.32 3.27
C ALA G 123 -11.00 0.54 4.34
N SER G 124 -11.16 -0.78 4.31
CA SER G 124 -10.52 -1.66 5.27
C SER G 124 -9.54 -2.60 4.55
N THR G 125 -8.60 -3.13 5.33
CA THR G 125 -7.59 -4.04 4.79
C THR G 125 -8.17 -5.44 4.67
N LYS G 126 -8.02 -6.04 3.49
CA LYS G 126 -8.51 -7.39 3.22
C LYS G 126 -7.38 -8.24 2.65
N GLY G 127 -7.22 -9.44 3.21
CA GLY G 127 -6.24 -10.38 2.72
C GLY G 127 -6.76 -11.16 1.53
N PRO G 128 -5.87 -11.51 0.61
CA PRO G 128 -6.28 -12.23 -0.60
C PRO G 128 -6.28 -13.74 -0.42
N SER G 129 -7.01 -14.41 -1.31
CA SER G 129 -7.01 -15.86 -1.42
C SER G 129 -6.49 -16.24 -2.80
N VAL G 130 -5.50 -17.12 -2.83
CA VAL G 130 -4.80 -17.48 -4.06
C VAL G 130 -5.46 -18.70 -4.68
N PHE G 131 -5.77 -18.62 -5.97
CA PHE G 131 -6.37 -19.72 -6.71
C PHE G 131 -5.41 -20.20 -7.79
N PRO G 132 -5.14 -21.50 -7.87
CA PRO G 132 -4.19 -21.99 -8.86
C PRO G 132 -4.78 -21.97 -10.27
N LEU G 133 -3.87 -21.92 -11.25
CA LEU G 133 -4.24 -21.94 -12.66
C LEU G 133 -3.38 -22.99 -13.35
N ALA G 134 -3.99 -24.09 -13.79
CA ALA G 134 -3.29 -25.17 -14.43
C ALA G 134 -4.01 -25.58 -15.71
N PRO G 135 -3.25 -26.02 -16.73
CA PRO G 135 -3.90 -26.48 -17.97
C PRO G 135 -4.70 -27.76 -17.74
N CYS G 136 -5.76 -27.90 -18.52
CA CYS G 136 -6.65 -29.06 -18.41
C CYS G 136 -6.20 -30.26 -19.24
N SER G 137 -5.24 -30.08 -20.14
CA SER G 137 -4.82 -31.15 -21.04
C SER G 137 -3.31 -31.11 -21.24
N ARG G 138 -2.78 -32.22 -21.73
CA ARG G 138 -1.36 -32.35 -22.00
C ARG G 138 -1.06 -31.93 -23.44
N SER G 139 0.16 -31.42 -23.64
CA SER G 139 0.61 -31.01 -24.97
C SER G 139 1.57 -32.04 -25.55
N THR G 144 5.51 -26.50 -24.90
CA THR G 144 5.57 -25.40 -23.94
C THR G 144 4.25 -25.28 -23.18
N ALA G 145 4.34 -25.22 -21.85
CA ALA G 145 3.19 -25.11 -20.99
C ALA G 145 3.29 -23.84 -20.15
N ALA G 146 2.13 -23.36 -19.70
CA ALA G 146 2.05 -22.15 -18.89
C ALA G 146 1.35 -22.45 -17.57
N LEU G 147 1.92 -21.93 -16.49
CA LEU G 147 1.37 -22.07 -15.15
C LEU G 147 1.33 -20.70 -14.48
N GLY G 148 0.36 -20.52 -13.59
CA GLY G 148 0.21 -19.23 -12.92
C GLY G 148 -0.66 -19.33 -11.70
N CYS G 149 -0.68 -18.23 -10.95
CA CYS G 149 -1.49 -18.09 -9.75
C CYS G 149 -2.35 -16.84 -9.86
N LEU G 150 -3.55 -16.91 -9.28
CA LEU G 150 -4.50 -15.81 -9.30
C LEU G 150 -4.67 -15.25 -7.90
N VAL G 151 -4.51 -13.94 -7.77
CA VAL G 151 -4.68 -13.23 -6.50
C VAL G 151 -5.93 -12.37 -6.61
N LYS G 152 -6.90 -12.62 -5.72
CA LYS G 152 -8.21 -12.01 -5.83
C LYS G 152 -8.57 -11.33 -4.50
N ASP G 153 -9.51 -10.39 -4.58
CA ASP G 153 -10.07 -9.66 -3.45
C ASP G 153 -8.99 -9.18 -2.47
N TYR G 154 -8.13 -8.31 -2.96
CA TYR G 154 -7.02 -7.83 -2.15
C TYR G 154 -6.93 -6.31 -2.16
N PHE G 155 -6.68 -5.75 -0.98
CA PHE G 155 -6.57 -4.32 -0.70
C PHE G 155 -5.92 -4.15 0.67
N PRO G 156 -5.04 -3.15 0.86
CA PRO G 156 -4.54 -2.21 -0.14
C PRO G 156 -3.44 -2.84 -0.98
N GLU G 157 -2.66 -2.03 -1.66
CA GLU G 157 -1.57 -2.43 -2.52
C GLU G 157 -0.25 -2.09 -1.83
N PRO G 158 0.85 -2.85 -2.08
CA PRO G 158 1.09 -3.90 -3.07
C PRO G 158 1.08 -5.37 -2.65
N VAL G 159 0.80 -6.21 -3.64
CA VAL G 159 1.00 -7.66 -3.53
C VAL G 159 2.10 -8.04 -4.52
N THR G 160 3.14 -8.67 -4.02
CA THR G 160 4.26 -9.13 -4.82
C THR G 160 4.26 -10.66 -4.85
N VAL G 161 4.48 -11.22 -6.02
CA VAL G 161 4.50 -12.66 -6.23
C VAL G 161 5.84 -13.08 -6.77
N SER G 162 6.49 -14.04 -6.12
CA SER G 162 7.74 -14.63 -6.57
C SER G 162 7.54 -16.11 -6.84
N TRP G 163 8.30 -16.64 -7.79
CA TRP G 163 8.14 -18.02 -8.26
C TRP G 163 9.32 -18.85 -7.78
N ASN G 164 9.02 -19.92 -7.04
CA ASN G 164 10.01 -20.91 -6.61
C ASN G 164 11.16 -20.26 -5.83
N SER G 165 10.84 -19.23 -5.05
CA SER G 165 11.82 -18.55 -4.20
C SER G 165 13.01 -18.04 -5.02
N GLY G 166 12.71 -17.51 -6.22
CA GLY G 166 13.74 -16.99 -7.09
C GLY G 166 14.44 -18.01 -7.97
N ALA G 167 14.04 -19.28 -7.90
CA ALA G 167 14.65 -20.29 -8.77
C ALA G 167 14.35 -20.01 -10.24
N LEU G 168 13.12 -19.59 -10.54
CA LEU G 168 12.71 -19.27 -11.90
C LEU G 168 12.53 -17.77 -12.02
N THR G 169 13.26 -17.16 -12.94
CA THR G 169 13.18 -15.72 -13.17
C THR G 169 12.83 -15.37 -14.61
N SER G 170 12.89 -16.30 -15.54
CA SER G 170 12.53 -16.07 -16.93
C SER G 170 11.10 -16.50 -17.16
N GLY G 171 10.32 -15.63 -17.78
CA GLY G 171 8.92 -15.91 -18.06
C GLY G 171 7.95 -15.47 -16.98
N VAL G 172 8.43 -14.94 -15.87
CA VAL G 172 7.53 -14.45 -14.83
C VAL G 172 6.91 -13.13 -15.28
N HIS G 173 5.59 -13.03 -15.17
CA HIS G 173 4.85 -11.84 -15.57
C HIS G 173 3.80 -11.55 -14.50
N THR G 174 4.14 -10.68 -13.55
CA THR G 174 3.19 -10.23 -12.53
C THR G 174 2.37 -9.10 -13.12
N PHE G 175 1.13 -9.42 -13.52
CA PHE G 175 0.28 -8.44 -14.17
C PHE G 175 -0.10 -7.33 -13.18
N PRO G 176 -0.24 -6.09 -13.68
CA PRO G 176 -0.68 -5.01 -12.80
C PRO G 176 -2.09 -5.27 -12.29
N ALA G 177 -2.36 -4.78 -11.08
CA ALA G 177 -3.66 -4.95 -10.46
C ALA G 177 -4.74 -4.22 -11.25
N VAL G 178 -5.92 -4.81 -11.29
CA VAL G 178 -7.11 -4.19 -11.85
C VAL G 178 -8.12 -3.99 -10.73
N LEU G 179 -8.66 -2.78 -10.63
CA LEU G 179 -9.64 -2.48 -9.60
C LEU G 179 -10.98 -3.09 -9.98
N GLN G 180 -11.45 -4.05 -9.17
CA GLN G 180 -12.75 -4.65 -9.41
C GLN G 180 -13.86 -3.66 -9.09
N SER G 181 -15.07 -4.01 -9.52
CA SER G 181 -16.23 -3.14 -9.28
C SER G 181 -16.52 -2.96 -7.80
N SER G 182 -16.08 -3.88 -6.95
CA SER G 182 -16.29 -3.79 -5.51
C SER G 182 -15.22 -2.97 -4.81
N GLY G 183 -14.22 -2.48 -5.52
CA GLY G 183 -13.14 -1.73 -4.92
C GLY G 183 -12.00 -2.56 -4.39
N LEU G 184 -11.91 -3.83 -4.77
CA LEU G 184 -10.85 -4.72 -4.32
C LEU G 184 -9.94 -5.04 -5.51
N TYR G 185 -8.64 -4.87 -5.31
CA TYR G 185 -7.68 -5.13 -6.38
C TYR G 185 -7.65 -6.63 -6.68
N SER G 186 -7.12 -6.97 -7.86
CA SER G 186 -6.95 -8.36 -8.24
C SER G 186 -5.85 -8.46 -9.29
N LEU G 187 -4.89 -9.35 -9.08
CA LEU G 187 -3.79 -9.54 -10.03
C LEU G 187 -3.55 -11.03 -10.24
N SER G 188 -2.90 -11.35 -11.34
CA SER G 188 -2.50 -12.72 -11.66
C SER G 188 -1.06 -12.72 -12.15
N SER G 189 -0.27 -13.67 -11.65
CA SER G 189 1.12 -13.83 -12.05
C SER G 189 1.28 -15.16 -12.76
N VAL G 190 1.88 -15.14 -13.94
CA VAL G 190 2.00 -16.32 -14.79
C VAL G 190 3.47 -16.53 -15.15
N VAL G 191 3.85 -17.80 -15.32
CA VAL G 191 5.19 -18.18 -15.73
C VAL G 191 5.08 -19.19 -16.88
N THR G 192 6.14 -19.25 -17.68
CA THR G 192 6.22 -20.16 -18.82
C THR G 192 7.33 -21.17 -18.58
N VAL G 193 6.99 -22.45 -18.65
CA VAL G 193 7.97 -23.52 -18.42
C VAL G 193 7.80 -24.59 -19.48
N PRO G 194 8.88 -25.32 -19.78
CA PRO G 194 8.77 -26.43 -20.72
C PRO G 194 7.85 -27.52 -20.19
N SER G 195 7.15 -28.18 -21.11
CA SER G 195 6.21 -29.23 -20.73
C SER G 195 6.91 -30.47 -20.20
N SER G 196 8.20 -30.65 -20.48
CA SER G 196 8.92 -31.83 -20.01
C SER G 196 9.06 -31.83 -18.50
N SER G 197 9.28 -30.66 -17.90
CA SER G 197 9.48 -30.55 -16.46
C SER G 197 8.15 -30.33 -15.74
N LEU G 198 7.24 -31.28 -15.93
CA LEU G 198 5.94 -31.25 -15.27
C LEU G 198 5.75 -32.41 -14.29
N GLY G 199 6.73 -33.29 -14.16
CA GLY G 199 6.65 -34.39 -13.21
C GLY G 199 7.79 -34.40 -12.23
N THR G 200 8.83 -33.62 -12.52
CA THR G 200 10.02 -33.54 -11.68
C THR G 200 10.20 -32.17 -11.04
N LYS G 201 10.16 -31.10 -11.83
CA LYS G 201 10.35 -29.76 -11.30
C LYS G 201 9.17 -29.36 -10.42
N THR G 202 9.48 -28.72 -9.29
CA THR G 202 8.48 -28.27 -8.34
C THR G 202 8.26 -26.77 -8.53
N TYR G 203 7.02 -26.38 -8.75
CA TYR G 203 6.64 -24.98 -8.94
C TYR G 203 5.85 -24.52 -7.73
N THR G 204 6.35 -23.47 -7.06
CA THR G 204 5.70 -22.92 -5.89
C THR G 204 5.44 -21.43 -6.08
N CYS G 205 4.32 -20.96 -5.54
CA CYS G 205 3.93 -19.57 -5.64
C CYS G 205 4.17 -18.87 -4.31
N ASN G 206 5.00 -17.84 -4.32
CA ASN G 206 5.33 -17.08 -3.11
C ASN G 206 4.57 -15.75 -3.18
N VAL G 207 3.48 -15.66 -2.43
CA VAL G 207 2.62 -14.49 -2.42
C VAL G 207 2.89 -13.70 -1.15
N ASP G 208 3.16 -12.41 -1.30
CA ASP G 208 3.47 -11.54 -0.17
C ASP G 208 2.53 -10.33 -0.19
N HIS G 209 2.03 -9.97 0.99
CA HIS G 209 1.13 -8.84 1.16
C HIS G 209 1.74 -7.93 2.22
N LYS G 210 2.40 -6.86 1.78
CA LYS G 210 3.11 -5.99 2.72
C LYS G 210 2.19 -5.32 3.74
N PRO G 211 1.07 -4.68 3.35
CA PRO G 211 0.24 -4.02 4.37
C PRO G 211 -0.38 -4.98 5.37
N SER G 212 -0.95 -6.09 4.90
CA SER G 212 -1.49 -7.10 5.80
C SER G 212 -0.35 -8.01 6.26
N ASN G 213 -0.71 -9.13 6.88
CA ASN G 213 0.27 -10.08 7.42
C ASN G 213 -0.07 -11.50 7.01
N THR G 214 -0.36 -11.69 5.73
CA THR G 214 -0.65 -13.01 5.18
C THR G 214 0.39 -13.37 4.13
N LYS G 215 0.90 -14.59 4.19
CA LYS G 215 1.86 -15.10 3.23
C LYS G 215 1.50 -16.55 2.94
N VAL G 216 1.04 -16.82 1.73
CA VAL G 216 0.60 -18.15 1.31
C VAL G 216 1.55 -18.66 0.24
N ASP G 217 2.10 -19.85 0.46
CA ASP G 217 3.07 -20.48 -0.44
C ASP G 217 2.42 -21.74 -1.02
N LYS G 218 1.92 -21.63 -2.24
CA LYS G 218 1.15 -22.70 -2.87
C LYS G 218 1.89 -23.29 -4.06
N ARG G 219 1.66 -24.58 -4.29
CA ARG G 219 2.18 -25.29 -5.45
C ARG G 219 1.14 -25.27 -6.56
N VAL G 220 1.62 -25.25 -7.80
CA VAL G 220 0.73 -25.25 -8.94
C VAL G 220 1.08 -26.39 -9.90
N ILE H 1 44.75 47.12 5.10
CA ILE H 1 43.84 48.17 4.68
C ILE H 1 44.09 49.44 5.48
N VAL H 2 44.41 50.53 4.77
CA VAL H 2 44.69 51.82 5.38
C VAL H 2 43.65 52.81 4.89
N GLY H 3 43.07 53.57 5.82
CA GLY H 3 42.04 54.54 5.50
C GLY H 3 40.64 53.99 5.42
N GLY H 4 40.45 52.71 5.72
CA GLY H 4 39.13 52.10 5.67
C GLY H 4 38.35 52.31 6.96
N LYS H 5 37.27 51.56 7.08
CA LYS H 5 36.40 51.60 8.24
C LYS H 5 36.20 50.19 8.77
N VAL H 6 35.85 50.09 10.05
CA VAL H 6 35.62 48.80 10.68
C VAL H 6 34.34 48.20 10.10
N CYS H 7 34.44 46.98 9.58
CA CYS H 7 33.27 46.29 9.05
C CYS H 7 32.46 45.73 10.21
N PRO H 8 31.19 46.13 10.37
CA PRO H 8 30.38 45.60 11.47
C PRO H 8 30.20 44.10 11.35
N LYS H 9 30.04 43.45 12.50
CA LYS H 9 29.87 42.00 12.53
C LYS H 9 28.66 41.58 11.72
N GLY H 10 28.88 40.68 10.76
CA GLY H 10 27.84 40.22 9.87
C GLY H 10 27.69 40.99 8.59
N GLU H 11 28.34 42.15 8.47
CA GLU H 11 28.29 42.91 7.22
C GLU H 11 29.23 42.36 6.16
N CYS H 12 30.25 41.59 6.56
CA CYS H 12 31.20 40.97 5.63
C CYS H 12 31.26 39.48 5.91
N PRO H 13 30.20 38.74 5.59
CA PRO H 13 30.17 37.31 5.94
C PRO H 13 30.95 36.42 5.00
N TRP H 14 31.23 36.85 3.77
CA TRP H 14 31.91 36.00 2.81
C TRP H 14 33.43 36.00 2.99
N GLN H 15 33.94 36.62 4.06
CA GLN H 15 35.37 36.62 4.32
C GLN H 15 35.79 35.31 5.00
N VAL H 16 36.93 34.78 4.56
CA VAL H 16 37.45 33.50 5.04
C VAL H 16 38.88 33.71 5.53
N LEU H 17 39.19 33.11 6.68
CA LEU H 17 40.53 33.18 7.26
C LEU H 17 41.27 31.88 6.96
N LEU H 18 42.37 31.98 6.23
CA LEU H 18 43.19 30.83 5.88
C LEU H 18 44.37 30.74 6.84
N LEU H 19 44.49 29.61 7.52
CA LEU H 19 45.54 29.39 8.50
C LEU H 19 46.39 28.20 8.09
N VAL H 20 47.71 28.38 8.12
CA VAL H 20 48.66 27.31 7.87
C VAL H 20 49.52 27.15 9.12
N ASN H 21 49.56 25.92 9.65
CA ASN H 21 50.25 25.63 10.91
C ASN H 21 49.74 26.52 12.03
N GLY H 22 48.44 26.82 11.99
CA GLY H 22 47.84 27.72 12.97
C GLY H 22 48.38 29.13 12.92
N ALA H 23 48.64 29.63 11.71
CA ALA H 23 49.19 30.98 11.53
C ALA H 23 48.46 31.67 10.40
N GLN H 24 48.31 32.99 10.52
CA GLN H 24 47.61 33.77 9.50
C GLN H 24 48.41 33.78 8.20
N LEU H 25 47.77 33.37 7.11
CA LEU H 25 48.41 33.33 5.80
C LEU H 25 47.77 34.31 4.82
N CYS H 26 46.47 34.16 4.55
CA CYS H 26 45.79 34.97 3.55
C CYS H 26 44.30 34.95 3.84
N GLY H 27 43.58 35.87 3.19
CA GLY H 27 42.13 35.88 3.26
C GLY H 27 41.51 34.92 2.27
N GLY H 28 40.19 34.95 2.21
CA GLY H 28 39.46 34.09 1.30
C GLY H 28 38.03 34.55 1.13
N THR H 29 37.41 34.07 0.06
CA THR H 29 36.02 34.39 -0.25
C THR H 29 35.22 33.11 -0.32
N LEU H 30 34.10 33.07 0.42
CA LEU H 30 33.21 31.92 0.43
C LEU H 30 32.12 32.14 -0.61
N ILE H 31 32.00 31.21 -1.55
CA ILE H 31 31.02 31.30 -2.63
C ILE H 31 29.94 30.24 -2.48
N ASN H 32 30.31 29.03 -2.06
CA ASN H 32 29.35 27.96 -1.81
C ASN H 32 29.70 27.30 -0.48
N THR H 33 28.88 26.32 -0.10
CA THR H 33 29.09 25.65 1.19
C THR H 33 30.37 24.82 1.22
N ILE H 34 30.94 24.50 0.06
CA ILE H 34 32.10 23.61 0.02
C ILE H 34 33.32 24.33 -0.55
N TRP H 35 33.08 25.30 -1.43
CA TRP H 35 34.15 25.92 -2.21
C TRP H 35 34.50 27.31 -1.66
N VAL H 36 35.81 27.56 -1.57
CA VAL H 36 36.35 28.83 -1.12
C VAL H 36 37.36 29.30 -2.17
N VAL H 37 37.35 30.61 -2.46
CA VAL H 37 38.20 31.19 -3.49
C VAL H 37 39.12 32.22 -2.84
N SER H 38 40.41 32.13 -3.14
CA SER H 38 41.41 33.06 -2.62
C SER H 38 42.52 33.19 -3.66
N ALA H 39 43.61 33.86 -3.28
CA ALA H 39 44.73 34.08 -4.17
C ALA H 39 45.58 32.81 -4.28
N ALA H 40 46.45 32.79 -5.30
CA ALA H 40 47.29 31.63 -5.58
C ALA H 40 48.71 31.78 -5.08
N HIS H 41 49.23 33.00 -5.00
CA HIS H 41 50.61 33.20 -4.55
C HIS H 41 50.80 32.89 -3.07
N CYS H 42 49.72 32.71 -2.31
CA CYS H 42 49.83 32.37 -0.90
C CYS H 42 50.41 30.98 -0.69
N PHE H 43 50.37 30.12 -1.70
CA PHE H 43 50.76 28.73 -1.57
C PHE H 43 52.12 28.43 -2.19
N ASP H 44 52.91 29.46 -2.51
CA ASP H 44 54.22 29.23 -3.09
C ASP H 44 55.16 28.57 -2.09
N LYS H 45 55.28 29.15 -0.89
CA LYS H 45 56.22 28.68 0.12
C LYS H 45 55.50 27.82 1.16
N ILE H 46 55.01 26.66 0.68
CA ILE H 46 54.32 25.72 1.56
C ILE H 46 54.62 24.30 1.09
N LYS H 47 54.76 23.38 2.04
CA LYS H 47 54.94 21.98 1.72
C LYS H 47 54.11 21.04 2.60
N ASN H 48 53.50 21.52 3.66
CA ASN H 48 52.61 20.71 4.51
C ASN H 48 51.18 21.12 4.18
N TRP H 49 50.52 20.33 3.34
CA TRP H 49 49.19 20.66 2.86
C TRP H 49 48.06 20.11 3.73
N ARG H 50 48.37 19.29 4.73
CA ARG H 50 47.32 18.68 5.53
C ARG H 50 46.71 19.64 6.54
N ASN H 51 47.50 20.60 7.03
CA ASN H 51 47.08 21.46 8.14
C ASN H 51 46.41 22.75 7.67
N LEU H 52 45.93 22.81 6.44
CA LEU H 52 45.25 24.00 5.94
C LEU H 52 43.81 24.02 6.45
N ILE H 53 43.48 25.05 7.22
CA ILE H 53 42.16 25.18 7.85
C ILE H 53 41.59 26.53 7.50
N ALA H 54 40.29 26.56 7.21
CA ALA H 54 39.58 27.79 6.90
C ALA H 54 38.62 28.12 8.04
N VAL H 55 38.69 29.35 8.54
CA VAL H 55 37.85 29.83 9.64
C VAL H 55 36.83 30.80 9.06
N LEU H 56 35.55 30.51 9.32
CA LEU H 56 34.45 31.29 8.77
C LEU H 56 33.64 31.92 9.90
N GLY H 57 33.14 33.13 9.65
CA GLY H 57 32.41 33.88 10.64
C GLY H 57 33.27 34.61 11.64
N GLU H 58 34.59 34.48 11.56
CA GLU H 58 35.48 35.14 12.49
C GLU H 58 35.54 36.64 12.20
N HIS H 59 35.41 37.44 13.24
CA HIS H 59 35.55 38.89 13.12
C HIS H 59 36.66 39.46 13.98
N ASP H 60 36.72 39.07 15.25
CA ASP H 60 37.74 39.56 16.18
C ASP H 60 38.73 38.44 16.45
N LEU H 61 39.99 38.64 16.02
CA LEU H 61 41.00 37.61 16.15
C LEU H 61 41.40 37.34 17.60
N SER H 62 40.99 38.19 18.54
CA SER H 62 41.35 38.02 19.94
C SER H 62 40.31 37.25 20.74
N GLU H 63 39.03 37.51 20.47
CA GLU H 63 37.94 36.87 21.20
C GLU H 63 37.30 35.77 20.35
N HIS H 64 36.98 34.66 20.99
CA HIS H 64 36.34 33.51 20.33
C HIS H 64 34.87 33.48 20.75
N ASP H 65 34.00 34.07 19.94
CA ASP H 65 32.57 34.00 20.16
C ASP H 65 31.98 32.78 19.46
N GLY H 66 30.71 32.51 19.73
CA GLY H 66 30.06 31.31 19.22
C GLY H 66 29.78 31.33 17.73
N ASP H 67 29.93 32.48 17.07
CA ASP H 67 29.68 32.58 15.64
C ASP H 67 30.82 32.05 14.79
N GLU H 68 32.00 31.84 15.37
CA GLU H 68 33.13 31.35 14.58
C GLU H 68 32.97 29.88 14.24
N GLN H 69 33.33 29.54 13.01
CA GLN H 69 33.31 28.17 12.53
C GLN H 69 34.62 27.86 11.83
N SER H 70 35.03 26.59 11.88
CA SER H 70 36.29 26.17 11.28
C SER H 70 36.08 24.84 10.57
N ARG H 71 36.62 24.74 9.36
CA ARG H 71 36.52 23.52 8.56
C ARG H 71 37.87 23.21 7.94
N ARG H 72 38.12 21.93 7.70
CA ARG H 72 39.37 21.48 7.11
C ARG H 72 39.35 21.66 5.59
N VAL H 73 40.46 22.13 5.05
CA VAL H 73 40.61 22.28 3.60
C VAL H 73 41.24 21.00 3.06
N ALA H 74 40.58 20.39 2.07
CA ALA H 74 41.02 19.12 1.52
C ALA H 74 41.56 19.21 0.10
N GLN H 75 41.45 20.36 -0.55
CA GLN H 75 41.91 20.50 -1.94
C GLN H 75 42.26 21.94 -2.23
N VAL H 76 43.35 22.13 -2.97
CA VAL H 76 43.77 23.44 -3.45
C VAL H 76 43.95 23.35 -4.96
N ILE H 77 43.34 24.26 -5.70
CA ILE H 77 43.34 24.25 -7.16
C ILE H 77 43.99 25.51 -7.67
N ILE H 78 44.95 25.36 -8.57
CA ILE H 78 45.66 26.49 -9.17
C ILE H 78 45.72 26.25 -10.68
N PRO H 79 45.51 27.28 -11.51
CA PRO H 79 45.61 27.09 -12.96
C PRO H 79 46.99 26.65 -13.38
N SER H 80 47.05 25.81 -14.41
CA SER H 80 48.32 25.29 -14.89
C SER H 80 49.22 26.38 -15.45
N THR H 81 48.66 27.50 -15.88
CA THR H 81 49.43 28.59 -16.44
C THR H 81 49.98 29.54 -15.39
N TYR H 82 50.09 29.11 -14.14
CA TYR H 82 50.61 29.91 -13.05
C TYR H 82 51.99 29.39 -12.65
N VAL H 83 52.95 30.29 -12.57
CA VAL H 83 54.31 29.98 -12.11
C VAL H 83 54.49 30.62 -10.74
N PRO H 84 55.02 29.91 -9.75
CA PRO H 84 55.22 30.52 -8.43
C PRO H 84 56.14 31.73 -8.50
N GLY H 85 55.82 32.74 -7.70
CA GLY H 85 56.56 33.99 -7.72
C GLY H 85 56.14 34.96 -8.80
N THR H 86 55.06 34.67 -9.53
CA THR H 86 54.56 35.55 -10.58
C THR H 86 53.16 36.04 -10.23
N THR H 87 52.85 37.25 -10.70
CA THR H 87 51.57 37.86 -10.40
C THR H 87 50.45 37.40 -11.33
N ASN H 88 50.78 36.93 -12.53
CA ASN H 88 49.75 36.52 -13.47
C ASN H 88 49.06 35.25 -13.01
N HIS H 89 47.75 35.16 -13.28
CA HIS H 89 46.92 34.00 -12.92
C HIS H 89 46.98 33.74 -11.41
N ASP H 90 46.64 34.78 -10.64
CA ASP H 90 46.66 34.71 -9.18
C ASP H 90 45.24 34.43 -8.69
N ILE H 91 44.86 33.14 -8.76
CA ILE H 91 43.54 32.70 -8.30
C ILE H 91 43.68 31.26 -7.80
N ALA H 92 42.90 30.93 -6.78
CA ALA H 92 42.92 29.59 -6.20
C ALA H 92 41.52 29.18 -5.80
N LEU H 93 41.20 27.90 -6.00
CA LEU H 93 39.92 27.33 -5.63
C LEU H 93 40.15 26.26 -4.58
N LEU H 94 39.49 26.39 -3.44
CA LEU H 94 39.69 25.51 -2.29
C LEU H 94 38.40 24.74 -1.98
N ARG H 95 38.56 23.44 -1.71
CA ARG H 95 37.44 22.58 -1.33
C ARG H 95 37.58 22.18 0.13
N LEU H 96 36.52 22.38 0.90
CA LEU H 96 36.53 21.99 2.30
C LEU H 96 36.23 20.50 2.45
N HIS H 97 36.84 19.89 3.47
CA HIS H 97 36.60 18.48 3.74
C HIS H 97 35.13 18.23 4.08
N GLN H 98 34.54 19.10 4.88
CA GLN H 98 33.12 19.07 5.19
C GLN H 98 32.52 20.45 4.99
N PRO H 99 31.26 20.52 4.59
CA PRO H 99 30.63 21.82 4.33
C PRO H 99 30.42 22.61 5.62
N VAL H 100 30.08 23.88 5.43
CA VAL H 100 29.82 24.78 6.54
C VAL H 100 28.32 24.94 6.70
N VAL H 101 27.89 25.33 7.89
CA VAL H 101 26.49 25.60 8.19
C VAL H 101 26.25 27.09 7.97
N LEU H 102 25.46 27.43 6.95
CA LEU H 102 25.21 28.82 6.63
C LEU H 102 24.36 29.46 7.72
N THR H 103 24.90 30.47 8.39
CA THR H 103 24.24 31.17 9.48
C THR H 103 24.19 32.65 9.17
N ASP H 104 23.68 33.43 10.13
CA ASP H 104 23.57 34.87 9.95
C ASP H 104 24.94 35.55 9.89
N HIS H 105 25.98 34.90 10.39
CA HIS H 105 27.34 35.43 10.33
C HIS H 105 28.23 34.72 9.32
N VAL H 106 27.70 33.72 8.61
CA VAL H 106 28.45 33.00 7.59
C VAL H 106 27.53 32.88 6.38
N VAL H 107 27.74 33.75 5.39
CA VAL H 107 26.91 33.76 4.18
C VAL H 107 27.82 33.85 2.96
N PRO H 108 27.60 33.03 1.95
CA PRO H 108 28.47 33.07 0.76
C PRO H 108 28.17 34.26 -0.12
N LEU H 109 29.12 34.53 -1.02
CA LEU H 109 29.03 35.64 -1.97
C LEU H 109 28.76 35.07 -3.35
N CYS H 110 27.80 35.66 -4.06
CA CYS H 110 27.39 35.14 -5.37
C CYS H 110 28.53 35.27 -6.37
N LEU H 111 28.68 34.24 -7.20
CA LEU H 111 29.64 34.27 -8.29
C LEU H 111 28.91 34.65 -9.57
N PRO H 112 29.14 35.83 -10.13
CA PRO H 112 28.35 36.29 -11.27
C PRO H 112 28.69 35.54 -12.55
N GLU H 113 27.75 35.59 -13.49
CA GLU H 113 28.02 35.05 -14.82
C GLU H 113 29.07 35.88 -15.53
N ARG H 114 29.81 35.23 -16.44
CA ARG H 114 30.90 35.92 -17.13
C ARG H 114 30.39 37.11 -17.93
N THR H 115 29.28 36.95 -18.65
CA THR H 115 28.73 38.07 -19.42
C THR H 115 28.24 39.17 -18.50
N PHE H 116 27.56 38.82 -17.41
CA PHE H 116 27.04 39.82 -16.48
C PHE H 116 28.15 40.58 -15.78
N SER H 117 29.24 39.89 -15.42
CA SER H 117 30.34 40.54 -14.72
C SER H 117 31.16 41.42 -15.66
N GLU H 118 31.26 41.05 -16.93
CA GLU H 118 32.12 41.76 -17.86
C GLU H 118 31.52 43.08 -18.36
N ARG H 119 30.21 43.27 -18.21
CA ARG H 119 29.56 44.43 -18.81
C ARG H 119 28.88 45.34 -17.80
N THR H 120 28.18 44.78 -16.82
CA THR H 120 27.40 45.58 -15.88
C THR H 120 28.10 45.82 -14.56
N LEU H 121 28.70 44.79 -13.97
CA LEU H 121 29.33 44.94 -12.65
C LEU H 121 30.63 45.72 -12.73
N ALA H 122 31.29 45.71 -13.89
CA ALA H 122 32.58 46.37 -14.02
C ALA H 122 32.48 47.89 -14.09
N PHE H 123 31.28 48.44 -14.30
CA PHE H 123 31.11 49.87 -14.51
C PHE H 123 30.26 50.51 -13.43
N VAL H 124 30.28 49.95 -12.22
CA VAL H 124 29.62 50.54 -11.06
C VAL H 124 30.66 50.73 -9.97
N ARG H 125 30.68 51.91 -9.36
CA ARG H 125 31.61 52.23 -8.29
C ARG H 125 31.05 51.80 -6.93
N PHE H 126 30.68 50.52 -6.84
CA PHE H 126 30.12 49.96 -5.62
C PHE H 126 31.00 48.83 -5.13
N SER H 127 32.31 49.05 -5.12
CA SER H 127 33.29 48.01 -4.84
C SER H 127 33.80 48.11 -3.41
N LEU H 128 33.80 46.97 -2.71
CA LEU H 128 34.25 46.90 -1.33
C LEU H 128 35.32 45.83 -1.19
N VAL H 129 36.37 46.14 -0.43
CA VAL H 129 37.46 45.21 -0.15
C VAL H 129 37.60 45.08 1.36
N SER H 130 37.78 43.84 1.83
CA SER H 130 37.88 43.55 3.25
C SER H 130 39.04 42.59 3.50
N GLY H 131 39.56 42.63 4.71
CA GLY H 131 40.65 41.75 5.10
C GLY H 131 41.20 42.15 6.45
N TRP H 132 42.11 41.30 6.95
CA TRP H 132 42.77 41.51 8.22
C TRP H 132 44.23 41.91 8.06
N GLY H 133 44.60 42.45 6.91
CA GLY H 133 45.98 42.79 6.62
C GLY H 133 46.50 43.91 7.50
N GLN H 134 47.72 44.33 7.18
CA GLN H 134 48.38 45.37 7.96
C GLN H 134 47.62 46.68 7.86
N LEU H 135 47.35 47.29 9.01
CA LEU H 135 46.59 48.53 9.05
C LEU H 135 47.40 49.70 8.50
N LEU H 136 48.71 49.70 8.75
CA LEU H 136 49.59 50.75 8.27
C LEU H 136 50.66 50.14 7.38
N ASP H 137 51.43 51.02 6.72
CA ASP H 137 52.52 50.57 5.87
C ASP H 137 53.57 49.85 6.71
N ARG H 138 53.76 48.56 6.43
CA ARG H 138 54.66 47.66 7.16
C ARG H 138 54.62 47.94 8.66
N GLY H 139 53.41 47.94 9.21
CA GLY H 139 53.21 48.22 10.62
C GLY H 139 52.71 47.02 11.41
N ALA H 140 51.45 47.08 11.83
CA ALA H 140 50.84 46.03 12.65
C ALA H 140 49.53 45.60 12.02
N THR H 141 49.23 44.30 12.14
CA THR H 141 47.98 43.76 11.60
C THR H 141 46.82 44.08 12.53
N ALA H 142 45.66 44.37 11.94
CA ALA H 142 44.49 44.76 12.70
C ALA H 142 43.84 43.54 13.36
N LEU H 143 43.23 43.78 14.53
CA LEU H 143 42.54 42.72 15.25
C LEU H 143 41.11 42.50 14.76
N GLU H 144 40.50 43.51 14.16
CA GLU H 144 39.13 43.41 13.66
C GLU H 144 39.11 43.64 12.16
N LEU H 145 38.05 43.13 11.52
CA LEU H 145 37.91 43.22 10.07
C LEU H 145 37.73 44.67 9.65
N MET H 146 38.48 45.08 8.62
CA MET H 146 38.45 46.44 8.12
C MET H 146 37.94 46.43 6.68
N VAL H 147 36.98 47.32 6.38
CA VAL H 147 36.40 47.42 5.05
C VAL H 147 36.62 48.84 4.54
N LEU H 148 36.88 48.96 3.24
CA LEU H 148 37.07 50.26 2.60
C LEU H 148 36.34 50.27 1.27
N ASN H 149 35.85 51.45 0.90
CA ASN H 149 35.14 51.64 -0.36
C ASN H 149 36.15 52.10 -1.41
N VAL H 150 36.24 51.35 -2.50
CA VAL H 150 37.30 51.56 -3.49
C VAL H 150 36.68 51.76 -4.87
N PRO H 151 37.26 52.61 -5.72
CA PRO H 151 36.78 52.70 -7.10
C PRO H 151 37.52 51.74 -8.03
N ARG H 152 36.80 51.31 -9.06
CA ARG H 152 37.36 50.46 -10.09
C ARG H 152 37.78 51.31 -11.28
N LEU H 153 38.97 51.05 -11.80
CA LEU H 153 39.53 51.80 -12.91
C LEU H 153 39.86 50.84 -14.06
N MET H 154 39.66 51.32 -15.29
CA MET H 154 40.02 50.55 -16.46
C MET H 154 41.54 50.49 -16.61
N THR H 155 42.01 49.50 -17.37
CA THR H 155 43.44 49.33 -17.55
C THR H 155 44.07 50.54 -18.25
N GLN H 156 43.37 51.09 -19.24
CA GLN H 156 43.89 52.24 -19.97
C GLN H 156 44.08 53.44 -19.05
N ASP H 157 43.09 53.72 -18.19
CA ASP H 157 43.23 54.83 -17.25
C ASP H 157 44.22 54.52 -16.14
N CYS H 158 44.33 53.24 -15.75
CA CYS H 158 45.26 52.87 -14.69
C CYS H 158 46.70 53.14 -15.09
N LEU H 159 47.07 52.81 -16.33
CA LEU H 159 48.46 52.97 -16.76
C LEU H 159 48.86 54.43 -16.82
N GLN H 160 47.97 55.29 -17.31
CA GLN H 160 48.34 56.70 -17.51
C GLN H 160 48.51 57.42 -16.17
N GLN H 161 47.57 57.24 -15.25
CA GLN H 161 47.64 57.92 -13.96
C GLN H 161 48.73 57.35 -13.06
N SER H 162 49.10 56.09 -13.25
CA SER H 162 50.17 55.48 -12.46
C SER H 162 51.53 55.86 -13.05
N ARG H 163 52.47 56.18 -12.17
CA ARG H 163 53.83 56.45 -12.59
C ARG H 163 54.54 55.14 -12.95
N LYS H 164 55.34 55.18 -14.02
CA LYS H 164 55.99 53.99 -14.54
C LYS H 164 57.33 53.82 -13.83
N VAL H 165 57.31 53.06 -12.73
CA VAL H 165 58.47 52.89 -11.86
C VAL H 165 58.99 51.47 -12.02
N GLY H 166 60.24 51.35 -12.46
CA GLY H 166 60.99 50.11 -12.38
C GLY H 166 60.35 48.91 -13.04
N ASP H 167 59.71 49.10 -14.20
CA ASP H 167 59.12 48.02 -14.98
C ASP H 167 58.18 47.16 -14.13
N SER H 168 57.10 47.80 -13.70
CA SER H 168 56.08 47.10 -12.93
C SER H 168 55.42 46.03 -13.79
N PRO H 169 54.88 44.98 -13.18
CA PRO H 169 54.26 43.90 -13.97
C PRO H 169 53.12 44.41 -14.83
N ASN H 170 53.01 43.84 -16.03
CA ASN H 170 52.01 44.30 -17.00
C ASN H 170 50.61 43.95 -16.52
N ILE H 171 49.66 44.85 -16.80
CA ILE H 171 48.24 44.62 -16.50
C ILE H 171 47.70 43.76 -17.62
N THR H 172 47.63 42.45 -17.39
CA THR H 172 47.18 41.51 -18.41
C THR H 172 45.66 41.55 -18.52
N GLU H 173 45.10 40.64 -19.30
CA GLU H 173 43.65 40.56 -19.48
C GLU H 173 42.94 39.89 -18.31
N TYR H 174 43.69 39.39 -17.32
CA TYR H 174 43.12 38.73 -16.16
C TYR H 174 43.21 39.58 -14.90
N MET H 175 43.58 40.86 -15.01
CA MET H 175 43.72 41.72 -13.84
C MET H 175 43.29 43.14 -14.19
N PHE H 176 42.98 43.90 -13.15
CA PHE H 176 42.55 45.29 -13.30
C PHE H 176 42.95 46.07 -12.06
N CYS H 177 43.25 47.35 -12.25
CA CYS H 177 43.65 48.20 -11.13
C CYS H 177 42.43 48.77 -10.42
N ALA H 178 42.60 49.05 -9.13
CA ALA H 178 41.54 49.65 -8.32
C ALA H 178 42.16 50.24 -7.06
N GLY H 179 41.92 51.52 -6.84
CA GLY H 179 42.44 52.19 -5.67
C GLY H 179 42.67 53.66 -5.95
N TYR H 180 43.44 54.29 -5.06
CA TYR H 180 43.81 55.69 -5.18
C TYR H 180 45.33 55.80 -5.28
N SER H 181 45.78 56.82 -6.02
CA SER H 181 47.21 57.04 -6.24
C SER H 181 47.84 58.01 -5.26
N ASP H 182 47.06 58.57 -4.33
CA ASP H 182 47.58 59.53 -3.38
C ASP H 182 48.18 58.88 -2.13
N GLY H 183 48.16 57.55 -2.05
CA GLY H 183 48.66 56.86 -0.88
C GLY H 183 47.72 56.83 0.30
N SER H 184 46.47 57.25 0.12
CA SER H 184 45.52 57.25 1.23
C SER H 184 44.91 55.87 1.43
N LYS H 185 44.40 55.26 0.37
CA LYS H 185 43.78 53.95 0.43
C LYS H 185 44.40 53.03 -0.61
N ASP H 186 44.66 51.79 -0.20
CA ASP H 186 45.27 50.79 -1.09
C ASP H 186 45.01 49.41 -0.49
N SER H 187 45.23 48.39 -1.31
CA SER H 187 45.12 47.00 -0.88
C SER H 187 46.49 46.55 -0.38
N CYS H 188 46.64 46.42 0.93
CA CYS H 188 47.91 46.04 1.51
C CYS H 188 48.13 44.53 1.39
N LYS H 189 49.27 44.06 1.86
CA LYS H 189 49.54 42.64 1.90
C LYS H 189 48.85 42.01 3.10
N GLY H 190 48.76 40.68 3.10
CA GLY H 190 48.01 39.96 4.08
C GLY H 190 46.51 39.93 3.82
N ASP H 191 46.01 40.83 2.98
CA ASP H 191 44.63 40.82 2.53
C ASP H 191 44.43 40.02 1.25
N SER H 192 45.48 39.35 0.78
CA SER H 192 45.40 38.58 -0.46
C SER H 192 44.31 37.52 -0.36
N GLY H 193 43.56 37.37 -1.45
CA GLY H 193 42.40 36.51 -1.44
C GLY H 193 41.15 37.12 -0.87
N GLY H 194 41.19 38.39 -0.48
CA GLY H 194 40.05 39.06 0.07
C GLY H 194 38.96 39.29 -0.97
N PRO H 195 37.72 39.40 -0.51
CA PRO H 195 36.59 39.56 -1.44
C PRO H 195 36.49 40.98 -1.96
N HIS H 196 36.48 41.13 -3.28
CA HIS H 196 36.18 42.40 -3.93
C HIS H 196 34.69 42.39 -4.31
N ALA H 197 33.86 42.56 -3.29
CA ALA H 197 32.42 42.50 -3.46
C ALA H 197 31.91 43.75 -4.18
N THR H 198 30.88 43.55 -5.00
CA THR H 198 30.23 44.62 -5.75
C THR H 198 28.73 44.52 -5.57
N HIS H 199 28.07 45.66 -5.44
CA HIS H 199 26.65 45.75 -5.17
C HIS H 199 25.89 46.16 -6.43
N TYR H 200 24.78 45.47 -6.71
CA TYR H 200 23.94 45.80 -7.85
C TYR H 200 22.51 45.39 -7.53
N ARG H 201 21.69 46.38 -7.15
CA ARG H 201 20.26 46.19 -6.94
C ARG H 201 19.96 45.14 -5.87
N GLY H 202 20.48 45.40 -4.67
CA GLY H 202 20.17 44.57 -3.52
C GLY H 202 20.88 43.24 -3.45
N THR H 203 21.82 42.97 -4.35
CA THR H 203 22.56 41.71 -4.35
C THR H 203 24.05 42.01 -4.50
N TRP H 204 24.86 41.10 -3.97
CA TRP H 204 26.32 41.24 -3.98
C TRP H 204 26.93 40.12 -4.82
N TYR H 205 27.92 40.50 -5.63
CA TYR H 205 28.65 39.55 -6.47
C TYR H 205 30.14 39.77 -6.33
N LEU H 206 30.91 38.71 -6.57
CA LEU H 206 32.36 38.76 -6.49
C LEU H 206 32.94 39.19 -7.83
N THR H 207 33.76 40.24 -7.81
CA THR H 207 34.33 40.78 -9.04
C THR H 207 35.85 40.74 -9.09
N GLY H 208 36.53 40.70 -7.96
CA GLY H 208 37.98 40.72 -7.97
C GLY H 208 38.57 39.98 -6.78
N ILE H 209 39.87 39.76 -6.86
CA ILE H 209 40.64 39.11 -5.80
C ILE H 209 41.92 39.91 -5.58
N VAL H 210 42.23 40.24 -4.33
CA VAL H 210 43.44 40.97 -4.02
C VAL H 210 44.63 40.06 -4.31
N SER H 211 45.43 40.42 -5.30
CA SER H 211 46.53 39.57 -5.75
C SER H 211 47.89 40.21 -5.51
N TRP H 212 48.11 41.42 -6.02
CA TRP H 212 49.42 42.05 -5.89
C TRP H 212 49.27 43.56 -6.02
N GLY H 213 49.96 44.28 -5.14
CA GLY H 213 50.05 45.72 -5.25
C GLY H 213 51.51 46.15 -5.30
N GLN H 214 51.77 47.37 -5.75
CA GLN H 214 53.16 47.85 -5.78
C GLN H 214 53.75 47.93 -4.38
N GLY H 215 52.91 48.09 -3.36
CA GLY H 215 53.36 48.11 -1.99
C GLY H 215 52.20 48.28 -1.03
N CYS H 216 52.40 49.06 0.02
CA CYS H 216 51.36 49.39 0.98
C CYS H 216 51.16 50.90 0.96
N ALA H 217 50.07 51.34 0.32
CA ALA H 217 49.76 52.76 0.16
C ALA H 217 50.91 53.52 -0.50
N THR H 218 51.47 52.91 -1.55
CA THR H 218 52.56 53.54 -2.28
C THR H 218 52.04 54.74 -3.08
N VAL H 219 52.77 55.84 -3.02
CA VAL H 219 52.37 57.05 -3.71
C VAL H 219 52.49 56.84 -5.22
N GLY H 220 51.45 57.24 -5.95
CA GLY H 220 51.46 57.12 -7.40
C GLY H 220 51.30 55.70 -7.92
N HIS H 221 50.53 54.87 -7.23
CA HIS H 221 50.28 53.51 -7.69
C HIS H 221 48.91 53.06 -7.20
N PHE H 222 48.33 52.10 -7.92
CA PHE H 222 47.01 51.58 -7.64
C PHE H 222 47.11 50.14 -7.15
N GLY H 223 45.96 49.60 -6.75
CA GLY H 223 45.88 48.22 -6.30
C GLY H 223 45.34 47.29 -7.37
N VAL H 224 46.21 46.49 -7.97
CA VAL H 224 45.82 45.62 -9.07
C VAL H 224 45.10 44.40 -8.51
N TYR H 225 43.90 44.14 -9.00
CA TYR H 225 43.07 43.02 -8.58
C TYR H 225 42.89 42.05 -9.73
N THR H 226 42.71 40.77 -9.39
CA THR H 226 42.51 39.73 -10.39
C THR H 226 41.09 39.79 -10.95
N ARG H 227 40.97 39.75 -12.27
CA ARG H 227 39.66 39.73 -12.90
C ARG H 227 39.01 38.36 -12.71
N VAL H 228 37.84 38.34 -12.11
CA VAL H 228 37.08 37.11 -11.95
C VAL H 228 36.01 36.97 -13.04
N SER H 229 36.17 37.70 -14.15
CA SER H 229 35.26 37.56 -15.28
C SER H 229 35.74 36.54 -16.29
N GLN H 230 37.04 36.28 -16.35
CA GLN H 230 37.61 35.30 -17.28
C GLN H 230 37.79 33.93 -16.64
N TYR H 231 37.34 33.74 -15.41
CA TYR H 231 37.55 32.48 -14.69
C TYR H 231 36.26 31.83 -14.23
N ILE H 232 35.10 32.38 -14.59
CA ILE H 232 33.83 31.81 -14.15
C ILE H 232 33.65 30.40 -14.69
N GLU H 233 33.95 30.21 -15.99
CA GLU H 233 33.85 28.87 -16.56
C GLU H 233 34.86 27.92 -15.93
N TRP H 234 36.09 28.40 -15.71
CA TRP H 234 37.12 27.56 -15.10
C TRP H 234 36.75 27.17 -13.67
N LEU H 235 36.25 28.12 -12.89
CA LEU H 235 35.88 27.81 -11.50
C LEU H 235 34.73 26.82 -11.43
N GLN H 236 33.71 27.00 -12.27
CA GLN H 236 32.56 26.12 -12.25
C GLN H 236 32.82 24.77 -12.92
N LYS H 237 33.81 24.69 -13.82
CA LYS H 237 34.12 23.43 -14.46
C LYS H 237 34.59 22.39 -13.44
N LEU H 238 35.45 22.80 -12.51
CA LEU H 238 35.92 21.90 -11.47
C LEU H 238 34.97 21.83 -10.29
N MET H 239 34.15 22.85 -10.08
CA MET H 239 33.20 22.83 -8.96
C MET H 239 32.21 21.69 -9.12
N ARG H 240 31.80 21.40 -10.35
CA ARG H 240 30.82 20.36 -10.63
C ARG H 240 31.47 19.04 -11.03
N SER H 241 32.75 18.87 -10.73
CA SER H 241 33.47 17.65 -11.07
C SER H 241 33.51 16.70 -9.87
N GLU H 242 34.07 15.52 -10.10
CA GLU H 242 34.19 14.52 -9.05
C GLU H 242 35.40 14.82 -8.16
N PRO H 243 35.39 14.35 -6.91
CA PRO H 243 36.54 14.62 -6.02
C PRO H 243 37.76 13.80 -6.35
N ARG H 244 38.56 14.28 -7.30
CA ARG H 244 39.78 13.60 -7.69
C ARG H 244 40.79 13.63 -6.52
N PRO H 245 41.64 12.58 -6.41
CA PRO H 245 42.57 12.49 -5.27
C PRO H 245 43.82 13.37 -5.42
N GLY H 246 43.60 14.66 -5.65
CA GLY H 246 44.70 15.59 -5.79
C GLY H 246 44.66 16.72 -4.79
N VAL H 247 45.66 16.79 -3.91
CA VAL H 247 45.71 17.86 -2.93
C VAL H 247 45.98 19.19 -3.60
N LEU H 248 46.98 19.24 -4.48
CA LEU H 248 47.30 20.42 -5.27
C LEU H 248 47.28 20.01 -6.73
N LEU H 249 46.15 20.26 -7.40
CA LEU H 249 45.99 19.91 -8.80
C LEU H 249 46.09 21.17 -9.65
N ARG H 250 46.94 21.12 -10.68
CA ARG H 250 47.09 22.23 -11.61
C ARG H 250 46.13 21.99 -12.77
N ALA H 251 44.89 22.41 -12.56
CA ALA H 251 43.84 22.19 -13.55
C ALA H 251 44.14 22.97 -14.83
N PRO H 252 43.87 22.39 -16.00
CA PRO H 252 44.17 23.10 -17.26
C PRO H 252 43.22 24.27 -17.45
N PHE H 253 43.79 25.44 -17.74
CA PHE H 253 42.99 26.62 -18.04
C PHE H 253 42.85 26.75 -19.55
N PRO H 254 41.62 26.81 -20.09
CA PRO H 254 40.35 26.75 -19.36
C PRO H 254 39.85 25.33 -19.10
N ASP I 3 16.30 81.93 -40.30
CA ASP I 3 15.98 80.84 -39.39
C ASP I 3 16.34 79.50 -40.02
N GLN I 4 16.86 78.59 -39.19
CA GLN I 4 17.21 77.25 -39.63
C GLN I 4 16.07 76.25 -39.46
N CYS I 5 14.91 76.69 -38.96
CA CYS I 5 13.78 75.82 -38.74
C CYS I 5 12.84 75.73 -39.93
N ALA I 6 13.22 76.33 -41.07
CA ALA I 6 12.40 76.24 -42.27
C ALA I 6 12.30 74.81 -42.79
N SER I 7 13.28 73.97 -42.49
CA SER I 7 13.24 72.55 -42.82
C SER I 7 12.52 71.81 -41.69
N SER I 8 12.64 70.48 -41.65
CA SER I 8 12.02 69.70 -40.59
C SER I 8 13.08 69.08 -39.69
N PRO I 9 13.73 69.86 -38.82
CA PRO I 9 14.80 69.31 -37.97
C PRO I 9 14.25 68.43 -36.86
N CYS I 10 13.22 68.90 -36.16
CA CYS I 10 12.64 68.14 -35.07
C CYS I 10 11.73 67.06 -35.62
N GLN I 11 11.89 65.84 -35.12
CA GLN I 11 11.12 64.69 -35.57
C GLN I 11 10.40 64.08 -34.38
N ASN I 12 9.19 63.60 -34.62
CA ASN I 12 8.37 62.91 -33.62
C ASN I 12 8.03 63.85 -32.45
N GLY I 13 7.34 64.94 -32.79
CA GLY I 13 6.78 65.82 -31.79
C GLY I 13 7.72 66.85 -31.21
N GLY I 14 8.93 66.97 -31.73
CA GLY I 14 9.87 67.95 -31.20
C GLY I 14 9.55 69.37 -31.64
N SER I 15 10.06 70.32 -30.86
CA SER I 15 9.89 71.74 -31.16
C SER I 15 11.26 72.40 -31.21
N CYS I 16 11.54 73.10 -32.30
CA CYS I 16 12.82 73.76 -32.51
C CYS I 16 12.69 75.26 -32.28
N LYS I 17 13.82 75.87 -31.94
CA LYS I 17 13.91 77.32 -31.79
C LYS I 17 15.13 77.82 -32.54
N ASP I 18 15.02 79.04 -33.07
CA ASP I 18 16.06 79.57 -33.92
C ASP I 18 17.32 79.90 -33.12
N GLN I 19 18.47 79.50 -33.65
CA GLN I 19 19.76 79.82 -33.07
C GLN I 19 20.73 80.13 -34.20
N LEU I 20 21.80 80.85 -33.87
CA LEU I 20 22.74 81.30 -34.89
C LEU I 20 23.44 80.10 -35.51
N GLN I 21 23.06 79.77 -36.74
CA GLN I 21 23.65 78.68 -37.52
C GLN I 21 23.51 77.33 -36.82
N SER I 22 22.46 77.17 -36.01
CA SER I 22 22.23 75.92 -35.30
C SER I 22 20.77 75.85 -34.88
N TYR I 23 20.36 74.66 -34.47
CA TYR I 23 19.01 74.42 -33.98
C TYR I 23 19.06 73.45 -32.82
N ILE I 24 18.08 73.57 -31.91
CA ILE I 24 17.95 72.68 -30.78
C ILE I 24 16.49 72.23 -30.68
N CYS I 25 16.28 70.95 -30.43
CA CYS I 25 14.96 70.35 -30.42
C CYS I 25 14.48 70.14 -28.99
N PHE I 26 13.32 70.71 -28.66
CA PHE I 26 12.69 70.54 -27.36
C PHE I 26 11.65 69.43 -27.51
N CYS I 27 11.96 68.24 -26.99
CA CYS I 27 11.19 67.04 -27.27
C CYS I 27 10.52 66.51 -26.01
N LEU I 28 9.59 65.59 -26.23
CA LEU I 28 8.86 64.93 -25.16
C LEU I 28 9.80 63.98 -24.41
N PRO I 29 9.43 63.58 -23.18
CA PRO I 29 10.35 62.74 -22.39
C PRO I 29 10.69 61.40 -23.03
N ALA I 30 9.84 60.89 -23.90
CA ALA I 30 10.05 59.57 -24.48
C ALA I 30 11.09 59.55 -25.58
N PHE I 31 11.52 60.70 -26.09
CA PHE I 31 12.43 60.76 -27.23
C PHE I 31 13.65 61.62 -26.88
N GLU I 32 14.76 61.31 -27.55
CA GLU I 32 16.00 62.07 -27.38
C GLU I 32 16.80 62.02 -28.67
N GLY I 33 17.72 62.96 -28.80
CA GLY I 33 18.56 63.08 -29.98
C GLY I 33 18.61 64.50 -30.49
N ARG I 34 19.56 64.73 -31.40
CA ARG I 34 19.65 66.04 -32.05
C ARG I 34 18.39 66.33 -32.85
N ASN I 35 17.90 65.34 -33.60
CA ASN I 35 16.60 65.43 -34.26
C ASN I 35 15.53 64.60 -33.56
N CYS I 36 15.85 64.00 -32.40
CA CYS I 36 14.91 63.20 -31.62
C CYS I 36 14.34 62.05 -32.45
N GLU I 37 15.23 61.34 -33.14
CA GLU I 37 14.85 60.19 -33.94
C GLU I 37 15.02 58.87 -33.19
N THR I 38 15.37 58.91 -31.91
CA THR I 38 15.64 57.72 -31.13
C THR I 38 14.55 57.52 -30.08
N HIS I 39 14.07 56.29 -29.95
CA HIS I 39 13.03 55.94 -29.00
C HIS I 39 13.67 55.34 -27.76
N LYS I 40 13.28 55.83 -26.59
CA LYS I 40 13.86 55.35 -25.34
C LYS I 40 13.23 54.05 -24.87
N ASP I 41 11.94 53.84 -25.16
CA ASP I 41 11.27 52.61 -24.73
C ASP I 41 11.68 51.41 -25.56
N ASP I 42 11.98 51.62 -26.84
CA ASP I 42 12.34 50.53 -27.75
C ASP I 42 13.83 50.20 -27.74
N GLN I 43 14.62 50.92 -26.94
CA GLN I 43 16.03 50.61 -26.76
C GLN I 43 16.29 49.69 -25.56
N LEU I 44 15.32 48.85 -25.23
CA LEU I 44 15.42 47.95 -24.08
C LEU I 44 16.30 46.76 -24.45
N ILE I 45 17.57 46.84 -24.09
CA ILE I 45 18.53 45.77 -24.32
C ILE I 45 19.39 45.62 -23.06
N CYS I 46 19.91 44.40 -22.87
CA CYS I 46 20.72 44.13 -21.68
C CYS I 46 22.02 44.92 -21.65
N VAL I 47 22.43 45.49 -22.79
CA VAL I 47 23.57 46.41 -22.77
C VAL I 47 23.17 47.73 -22.11
N ASN I 48 21.89 48.10 -22.20
CA ASN I 48 21.39 49.35 -21.64
C ASN I 48 21.03 49.13 -20.17
N GLU I 49 21.99 49.36 -19.29
CA GLU I 49 21.80 49.26 -17.84
C GLU I 49 21.18 47.92 -17.46
N ASN I 50 21.75 46.84 -18.03
CA ASN I 50 21.30 45.48 -17.77
C ASN I 50 19.85 45.27 -18.16
N GLY I 51 19.36 46.09 -19.09
CA GLY I 51 17.98 45.96 -19.55
C GLY I 51 16.94 46.21 -18.49
N GLY I 52 17.25 47.07 -17.52
CA GLY I 52 16.30 47.37 -16.46
C GLY I 52 15.91 46.16 -15.64
N CYS I 53 16.85 45.28 -15.36
CA CYS I 53 16.59 44.06 -14.59
C CYS I 53 17.51 44.00 -13.38
N GLU I 54 17.06 43.24 -12.38
CA GLU I 54 17.73 43.25 -11.08
C GLU I 54 19.06 42.50 -11.12
N GLN I 55 19.04 41.25 -11.55
CA GLN I 55 20.20 40.38 -11.43
C GLN I 55 20.79 39.96 -12.78
N TYR I 56 20.00 39.34 -13.65
CA TYR I 56 20.52 38.76 -14.89
C TYR I 56 19.65 39.18 -16.07
N CYS I 57 20.25 39.13 -17.25
CA CYS I 57 19.56 39.46 -18.49
C CYS I 57 20.06 38.55 -19.60
N SER I 58 19.23 38.39 -20.62
CA SER I 58 19.57 37.52 -21.75
C SER I 58 18.98 38.14 -23.02
N ASP I 59 19.84 38.66 -23.89
CA ASP I 59 19.38 39.26 -25.13
C ASP I 59 18.93 38.17 -26.10
N HIS I 60 17.64 38.16 -26.42
CA HIS I 60 17.13 37.21 -27.38
C HIS I 60 17.50 37.64 -28.81
N THR I 61 17.38 36.70 -29.73
CA THR I 61 17.81 36.96 -31.11
C THR I 61 16.88 37.97 -31.79
N GLY I 62 15.61 37.62 -31.93
CA GLY I 62 14.68 38.49 -32.62
C GLY I 62 13.70 39.22 -31.71
N THR I 63 13.18 38.52 -30.71
CA THR I 63 12.14 39.07 -29.86
C THR I 63 12.76 39.93 -28.75
N LYS I 64 11.93 40.38 -27.81
CA LYS I 64 12.40 41.19 -26.70
C LYS I 64 13.21 40.36 -25.72
N ARG I 65 13.99 41.05 -24.89
CA ARG I 65 14.86 40.37 -23.94
C ARG I 65 14.05 39.70 -22.82
N SER I 66 14.55 38.56 -22.35
CA SER I 66 14.03 37.88 -21.18
C SER I 66 15.09 37.88 -20.10
N CYS I 67 14.67 38.07 -18.86
CA CYS I 67 15.59 38.21 -17.73
C CYS I 67 15.49 36.98 -16.83
N ARG I 68 16.63 36.35 -16.58
CA ARG I 68 16.74 35.22 -15.67
C ARG I 68 17.35 35.71 -14.35
N CYS I 69 17.70 34.76 -13.49
CA CYS I 69 18.26 35.08 -12.19
C CYS I 69 19.36 34.10 -11.84
N HIS I 70 20.13 34.45 -10.81
CA HIS I 70 21.21 33.61 -10.33
C HIS I 70 20.64 32.36 -9.65
N GLU I 71 21.54 31.41 -9.39
CA GLU I 71 21.15 30.15 -8.76
C GLU I 71 20.48 30.42 -7.41
N GLY I 72 19.39 29.68 -7.16
CA GLY I 72 18.65 29.81 -5.92
C GLY I 72 17.62 30.91 -5.89
N TYR I 73 17.42 31.63 -7.00
CA TYR I 73 16.48 32.74 -7.08
C TYR I 73 15.44 32.45 -8.16
N SER I 74 14.19 32.82 -7.88
CA SER I 74 13.09 32.67 -8.83
C SER I 74 12.49 34.04 -9.11
N LEU I 75 12.27 34.33 -10.39
CA LEU I 75 11.78 35.63 -10.81
C LEU I 75 10.28 35.76 -10.58
N LEU I 76 9.87 36.91 -10.06
CA LEU I 76 8.46 37.16 -9.73
C LEU I 76 7.67 37.48 -10.99
N ALA I 77 6.38 37.75 -10.81
CA ALA I 77 5.52 38.14 -11.93
C ALA I 77 5.89 39.48 -12.53
N ASP I 78 6.72 40.27 -11.85
CA ASP I 78 7.11 41.57 -12.38
C ASP I 78 7.94 41.43 -13.66
N GLY I 79 8.66 40.32 -13.82
CA GLY I 79 9.54 40.14 -14.96
C GLY I 79 10.87 40.86 -14.85
N VAL I 80 11.06 41.68 -13.82
CA VAL I 80 12.32 42.39 -13.62
C VAL I 80 12.86 42.23 -12.22
N SER I 81 12.07 41.80 -11.24
CA SER I 81 12.52 41.64 -9.87
C SER I 81 12.62 40.15 -9.53
N CYS I 82 13.54 39.83 -8.62
CA CYS I 82 13.76 38.46 -8.18
C CYS I 82 13.68 38.36 -6.67
N THR I 83 13.07 37.28 -6.19
CA THR I 83 12.91 36.99 -4.78
C THR I 83 13.69 35.73 -4.40
N PRO I 84 14.24 35.67 -3.19
CA PRO I 84 14.95 34.46 -2.77
C PRO I 84 14.00 33.29 -2.58
N THR I 85 14.54 32.09 -2.79
CA THR I 85 13.79 30.85 -2.61
C THR I 85 14.25 30.03 -1.41
N VAL I 86 15.57 29.91 -1.20
CA VAL I 86 16.09 29.19 -0.05
C VAL I 86 15.96 30.06 1.19
N GLU I 87 16.04 29.41 2.36
CA GLU I 87 15.91 30.13 3.62
C GLU I 87 17.05 31.13 3.82
N TYR I 88 18.26 30.75 3.45
CA TYR I 88 19.43 31.63 3.55
C TYR I 88 19.97 31.88 2.15
N PRO I 89 19.59 32.97 1.50
CA PRO I 89 20.03 33.21 0.12
C PRO I 89 21.50 33.60 0.07
N CYS I 90 22.01 33.66 -1.15
CA CYS I 90 23.41 33.99 -1.40
C CYS I 90 23.55 35.46 -1.77
N GLY I 91 24.66 36.06 -1.35
CA GLY I 91 24.92 37.46 -1.67
C GLY I 91 24.03 38.44 -0.95
N LYS I 92 23.38 38.04 0.13
CA LYS I 92 22.51 38.92 0.91
C LYS I 92 22.90 38.84 2.37
N ILE I 93 23.06 39.99 3.00
CA ILE I 93 23.43 40.07 4.41
C ILE I 93 22.17 39.87 5.25
N PRO I 94 22.12 38.82 6.09
CA PRO I 94 20.89 38.56 6.86
C PRO I 94 20.66 39.54 7.99
N ILE I 95 21.71 40.17 8.53
CA ILE I 95 21.53 41.08 9.66
C ILE I 95 20.91 42.42 9.25
N LEU I 96 20.88 42.73 7.96
CA LEU I 96 20.31 43.98 7.47
C LEU I 96 18.86 43.83 7.02
N GLU I 97 18.27 42.64 7.16
CA GLU I 97 16.89 42.43 6.75
C GLU I 97 15.99 42.19 7.95
N ASN J 5 40.82 44.18 -33.90
CA ASN J 5 40.95 45.52 -33.34
C ASN J 5 40.68 46.58 -34.40
N THR J 6 40.32 47.79 -33.97
CA THR J 6 40.03 48.88 -34.88
C THR J 6 40.69 50.13 -34.31
N VAL J 7 40.42 51.28 -34.94
CA VAL J 7 41.03 52.54 -34.52
C VAL J 7 40.25 53.12 -33.33
N ALA J 8 40.89 54.03 -32.61
CA ALA J 8 40.30 54.65 -31.43
C ALA J 8 39.80 56.05 -31.76
N ALA J 9 38.78 56.48 -31.02
CA ALA J 9 38.18 57.79 -31.23
C ALA J 9 39.17 58.90 -30.88
N TYR J 10 39.04 60.03 -31.56
CA TYR J 10 39.93 61.15 -31.37
C TYR J 10 39.16 62.44 -31.64
N ASN J 11 39.74 63.56 -31.21
CA ASN J 11 39.16 64.89 -31.39
C ASN J 11 37.75 64.96 -30.80
N LEU J 12 37.59 64.42 -29.59
CA LEU J 12 36.29 64.47 -28.92
C LEU J 12 36.02 65.87 -28.40
N THR J 13 34.86 66.42 -28.74
CA THR J 13 34.50 67.79 -28.36
C THR J 13 33.08 67.82 -27.84
N TRP J 14 32.83 68.75 -26.92
CA TRP J 14 31.51 68.97 -26.35
C TRP J 14 30.87 70.18 -27.00
N LYS J 15 29.63 70.02 -27.47
CA LYS J 15 28.86 71.09 -28.08
C LYS J 15 27.52 71.20 -27.35
N SER J 16 27.42 72.19 -26.45
CA SER J 16 26.21 72.38 -25.64
C SER J 16 25.78 73.83 -25.74
N THR J 17 24.63 74.06 -26.35
CA THR J 17 24.03 75.39 -26.44
C THR J 17 22.63 75.32 -25.83
N ASN J 18 22.36 76.21 -24.87
CA ASN J 18 21.10 76.24 -24.14
C ASN J 18 20.82 74.88 -23.49
N PHE J 19 21.85 74.28 -22.91
CA PHE J 19 21.81 73.03 -22.15
C PHE J 19 21.57 71.80 -23.02
N LYS J 20 21.58 71.94 -24.35
CA LYS J 20 21.46 70.79 -25.24
C LYS J 20 22.88 70.25 -25.48
N THR J 21 23.30 69.34 -24.61
CA THR J 21 24.67 68.83 -24.63
C THR J 21 24.75 67.62 -25.54
N ILE J 22 25.63 67.68 -26.54
CA ILE J 22 25.87 66.60 -27.48
C ILE J 22 27.37 66.35 -27.55
N LEU J 23 27.77 65.10 -27.33
CA LEU J 23 29.17 64.73 -27.45
C LEU J 23 29.51 64.43 -28.91
N GLU J 24 30.53 65.11 -29.42
CA GLU J 24 30.91 65.00 -30.83
C GLU J 24 32.33 64.46 -30.94
N TRP J 25 32.56 63.67 -31.98
CA TRP J 25 33.91 63.17 -32.27
C TRP J 25 34.08 63.08 -33.77
N GLU J 26 35.35 63.19 -34.21
CA GLU J 26 35.71 63.27 -35.62
C GLU J 26 35.70 61.93 -36.36
N PRO J 27 36.27 60.82 -35.80
CA PRO J 27 36.49 59.64 -36.64
C PRO J 27 35.23 59.02 -37.21
N LYS J 28 35.09 59.10 -38.53
CA LYS J 28 34.04 58.35 -39.21
C LYS J 28 34.32 56.86 -39.08
N PRO J 29 33.29 56.06 -38.81
CA PRO J 29 33.53 54.63 -38.57
C PRO J 29 34.16 53.94 -39.77
N VAL J 30 35.12 53.06 -39.50
CA VAL J 30 35.79 52.26 -40.52
C VAL J 30 35.70 50.81 -40.05
N ASN J 31 34.66 50.11 -40.49
CA ASN J 31 34.38 48.73 -40.08
C ASN J 31 34.30 48.61 -38.56
N GLN J 32 33.58 49.55 -37.95
CA GLN J 32 33.49 49.59 -36.49
C GLN J 32 32.22 50.32 -36.08
N VAL J 33 31.92 50.25 -34.78
CA VAL J 33 30.82 50.98 -34.16
C VAL J 33 31.34 51.61 -32.88
N TYR J 34 30.52 52.51 -32.31
CA TYR J 34 30.90 53.26 -31.14
C TYR J 34 29.85 53.13 -30.05
N THR J 35 30.30 53.29 -28.80
CA THR J 35 29.41 53.35 -27.64
C THR J 35 29.95 54.41 -26.68
N VAL J 36 29.04 55.06 -25.96
CA VAL J 36 29.37 56.21 -25.13
C VAL J 36 28.90 55.94 -23.70
N GLN J 37 29.76 56.29 -22.74
CA GLN J 37 29.42 56.19 -21.32
C GLN J 37 29.65 57.56 -20.67
N ILE J 38 28.82 57.86 -19.67
CA ILE J 38 28.90 59.11 -18.93
C ILE J 38 28.66 58.83 -17.45
N SER J 39 29.43 59.50 -16.59
CA SER J 39 29.32 59.33 -15.15
C SER J 39 29.59 60.66 -14.45
N THR J 40 29.33 60.68 -13.15
CA THR J 40 29.55 61.85 -12.30
C THR J 40 30.81 61.60 -11.47
N LYS J 41 31.94 62.05 -12.01
CA LYS J 41 33.25 61.86 -11.37
C LYS J 41 33.48 60.39 -11.01
N SER J 42 33.27 59.52 -11.99
CA SER J 42 33.41 58.07 -11.84
C SER J 42 32.52 57.55 -10.72
N GLY J 43 31.26 57.97 -10.74
CA GLY J 43 30.29 57.50 -9.77
C GLY J 43 29.50 56.31 -10.24
N ASP J 44 28.99 56.37 -11.47
CA ASP J 44 28.24 55.26 -12.05
C ASP J 44 28.23 55.43 -13.56
N TRP J 45 28.82 54.48 -14.28
CA TRP J 45 28.93 54.56 -15.74
C TRP J 45 27.62 54.12 -16.37
N LYS J 46 27.00 55.01 -17.14
CA LYS J 46 25.78 54.71 -17.88
C LYS J 46 26.09 54.74 -19.37
N SER J 47 25.75 53.66 -20.07
CA SER J 47 26.06 53.52 -21.48
C SER J 47 24.94 54.12 -22.34
N LYS J 48 25.35 54.79 -23.42
CA LYS J 48 24.43 55.39 -24.37
C LYS J 48 24.99 55.22 -25.78
N CYS J 49 24.11 55.35 -26.77
CA CYS J 49 24.47 55.23 -28.18
C CYS J 49 25.13 53.89 -28.47
N PHE J 50 24.34 52.83 -28.29
CA PHE J 50 24.86 51.47 -28.33
C PHE J 50 25.13 51.03 -29.76
N TYR J 51 26.39 50.72 -30.05
CA TYR J 51 26.79 50.14 -31.34
C TYR J 51 26.34 51.00 -32.52
N THR J 52 26.41 52.31 -32.36
CA THR J 52 26.00 53.22 -33.42
C THR J 52 27.18 53.60 -34.30
N THR J 53 26.89 53.94 -35.55
CA THR J 53 27.89 54.36 -36.51
C THR J 53 27.94 55.88 -36.67
N ASP J 54 27.22 56.62 -35.83
CA ASP J 54 27.22 58.07 -35.90
C ASP J 54 28.49 58.63 -35.26
N THR J 55 28.69 59.94 -35.44
CA THR J 55 29.80 60.65 -34.83
C THR J 55 29.33 61.62 -33.76
N GLU J 56 28.13 61.43 -33.22
CA GLU J 56 27.59 62.29 -32.18
C GLU J 56 26.67 61.48 -31.29
N CYS J 57 26.66 61.82 -30.00
CA CYS J 57 25.83 61.16 -29.02
C CYS J 57 25.15 62.20 -28.15
N ASP J 58 23.83 62.07 -27.97
CA ASP J 58 23.06 63.00 -27.16
C ASP J 58 23.08 62.53 -25.72
N LEU J 59 23.74 63.29 -24.85
CA LEU J 59 23.79 63.01 -23.42
C LEU J 59 23.01 64.04 -22.61
N THR J 60 22.04 64.71 -23.24
CA THR J 60 21.28 65.75 -22.55
C THR J 60 20.49 65.18 -21.38
N ASP J 61 19.86 64.01 -21.57
CA ASP J 61 19.01 63.43 -20.54
C ASP J 61 19.80 62.99 -19.31
N GLU J 62 21.12 62.93 -19.38
CA GLU J 62 21.94 62.53 -18.24
C GLU J 62 22.61 63.70 -17.54
N ILE J 63 22.98 64.76 -18.27
CA ILE J 63 23.61 65.91 -17.64
C ILE J 63 22.61 66.80 -16.92
N VAL J 64 21.33 66.74 -17.28
CA VAL J 64 20.33 67.59 -16.65
C VAL J 64 19.89 67.09 -15.29
N LYS J 65 20.25 65.85 -14.92
CA LYS J 65 19.90 65.33 -13.60
C LYS J 65 20.55 66.15 -12.49
N ASP J 66 21.82 66.52 -12.68
CA ASP J 66 22.54 67.39 -11.75
C ASP J 66 23.25 68.44 -12.60
N VAL J 67 22.66 69.63 -12.68
CA VAL J 67 23.20 70.68 -13.55
C VAL J 67 24.51 71.23 -13.05
N LYS J 68 24.84 71.02 -11.77
CA LYS J 68 26.08 71.54 -11.21
C LYS J 68 27.20 70.51 -11.15
N GLN J 69 26.88 69.23 -11.25
CA GLN J 69 27.90 68.18 -11.17
C GLN J 69 28.74 68.16 -12.45
N THR J 70 30.02 67.87 -12.28
CA THR J 70 30.93 67.74 -13.42
C THR J 70 30.84 66.33 -13.98
N TYR J 71 30.66 66.23 -15.29
CA TYR J 71 30.49 64.95 -15.98
C TYR J 71 31.71 64.62 -16.82
N LEU J 72 32.01 63.33 -16.90
CA LEU J 72 33.11 62.81 -17.72
C LEU J 72 32.57 61.70 -18.61
N ALA J 73 33.01 61.68 -19.86
CA ALA J 73 32.48 60.76 -20.85
C ALA J 73 33.61 59.97 -21.51
N ARG J 74 33.25 58.80 -22.05
CA ARG J 74 34.15 57.95 -22.80
C ARG J 74 33.45 57.43 -24.04
N VAL J 75 34.23 57.14 -25.08
CA VAL J 75 33.71 56.59 -26.33
C VAL J 75 34.47 55.32 -26.66
N PHE J 76 33.75 54.21 -26.77
CA PHE J 76 34.34 52.93 -27.13
C PHE J 76 34.38 52.76 -28.64
N SER J 77 35.21 51.81 -29.09
CA SER J 77 35.34 51.50 -30.52
C SER J 77 35.34 49.99 -30.69
N TYR J 78 34.14 49.42 -30.82
CA TYR J 78 34.02 47.98 -31.02
C TYR J 78 34.33 47.61 -32.48
N PRO J 79 34.94 46.47 -32.71
CA PRO J 79 35.17 45.99 -34.08
C PRO J 79 33.91 45.33 -34.62
N ALA J 80 34.02 44.81 -35.84
CA ALA J 80 32.92 44.10 -36.49
C ALA J 80 32.92 42.66 -35.99
N GLY J 81 32.22 42.43 -34.89
CA GLY J 81 32.19 41.12 -34.26
C GLY J 81 33.18 41.02 -33.12
N ASN J 82 32.67 40.96 -31.89
CA ASN J 82 33.49 40.99 -30.69
C ASN J 82 33.18 39.78 -29.82
N VAL J 83 33.76 39.77 -28.61
CA VAL J 83 33.66 38.70 -27.61
C VAL J 83 33.67 37.31 -28.23
N SER J 88 44.63 37.97 -26.07
CA SER J 88 44.42 39.22 -25.34
C SER J 88 42.94 39.52 -25.16
N ALA J 89 42.24 38.66 -24.42
CA ALA J 89 40.81 38.82 -24.18
C ALA J 89 40.60 39.88 -23.09
N GLY J 90 40.84 41.13 -23.47
CA GLY J 90 40.76 42.24 -22.53
C GLY J 90 39.54 43.11 -22.72
N GLU J 91 39.73 44.43 -22.62
CA GLU J 91 38.66 45.40 -22.73
C GLU J 91 38.77 46.17 -24.05
N PRO J 92 37.65 46.65 -24.58
CA PRO J 92 37.67 47.31 -25.90
C PRO J 92 38.47 48.61 -25.87
N LEU J 93 39.04 48.94 -27.04
CA LEU J 93 39.79 50.17 -27.17
C LEU J 93 38.86 51.38 -27.09
N TYR J 94 39.33 52.43 -26.44
CA TYR J 94 38.51 53.63 -26.22
C TYR J 94 39.43 54.81 -25.94
N GLU J 95 38.83 55.99 -25.80
CA GLU J 95 39.53 57.21 -25.44
C GLU J 95 38.60 58.10 -24.64
N ASN J 96 39.14 58.74 -23.60
CA ASN J 96 38.34 59.58 -22.72
C ASN J 96 38.01 60.92 -23.39
N SER J 97 37.00 61.58 -22.85
CA SER J 97 36.55 62.89 -23.29
C SER J 97 36.93 63.95 -22.27
N PRO J 98 37.05 65.21 -22.69
CA PRO J 98 37.37 66.27 -21.72
C PRO J 98 36.27 66.44 -20.69
N GLU J 99 36.66 66.85 -19.49
CA GLU J 99 35.70 67.08 -18.41
C GLU J 99 34.73 68.19 -18.81
N PHE J 100 33.45 67.99 -18.49
CA PHE J 100 32.40 68.93 -18.86
C PHE J 100 31.53 69.23 -17.64
N THR J 101 31.31 70.51 -17.40
CA THR J 101 30.40 70.97 -16.34
C THR J 101 29.24 71.73 -16.98
N PRO J 102 28.02 71.21 -16.94
CA PRO J 102 26.91 71.88 -17.64
C PRO J 102 26.62 73.29 -17.14
N TYR J 103 26.86 73.57 -15.86
CA TYR J 103 26.50 74.88 -15.32
C TYR J 103 27.36 76.01 -15.87
N LEU J 104 28.62 75.72 -16.20
CA LEU J 104 29.55 76.75 -16.64
C LEU J 104 30.01 76.59 -18.09
N GLU J 105 30.20 75.36 -18.55
CA GLU J 105 30.76 75.16 -19.89
C GLU J 105 29.73 75.26 -21.00
N THR J 106 28.43 75.20 -20.69
CA THR J 106 27.42 75.30 -21.73
C THR J 106 27.32 76.74 -22.23
N ASN J 107 26.91 76.88 -23.49
CA ASN J 107 26.71 78.19 -24.10
C ASN J 107 25.29 78.67 -23.84
N LEU J 108 25.15 79.99 -23.70
CA LEU J 108 23.85 80.59 -23.51
C LEU J 108 23.17 80.77 -24.86
N GLY J 109 21.93 80.30 -24.96
CA GLY J 109 21.20 80.39 -26.21
C GLY J 109 20.87 81.83 -26.58
N GLN J 110 20.50 82.01 -27.84
CA GLN J 110 20.17 83.34 -28.34
C GLN J 110 18.84 83.79 -27.75
N PRO J 111 18.81 84.89 -27.00
CA PRO J 111 17.54 85.34 -26.42
C PRO J 111 16.64 85.98 -27.48
N THR J 112 15.34 85.98 -27.18
CA THR J 112 14.33 86.53 -28.06
C THR J 112 13.57 87.63 -27.33
N ILE J 113 13.38 88.76 -28.01
CA ILE J 113 12.65 89.89 -27.43
C ILE J 113 11.15 89.60 -27.48
N GLN J 114 10.45 89.87 -26.38
CA GLN J 114 9.04 89.58 -26.27
C GLN J 114 8.18 90.74 -26.80
N SER J 115 8.31 91.92 -26.20
CA SER J 115 7.45 93.04 -26.56
C SER J 115 8.17 94.33 -26.22
N PHE J 116 7.63 95.43 -26.75
CA PHE J 116 8.17 96.77 -26.50
C PHE J 116 7.03 97.77 -26.44
N GLU J 117 7.20 98.80 -25.61
CA GLU J 117 6.20 99.83 -25.40
C GLU J 117 6.87 101.19 -25.40
N GLN J 118 6.07 102.23 -25.66
CA GLN J 118 6.56 103.60 -25.68
C GLN J 118 5.62 104.49 -24.88
N VAL J 119 6.17 105.17 -23.87
CA VAL J 119 5.42 106.12 -23.06
C VAL J 119 6.33 107.26 -22.63
N GLY J 120 5.99 108.49 -23.05
CA GLY J 120 6.68 109.67 -22.59
C GLY J 120 8.16 109.71 -22.86
N THR J 121 8.56 109.42 -24.11
CA THR J 121 9.96 109.36 -24.54
C THR J 121 10.74 108.29 -23.80
N LYS J 122 10.06 107.35 -23.17
CA LYS J 122 10.68 106.25 -22.43
C LYS J 122 10.10 104.93 -22.91
N VAL J 123 10.98 103.96 -23.13
CA VAL J 123 10.59 102.66 -23.66
C VAL J 123 11.00 101.58 -22.66
N ASN J 124 10.15 100.57 -22.50
CA ASN J 124 10.39 99.46 -21.59
C ASN J 124 10.33 98.16 -22.39
N VAL J 125 11.50 97.69 -22.83
CA VAL J 125 11.59 96.45 -23.60
C VAL J 125 11.61 95.26 -22.65
N THR J 126 10.78 94.27 -22.92
CA THR J 126 10.69 93.06 -22.12
C THR J 126 11.13 91.85 -22.96
N VAL J 127 11.83 90.93 -22.32
CA VAL J 127 12.34 89.74 -22.97
C VAL J 127 11.79 88.51 -22.26
N GLU J 128 11.22 87.58 -23.01
CA GLU J 128 10.69 86.36 -22.43
C GLU J 128 11.81 85.50 -21.85
N ASP J 129 11.52 84.82 -20.75
CA ASP J 129 12.48 83.90 -20.14
C ASP J 129 12.49 82.62 -20.96
N GLU J 130 13.57 82.41 -21.71
CA GLU J 130 13.65 81.27 -22.62
C GLU J 130 13.63 79.95 -21.87
N ARG J 131 13.14 78.91 -22.53
CA ARG J 131 13.05 77.58 -21.93
C ARG J 131 14.34 76.81 -22.20
N THR J 132 14.89 76.20 -21.16
CA THR J 132 16.05 75.34 -21.28
C THR J 132 15.59 73.90 -21.50
N LEU J 133 16.53 72.95 -21.43
CA LEU J 133 16.22 71.54 -21.63
C LEU J 133 16.34 70.73 -20.33
N VAL J 134 16.28 71.39 -19.18
CA VAL J 134 16.34 70.70 -17.90
C VAL J 134 14.90 70.40 -17.48
N ARG J 135 14.48 69.16 -17.74
CA ARG J 135 13.11 68.73 -17.47
C ARG J 135 13.02 68.23 -16.03
N ARG J 136 12.24 68.92 -15.20
CA ARG J 136 12.02 68.46 -13.84
C ARG J 136 10.94 67.38 -13.80
N ASN J 137 9.71 67.74 -14.15
CA ASN J 137 8.61 66.78 -14.21
C ASN J 137 7.59 67.33 -15.21
N ASN J 138 7.65 66.84 -16.45
CA ASN J 138 6.75 67.22 -17.54
C ASN J 138 6.78 68.71 -17.85
N THR J 139 7.72 69.45 -17.27
CA THR J 139 7.84 70.89 -17.50
C THR J 139 9.28 71.24 -17.83
N PHE J 140 9.44 72.25 -18.68
CA PHE J 140 10.76 72.75 -19.07
C PHE J 140 11.12 73.94 -18.18
N LEU J 141 12.23 73.82 -17.45
CA LEU J 141 12.62 74.88 -16.54
C LEU J 141 13.14 76.08 -17.31
N SER J 142 12.69 77.27 -16.92
CA SER J 142 13.15 78.51 -17.49
C SER J 142 14.39 79.02 -16.77
N LEU J 143 15.08 79.96 -17.39
CA LEU J 143 16.30 80.53 -16.82
C LEU J 143 16.03 81.16 -15.45
N VAL J 146 16.68 78.39 -13.66
CA VAL J 146 17.79 77.46 -13.52
C VAL J 146 19.03 78.19 -13.01
N PHE J 147 19.47 79.20 -13.76
CA PHE J 147 20.62 79.97 -13.35
C PHE J 147 20.34 80.76 -12.07
N GLY J 148 19.12 81.25 -11.92
CA GLY J 148 18.70 81.91 -10.70
C GLY J 148 18.81 83.42 -10.81
N LYS J 149 19.41 84.04 -9.79
CA LYS J 149 19.52 85.49 -9.70
C LYS J 149 20.82 86.02 -10.31
N ASP J 150 21.62 85.16 -10.92
CA ASP J 150 22.92 85.56 -11.47
C ASP J 150 22.83 86.02 -12.93
N LEU J 151 21.63 86.04 -13.52
CA LEU J 151 21.46 86.47 -14.90
C LEU J 151 21.34 87.99 -14.92
N ILE J 152 22.37 88.64 -15.47
CA ILE J 152 22.39 90.10 -15.62
C ILE J 152 22.36 90.40 -17.11
N TYR J 153 21.39 91.19 -17.53
CA TYR J 153 21.20 91.49 -18.95
C TYR J 153 21.92 92.78 -19.33
N THR J 154 22.48 92.79 -20.53
CA THR J 154 23.20 93.94 -21.05
C THR J 154 22.58 94.37 -22.37
N LEU J 155 22.53 95.68 -22.59
CA LEU J 155 21.94 96.28 -23.78
C LEU J 155 22.97 97.16 -24.45
N TYR J 156 23.22 96.91 -25.74
CA TYR J 156 24.15 97.72 -26.53
C TYR J 156 23.44 98.57 -27.57
N TYR J 157 22.12 98.64 -27.52
CA TYR J 157 21.31 99.42 -28.47
C TYR J 157 21.57 98.98 -29.91
N LYS J 165 23.83 101.96 -30.59
CA LYS J 165 23.99 103.33 -30.13
C LYS J 165 24.89 103.39 -28.91
N LYS J 166 24.28 103.30 -27.73
CA LYS J 166 25.00 103.35 -26.45
C LYS J 166 24.67 102.08 -25.65
N THR J 167 25.29 101.98 -24.48
CA THR J 167 25.19 100.78 -23.66
C THR J 167 24.24 101.00 -22.48
N ALA J 168 23.43 99.99 -22.19
CA ALA J 168 22.53 99.99 -21.06
C ALA J 168 22.66 98.66 -20.31
N LYS J 169 22.57 98.72 -18.99
CA LYS J 169 22.74 97.54 -18.15
C LYS J 169 21.61 97.47 -17.13
N THR J 170 21.21 96.25 -16.79
CA THR J 170 20.20 96.02 -15.77
C THR J 170 20.40 94.63 -15.16
N ASN J 171 20.00 94.49 -13.91
CA ASN J 171 20.10 93.21 -13.21
C ASN J 171 18.81 92.40 -13.27
N THR J 172 17.72 92.99 -13.76
CA THR J 172 16.45 92.30 -13.90
C THR J 172 16.21 91.90 -15.34
N ASN J 173 15.19 91.08 -15.56
CA ASN J 173 14.83 90.65 -16.91
C ASN J 173 13.86 91.63 -17.57
N GLU J 174 14.25 92.90 -17.56
CA GLU J 174 13.49 93.98 -18.18
C GLU J 174 14.38 95.21 -18.24
N PHE J 175 14.15 96.04 -19.25
CA PHE J 175 14.96 97.23 -19.49
C PHE J 175 14.06 98.46 -19.54
N LEU J 176 14.54 99.56 -18.96
CA LEU J 176 13.85 100.84 -19.03
C LEU J 176 14.87 101.92 -19.33
N ILE J 177 14.63 102.68 -20.40
CA ILE J 177 15.57 103.68 -20.89
C ILE J 177 14.80 104.82 -21.54
N ASP J 178 15.38 106.01 -21.51
CA ASP J 178 14.79 107.19 -22.15
C ASP J 178 15.36 107.34 -23.55
N VAL J 179 14.48 107.58 -24.52
CA VAL J 179 14.85 107.66 -25.93
C VAL J 179 14.38 109.00 -26.49
N ASP J 180 15.33 109.81 -26.95
CA ASP J 180 15.04 111.07 -27.63
C ASP J 180 16.32 111.60 -28.24
N LYS J 181 16.22 112.11 -29.47
CA LYS J 181 17.34 112.74 -30.18
C LYS J 181 18.52 111.78 -30.32
N GLY J 182 18.29 110.69 -31.04
CA GLY J 182 19.31 109.71 -31.33
C GLY J 182 19.38 109.40 -32.81
N GLU J 183 20.25 108.44 -33.15
CA GLU J 183 20.38 108.01 -34.53
C GLU J 183 19.27 107.05 -34.92
N ASN J 184 19.02 106.04 -34.07
CA ASN J 184 17.97 105.07 -34.31
C ASN J 184 17.70 104.34 -33.00
N TYR J 185 16.45 103.88 -32.84
CA TYR J 185 16.03 103.19 -31.63
C TYR J 185 15.98 101.67 -31.83
N CYS J 186 16.88 101.12 -32.64
CA CYS J 186 16.96 99.68 -32.86
C CYS J 186 17.91 99.09 -31.83
N PHE J 187 17.37 98.38 -30.84
CA PHE J 187 18.13 97.91 -29.69
C PHE J 187 18.15 96.38 -29.67
N SER J 188 19.32 95.82 -29.35
CA SER J 188 19.48 94.37 -29.24
C SER J 188 20.06 94.02 -27.87
N VAL J 189 19.43 93.09 -27.19
CA VAL J 189 19.83 92.70 -25.83
C VAL J 189 20.76 91.50 -25.90
N GLN J 190 21.53 91.30 -24.84
CA GLN J 190 22.49 90.21 -24.75
C GLN J 190 22.49 89.66 -23.33
N ALA J 191 22.90 88.40 -23.20
CA ALA J 191 22.92 87.69 -21.93
C ALA J 191 24.36 87.46 -21.49
N VAL J 192 24.65 87.73 -20.23
CA VAL J 192 25.99 87.57 -19.69
C VAL J 192 25.88 87.13 -18.23
N ILE J 193 26.71 86.16 -17.85
CA ILE J 193 26.80 85.68 -16.47
C ILE J 193 28.19 86.03 -15.95
N PRO J 194 28.32 86.92 -14.97
CA PRO J 194 29.66 87.34 -14.53
C PRO J 194 30.45 86.25 -13.82
N SER J 195 29.80 85.22 -13.30
CA SER J 195 30.46 84.18 -12.52
C SER J 195 31.02 83.05 -13.38
N ARG J 196 31.12 83.25 -14.69
CA ARG J 196 31.62 82.23 -15.61
C ARG J 196 32.98 82.64 -16.15
N THR J 197 33.93 81.70 -16.13
CA THR J 197 35.24 81.95 -16.72
C THR J 197 35.24 81.75 -18.24
N VAL J 198 34.43 80.82 -18.73
CA VAL J 198 34.30 80.55 -20.16
C VAL J 198 32.84 80.70 -20.56
N ASN J 199 32.64 81.16 -21.80
CA ASN J 199 31.30 81.45 -22.33
C ASN J 199 30.54 82.38 -21.39
N ARG J 200 31.23 83.43 -20.94
CA ARG J 200 30.63 84.38 -20.01
C ARG J 200 29.44 85.09 -20.64
N LYS J 201 29.58 85.52 -21.89
CA LYS J 201 28.54 86.27 -22.58
C LYS J 201 27.92 85.40 -23.67
N SER J 202 26.79 85.88 -24.19
CA SER J 202 26.04 85.19 -25.23
C SER J 202 26.03 86.02 -26.51
N THR J 203 25.29 85.54 -27.50
CA THR J 203 25.15 86.23 -28.77
C THR J 203 24.03 87.26 -28.70
N ASP J 204 24.27 88.43 -29.29
CA ASP J 204 23.28 89.50 -29.27
C ASP J 204 21.99 89.07 -29.94
N SER J 205 20.87 89.56 -29.41
CA SER J 205 19.57 89.22 -29.94
C SER J 205 19.36 89.85 -31.32
N PRO J 206 18.44 89.30 -32.12
CA PRO J 206 18.11 89.95 -33.38
C PRO J 206 17.59 91.37 -33.15
N VAL J 207 17.94 92.27 -34.06
CA VAL J 207 17.64 93.68 -33.91
C VAL J 207 16.28 93.96 -34.55
N GLU J 208 15.38 94.55 -33.78
CA GLU J 208 14.05 94.90 -34.26
C GLU J 208 13.72 96.32 -33.80
N CYS J 209 13.29 97.16 -34.74
CA CYS J 209 12.97 98.54 -34.45
C CYS J 209 11.52 98.67 -33.98
N MET J 210 11.09 99.91 -33.77
CA MET J 210 9.73 100.20 -33.32
C MET J 210 8.85 100.58 -34.50
N GLU K 1 -6.94 -47.48 9.80
CA GLU K 1 -7.18 -48.76 10.47
C GLU K 1 -7.52 -48.56 11.94
N ILE K 2 -8.61 -49.19 12.38
CA ILE K 2 -9.03 -49.13 13.78
C ILE K 2 -8.31 -50.23 14.53
N VAL K 3 -7.46 -49.85 15.49
CA VAL K 3 -6.72 -50.82 16.28
C VAL K 3 -7.57 -51.23 17.48
N LEU K 4 -7.83 -52.53 17.58
CA LEU K 4 -8.63 -53.10 18.66
C LEU K 4 -7.72 -53.86 19.60
N THR K 5 -7.77 -53.52 20.88
CA THR K 5 -6.99 -54.18 21.91
C THR K 5 -7.91 -55.03 22.78
N GLN K 6 -7.56 -56.29 22.95
CA GLN K 6 -8.35 -57.25 23.72
C GLN K 6 -7.56 -57.69 24.94
N SER K 7 -8.19 -57.63 26.11
CA SER K 7 -7.58 -58.07 27.36
C SER K 7 -8.61 -58.82 28.17
N PRO K 8 -8.18 -59.83 28.94
CA PRO K 8 -6.81 -60.35 29.07
C PRO K 8 -6.44 -61.26 27.91
N ALA K 9 -5.15 -61.46 27.64
CA ALA K 9 -4.75 -62.37 26.58
C ALA K 9 -5.17 -63.80 26.88
N THR K 10 -4.99 -64.23 28.13
CA THR K 10 -5.37 -65.57 28.57
C THR K 10 -6.16 -65.47 29.85
N LEU K 11 -7.28 -66.19 29.91
CA LEU K 11 -8.13 -66.23 31.09
C LEU K 11 -8.51 -67.67 31.40
N SER K 12 -8.32 -68.07 32.66
CA SER K 12 -8.65 -69.42 33.11
C SER K 12 -9.60 -69.30 34.29
N LEU K 13 -10.86 -69.70 34.09
CA LEU K 13 -11.88 -69.59 35.13
C LEU K 13 -12.65 -70.90 35.23
N SER K 14 -13.07 -71.22 36.45
CA SER K 14 -13.80 -72.44 36.72
C SER K 14 -15.23 -72.36 36.20
N PRO K 15 -15.85 -73.51 35.91
CA PRO K 15 -17.25 -73.50 35.49
C PRO K 15 -18.16 -72.94 36.58
N GLY K 16 -19.22 -72.26 36.15
CA GLY K 16 -20.14 -71.61 37.07
C GLY K 16 -19.76 -70.19 37.43
N GLU K 17 -18.60 -69.72 37.00
CA GLU K 17 -18.16 -68.36 37.27
C GLU K 17 -18.61 -67.44 36.13
N ARG K 18 -18.14 -66.20 36.15
CA ARG K 18 -18.50 -65.21 35.13
C ARG K 18 -17.23 -64.61 34.54
N ALA K 19 -17.15 -64.60 33.22
CA ALA K 19 -15.97 -64.11 32.50
C ALA K 19 -16.30 -62.78 31.83
N THR K 20 -15.42 -61.80 32.01
CA THR K 20 -15.57 -60.48 31.41
C THR K 20 -14.44 -60.26 30.41
N LEU K 21 -14.81 -59.89 29.18
CA LEU K 21 -13.87 -59.66 28.10
C LEU K 21 -14.01 -58.23 27.60
N SER K 22 -12.87 -57.57 27.35
CA SER K 22 -12.84 -56.17 26.97
C SER K 22 -12.21 -56.00 25.59
N CYS K 23 -12.72 -55.04 24.84
CA CYS K 23 -12.20 -54.73 23.51
C CYS K 23 -12.23 -53.21 23.37
N ARG K 24 -11.06 -52.58 23.47
CA ARG K 24 -10.94 -51.13 23.36
C ARG K 24 -10.72 -50.73 21.91
N ALA K 25 -11.43 -49.69 21.48
CA ALA K 25 -11.39 -49.21 20.11
C ALA K 25 -10.63 -47.90 20.02
N SER K 26 -9.98 -47.69 18.88
CA SER K 26 -9.25 -46.44 18.64
C SER K 26 -10.16 -45.26 18.35
N GLN K 27 -11.40 -45.51 17.95
CA GLN K 27 -12.36 -44.45 17.62
C GLN K 27 -13.68 -44.74 18.31
N GLY K 28 -14.63 -43.83 18.16
CA GLY K 28 -15.97 -44.06 18.62
C GLY K 28 -16.81 -44.73 17.55
N ILE K 29 -16.94 -46.05 17.65
CA ILE K 29 -17.60 -46.83 16.61
C ILE K 29 -19.06 -47.11 16.97
N SER K 30 -19.61 -46.39 17.95
CA SER K 30 -21.00 -46.53 18.38
C SER K 30 -21.21 -47.98 18.81
N ASP K 31 -22.27 -48.65 18.39
CA ASP K 31 -22.48 -50.06 18.69
C ASP K 31 -22.00 -50.97 17.57
N TYR K 32 -21.33 -50.41 16.55
CA TYR K 32 -20.92 -51.18 15.38
C TYR K 32 -19.65 -51.97 15.72
N LEU K 33 -19.85 -52.99 16.55
CA LEU K 33 -18.79 -53.94 16.90
C LEU K 33 -19.46 -55.28 17.14
N HIS K 34 -18.95 -56.31 16.47
CA HIS K 34 -19.51 -57.66 16.57
C HIS K 34 -18.48 -58.62 17.13
N TRP K 35 -18.96 -59.61 17.87
CA TRP K 35 -18.10 -60.55 18.58
C TRP K 35 -18.23 -61.94 17.98
N TYR K 36 -17.10 -62.66 17.93
CA TYR K 36 -17.04 -63.98 17.33
C TYR K 36 -16.39 -64.96 18.31
N GLN K 37 -16.73 -66.24 18.12
CA GLN K 37 -16.13 -67.33 18.87
C GLN K 37 -15.56 -68.34 17.88
N GLN K 38 -14.30 -68.71 18.06
CA GLN K 38 -13.60 -69.61 17.15
C GLN K 38 -13.14 -70.84 17.93
N LYS K 39 -13.92 -71.91 17.87
CA LYS K 39 -13.49 -73.18 18.43
C LYS K 39 -12.33 -73.73 17.60
N PRO K 40 -11.33 -74.34 18.24
CA PRO K 40 -10.18 -74.85 17.47
C PRO K 40 -10.61 -75.87 16.44
N GLY K 41 -10.00 -75.79 15.25
CA GLY K 41 -10.33 -76.69 14.17
C GLY K 41 -11.56 -76.32 13.38
N GLU K 42 -12.19 -75.18 13.67
CA GLU K 42 -13.42 -74.78 13.00
C GLU K 42 -13.38 -73.29 12.69
N ALA K 43 -14.22 -72.88 11.76
CA ALA K 43 -14.35 -71.48 11.43
C ALA K 43 -15.05 -70.72 12.55
N PRO K 44 -14.76 -69.42 12.70
CA PRO K 44 -15.40 -68.66 13.79
C PRO K 44 -16.91 -68.57 13.59
N ARG K 45 -17.62 -68.45 14.72
CA ARG K 45 -19.07 -68.38 14.73
C ARG K 45 -19.52 -66.98 15.15
N LEU K 46 -20.63 -66.53 14.58
CA LEU K 46 -21.21 -65.23 14.93
C LEU K 46 -21.91 -65.36 16.27
N LEU K 47 -21.21 -64.96 17.34
CA LEU K 47 -21.76 -65.10 18.68
C LEU K 47 -22.71 -63.96 19.03
N ILE K 48 -22.20 -62.73 19.02
CA ILE K 48 -22.98 -61.55 19.38
C ILE K 48 -23.03 -60.62 18.17
N LYS K 49 -24.25 -60.26 17.76
CA LYS K 49 -24.46 -59.29 16.70
C LYS K 49 -24.63 -57.91 17.31
N TYR K 50 -23.93 -56.93 16.75
CA TYR K 50 -23.87 -55.57 17.31
C TYR K 50 -23.40 -55.71 18.75
N THR K 51 -23.95 -54.94 19.69
CA THR K 51 -23.54 -55.04 21.08
C THR K 51 -24.59 -55.70 21.97
N SER K 52 -25.81 -55.91 21.47
CA SER K 52 -26.87 -56.46 22.30
C SER K 52 -27.49 -57.72 21.70
N GLN K 53 -27.58 -57.77 20.37
CA GLN K 53 -28.23 -58.89 19.72
C GLN K 53 -27.40 -60.17 19.87
N PRO K 54 -27.97 -61.24 20.39
CA PRO K 54 -27.21 -62.50 20.59
C PRO K 54 -27.21 -63.45 19.41
N ALA K 55 -27.60 -63.00 18.22
CA ALA K 55 -27.63 -63.82 17.01
C ALA K 55 -28.53 -65.05 17.17
N THR K 56 -28.34 -66.04 16.33
CA THR K 56 -29.18 -67.24 16.29
C THR K 56 -28.38 -68.45 16.77
N GLY K 57 -28.98 -69.22 17.68
CA GLY K 57 -28.36 -70.45 18.16
C GLY K 57 -27.38 -70.27 19.30
N ILE K 58 -27.10 -69.05 19.73
CA ILE K 58 -26.13 -68.81 20.79
C ILE K 58 -26.82 -68.98 22.14
N PRO K 59 -26.22 -69.70 23.09
CA PRO K 59 -26.84 -69.88 24.40
C PRO K 59 -26.97 -68.55 25.14
N ALA K 60 -27.96 -68.51 26.04
CA ALA K 60 -28.32 -67.28 26.74
C ALA K 60 -27.26 -66.80 27.73
N ARG K 61 -26.25 -67.63 28.03
CA ARG K 61 -25.21 -67.20 28.97
C ARG K 61 -24.42 -66.02 28.42
N PHE K 62 -24.25 -65.95 27.11
CA PHE K 62 -23.48 -64.87 26.49
C PHE K 62 -24.29 -63.58 26.46
N SER K 63 -23.62 -62.46 26.69
CA SER K 63 -24.25 -61.15 26.67
C SER K 63 -23.21 -60.10 26.38
N GLY K 64 -23.68 -58.92 25.96
CA GLY K 64 -22.80 -57.83 25.62
C GLY K 64 -23.38 -56.50 26.02
N SER K 65 -22.49 -55.52 26.17
CA SER K 65 -22.88 -54.17 26.54
C SER K 65 -21.76 -53.22 26.18
N GLY K 66 -22.04 -51.93 26.26
CA GLY K 66 -21.07 -50.90 25.99
C GLY K 66 -21.32 -50.20 24.66
N SER K 67 -20.78 -48.99 24.54
CA SER K 67 -20.91 -48.20 23.32
C SER K 67 -19.80 -47.17 23.29
N GLY K 68 -19.15 -47.03 22.12
CA GLY K 68 -18.06 -46.09 22.00
C GLY K 68 -16.70 -46.74 21.95
N THR K 69 -15.95 -46.66 23.04
CA THR K 69 -14.60 -47.20 23.12
C THR K 69 -14.51 -48.53 23.85
N ASP K 70 -15.32 -48.73 24.89
CA ASP K 70 -15.21 -49.91 25.74
C ASP K 70 -16.44 -50.80 25.60
N PHE K 71 -16.20 -52.11 25.50
CA PHE K 71 -17.27 -53.10 25.40
C PHE K 71 -16.97 -54.24 26.37
N THR K 72 -18.03 -54.85 26.89
CA THR K 72 -17.93 -55.90 27.89
C THR K 72 -18.73 -57.12 27.45
N LEU K 73 -18.10 -58.29 27.49
CA LEU K 73 -18.75 -59.56 27.16
C LEU K 73 -18.81 -60.43 28.40
N THR K 74 -20.01 -60.88 28.75
CA THR K 74 -20.26 -61.60 29.99
C THR K 74 -20.80 -62.98 29.67
N ILE K 75 -20.21 -64.00 30.30
CA ILE K 75 -20.72 -65.37 30.24
C ILE K 75 -21.14 -65.71 31.67
N SER K 76 -22.46 -65.72 31.92
CA SER K 76 -22.96 -65.82 33.28
C SER K 76 -22.68 -67.20 33.89
N SER K 77 -23.00 -68.26 33.16
CA SER K 77 -22.85 -69.63 33.65
C SER K 77 -21.91 -70.37 32.70
N LEU K 78 -20.63 -70.40 33.05
CA LEU K 78 -19.65 -71.09 32.22
C LEU K 78 -19.94 -72.58 32.18
N GLU K 79 -19.71 -73.18 31.02
CA GLU K 79 -19.89 -74.61 30.80
C GLU K 79 -18.63 -75.17 30.17
N PRO K 80 -18.39 -76.48 30.32
CA PRO K 80 -17.12 -77.05 29.83
C PRO K 80 -16.91 -76.92 28.33
N GLU K 81 -17.97 -76.73 27.54
CA GLU K 81 -17.84 -76.62 26.10
C GLU K 81 -17.48 -75.22 25.64
N ASP K 82 -17.36 -74.26 26.56
CA ASP K 82 -17.11 -72.87 26.21
C ASP K 82 -15.65 -72.59 25.87
N PHE K 83 -14.77 -73.58 25.95
CA PHE K 83 -13.36 -73.39 25.63
C PHE K 83 -13.18 -73.02 24.16
N ALA K 84 -12.76 -71.79 23.90
CA ALA K 84 -12.54 -71.28 22.55
C ALA K 84 -11.87 -69.92 22.63
N VAL K 85 -11.44 -69.42 21.48
CA VAL K 85 -10.84 -68.10 21.36
C VAL K 85 -11.90 -67.12 20.85
N TYR K 86 -12.09 -66.03 21.57
CA TYR K 86 -13.12 -65.05 21.25
C TYR K 86 -12.50 -63.84 20.58
N TYR K 87 -13.25 -63.26 19.64
CA TYR K 87 -12.77 -62.14 18.84
C TYR K 87 -13.83 -61.03 18.80
N CYS K 88 -13.35 -59.80 18.69
CA CYS K 88 -14.21 -58.64 18.49
C CYS K 88 -13.90 -58.04 17.13
N GLN K 89 -14.95 -57.75 16.36
CA GLN K 89 -14.82 -57.31 14.97
C GLN K 89 -15.20 -55.84 14.84
N ASN K 90 -14.38 -55.10 14.12
CA ASN K 90 -14.75 -53.74 13.74
C ASN K 90 -15.89 -53.77 12.72
N GLY K 91 -16.93 -52.99 12.96
CA GLY K 91 -18.08 -52.97 12.08
C GLY K 91 -18.53 -51.58 11.72
N HIS K 92 -17.63 -50.60 11.86
CA HIS K 92 -17.93 -49.20 11.62
C HIS K 92 -17.15 -48.63 10.44
N SER K 93 -15.83 -48.78 10.44
CA SER K 93 -14.98 -48.24 9.40
C SER K 93 -14.08 -49.33 8.84
N PHE K 94 -13.76 -49.21 7.57
CA PHE K 94 -12.78 -50.09 6.94
C PHE K 94 -11.37 -49.57 7.18
N PRO K 95 -10.36 -50.44 7.11
CA PRO K 95 -10.42 -51.90 6.89
C PRO K 95 -10.89 -52.64 8.13
N LEU K 96 -11.69 -53.69 7.95
CA LEU K 96 -12.22 -54.44 9.08
C LEU K 96 -11.08 -55.08 9.87
N THR K 97 -11.03 -54.79 11.16
CA THR K 97 -9.97 -55.26 12.03
C THR K 97 -10.55 -56.10 13.16
N PHE K 98 -9.87 -57.19 13.48
CA PHE K 98 -10.28 -58.08 14.56
C PHE K 98 -9.38 -57.88 15.77
N GLY K 99 -9.80 -58.48 16.89
CA GLY K 99 -9.04 -58.37 18.12
C GLY K 99 -7.84 -59.30 18.15
N GLN K 100 -7.05 -59.16 19.22
CA GLN K 100 -5.88 -60.02 19.38
C GLN K 100 -6.29 -61.46 19.65
N GLY K 101 -7.37 -61.67 20.38
CA GLY K 101 -7.82 -62.99 20.73
C GLY K 101 -7.65 -63.25 22.22
N THR K 102 -8.67 -63.86 22.82
CA THR K 102 -8.67 -64.15 24.25
C THR K 102 -8.93 -65.65 24.43
N LYS K 103 -7.86 -66.39 24.72
CA LYS K 103 -8.01 -67.82 25.01
C LYS K 103 -8.76 -68.00 26.33
N LEU K 104 -9.67 -68.98 26.35
CA LEU K 104 -10.49 -69.28 27.52
C LEU K 104 -10.30 -70.75 27.86
N GLU K 105 -9.36 -71.04 28.76
CA GLU K 105 -9.15 -72.38 29.27
C GLU K 105 -10.06 -72.61 30.47
N ILE K 106 -10.94 -73.60 30.37
CA ILE K 106 -11.89 -73.88 31.44
C ILE K 106 -11.24 -74.80 32.45
N LYS K 107 -11.74 -74.75 33.69
CA LYS K 107 -11.21 -75.55 34.78
C LYS K 107 -12.07 -76.77 35.02
N ARG K 108 -11.51 -77.74 35.74
CA ARG K 108 -12.19 -78.99 36.05
C ARG K 108 -11.45 -79.67 37.19
N THR K 109 -11.97 -80.81 37.62
CA THR K 109 -11.33 -81.58 38.68
C THR K 109 -9.99 -82.13 38.22
N VAL K 110 -9.08 -82.31 39.17
CA VAL K 110 -7.75 -82.84 38.88
C VAL K 110 -7.88 -84.27 38.37
N ALA K 111 -7.16 -84.58 37.29
CA ALA K 111 -7.26 -85.87 36.63
C ALA K 111 -5.92 -86.61 36.69
N ALA K 112 -6.02 -87.94 36.59
CA ALA K 112 -4.84 -88.80 36.55
C ALA K 112 -4.70 -89.41 35.17
N PRO K 113 -3.69 -89.02 34.39
CA PRO K 113 -3.58 -89.52 33.01
C PRO K 113 -3.33 -91.03 32.94
N SER K 114 -3.44 -91.53 31.72
CA SER K 114 -3.16 -92.92 31.40
C SER K 114 -1.97 -92.97 30.45
N VAL K 115 -1.00 -93.84 30.75
CA VAL K 115 0.23 -93.94 29.99
C VAL K 115 0.26 -95.29 29.27
N PHE K 116 0.55 -95.24 27.98
CA PHE K 116 0.72 -96.45 27.17
C PHE K 116 2.00 -96.32 26.35
N ILE K 117 2.65 -97.45 26.09
CA ILE K 117 3.89 -97.49 25.32
C ILE K 117 3.66 -98.31 24.06
N PHE K 118 4.25 -97.87 22.96
CA PHE K 118 4.09 -98.51 21.66
C PHE K 118 5.46 -98.77 21.06
N PRO K 119 5.80 -100.02 20.74
CA PRO K 119 7.08 -100.29 20.09
C PRO K 119 7.09 -99.76 18.67
N PRO K 120 8.27 -99.47 18.12
CA PRO K 120 8.33 -99.04 16.72
C PRO K 120 7.81 -100.13 15.79
N SER K 121 7.11 -99.70 14.74
CA SER K 121 6.50 -100.63 13.81
C SER K 121 7.56 -101.46 13.09
N ASP K 122 7.22 -102.73 12.83
CA ASP K 122 8.14 -103.62 12.14
C ASP K 122 8.40 -103.14 10.71
N GLU K 123 7.37 -102.58 10.06
CA GLU K 123 7.55 -102.02 8.73
C GLU K 123 8.46 -100.79 8.75
N GLN K 124 8.49 -100.07 9.87
CA GLN K 124 9.38 -98.92 9.99
C GLN K 124 10.84 -99.36 10.00
N LEU K 125 11.13 -100.54 10.54
CA LEU K 125 12.50 -101.03 10.58
C LEU K 125 13.06 -101.31 9.19
N LYS K 126 12.19 -101.43 8.18
CA LYS K 126 12.65 -101.62 6.81
C LYS K 126 13.45 -100.42 6.33
N SER K 127 13.12 -99.22 6.81
CA SER K 127 13.84 -98.01 6.46
C SER K 127 15.00 -97.80 7.43
N GLY K 128 15.63 -96.63 7.37
CA GLY K 128 16.76 -96.33 8.22
C GLY K 128 16.42 -95.47 9.42
N THR K 129 15.14 -95.44 9.80
CA THR K 129 14.68 -94.63 10.92
C THR K 129 13.80 -95.45 11.85
N ALA K 130 13.91 -95.17 13.14
CA ALA K 130 13.10 -95.81 14.17
C ALA K 130 12.54 -94.74 15.11
N SER K 131 11.26 -94.89 15.47
CA SER K 131 10.60 -93.92 16.33
C SER K 131 9.71 -94.65 17.33
N VAL K 132 9.78 -94.24 18.59
CA VAL K 132 8.93 -94.76 19.65
C VAL K 132 8.02 -93.64 20.12
N VAL K 133 6.73 -93.94 20.26
CA VAL K 133 5.72 -92.95 20.60
C VAL K 133 5.12 -93.31 21.95
N CYS K 134 5.15 -92.36 22.88
CA CYS K 134 4.49 -92.49 24.18
C CYS K 134 3.40 -91.42 24.27
N LEU K 135 2.20 -91.84 24.66
CA LEU K 135 1.05 -90.95 24.70
C LEU K 135 0.41 -90.96 26.09
N LEU K 136 -0.15 -89.82 26.45
CA LEU K 136 -0.88 -89.66 27.71
C LEU K 136 -2.26 -89.10 27.40
N ASN K 137 -3.28 -89.66 28.04
CA ASN K 137 -4.66 -89.26 27.80
C ASN K 137 -5.31 -88.83 29.12
N ASN K 138 -6.42 -88.09 28.98
CA ASN K 138 -7.32 -87.74 30.09
C ASN K 138 -6.59 -87.11 31.27
N PHE K 139 -5.63 -86.22 30.99
CA PHE K 139 -5.00 -85.41 32.02
C PHE K 139 -5.41 -83.95 31.85
N TYR K 140 -5.89 -83.34 32.93
CA TYR K 140 -6.23 -81.93 32.91
C TYR K 140 -5.03 -81.00 33.13
N PRO K 141 -4.18 -81.22 34.15
CA PRO K 141 -3.22 -80.17 34.54
C PRO K 141 -2.32 -79.69 33.42
N ARG K 142 -1.93 -80.57 32.49
CA ARG K 142 -1.12 -80.22 31.32
C ARG K 142 0.32 -79.92 31.73
N GLU K 143 0.56 -79.83 33.04
CA GLU K 143 1.91 -79.57 33.56
C GLU K 143 2.60 -80.91 33.84
N ALA K 144 2.92 -81.60 32.75
CA ALA K 144 3.55 -82.91 32.80
C ALA K 144 4.84 -82.90 32.00
N LYS K 145 5.78 -83.75 32.42
CA LYS K 145 7.07 -83.89 31.77
C LYS K 145 7.29 -85.35 31.40
N VAL K 146 7.85 -85.58 30.22
CA VAL K 146 8.12 -86.92 29.72
C VAL K 146 9.62 -87.11 29.61
N GLN K 147 10.14 -88.10 30.32
CA GLN K 147 11.56 -88.44 30.30
C GLN K 147 11.73 -89.82 29.69
N TRP K 148 12.59 -89.92 28.69
CA TRP K 148 12.84 -91.18 27.99
C TRP K 148 14.09 -91.83 28.58
N LYS K 149 13.90 -93.01 29.20
CA LYS K 149 14.99 -93.75 29.83
C LYS K 149 15.20 -95.04 29.07
N VAL K 150 16.30 -95.13 28.32
CA VAL K 150 16.71 -96.33 27.63
C VAL K 150 18.00 -96.82 28.26
N ASP K 151 17.98 -98.06 28.76
CA ASP K 151 19.11 -98.65 29.49
C ASP K 151 19.54 -97.74 30.64
N ASN K 152 18.56 -97.24 31.38
CA ASN K 152 18.76 -96.35 32.53
C ASN K 152 19.45 -95.05 32.15
N ALA K 153 19.36 -94.65 30.88
CA ALA K 153 20.00 -93.44 30.39
C ALA K 153 18.96 -92.50 29.80
N LEU K 154 19.12 -91.20 30.09
CA LEU K 154 18.18 -90.19 29.63
C LEU K 154 18.56 -89.71 28.24
N GLN K 155 17.57 -89.63 27.36
CA GLN K 155 17.75 -89.09 26.02
C GLN K 155 17.27 -87.65 26.00
N SER K 156 18.17 -86.73 25.62
CA SER K 156 17.87 -85.31 25.60
C SER K 156 18.42 -84.71 24.31
N GLY K 157 17.53 -84.31 23.41
CA GLY K 157 17.94 -83.73 22.15
C GLY K 157 17.16 -84.26 20.96
N ASN K 158 16.54 -85.43 21.13
CA ASN K 158 15.76 -86.04 20.07
C ASN K 158 14.28 -86.19 20.43
N SER K 159 13.85 -85.71 21.58
CA SER K 159 12.47 -85.87 22.00
C SER K 159 11.60 -84.78 21.37
N GLN K 160 10.46 -85.19 20.82
CA GLN K 160 9.48 -84.28 20.25
C GLN K 160 8.14 -84.50 20.94
N GLU K 161 7.55 -83.42 21.45
CA GLU K 161 6.29 -83.48 22.19
C GLU K 161 5.24 -82.67 21.46
N SER K 162 4.07 -83.28 21.24
CA SER K 162 2.93 -82.61 20.64
C SER K 162 1.72 -82.79 21.56
N VAL K 163 1.03 -81.69 21.84
CA VAL K 163 -0.10 -81.68 22.75
C VAL K 163 -1.31 -81.10 22.03
N THR K 164 -2.47 -81.72 22.24
CA THR K 164 -3.72 -81.26 21.65
C THR K 164 -4.35 -80.16 22.49
N GLU K 165 -5.34 -79.50 21.91
CA GLU K 165 -6.07 -78.46 22.62
C GLU K 165 -7.01 -79.09 23.64
N GLN K 166 -7.59 -78.23 24.49
CA GLN K 166 -8.53 -78.69 25.49
C GLN K 166 -9.75 -79.34 24.83
N ASP K 167 -10.15 -80.49 25.37
CA ASP K 167 -11.29 -81.22 24.81
C ASP K 167 -12.58 -80.47 25.07
N SER K 168 -13.54 -80.63 24.15
CA SER K 168 -14.82 -79.95 24.27
C SER K 168 -15.82 -80.69 25.14
N LYS K 169 -15.56 -81.97 25.44
CA LYS K 169 -16.52 -82.77 26.21
C LYS K 169 -16.19 -82.78 27.70
N ASP K 170 -15.00 -83.27 28.06
CA ASP K 170 -14.59 -83.35 29.45
C ASP K 170 -13.45 -82.40 29.78
N SER K 171 -12.97 -81.61 28.82
CA SER K 171 -11.91 -80.62 29.03
C SER K 171 -10.64 -81.27 29.57
N THR K 172 -10.17 -82.30 28.87
CA THR K 172 -8.95 -83.01 29.22
C THR K 172 -7.98 -82.96 28.05
N TYR K 173 -6.70 -82.74 28.37
CA TYR K 173 -5.66 -82.65 27.35
C TYR K 173 -5.07 -84.01 27.04
N SER K 174 -4.35 -84.09 25.93
CA SER K 174 -3.63 -85.29 25.52
C SER K 174 -2.29 -84.90 24.93
N LEU K 175 -1.23 -85.60 25.34
CA LEU K 175 0.12 -85.30 24.92
C LEU K 175 0.77 -86.55 24.33
N SER K 176 1.52 -86.36 23.25
CA SER K 176 2.25 -87.43 22.57
C SER K 176 3.73 -87.11 22.57
N SER K 177 4.55 -88.07 23.00
CA SER K 177 5.99 -87.94 23.01
C SER K 177 6.58 -88.94 22.02
N THR K 178 7.41 -88.44 21.10
CA THR K 178 8.02 -89.27 20.07
C THR K 178 9.53 -89.18 20.18
N LEU K 179 10.19 -90.33 20.27
CA LEU K 179 11.64 -90.43 20.35
C LEU K 179 12.14 -91.00 19.02
N THR K 180 12.75 -90.14 18.20
CA THR K 180 13.22 -90.53 16.87
C THR K 180 14.69 -90.92 16.94
N LEU K 181 14.99 -92.13 16.48
CA LEU K 181 16.35 -92.63 16.43
C LEU K 181 16.75 -92.94 14.99
N SER K 182 18.05 -92.88 14.73
CA SER K 182 18.59 -93.08 13.39
C SER K 182 18.74 -94.55 13.00
N LYS K 183 18.15 -95.46 13.78
CA LYS K 183 18.18 -96.91 13.54
C LYS K 183 19.57 -97.46 13.82
N ALA K 184 20.54 -96.57 14.03
CA ALA K 184 21.86 -97.00 14.52
C ALA K 184 21.84 -97.15 16.03
N ASP K 185 21.20 -96.21 16.72
CA ASP K 185 20.99 -96.36 18.16
C ASP K 185 20.03 -97.52 18.45
N TYR K 186 19.11 -97.79 17.56
CA TYR K 186 18.26 -98.97 17.68
C TYR K 186 19.08 -100.23 17.39
N GLU K 187 18.56 -101.37 17.84
CA GLU K 187 19.21 -102.67 17.76
C GLU K 187 20.54 -102.72 18.49
N LYS K 188 20.85 -101.69 19.29
CA LYS K 188 22.08 -101.63 20.06
C LYS K 188 21.87 -101.61 21.57
N HIS K 189 20.66 -101.30 22.04
CA HIS K 189 20.33 -101.20 23.45
C HIS K 189 19.50 -102.41 23.85
N LYS K 190 18.98 -102.40 25.08
CA LYS K 190 18.27 -103.56 25.58
C LYS K 190 16.86 -103.25 26.09
N VAL K 191 16.66 -102.06 26.65
CA VAL K 191 15.36 -101.70 27.23
C VAL K 191 15.02 -100.26 26.85
N TYR K 192 13.87 -100.07 26.22
CA TYR K 192 13.33 -98.74 25.93
C TYR K 192 12.11 -98.51 26.83
N ALA K 193 12.16 -97.45 27.63
CA ALA K 193 11.11 -97.19 28.61
C ALA K 193 10.77 -95.70 28.62
N CYS K 194 9.57 -95.40 29.10
CA CYS K 194 9.08 -94.04 29.25
C CYS K 194 8.87 -93.74 30.72
N GLU K 195 9.43 -92.65 31.20
CA GLU K 195 9.23 -92.19 32.57
C GLU K 195 8.24 -91.02 32.55
N VAL K 196 7.13 -91.19 33.27
CA VAL K 196 6.06 -90.20 33.30
C VAL K 196 5.90 -89.72 34.73
N THR K 197 6.03 -88.40 34.94
CA THR K 197 5.78 -87.78 36.22
C THR K 197 4.70 -86.74 36.06
N HIS K 198 3.73 -86.74 36.98
CA HIS K 198 2.59 -85.84 36.88
C HIS K 198 1.98 -85.65 38.26
N GLN K 199 1.38 -84.48 38.46
CA GLN K 199 0.77 -84.17 39.75
C GLN K 199 -0.43 -85.08 40.01
N GLY K 200 -1.19 -85.40 38.97
CA GLY K 200 -2.33 -86.29 39.14
C GLY K 200 -1.96 -87.72 39.46
N LEU K 201 -0.73 -88.14 39.13
CA LEU K 201 -0.25 -89.46 39.48
C LEU K 201 0.35 -89.45 40.88
N SER K 202 -0.08 -90.39 41.71
CA SER K 202 0.48 -90.50 43.06
C SER K 202 1.96 -90.83 43.01
N SER K 203 2.35 -91.75 42.12
CA SER K 203 3.73 -92.14 41.93
C SER K 203 4.05 -92.14 40.44
N PRO K 204 5.30 -91.85 40.08
CA PRO K 204 5.66 -91.86 38.65
C PRO K 204 5.69 -93.27 38.09
N VAL K 205 4.70 -93.62 37.29
CA VAL K 205 4.59 -94.95 36.70
C VAL K 205 5.40 -95.00 35.41
N THR K 206 6.09 -96.11 35.20
CA THR K 206 6.92 -96.32 34.02
C THR K 206 6.41 -97.53 33.26
N LYS K 207 6.16 -97.35 31.96
CA LYS K 207 5.76 -98.45 31.08
C LYS K 207 6.92 -98.76 30.14
N SER K 208 7.28 -100.04 30.07
CA SER K 208 8.43 -100.46 29.29
C SER K 208 8.08 -101.72 28.51
N PHE K 209 8.99 -102.11 27.61
CA PHE K 209 8.82 -103.31 26.81
C PHE K 209 10.19 -103.83 26.42
N ASN K 210 10.31 -105.16 26.36
CA ASN K 210 11.52 -105.78 25.84
C ASN K 210 11.51 -105.70 24.31
N ARG K 211 12.64 -105.29 23.73
CA ARG K 211 12.70 -105.10 22.30
C ARG K 211 12.53 -106.43 21.56
N GLY K 212 12.00 -106.34 20.35
CA GLY K 212 11.71 -107.53 19.56
C GLY K 212 10.69 -108.47 20.16
N GLU K 213 9.91 -108.00 21.14
CA GLU K 213 8.93 -108.84 21.82
C GLU K 213 7.59 -108.12 21.91
N GLN L 1 -29.68 -72.04 4.08
CA GLN L 1 -28.61 -73.02 4.30
C GLN L 1 -27.43 -72.75 3.39
N VAL L 2 -27.02 -71.48 3.31
CA VAL L 2 -25.90 -71.11 2.46
C VAL L 2 -24.62 -71.76 2.97
N GLN L 3 -23.89 -72.42 2.08
CA GLN L 3 -22.65 -73.09 2.41
C GLN L 3 -21.59 -72.74 1.39
N LEU L 4 -20.34 -72.69 1.84
CA LEU L 4 -19.21 -72.34 0.99
C LEU L 4 -18.07 -73.30 1.24
N GLN L 5 -17.23 -73.48 0.23
CA GLN L 5 -16.04 -74.31 0.35
C GLN L 5 -14.91 -73.69 -0.47
N GLU L 6 -13.69 -73.79 0.04
CA GLU L 6 -12.52 -73.18 -0.58
C GLU L 6 -11.73 -74.24 -1.35
N SER L 7 -11.19 -73.84 -2.49
CA SER L 7 -10.36 -74.71 -3.32
C SER L 7 -9.03 -74.00 -3.59
N GLY L 8 -7.93 -74.70 -3.34
CA GLY L 8 -6.62 -74.13 -3.53
C GLY L 8 -5.57 -75.16 -3.87
N PRO L 9 -4.39 -74.70 -4.29
CA PRO L 9 -3.31 -75.63 -4.64
C PRO L 9 -2.63 -76.23 -3.43
N GLY L 10 -2.57 -75.48 -2.33
CA GLY L 10 -1.93 -75.94 -1.12
C GLY L 10 -0.45 -75.62 -1.01
N LEU L 11 0.16 -75.11 -2.08
CA LEU L 11 1.57 -74.73 -2.05
C LEU L 11 1.84 -73.78 -3.20
N VAL L 12 2.38 -72.61 -2.88
CA VAL L 12 2.74 -71.60 -3.87
C VAL L 12 4.15 -71.11 -3.58
N LYS L 13 5.01 -71.12 -4.59
CA LYS L 13 6.38 -70.68 -4.41
C LYS L 13 6.44 -69.18 -4.12
N PRO L 14 7.45 -68.73 -3.38
CA PRO L 14 7.55 -67.30 -3.07
C PRO L 14 7.76 -66.46 -4.32
N SER L 15 7.40 -65.18 -4.21
CA SER L 15 7.48 -64.22 -5.32
C SER L 15 6.58 -64.64 -6.49
N GLN L 16 5.50 -65.35 -6.19
CA GLN L 16 4.53 -65.75 -7.20
C GLN L 16 3.12 -65.39 -6.77
N THR L 17 2.12 -65.86 -7.50
CA THR L 17 0.72 -65.55 -7.23
C THR L 17 0.00 -66.81 -6.74
N LEU L 18 -0.76 -66.67 -5.66
CA LEU L 18 -1.60 -67.74 -5.14
C LEU L 18 -3.05 -67.42 -5.44
N SER L 19 -3.79 -68.41 -5.95
CA SER L 19 -5.17 -68.22 -6.37
C SER L 19 -6.05 -69.27 -5.73
N LEU L 20 -7.14 -68.81 -5.10
CA LEU L 20 -8.13 -69.71 -4.51
C LEU L 20 -9.51 -69.36 -5.05
N THR L 21 -10.37 -70.38 -5.13
CA THR L 21 -11.73 -70.21 -5.64
C THR L 21 -12.70 -70.75 -4.62
N CYS L 22 -13.71 -69.95 -4.29
CA CYS L 22 -14.77 -70.34 -3.36
C CYS L 22 -16.09 -70.42 -4.11
N THR L 23 -16.82 -71.51 -3.91
CA THR L 23 -18.07 -71.76 -4.61
C THR L 23 -19.25 -71.70 -3.64
N VAL L 24 -20.31 -71.02 -4.05
CA VAL L 24 -21.52 -70.87 -3.24
C VAL L 24 -22.60 -71.78 -3.81
N SER L 25 -23.42 -72.35 -2.91
CA SER L 25 -24.47 -73.28 -3.30
C SER L 25 -25.86 -72.85 -2.89
N GLY L 26 -26.00 -72.00 -1.88
CA GLY L 26 -27.33 -71.62 -1.40
C GLY L 26 -27.68 -70.17 -1.59
N TYR L 27 -26.76 -69.38 -2.16
CA TYR L 27 -26.99 -67.95 -2.33
C TYR L 27 -26.30 -67.50 -3.62
N SER L 28 -26.82 -66.42 -4.19
CA SER L 28 -26.29 -65.84 -5.41
C SER L 28 -25.35 -64.69 -5.09
N ILE L 29 -24.16 -64.71 -5.69
CA ILE L 29 -23.19 -63.64 -5.47
C ILE L 29 -23.70 -62.30 -5.98
N SER L 30 -24.62 -62.31 -6.94
CA SER L 30 -25.20 -61.09 -7.51
C SER L 30 -26.52 -60.74 -6.85
N SER L 31 -26.64 -60.97 -5.55
CA SER L 31 -27.85 -60.73 -4.78
C SER L 31 -27.52 -59.81 -3.60
N ASP L 32 -28.45 -59.72 -2.66
CA ASP L 32 -28.31 -58.82 -1.52
C ASP L 32 -27.28 -59.34 -0.53
N SER L 33 -26.03 -59.47 -0.97
CA SER L 33 -24.97 -59.98 -0.12
C SER L 33 -23.65 -59.32 -0.49
N ALA L 34 -22.75 -59.24 0.48
CA ALA L 34 -21.38 -58.78 0.28
C ALA L 34 -20.44 -59.91 0.64
N TRP L 35 -19.50 -60.21 -0.24
CA TRP L 35 -18.63 -61.36 -0.09
C TRP L 35 -17.20 -60.90 0.20
N SER L 36 -16.60 -61.48 1.22
CA SER L 36 -15.30 -61.03 1.72
C SER L 36 -14.35 -62.21 1.82
N TRP L 37 -13.06 -61.89 1.78
CA TRP L 37 -11.99 -62.85 1.99
C TRP L 37 -11.26 -62.50 3.28
N ILE L 38 -11.13 -63.47 4.18
CA ILE L 38 -10.54 -63.26 5.49
C ILE L 38 -9.42 -64.28 5.69
N ARG L 39 -8.27 -63.79 6.16
CA ARG L 39 -7.06 -64.60 6.26
C ARG L 39 -6.65 -64.75 7.72
N GLN L 40 -6.13 -65.93 8.07
CA GLN L 40 -5.68 -66.22 9.43
C GLN L 40 -4.31 -66.88 9.39
N PRO L 41 -3.24 -66.19 9.76
CA PRO L 41 -1.92 -66.83 9.86
C PRO L 41 -1.91 -67.88 10.96
N PRO L 42 -0.90 -68.74 11.00
CA PRO L 42 -0.84 -69.76 12.06
C PRO L 42 -0.82 -69.13 13.45
N GLY L 43 -1.50 -69.78 14.38
CA GLY L 43 -1.66 -69.24 15.71
C GLY L 43 -2.96 -68.49 15.87
N LYS L 44 -2.87 -67.16 16.02
CA LYS L 44 -4.05 -66.31 16.16
C LYS L 44 -3.85 -65.05 15.33
N GLY L 45 -4.93 -64.30 15.16
CA GLY L 45 -4.88 -63.05 14.43
C GLY L 45 -5.57 -63.13 13.08
N LEU L 46 -6.72 -62.48 12.96
CA LEU L 46 -7.49 -62.50 11.72
C LEU L 46 -7.29 -61.19 10.96
N GLU L 47 -6.97 -61.30 9.68
CA GLU L 47 -6.72 -60.14 8.83
C GLU L 47 -7.65 -60.20 7.62
N TRP L 48 -8.36 -59.09 7.38
CA TRP L 48 -9.31 -59.00 6.28
C TRP L 48 -8.59 -58.39 5.07
N ILE L 49 -8.28 -59.23 4.09
CA ILE L 49 -7.55 -58.75 2.92
C ILE L 49 -8.44 -57.86 2.05
N GLY L 50 -9.68 -58.28 1.82
CA GLY L 50 -10.57 -57.49 0.99
C GLY L 50 -11.93 -58.16 0.87
N TYR L 51 -12.82 -57.48 0.15
CA TYR L 51 -14.18 -57.99 -0.05
C TYR L 51 -14.66 -57.56 -1.41
N ILE L 52 -15.66 -58.28 -1.92
CA ILE L 52 -16.31 -57.97 -3.19
C ILE L 52 -17.81 -57.91 -2.95
N GLN L 53 -18.42 -56.78 -3.32
CA GLN L 53 -19.85 -56.58 -3.18
C GLN L 53 -20.57 -57.09 -4.43
N TYR L 54 -21.89 -57.14 -4.35
CA TYR L 54 -22.69 -57.38 -5.55
C TYR L 54 -22.47 -56.26 -6.55
N SER L 55 -22.58 -56.61 -7.84
CA SER L 55 -22.33 -55.75 -9.00
C SER L 55 -20.85 -55.49 -9.25
N GLY L 56 -19.96 -56.00 -8.41
CA GLY L 56 -18.53 -55.96 -8.67
C GLY L 56 -17.75 -54.89 -7.94
N SER L 57 -18.41 -53.99 -7.23
CA SER L 57 -17.70 -52.95 -6.49
C SER L 57 -16.87 -53.57 -5.37
N THR L 58 -15.63 -53.11 -5.24
CA THR L 58 -14.69 -53.69 -4.29
C THR L 58 -13.98 -52.60 -3.50
N ASN L 59 -13.64 -52.93 -2.26
CA ASN L 59 -12.77 -52.12 -1.42
C ASN L 59 -11.80 -53.06 -0.71
N TYR L 60 -10.54 -52.66 -0.63
CA TYR L 60 -9.48 -53.52 -0.14
C TYR L 60 -8.80 -52.92 1.08
N ASN L 61 -8.12 -53.77 1.82
CA ASN L 61 -7.31 -53.33 2.95
C ASN L 61 -6.15 -52.48 2.43
N PRO L 62 -5.95 -51.27 2.94
CA PRO L 62 -4.82 -50.45 2.48
C PRO L 62 -3.47 -51.10 2.71
N SER L 63 -3.37 -52.08 3.61
CA SER L 63 -2.11 -52.80 3.79
C SER L 63 -1.72 -53.57 2.54
N LEU L 64 -2.70 -54.09 1.79
CA LEU L 64 -2.43 -54.89 0.61
C LEU L 64 -3.25 -54.42 -0.59
N LYS L 65 -3.61 -53.14 -0.63
CA LYS L 65 -4.44 -52.65 -1.73
C LYS L 65 -3.73 -52.73 -3.07
N SER L 66 -2.39 -52.67 -3.07
CA SER L 66 -1.60 -52.80 -4.28
C SER L 66 -1.26 -54.24 -4.62
N ARG L 67 -1.71 -55.20 -3.81
CA ARG L 67 -1.31 -56.59 -3.95
C ARG L 67 -2.50 -57.56 -4.01
N VAL L 68 -3.72 -57.06 -4.08
CA VAL L 68 -4.91 -57.91 -4.04
C VAL L 68 -5.82 -57.57 -5.22
N THR L 69 -6.33 -58.61 -5.87
CA THR L 69 -7.36 -58.49 -6.91
C THR L 69 -8.44 -59.52 -6.62
N ILE L 70 -9.69 -59.08 -6.61
CA ILE L 70 -10.83 -59.94 -6.35
C ILE L 70 -11.76 -59.91 -7.56
N SER L 71 -12.09 -61.08 -8.08
CA SER L 71 -12.98 -61.23 -9.23
C SER L 71 -14.04 -62.27 -8.91
N ARG L 72 -14.98 -62.45 -9.83
CA ARG L 72 -16.07 -63.40 -9.64
C ARG L 72 -16.55 -63.91 -10.98
N ASP L 73 -17.23 -65.06 -10.95
CA ASP L 73 -17.83 -65.67 -12.12
C ASP L 73 -19.28 -65.97 -11.80
N THR L 74 -20.19 -65.18 -12.37
CA THR L 74 -21.62 -65.32 -12.04
C THR L 74 -22.18 -66.64 -12.55
N SER L 75 -21.69 -67.13 -13.69
CA SER L 75 -22.23 -68.37 -14.26
C SER L 75 -21.98 -69.56 -13.34
N LYS L 76 -20.78 -69.65 -12.77
CA LYS L 76 -20.42 -70.77 -11.91
C LYS L 76 -20.70 -70.50 -10.44
N ASN L 77 -21.19 -69.31 -10.11
CA ASN L 77 -21.48 -68.93 -8.72
C ASN L 77 -20.24 -69.06 -7.84
N GLN L 78 -19.14 -68.48 -8.30
CA GLN L 78 -17.88 -68.53 -7.58
C GLN L 78 -17.17 -67.19 -7.71
N PHE L 79 -16.41 -66.84 -6.68
CA PHE L 79 -15.58 -65.64 -6.67
C PHE L 79 -14.19 -65.99 -6.16
N SER L 80 -13.17 -65.41 -6.77
CA SER L 80 -11.79 -65.79 -6.53
C SER L 80 -10.97 -64.56 -6.12
N LEU L 81 -9.74 -64.83 -5.70
CA LEU L 81 -8.76 -63.80 -5.37
C LEU L 81 -7.43 -64.15 -6.00
N LYS L 82 -6.63 -63.12 -6.26
CA LYS L 82 -5.31 -63.30 -6.87
C LYS L 82 -4.34 -62.33 -6.19
N LEU L 83 -3.57 -62.85 -5.24
CA LEU L 83 -2.54 -62.08 -4.54
C LEU L 83 -1.18 -62.53 -5.04
N SER L 84 -0.41 -61.60 -5.58
CA SER L 84 0.89 -61.90 -6.18
C SER L 84 2.02 -61.54 -5.23
N SER L 85 3.22 -61.98 -5.58
CA SER L 85 4.44 -61.68 -4.83
C SER L 85 4.31 -62.12 -3.37
N VAL L 86 3.94 -63.39 -3.18
CA VAL L 86 3.75 -63.91 -1.83
C VAL L 86 5.10 -64.11 -1.15
N THR L 87 5.12 -63.90 0.16
CA THR L 87 6.31 -64.10 0.99
C THR L 87 5.99 -65.12 2.07
N ALA L 88 6.94 -65.30 3.00
CA ALA L 88 6.73 -66.23 4.09
C ALA L 88 5.62 -65.76 5.02
N ALA L 89 5.37 -64.45 5.10
CA ALA L 89 4.33 -63.92 5.97
C ALA L 89 2.93 -64.22 5.47
N ASP L 90 2.77 -64.68 4.24
CA ASP L 90 1.46 -64.97 3.67
C ASP L 90 1.01 -66.41 3.93
N THR L 91 1.84 -67.23 4.57
CA THR L 91 1.43 -68.58 4.94
C THR L 91 0.28 -68.50 5.94
N ALA L 92 -0.90 -68.94 5.54
CA ALA L 92 -2.08 -68.78 6.37
C ALA L 92 -3.21 -69.68 5.85
N VAL L 93 -4.27 -69.77 6.65
CA VAL L 93 -5.50 -70.44 6.25
C VAL L 93 -6.48 -69.36 5.82
N TYR L 94 -6.93 -69.42 4.57
CA TYR L 94 -7.75 -68.37 3.97
C TYR L 94 -9.22 -68.78 4.07
N TYR L 95 -10.04 -67.91 4.66
CA TYR L 95 -11.47 -68.12 4.79
C TYR L 95 -12.20 -67.22 3.81
N CYS L 96 -13.08 -67.80 3.00
CA CYS L 96 -14.03 -67.04 2.20
C CYS L 96 -15.34 -66.97 2.95
N ALA L 97 -16.00 -65.81 2.89
CA ALA L 97 -17.16 -65.59 3.75
C ALA L 97 -18.12 -64.60 3.11
N ARG L 98 -19.36 -64.65 3.57
CA ARG L 98 -20.43 -63.76 3.11
C ARG L 98 -20.84 -62.85 4.25
N SER L 99 -21.19 -61.61 3.91
CA SER L 99 -21.59 -60.63 4.90
C SER L 99 -23.04 -60.80 5.30
N VAL L 100 -23.31 -60.82 6.60
CA VAL L 100 -24.65 -60.82 7.16
C VAL L 100 -24.89 -59.45 7.78
N ASN L 101 -26.13 -58.96 7.69
CA ASN L 101 -26.49 -57.65 8.20
C ASN L 101 -25.70 -56.54 7.50
N TYR L 102 -25.63 -56.63 6.17
CA TYR L 102 -24.91 -55.68 5.35
C TYR L 102 -25.90 -54.66 4.81
N TYR L 103 -26.04 -53.54 5.53
CA TYR L 103 -26.90 -52.44 5.13
C TYR L 103 -26.10 -51.26 4.57
N GLY L 104 -25.02 -51.54 3.85
CA GLY L 104 -24.14 -50.52 3.36
C GLY L 104 -22.94 -50.30 4.28
N ASN L 105 -21.91 -49.67 3.71
CA ASN L 105 -20.65 -49.44 4.42
C ASN L 105 -20.07 -50.74 4.96
N SER L 106 -20.01 -50.88 6.28
CA SER L 106 -19.47 -52.07 6.91
C SER L 106 -20.59 -53.09 7.19
N PHE L 107 -20.17 -54.29 7.59
CA PHE L 107 -21.11 -55.39 7.74
C PHE L 107 -20.61 -56.30 8.86
N ALA L 108 -21.27 -57.45 9.00
CA ALA L 108 -20.85 -58.55 9.86
C ALA L 108 -20.48 -59.75 8.99
N VAL L 109 -20.02 -60.81 9.65
CA VAL L 109 -19.60 -62.03 8.96
C VAL L 109 -20.30 -63.20 9.64
N GLY L 110 -21.40 -63.66 9.06
CA GLY L 110 -22.18 -64.74 9.64
C GLY L 110 -21.88 -66.10 9.08
N TYR L 111 -21.63 -66.18 7.77
CA TYR L 111 -21.37 -67.43 7.08
C TYR L 111 -19.88 -67.52 6.72
N TRP L 112 -19.27 -68.64 7.09
CA TRP L 112 -17.84 -68.87 6.86
C TRP L 112 -17.64 -70.17 6.12
N GLY L 113 -16.49 -70.27 5.43
CA GLY L 113 -16.08 -71.52 4.83
C GLY L 113 -15.22 -72.35 5.75
N GLN L 114 -14.97 -73.59 5.34
CA GLN L 114 -14.14 -74.49 6.14
C GLN L 114 -12.68 -74.05 6.13
N GLY L 115 -12.24 -73.40 5.05
CA GLY L 115 -10.89 -72.89 4.98
C GLY L 115 -9.87 -73.91 4.52
N THR L 116 -9.00 -73.50 3.60
CA THR L 116 -7.92 -74.34 3.11
C THR L 116 -6.58 -73.69 3.44
N LEU L 117 -5.60 -74.52 3.79
CA LEU L 117 -4.29 -74.03 4.20
C LEU L 117 -3.38 -73.92 2.99
N VAL L 118 -2.72 -72.78 2.86
CA VAL L 118 -1.75 -72.53 1.79
C VAL L 118 -0.40 -72.28 2.43
N THR L 119 0.60 -73.06 2.04
CA THR L 119 1.95 -72.95 2.55
C THR L 119 2.85 -72.34 1.49
N VAL L 120 3.59 -71.31 1.86
CA VAL L 120 4.50 -70.62 0.95
C VAL L 120 5.92 -71.06 1.31
N SER L 121 6.56 -71.79 0.40
CA SER L 121 7.91 -72.28 0.63
C SER L 121 8.50 -72.68 -0.71
N SER L 122 9.83 -72.84 -0.72
CA SER L 122 10.57 -73.24 -1.92
C SER L 122 10.85 -74.74 -1.95
N ALA L 123 9.99 -75.54 -1.33
CA ALA L 123 10.17 -76.98 -1.24
C ALA L 123 9.17 -77.68 -2.17
N SER L 124 9.21 -79.01 -2.16
CA SER L 124 8.35 -79.83 -2.99
C SER L 124 7.40 -80.65 -2.12
N THR L 125 6.33 -81.14 -2.75
CA THR L 125 5.33 -81.94 -2.05
C THR L 125 5.80 -83.39 -1.96
N LYS L 126 5.81 -83.92 -0.74
CA LYS L 126 6.23 -85.31 -0.50
C LYS L 126 5.13 -86.02 0.28
N GLY L 127 4.74 -87.20 -0.20
CA GLY L 127 3.73 -87.99 0.45
C GLY L 127 4.29 -88.80 1.59
N PRO L 128 3.48 -89.02 2.63
CA PRO L 128 3.95 -89.77 3.79
C PRO L 128 3.63 -91.26 3.68
N SER L 129 4.36 -92.04 4.47
CA SER L 129 4.10 -93.46 4.66
C SER L 129 3.65 -93.66 6.11
N VAL L 130 2.48 -94.24 6.29
CA VAL L 130 1.89 -94.39 7.62
C VAL L 130 2.34 -95.70 8.23
N PHE L 131 2.70 -95.65 9.52
CA PHE L 131 3.13 -96.82 10.26
C PHE L 131 2.19 -97.05 11.44
N PRO L 132 1.63 -98.24 11.58
CA PRO L 132 0.74 -98.50 12.72
C PRO L 132 1.51 -98.59 14.02
N LEU L 133 0.82 -98.25 15.11
CA LEU L 133 1.40 -98.33 16.45
C LEU L 133 0.48 -99.19 17.31
N ALA L 134 0.92 -100.41 17.59
CA ALA L 134 0.21 -101.33 18.48
C ALA L 134 1.22 -102.04 19.36
N PRO L 135 0.84 -102.36 20.61
CA PRO L 135 1.76 -103.11 21.47
C PRO L 135 1.99 -104.51 20.93
N CYS L 136 3.23 -104.98 21.04
CA CYS L 136 3.59 -106.30 20.54
C CYS L 136 3.24 -107.41 21.51
N SER L 137 3.06 -107.10 22.80
CA SER L 137 2.75 -108.11 23.80
C SER L 137 1.64 -107.72 24.76
N ARG L 138 1.24 -106.45 24.82
CA ARG L 138 0.22 -106.00 25.76
C ARG L 138 -1.17 -106.15 25.13
N SER L 139 -1.58 -107.41 24.99
CA SER L 139 -2.87 -107.76 24.44
C SER L 139 -3.71 -108.41 25.52
N THR L 140 -4.89 -107.83 25.80
CA THR L 140 -5.82 -108.34 26.81
C THR L 140 -5.14 -108.49 28.17
N SER L 143 -8.96 -102.96 31.28
CA SER L 143 -10.18 -102.94 30.50
C SER L 143 -10.09 -101.96 29.33
N THR L 144 -9.01 -101.20 29.30
CA THR L 144 -8.80 -100.17 28.29
C THR L 144 -7.54 -100.45 27.51
N ALA L 145 -7.62 -100.28 26.19
CA ALA L 145 -6.49 -100.48 25.29
C ALA L 145 -6.32 -99.24 24.42
N ALA L 146 -5.10 -99.03 23.95
CA ALA L 146 -4.76 -97.87 23.14
C ALA L 146 -4.20 -98.30 21.80
N LEU L 147 -4.67 -97.66 20.72
CA LEU L 147 -4.18 -97.91 19.38
C LEU L 147 -4.02 -96.57 18.66
N GLY L 148 -3.11 -96.54 17.70
CA GLY L 148 -2.86 -95.30 16.98
C GLY L 148 -2.11 -95.53 15.68
N CYS L 149 -2.03 -94.46 14.89
CA CYS L 149 -1.34 -94.46 13.61
C CYS L 149 -0.30 -93.36 13.58
N LEU L 150 0.82 -93.62 12.92
CA LEU L 150 1.93 -92.68 12.84
C LEU L 150 2.09 -92.22 11.40
N VAL L 151 2.12 -90.90 11.21
CA VAL L 151 2.34 -90.28 9.91
C VAL L 151 3.68 -89.56 9.96
N LYS L 152 4.59 -89.94 9.06
CA LYS L 152 5.97 -89.49 9.11
C LYS L 152 6.42 -88.97 7.75
N ASP L 153 7.28 -87.95 7.78
CA ASP L 153 7.96 -87.42 6.60
C ASP L 153 6.95 -86.96 5.54
N TYR L 154 6.18 -85.94 5.89
CA TYR L 154 5.24 -85.34 4.97
C TYR L 154 5.40 -83.82 4.97
N PHE L 155 5.22 -83.23 3.79
CA PHE L 155 5.27 -81.79 3.58
C PHE L 155 4.62 -81.48 2.24
N PRO L 156 3.76 -80.47 2.13
CA PRO L 156 3.33 -79.53 3.19
C PRO L 156 2.14 -80.05 4.01
N GLU L 157 1.46 -79.13 4.66
CA GLU L 157 0.32 -79.40 5.53
C GLU L 157 -0.97 -79.05 4.81
N PRO L 158 -2.14 -79.47 5.36
CA PRO L 158 -2.36 -80.32 6.54
C PRO L 158 -2.78 -81.76 6.21
N VAL L 159 -2.36 -82.72 7.03
CA VAL L 159 -2.76 -84.11 6.88
C VAL L 159 -3.90 -84.38 7.85
N THR L 160 -4.99 -84.95 7.34
CA THR L 160 -6.15 -85.31 8.13
C THR L 160 -6.30 -86.83 8.16
N VAL L 161 -6.57 -87.37 9.35
CA VAL L 161 -6.69 -88.81 9.55
C VAL L 161 -8.07 -89.10 10.13
N SER L 162 -8.78 -90.03 9.51
CA SER L 162 -10.07 -90.50 9.99
C SER L 162 -9.99 -91.99 10.31
N TRP L 163 -10.76 -92.42 11.30
CA TRP L 163 -10.70 -93.78 11.80
C TRP L 163 -11.95 -94.54 11.38
N ASN L 164 -11.75 -95.67 10.70
CA ASN L 164 -12.84 -96.56 10.28
C ASN L 164 -13.86 -95.83 9.42
N SER L 165 -13.39 -94.89 8.60
CA SER L 165 -14.24 -94.14 7.68
C SER L 165 -15.39 -93.44 8.41
N GLY L 166 -15.09 -92.90 9.60
CA GLY L 166 -16.07 -92.19 10.38
C GLY L 166 -16.97 -93.06 11.24
N ALA L 167 -16.78 -94.38 11.22
CA ALA L 167 -17.60 -95.25 12.06
C ALA L 167 -17.35 -94.99 13.54
N LEU L 168 -16.09 -94.80 13.92
CA LEU L 168 -15.71 -94.54 15.30
C LEU L 168 -15.22 -93.09 15.41
N THR L 169 -15.86 -92.33 16.30
CA THR L 169 -15.50 -90.93 16.50
C THR L 169 -15.18 -90.58 17.94
N SER L 170 -15.51 -91.43 18.91
CA SER L 170 -15.21 -91.15 20.31
C SER L 170 -13.84 -91.69 20.67
N GLY L 171 -13.02 -90.85 21.30
CA GLY L 171 -11.68 -91.23 21.67
C GLY L 171 -10.61 -90.95 20.64
N VAL L 172 -10.99 -90.49 19.45
CA VAL L 172 -9.99 -90.18 18.43
C VAL L 172 -9.29 -88.87 18.78
N HIS L 173 -7.96 -88.87 18.65
CA HIS L 173 -7.15 -87.69 18.93
C HIS L 173 -6.10 -87.55 17.84
N THR L 174 -6.40 -86.74 16.84
CA THR L 174 -5.42 -86.43 15.78
C THR L 174 -4.53 -85.30 16.31
N PHE L 175 -3.36 -85.67 16.81
CA PHE L 175 -2.46 -84.71 17.42
C PHE L 175 -1.90 -83.75 16.38
N PRO L 176 -1.67 -82.49 16.76
CA PRO L 176 -1.10 -81.53 15.81
C PRO L 176 0.30 -81.95 15.39
N ALA L 177 0.63 -81.66 14.13
CA ALA L 177 1.92 -82.03 13.59
C ALA L 177 3.03 -81.21 14.21
N VAL L 178 4.18 -81.84 14.42
CA VAL L 178 5.38 -81.17 14.90
C VAL L 178 6.41 -81.18 13.79
N LEU L 179 7.06 -80.04 13.57
CA LEU L 179 8.04 -79.91 12.50
C LEU L 179 9.36 -80.52 12.94
N GLN L 180 9.79 -81.57 12.25
CA GLN L 180 11.05 -82.22 12.58
C GLN L 180 12.21 -81.33 12.18
N SER L 181 13.40 -81.66 12.70
CA SER L 181 14.61 -80.90 12.39
C SER L 181 14.96 -80.96 10.93
N SER L 182 14.51 -81.98 10.21
CA SER L 182 14.78 -82.11 8.78
C SER L 182 13.87 -81.26 7.91
N GLY L 183 12.86 -80.61 8.49
CA GLY L 183 11.93 -79.82 7.72
C GLY L 183 10.72 -80.57 7.19
N LEU L 184 10.46 -81.77 7.70
CA LEU L 184 9.32 -82.57 7.28
C LEU L 184 8.35 -82.70 8.45
N TYR L 185 7.08 -82.39 8.20
CA TYR L 185 6.06 -82.48 9.24
C TYR L 185 5.78 -83.93 9.60
N SER L 186 5.34 -84.15 10.84
CA SER L 186 5.00 -85.48 11.32
C SER L 186 3.95 -85.37 12.41
N LEU L 187 2.87 -86.14 12.27
CA LEU L 187 1.79 -86.15 13.24
C LEU L 187 1.34 -87.60 13.48
N SER L 188 0.69 -87.81 14.61
CA SER L 188 0.18 -89.11 14.99
C SER L 188 -1.26 -88.98 15.47
N SER L 189 -2.11 -89.89 15.01
CA SER L 189 -3.51 -89.95 15.42
C SER L 189 -3.73 -91.21 16.24
N VAL L 190 -4.34 -91.06 17.41
CA VAL L 190 -4.48 -92.14 18.39
C VAL L 190 -5.92 -92.21 18.85
N VAL L 191 -6.44 -93.43 18.99
CA VAL L 191 -7.81 -93.67 19.45
C VAL L 191 -7.76 -94.60 20.65
N THR L 192 -8.81 -94.55 21.46
CA THR L 192 -8.95 -95.38 22.65
C THR L 192 -10.13 -96.32 22.47
N VAL L 193 -9.88 -97.62 22.60
CA VAL L 193 -10.91 -98.64 22.39
C VAL L 193 -10.90 -99.61 23.56
N PRO L 194 -12.01 -100.29 23.85
CA PRO L 194 -12.01 -101.31 24.89
C PRO L 194 -11.06 -102.46 24.54
N SER L 195 -10.46 -103.04 25.58
CA SER L 195 -9.49 -104.12 25.39
C SER L 195 -10.12 -105.38 24.84
N SER L 196 -11.42 -105.59 25.04
CA SER L 196 -12.08 -106.80 24.56
C SER L 196 -12.21 -106.81 23.04
N SER L 197 -12.41 -105.64 22.42
CA SER L 197 -12.63 -105.56 20.98
C SER L 197 -11.30 -105.37 20.25
N LEU L 198 -10.40 -106.36 20.43
CA LEU L 198 -9.12 -106.38 19.74
C LEU L 198 -8.94 -107.59 18.84
N GLY L 199 -9.95 -108.45 18.73
CA GLY L 199 -9.82 -109.65 17.93
C GLY L 199 -10.87 -109.79 16.85
N THR L 200 -11.98 -109.06 16.99
CA THR L 200 -13.09 -109.15 16.05
C THR L 200 -13.25 -107.87 15.24
N LYS L 201 -13.41 -106.72 15.90
CA LYS L 201 -13.56 -105.47 15.18
C LYS L 201 -12.23 -105.06 14.55
N THR L 202 -12.30 -104.58 13.31
CA THR L 202 -11.13 -104.12 12.58
C THR L 202 -11.06 -102.60 12.67
N TYR L 203 -9.96 -102.09 13.22
CA TYR L 203 -9.73 -100.66 13.34
C TYR L 203 -8.67 -100.25 12.33
N THR L 204 -9.03 -99.36 11.42
CA THR L 204 -8.12 -98.85 10.42
C THR L 204 -8.17 -97.33 10.41
N CYS L 205 -7.02 -96.72 10.09
CA CYS L 205 -6.90 -95.28 10.01
C CYS L 205 -6.81 -94.85 8.55
N ASN L 206 -7.66 -93.90 8.17
CA ASN L 206 -7.71 -93.41 6.80
C ASN L 206 -6.99 -92.08 6.74
N VAL L 207 -5.78 -92.09 6.16
CA VAL L 207 -4.92 -90.92 6.11
C VAL L 207 -5.02 -90.30 4.72
N ASP L 208 -5.28 -89.00 4.68
CA ASP L 208 -5.44 -88.27 3.43
C ASP L 208 -4.47 -87.09 3.41
N HIS L 209 -3.76 -86.92 2.30
CA HIS L 209 -2.81 -85.82 2.12
C HIS L 209 -3.21 -85.05 0.88
N LYS L 210 -3.85 -83.89 1.08
CA LYS L 210 -4.36 -83.12 -0.05
C LYS L 210 -3.27 -82.65 -1.02
N PRO L 211 -2.17 -82.04 -0.57
CA PRO L 211 -1.18 -81.56 -1.55
C PRO L 211 -0.50 -82.68 -2.32
N SER L 212 -0.10 -83.76 -1.65
CA SER L 212 0.58 -84.86 -2.34
C SER L 212 -0.38 -85.81 -3.03
N ASN L 213 -1.67 -85.75 -2.70
CA ASN L 213 -2.69 -86.65 -3.26
C ASN L 213 -2.31 -88.11 -3.02
N THR L 214 -2.01 -88.43 -1.76
CA THR L 214 -1.71 -89.79 -1.34
C THR L 214 -2.62 -90.18 -0.20
N LYS L 215 -3.25 -91.36 -0.32
CA LYS L 215 -4.17 -91.87 0.70
C LYS L 215 -3.84 -93.34 0.94
N VAL L 216 -3.29 -93.62 2.13
CA VAL L 216 -2.91 -94.98 2.51
C VAL L 216 -3.76 -95.39 3.71
N ASP L 217 -4.45 -96.51 3.60
CA ASP L 217 -5.31 -97.03 4.65
C ASP L 217 -4.70 -98.33 5.16
N LYS L 218 -4.02 -98.25 6.31
CA LYS L 218 -3.37 -99.41 6.90
C LYS L 218 -4.01 -99.80 8.22
N ILE M 1 -43.59 -28.86 -4.64
CA ILE M 1 -42.63 -27.78 -4.46
C ILE M 1 -43.05 -26.55 -5.25
N VAL M 2 -43.32 -25.45 -4.56
CA VAL M 2 -43.75 -24.20 -5.17
C VAL M 2 -42.72 -23.12 -4.85
N GLY M 3 -42.30 -22.40 -5.88
CA GLY M 3 -41.31 -21.35 -5.71
C GLY M 3 -39.87 -21.83 -5.73
N GLY M 4 -39.63 -23.13 -5.88
CA GLY M 4 -38.29 -23.66 -5.90
C GLY M 4 -37.67 -23.58 -7.27
N LYS M 5 -36.52 -24.23 -7.40
CA LYS M 5 -35.77 -24.28 -8.64
C LYS M 5 -35.47 -25.73 -9.01
N VAL M 6 -35.14 -25.94 -10.28
CA VAL M 6 -34.88 -27.29 -10.78
C VAL M 6 -33.57 -27.80 -10.19
N CYS M 7 -33.63 -28.95 -9.52
CA CYS M 7 -32.42 -29.58 -9.00
C CYS M 7 -31.67 -30.24 -10.15
N PRO M 8 -30.41 -29.90 -10.39
CA PRO M 8 -29.66 -30.53 -11.49
C PRO M 8 -29.51 -32.02 -11.24
N LYS M 9 -29.44 -32.77 -12.34
CA LYS M 9 -29.36 -34.23 -12.26
C LYS M 9 -28.11 -34.64 -11.48
N GLY M 10 -28.31 -35.49 -10.47
CA GLY M 10 -27.24 -35.94 -9.62
C GLY M 10 -27.05 -35.14 -8.34
N GLU M 11 -27.58 -33.92 -8.29
CA GLU M 11 -27.44 -33.08 -7.10
C GLU M 11 -28.44 -33.44 -6.00
N CYS M 12 -29.46 -34.25 -6.31
CA CYS M 12 -30.44 -34.70 -5.32
C CYS M 12 -30.55 -36.22 -5.43
N PRO M 13 -29.48 -36.95 -5.06
CA PRO M 13 -29.46 -38.40 -5.32
C PRO M 13 -30.18 -39.24 -4.28
N TRP M 14 -30.47 -38.69 -3.11
CA TRP M 14 -31.11 -39.47 -2.05
C TRP M 14 -32.62 -39.51 -2.17
N GLN M 15 -33.19 -38.94 -3.21
CA GLN M 15 -34.64 -38.96 -3.40
C GLN M 15 -35.07 -40.28 -4.06
N VAL M 16 -36.23 -40.77 -3.66
CA VAL M 16 -36.80 -42.01 -4.18
C VAL M 16 -38.24 -41.74 -4.58
N LEU M 17 -38.61 -42.21 -5.77
CA LEU M 17 -39.97 -42.06 -6.29
C LEU M 17 -40.76 -43.32 -5.98
N LEU M 18 -41.85 -43.16 -5.22
CA LEU M 18 -42.71 -44.26 -4.84
C LEU M 18 -43.92 -44.29 -5.77
N LEU M 19 -44.09 -45.41 -6.47
CA LEU M 19 -45.19 -45.59 -7.41
C LEU M 19 -46.05 -46.76 -6.98
N VAL M 20 -47.36 -46.55 -6.95
CA VAL M 20 -48.33 -47.61 -6.68
C VAL M 20 -49.16 -47.82 -7.94
N ASN M 21 -49.20 -49.05 -8.42
CA ASN M 21 -49.88 -49.40 -9.67
C ASN M 21 -49.37 -48.54 -10.83
N GLY M 22 -48.08 -48.25 -10.82
CA GLY M 22 -47.50 -47.40 -11.83
C GLY M 22 -48.04 -45.98 -11.84
N ALA M 23 -48.29 -45.42 -10.66
CA ALA M 23 -48.83 -44.07 -10.55
C ALA M 23 -48.10 -43.32 -9.44
N GLN M 24 -47.98 -42.01 -9.62
CA GLN M 24 -47.29 -41.17 -8.64
C GLN M 24 -48.07 -41.14 -7.34
N LEU M 25 -47.43 -41.57 -6.24
CA LEU M 25 -48.06 -41.56 -4.92
C LEU M 25 -47.37 -40.60 -3.97
N CYS M 26 -46.08 -40.78 -3.71
CA CYS M 26 -45.35 -39.97 -2.75
C CYS M 26 -43.86 -40.09 -3.03
N GLY M 27 -43.09 -39.21 -2.38
CA GLY M 27 -41.64 -39.26 -2.48
C GLY M 27 -41.02 -40.20 -1.45
N GLY M 28 -39.70 -40.22 -1.43
CA GLY M 28 -38.98 -41.08 -0.52
C GLY M 28 -37.55 -40.62 -0.34
N THR M 29 -36.96 -41.05 0.78
CA THR M 29 -35.58 -40.71 1.12
C THR M 29 -34.79 -42.00 1.29
N LEU M 30 -33.71 -42.14 0.53
CA LEU M 30 -32.85 -43.31 0.62
C LEU M 30 -31.78 -43.08 1.67
N ILE M 31 -31.75 -43.95 2.69
CA ILE M 31 -30.76 -43.85 3.75
C ILE M 31 -29.67 -44.91 3.63
N ASN M 32 -29.96 -46.07 3.03
CA ASN M 32 -28.96 -47.08 2.77
C ASN M 32 -29.38 -47.87 1.54
N THR M 33 -28.63 -48.92 1.22
CA THR M 33 -28.89 -49.68 0.00
C THR M 33 -30.18 -50.49 0.07
N ILE M 34 -30.79 -50.63 1.26
CA ILE M 34 -31.93 -51.52 1.43
C ILE M 34 -33.18 -50.76 1.88
N TRP M 35 -33.03 -49.82 2.80
CA TRP M 35 -34.18 -49.17 3.44
C TRP M 35 -34.40 -47.77 2.89
N VAL M 36 -35.67 -47.41 2.72
CA VAL M 36 -36.07 -46.08 2.26
C VAL M 36 -37.12 -45.55 3.23
N VAL M 37 -37.09 -44.24 3.48
CA VAL M 37 -37.94 -43.60 4.47
C VAL M 37 -38.86 -42.61 3.78
N SER M 38 -40.14 -42.64 4.14
CA SER M 38 -41.13 -41.72 3.60
C SER M 38 -42.19 -41.49 4.67
N ALA M 39 -43.26 -40.80 4.29
CA ALA M 39 -44.36 -40.52 5.22
C ALA M 39 -45.25 -41.75 5.38
N ALA M 40 -46.06 -41.72 6.44
CA ALA M 40 -46.95 -42.83 6.75
C ALA M 40 -48.37 -42.62 6.24
N HIS M 41 -48.82 -41.36 6.12
CA HIS M 41 -50.17 -41.10 5.63
C HIS M 41 -50.32 -41.39 4.15
N CYS M 42 -49.22 -41.57 3.43
CA CYS M 42 -49.29 -41.89 2.01
C CYS M 42 -49.91 -43.26 1.76
N PHE M 43 -49.84 -44.17 2.73
CA PHE M 43 -50.26 -45.55 2.55
C PHE M 43 -51.62 -45.83 3.19
N ASP M 44 -52.38 -44.79 3.53
CA ASP M 44 -53.67 -45.00 4.18
C ASP M 44 -54.65 -45.70 3.24
N LYS M 45 -54.80 -45.20 2.02
CA LYS M 45 -55.76 -45.75 1.07
C LYS M 45 -55.06 -46.71 0.10
N ILE M 46 -54.51 -47.78 0.66
CA ILE M 46 -53.83 -48.81 -0.11
C ILE M 46 -54.25 -50.17 0.41
N LYS M 47 -54.54 -51.10 -0.51
CA LYS M 47 -54.88 -52.47 -0.14
C LYS M 47 -54.14 -53.53 -0.94
N ASN M 48 -53.50 -53.17 -2.05
CA ASN M 48 -52.70 -54.09 -2.84
C ASN M 48 -51.23 -53.71 -2.66
N TRP M 49 -50.53 -54.46 -1.82
CA TRP M 49 -49.15 -54.14 -1.46
C TRP M 49 -48.12 -54.86 -2.33
N ARG M 50 -48.56 -55.74 -3.22
CA ARG M 50 -47.63 -56.42 -4.11
C ARG M 50 -47.13 -55.50 -5.22
N ASN M 51 -47.90 -54.46 -5.56
CA ASN M 51 -47.57 -53.58 -6.67
C ASN M 51 -46.84 -52.32 -6.24
N LEU M 52 -46.38 -52.26 -5.00
CA LEU M 52 -45.65 -51.10 -4.51
C LEU M 52 -44.21 -51.15 -5.01
N ILE M 53 -43.82 -50.17 -5.82
CA ILE M 53 -42.49 -50.11 -6.43
C ILE M 53 -41.86 -48.78 -6.08
N ALA M 54 -40.56 -48.81 -5.80
CA ALA M 54 -39.78 -47.62 -5.52
C ALA M 54 -38.79 -47.39 -6.65
N VAL M 55 -38.81 -46.17 -7.22
CA VAL M 55 -37.94 -45.81 -8.32
C VAL M 55 -36.87 -44.86 -7.80
N LEU M 56 -35.62 -45.19 -8.07
CA LEU M 56 -34.47 -44.46 -7.54
C LEU M 56 -33.65 -43.90 -8.70
N GLY M 57 -33.11 -42.70 -8.51
CA GLY M 57 -32.29 -42.06 -9.52
C GLY M 57 -33.05 -41.33 -10.59
N GLU M 58 -34.38 -41.37 -10.57
CA GLU M 58 -35.17 -40.66 -11.56
C GLU M 58 -35.09 -39.15 -11.32
N HIS M 59 -34.81 -38.42 -12.39
CA HIS M 59 -34.78 -36.96 -12.33
C HIS M 59 -35.81 -36.34 -13.28
N ASP M 60 -35.87 -36.80 -14.52
CA ASP M 60 -36.81 -36.32 -15.51
C ASP M 60 -37.90 -37.38 -15.69
N LEU M 61 -39.14 -37.04 -15.33
CA LEU M 61 -40.24 -37.98 -15.41
C LEU M 61 -40.65 -38.29 -16.84
N SER M 62 -40.20 -37.52 -17.83
CA SER M 62 -40.57 -37.72 -19.21
C SER M 62 -39.55 -38.55 -20.00
N GLU M 63 -38.27 -38.33 -19.76
CA GLU M 63 -37.21 -39.05 -20.47
C GLU M 63 -36.64 -40.14 -19.59
N HIS M 64 -36.26 -41.26 -20.22
CA HIS M 64 -35.76 -42.43 -19.52
C HIS M 64 -34.28 -42.60 -19.88
N ASP M 65 -33.39 -42.07 -19.04
CA ASP M 65 -31.97 -42.30 -19.19
C ASP M 65 -31.55 -43.56 -18.45
N GLY M 66 -30.29 -43.94 -18.62
CA GLY M 66 -29.80 -45.19 -18.07
C GLY M 66 -29.57 -45.18 -16.57
N ASP M 67 -29.65 -44.01 -15.94
CA ASP M 67 -29.39 -43.89 -14.50
C ASP M 67 -30.59 -44.26 -13.64
N GLU M 68 -31.78 -44.37 -14.22
CA GLU M 68 -32.97 -44.68 -13.44
C GLU M 68 -32.95 -46.13 -12.97
N GLN M 69 -33.37 -46.34 -11.72
CA GLN M 69 -33.43 -47.66 -11.13
C GLN M 69 -34.78 -47.85 -10.45
N SER M 70 -35.24 -49.09 -10.40
CA SER M 70 -36.50 -49.43 -9.77
C SER M 70 -36.34 -50.72 -8.98
N ARG M 71 -36.91 -50.75 -7.77
CA ARG M 71 -36.86 -51.93 -6.92
C ARG M 71 -38.23 -52.17 -6.29
N ARG M 72 -38.52 -53.43 -6.03
CA ARG M 72 -39.78 -53.81 -5.41
C ARG M 72 -39.70 -53.65 -3.90
N VAL M 73 -40.79 -53.18 -3.31
CA VAL M 73 -40.87 -53.00 -1.86
C VAL M 73 -41.47 -54.27 -1.25
N ALA M 74 -40.76 -54.87 -0.30
CA ALA M 74 -41.19 -56.11 0.32
C ALA M 74 -41.68 -55.93 1.76
N GLN M 75 -41.52 -54.74 2.34
CA GLN M 75 -41.93 -54.51 3.72
C GLN M 75 -42.25 -53.04 3.92
N VAL M 76 -43.29 -52.77 4.69
CA VAL M 76 -43.70 -51.41 5.05
C VAL M 76 -43.86 -51.36 6.57
N ILE M 77 -43.26 -50.34 7.19
CA ILE M 77 -43.23 -50.21 8.64
C ILE M 77 -43.94 -48.92 9.03
N ILE M 78 -44.88 -49.03 9.96
CA ILE M 78 -45.62 -47.89 10.49
C ILE M 78 -45.59 -47.94 12.01
N PRO M 79 -45.38 -46.82 12.70
CA PRO M 79 -45.44 -46.83 14.16
C PRO M 79 -46.80 -47.25 14.67
N SER M 80 -46.80 -47.98 15.78
CA SER M 80 -48.06 -48.45 16.39
C SER M 80 -48.92 -47.30 16.89
N THR M 81 -48.32 -46.16 17.21
CA THR M 81 -49.05 -45.00 17.70
C THR M 81 -49.61 -44.13 16.59
N TYR M 82 -49.71 -44.66 15.38
CA TYR M 82 -50.27 -43.93 14.25
C TYR M 82 -51.62 -44.53 13.88
N VAL M 83 -52.64 -43.68 13.81
CA VAL M 83 -53.98 -44.09 13.37
C VAL M 83 -54.23 -43.45 12.01
N PRO M 84 -54.76 -44.20 11.03
CA PRO M 84 -54.97 -43.63 9.70
C PRO M 84 -55.88 -42.42 9.74
N GLY M 85 -55.58 -41.45 8.87
CA GLY M 85 -56.32 -40.21 8.83
C GLY M 85 -55.84 -39.14 9.78
N THR M 86 -54.71 -39.35 10.45
CA THR M 86 -54.15 -38.39 11.40
C THR M 86 -52.73 -38.04 10.99
N THR M 87 -52.35 -36.78 11.20
CA THR M 87 -51.02 -36.30 10.83
C THR M 87 -49.95 -36.71 11.82
N ASN M 88 -50.30 -37.02 13.06
CA ASN M 88 -49.30 -37.33 14.07
C ASN M 88 -48.62 -38.66 13.78
N HIS M 89 -47.33 -38.74 14.10
CA HIS M 89 -46.51 -39.93 13.86
C HIS M 89 -46.54 -40.32 12.39
N ASP M 90 -46.19 -39.36 11.53
CA ASP M 90 -46.22 -39.55 10.08
C ASP M 90 -44.81 -39.90 9.60
N ILE M 91 -44.46 -41.18 9.75
CA ILE M 91 -43.18 -41.70 9.29
C ILE M 91 -43.37 -43.16 8.91
N ALA M 92 -42.65 -43.59 7.88
CA ALA M 92 -42.74 -44.96 7.38
C ALA M 92 -41.36 -45.44 6.96
N LEU M 93 -41.08 -46.71 7.25
CA LEU M 93 -39.82 -47.35 6.87
C LEU M 93 -40.15 -48.49 5.91
N LEU M 94 -39.49 -48.51 4.75
CA LEU M 94 -39.77 -49.49 3.72
C LEU M 94 -38.50 -50.26 3.37
N ARG M 95 -38.64 -51.57 3.18
CA ARG M 95 -37.53 -52.44 2.81
C ARG M 95 -37.70 -52.87 1.36
N LEU M 96 -36.64 -52.69 0.58
CA LEU M 96 -36.64 -53.17 -0.80
C LEU M 96 -36.33 -54.65 -0.86
N HIS M 97 -36.96 -55.35 -1.81
CA HIS M 97 -36.71 -56.78 -1.96
C HIS M 97 -35.26 -57.05 -2.32
N GLN M 98 -34.69 -56.23 -3.21
CA GLN M 98 -33.30 -56.32 -3.59
C GLN M 98 -32.64 -54.97 -3.40
N PRO M 99 -31.33 -54.95 -3.11
CA PRO M 99 -30.66 -53.67 -2.87
C PRO M 99 -30.42 -52.91 -4.15
N VAL M 100 -30.02 -51.66 -3.99
CA VAL M 100 -29.72 -50.78 -5.11
C VAL M 100 -28.21 -50.78 -5.35
N VAL M 101 -27.83 -50.48 -6.58
CA VAL M 101 -26.42 -50.40 -6.94
C VAL M 101 -25.98 -48.95 -6.78
N LEU M 102 -25.04 -48.72 -5.86
CA LEU M 102 -24.56 -47.37 -5.59
C LEU M 102 -23.81 -46.83 -6.80
N THR M 103 -24.32 -45.77 -7.40
CA THR M 103 -23.70 -45.12 -8.54
C THR M 103 -23.61 -43.62 -8.27
N ASP M 104 -23.13 -42.87 -9.26
CA ASP M 104 -23.04 -41.41 -9.13
C ASP M 104 -24.41 -40.77 -9.02
N HIS M 105 -25.47 -41.45 -9.46
CA HIS M 105 -26.83 -40.96 -9.35
C HIS M 105 -27.63 -41.72 -8.30
N VAL M 106 -27.00 -42.63 -7.56
CA VAL M 106 -27.65 -43.43 -6.53
C VAL M 106 -26.76 -43.35 -5.29
N VAL M 107 -27.10 -42.46 -4.37
CA VAL M 107 -26.32 -42.28 -3.15
C VAL M 107 -27.26 -42.15 -1.97
N PRO M 108 -27.03 -42.87 -0.87
CA PRO M 108 -27.93 -42.79 0.28
C PRO M 108 -27.70 -41.51 1.09
N LEU M 109 -28.63 -41.25 1.99
CA LEU M 109 -28.61 -40.07 2.84
C LEU M 109 -28.39 -40.52 4.28
N CYS M 110 -27.43 -39.90 4.96
CA CYS M 110 -27.07 -40.32 6.31
C CYS M 110 -28.19 -40.05 7.30
N LEU M 111 -28.43 -41.03 8.18
CA LEU M 111 -29.38 -40.86 9.28
C LEU M 111 -28.59 -40.42 10.51
N PRO M 112 -28.80 -39.20 11.00
CA PRO M 112 -27.97 -38.69 12.10
C PRO M 112 -28.30 -39.36 13.42
N GLU M 113 -27.35 -39.29 14.34
CA GLU M 113 -27.58 -39.74 15.71
C GLU M 113 -28.56 -38.80 16.40
N ARG M 114 -29.26 -39.32 17.40
CA ARG M 114 -30.27 -38.53 18.09
C ARG M 114 -29.65 -37.33 18.80
N THR M 115 -28.52 -37.53 19.46
CA THR M 115 -27.86 -36.42 20.15
C THR M 115 -27.37 -35.37 19.16
N PHE M 116 -26.78 -35.80 18.05
CA PHE M 116 -26.26 -34.85 17.07
C PHE M 116 -27.38 -34.08 16.39
N SER M 117 -28.50 -34.75 16.10
CA SER M 117 -29.60 -34.09 15.39
C SER M 117 -30.35 -33.11 16.29
N GLU M 118 -30.44 -33.40 17.58
CA GLU M 118 -31.23 -32.57 18.49
C GLU M 118 -30.50 -31.30 18.90
N ARG M 119 -29.19 -31.23 18.71
CA ARG M 119 -28.39 -30.10 19.19
C ARG M 119 -27.74 -29.29 18.08
N THR M 120 -27.20 -29.94 17.06
CA THR M 120 -26.49 -29.25 15.99
C THR M 120 -27.36 -29.04 14.74
N LEU M 121 -28.05 -30.09 14.29
CA LEU M 121 -28.88 -29.98 13.09
C LEU M 121 -30.18 -29.22 13.32
N ALA M 122 -30.66 -29.14 14.56
CA ALA M 122 -31.92 -28.47 14.84
C ALA M 122 -31.80 -26.95 14.84
N PHE M 123 -30.60 -26.40 14.89
CA PHE M 123 -30.40 -24.95 14.99
C PHE M 123 -29.68 -24.39 13.76
N VAL M 124 -29.81 -25.06 12.62
CA VAL M 124 -29.27 -24.58 11.36
C VAL M 124 -30.42 -24.45 10.36
N ARG M 125 -30.51 -23.29 9.72
CA ARG M 125 -31.62 -22.99 8.82
C ARG M 125 -31.41 -23.59 7.43
N PHE M 126 -30.16 -23.88 7.05
CA PHE M 126 -29.82 -24.26 5.68
C PHE M 126 -30.15 -25.73 5.45
N SER M 127 -31.45 -26.01 5.36
CA SER M 127 -31.95 -27.33 5.03
C SER M 127 -32.87 -27.22 3.81
N LEU M 128 -32.70 -28.12 2.85
CA LEU M 128 -33.41 -28.07 1.58
C LEU M 128 -34.37 -29.25 1.47
N VAL M 129 -35.53 -29.00 0.87
CA VAL M 129 -36.51 -30.02 0.56
C VAL M 129 -36.68 -30.11 -0.95
N SER M 130 -37.10 -31.27 -1.43
CA SER M 130 -37.24 -31.49 -2.86
C SER M 130 -38.37 -32.48 -3.13
N GLY M 131 -38.98 -32.35 -4.30
CA GLY M 131 -40.06 -33.24 -4.68
C GLY M 131 -40.58 -32.87 -6.05
N TRP M 132 -41.48 -33.72 -6.54
CA TRP M 132 -42.13 -33.53 -7.84
C TRP M 132 -43.59 -33.12 -7.70
N GLY M 133 -43.97 -32.53 -6.56
CA GLY M 133 -45.36 -32.24 -6.28
C GLY M 133 -45.91 -31.14 -7.17
N GLN M 134 -47.20 -30.86 -6.96
CA GLN M 134 -47.90 -29.85 -7.74
C GLN M 134 -47.27 -28.48 -7.53
N LEU M 135 -47.03 -27.76 -8.62
CA LEU M 135 -46.39 -26.46 -8.56
C LEU M 135 -47.39 -25.39 -8.09
N THR M 141 -47.89 -32.12 -11.95
CA THR M 141 -46.62 -32.78 -11.61
C THR M 141 -45.49 -32.24 -12.47
N ALA M 142 -44.37 -31.92 -11.83
CA ALA M 142 -43.23 -31.33 -12.54
C ALA M 142 -42.56 -32.35 -13.45
N LEU M 143 -42.00 -31.85 -14.55
CA LEU M 143 -41.21 -32.69 -15.44
C LEU M 143 -39.81 -32.92 -14.91
N GLU M 144 -39.25 -31.95 -14.18
CA GLU M 144 -37.92 -32.04 -13.60
C GLU M 144 -38.02 -31.95 -12.08
N LEU M 145 -37.01 -32.47 -11.40
CA LEU M 145 -36.98 -32.44 -9.95
C LEU M 145 -36.83 -31.01 -9.45
N MET M 146 -37.64 -30.64 -8.47
CA MET M 146 -37.66 -29.29 -7.92
C MET M 146 -37.13 -29.31 -6.49
N VAL M 147 -36.18 -28.43 -6.20
CA VAL M 147 -35.55 -28.32 -4.89
C VAL M 147 -35.89 -26.95 -4.31
N LEU M 148 -36.20 -26.92 -3.02
CA LEU M 148 -36.56 -25.69 -2.33
C LEU M 148 -35.78 -25.57 -1.03
N ASN M 149 -35.28 -24.36 -0.75
CA ASN M 149 -34.58 -24.06 0.49
C ASN M 149 -35.56 -23.42 1.46
N VAL M 150 -35.70 -24.01 2.65
CA VAL M 150 -36.69 -23.57 3.62
C VAL M 150 -36.02 -23.31 4.96
N PRO M 151 -36.52 -22.37 5.76
CA PRO M 151 -35.97 -22.15 7.10
C PRO M 151 -36.64 -23.02 8.16
N ARG M 152 -35.83 -23.41 9.15
CA ARG M 152 -36.33 -24.21 10.26
C ARG M 152 -36.75 -23.30 11.40
N LEU M 153 -37.95 -23.54 11.93
CA LEU M 153 -38.49 -22.73 13.00
C LEU M 153 -38.91 -23.62 14.17
N MET M 154 -38.74 -23.11 15.38
CA MET M 154 -39.17 -23.83 16.56
C MET M 154 -40.69 -23.77 16.70
N THR M 155 -41.24 -24.75 17.42
CA THR M 155 -42.69 -24.84 17.57
C THR M 155 -43.25 -23.61 18.30
N GLN M 156 -42.53 -23.12 19.31
CA GLN M 156 -43.02 -21.98 20.07
C GLN M 156 -43.13 -20.74 19.19
N ASP M 157 -42.13 -20.49 18.34
CA ASP M 157 -42.18 -19.36 17.42
C ASP M 157 -43.24 -19.55 16.33
N CYS M 158 -43.59 -20.81 16.02
CA CYS M 158 -44.57 -21.07 14.96
C CYS M 158 -45.94 -20.53 15.33
N LEU M 159 -46.37 -20.70 16.58
CA LEU M 159 -47.74 -20.38 16.96
C LEU M 159 -48.01 -18.89 16.83
N GLN M 160 -47.07 -18.04 17.25
CA GLN M 160 -47.33 -16.60 17.25
C GLN M 160 -47.33 -16.03 15.84
N GLN M 161 -46.51 -16.56 14.94
CA GLN M 161 -46.46 -16.06 13.57
C GLN M 161 -47.50 -16.70 12.66
N SER M 162 -47.97 -17.90 12.99
CA SER M 162 -49.02 -18.53 12.21
C SER M 162 -50.39 -18.04 12.67
N ARG M 163 -51.28 -17.82 11.72
CA ARG M 163 -52.65 -17.42 12.03
C ARG M 163 -53.44 -18.62 12.52
N LYS M 164 -54.42 -18.36 13.39
CA LYS M 164 -55.16 -19.41 14.07
C LYS M 164 -56.39 -19.76 13.22
N VAL M 165 -56.33 -20.90 12.55
CA VAL M 165 -57.47 -21.35 11.75
C VAL M 165 -58.47 -22.09 12.62
N GLY M 166 -58.00 -23.02 13.45
CA GLY M 166 -58.84 -23.74 14.39
C GLY M 166 -59.07 -25.20 14.05
N ASP M 167 -58.92 -25.58 12.78
CA ASP M 167 -59.14 -26.98 12.40
C ASP M 167 -58.20 -27.91 13.13
N SER M 168 -56.90 -27.61 13.09
CA SER M 168 -55.89 -28.41 13.78
C SER M 168 -54.72 -27.51 14.14
N PRO M 169 -54.85 -26.75 15.24
CA PRO M 169 -53.75 -25.87 15.66
C PRO M 169 -52.61 -26.61 16.36
N ASN M 170 -52.83 -27.85 16.77
CA ASN M 170 -51.84 -28.56 17.57
C ASN M 170 -50.63 -28.94 16.72
N ILE M 171 -49.44 -28.71 17.25
CA ILE M 171 -48.19 -29.17 16.68
C ILE M 171 -47.44 -29.90 17.79
N THR M 172 -47.41 -31.22 17.73
CA THR M 172 -46.86 -32.03 18.79
C THR M 172 -45.33 -31.97 18.78
N GLU M 173 -44.71 -32.76 19.66
CA GLU M 173 -43.26 -32.78 19.77
C GLU M 173 -42.59 -33.56 18.64
N TYR M 174 -43.36 -34.23 17.79
CA TYR M 174 -42.82 -35.00 16.68
C TYR M 174 -42.84 -34.23 15.36
N MET M 175 -43.17 -32.94 15.39
CA MET M 175 -43.26 -32.12 14.19
C MET M 175 -42.53 -30.80 14.41
N PHE M 176 -42.15 -30.17 13.29
CA PHE M 176 -41.58 -28.84 13.31
C PHE M 176 -41.90 -28.17 11.98
N CYS M 177 -42.22 -26.88 12.03
CA CYS M 177 -42.58 -26.16 10.83
C CYS M 177 -41.34 -25.72 10.08
N ALA M 178 -41.49 -25.55 8.77
CA ALA M 178 -40.40 -25.08 7.92
C ALA M 178 -40.98 -24.47 6.66
N GLY M 179 -40.57 -23.26 6.34
CA GLY M 179 -41.05 -22.56 5.17
C GLY M 179 -41.29 -21.10 5.50
N TYR M 180 -42.03 -20.43 4.61
CA TYR M 180 -42.36 -19.02 4.76
C TYR M 180 -43.88 -18.86 4.83
N SER M 181 -44.31 -17.84 5.56
CA SER M 181 -45.73 -17.57 5.76
C SER M 181 -46.29 -16.56 4.76
N ASP M 182 -45.47 -16.02 3.86
CA ASP M 182 -45.92 -15.04 2.89
C ASP M 182 -46.50 -15.67 1.63
N GLY M 183 -46.53 -17.00 1.55
CA GLY M 183 -47.03 -17.66 0.37
C GLY M 183 -46.05 -17.77 -0.78
N SER M 184 -44.78 -17.45 -0.55
CA SER M 184 -43.79 -17.53 -1.63
C SER M 184 -43.28 -18.95 -1.82
N LYS M 185 -42.88 -19.61 -0.74
CA LYS M 185 -42.33 -20.95 -0.80
C LYS M 185 -42.97 -21.83 0.26
N ASP M 186 -43.31 -23.05 -0.12
CA ASP M 186 -43.94 -24.01 0.78
C ASP M 186 -43.84 -25.40 0.17
N SER M 187 -43.99 -26.40 1.02
CA SER M 187 -44.06 -27.79 0.59
C SER M 187 -45.53 -28.17 0.42
N CYS M 188 -45.94 -28.42 -0.82
CA CYS M 188 -47.34 -28.71 -1.11
C CYS M 188 -47.66 -30.17 -0.86
N LYS M 189 -48.91 -30.54 -1.12
CA LYS M 189 -49.32 -31.94 -1.04
C LYS M 189 -48.93 -32.65 -2.33
N GLY M 190 -48.33 -33.83 -2.18
CA GLY M 190 -47.76 -34.56 -3.30
C GLY M 190 -46.26 -34.76 -3.20
N ASP M 191 -45.57 -33.94 -2.40
CA ASP M 191 -44.15 -34.13 -2.11
C ASP M 191 -43.92 -34.92 -0.83
N SER M 192 -44.99 -35.47 -0.25
CA SER M 192 -44.88 -36.14 1.05
C SER M 192 -43.88 -37.28 0.98
N GLY M 193 -43.12 -37.44 2.07
CA GLY M 193 -42.03 -38.39 2.10
C GLY M 193 -40.72 -37.87 1.54
N GLY M 194 -40.66 -36.61 1.14
CA GLY M 194 -39.45 -36.03 0.60
C GLY M 194 -38.41 -35.78 1.67
N PRO M 195 -37.13 -35.71 1.26
CA PRO M 195 -36.05 -35.53 2.23
C PRO M 195 -35.87 -34.06 2.61
N HIS M 196 -35.87 -33.80 3.91
CA HIS M 196 -35.51 -32.49 4.45
C HIS M 196 -34.04 -32.48 4.85
N ALA M 197 -33.18 -32.65 3.84
CA ALA M 197 -31.75 -32.79 4.07
C ALA M 197 -31.14 -31.49 4.57
N THR M 198 -30.16 -31.61 5.45
CA THR M 198 -29.44 -30.47 5.99
C THR M 198 -27.94 -30.70 5.84
N HIS M 199 -27.22 -29.61 5.60
CA HIS M 199 -25.78 -29.65 5.35
C HIS M 199 -25.04 -29.11 6.56
N TYR M 200 -23.99 -29.81 6.97
CA TYR M 200 -23.16 -29.36 8.10
C TYR M 200 -21.73 -29.86 7.87
N ARG M 201 -20.86 -28.96 7.43
CA ARG M 201 -19.42 -29.24 7.29
C ARG M 201 -19.16 -30.39 6.32
N GLY M 202 -19.64 -30.22 5.09
CA GLY M 202 -19.35 -31.14 4.02
C GLY M 202 -20.08 -32.47 4.07
N THR M 203 -21.09 -32.60 4.93
CA THR M 203 -21.86 -33.84 5.03
C THR M 203 -23.33 -33.49 5.12
N TRP M 204 -24.17 -34.40 4.59
CA TRP M 204 -25.61 -34.21 4.54
C TRP M 204 -26.29 -35.24 5.44
N TYR M 205 -27.22 -34.78 6.28
CA TYR M 205 -27.97 -35.65 7.16
C TYR M 205 -29.46 -35.32 7.04
N LEU M 206 -30.29 -36.31 7.36
CA LEU M 206 -31.73 -36.17 7.25
C LEU M 206 -32.30 -35.62 8.55
N THR M 207 -33.04 -34.52 8.45
CA THR M 207 -33.56 -33.83 9.62
C THR M 207 -35.09 -33.87 9.72
N GLY M 208 -35.80 -33.98 8.61
CA GLY M 208 -37.24 -34.00 8.64
C GLY M 208 -37.83 -34.72 7.45
N ILE M 209 -39.12 -34.99 7.55
CA ILE M 209 -39.91 -35.58 6.46
C ILE M 209 -41.19 -34.76 6.33
N VAL M 210 -41.51 -34.33 5.11
CA VAL M 210 -42.69 -33.52 4.88
C VAL M 210 -43.93 -34.39 5.01
N SER M 211 -44.86 -33.96 5.86
CA SER M 211 -46.10 -34.71 6.09
C SER M 211 -47.34 -33.91 5.72
N TRP M 212 -47.49 -32.70 6.25
CA TRP M 212 -48.68 -31.89 5.97
C TRP M 212 -48.32 -30.42 6.14
N GLY M 213 -48.73 -29.60 5.18
CA GLY M 213 -48.37 -28.20 5.19
C GLY M 213 -49.52 -27.24 5.48
N GLN M 214 -50.71 -27.79 5.76
CA GLN M 214 -51.90 -27.00 6.06
C GLN M 214 -52.18 -25.99 4.94
N GLY M 215 -52.11 -26.47 3.71
CA GLY M 215 -52.41 -25.64 2.56
C GLY M 215 -51.18 -25.40 1.69
N CYS M 216 -51.44 -24.94 0.47
CA CYS M 216 -50.39 -24.69 -0.52
C CYS M 216 -50.08 -23.19 -0.53
N ALA M 217 -48.97 -22.82 0.12
CA ALA M 217 -48.50 -21.44 0.14
C ALA M 217 -49.57 -20.50 0.67
N THR M 218 -50.31 -20.95 1.67
CA THR M 218 -51.33 -20.11 2.29
C THR M 218 -50.67 -19.01 3.11
N VAL M 219 -51.25 -17.81 3.03
CA VAL M 219 -50.69 -16.66 3.73
C VAL M 219 -50.77 -16.87 5.24
N GLY M 220 -49.68 -16.56 5.93
CA GLY M 220 -49.61 -16.73 7.37
C GLY M 220 -49.62 -18.16 7.85
N HIS M 221 -48.93 -19.06 7.15
CA HIS M 221 -48.80 -20.43 7.58
C HIS M 221 -47.47 -20.99 7.10
N PHE M 222 -46.97 -22.00 7.82
CA PHE M 222 -45.70 -22.63 7.56
C PHE M 222 -45.92 -24.06 7.09
N GLY M 223 -44.82 -24.73 6.72
CA GLY M 223 -44.88 -26.12 6.32
C GLY M 223 -44.43 -27.05 7.41
N VAL M 224 -45.38 -27.73 8.05
CA VAL M 224 -45.08 -28.60 9.19
C VAL M 224 -44.44 -29.88 8.66
N TYR M 225 -43.23 -30.17 9.16
CA TYR M 225 -42.50 -31.37 8.79
C TYR M 225 -42.35 -32.27 10.01
N THR M 226 -42.35 -33.58 9.77
CA THR M 226 -42.18 -34.54 10.85
C THR M 226 -40.71 -34.61 11.28
N ARG M 227 -40.49 -34.63 12.59
CA ARG M 227 -39.15 -34.72 13.16
C ARG M 227 -38.65 -36.16 13.06
N VAL M 228 -37.50 -36.34 12.42
CA VAL M 228 -36.94 -37.68 12.25
C VAL M 228 -35.88 -37.86 13.34
N SER M 229 -35.82 -36.91 14.27
CA SER M 229 -34.89 -37.03 15.39
C SER M 229 -35.46 -37.84 16.54
N GLN M 230 -36.78 -37.96 16.63
CA GLN M 230 -37.43 -38.74 17.67
C GLN M 230 -37.72 -40.18 17.26
N TYR M 231 -37.26 -40.59 16.07
CA TYR M 231 -37.49 -41.94 15.58
C TYR M 231 -36.22 -42.69 15.28
N ILE M 232 -35.04 -42.11 15.56
CA ILE M 232 -33.78 -42.76 15.19
C ILE M 232 -33.62 -44.08 15.92
N GLU M 233 -33.90 -44.09 17.23
CA GLU M 233 -33.83 -45.33 17.99
C GLU M 233 -34.85 -46.34 17.48
N TRP M 234 -36.06 -45.87 17.18
CA TRP M 234 -37.10 -46.76 16.65
C TRP M 234 -36.74 -47.24 15.25
N LEU M 235 -36.17 -46.36 14.43
CA LEU M 235 -35.86 -46.73 13.04
C LEU M 235 -34.81 -47.82 12.97
N GLN M 236 -33.74 -47.71 13.77
CA GLN M 236 -32.63 -48.65 13.65
C GLN M 236 -32.99 -50.02 14.21
N LYS M 237 -33.91 -50.09 15.17
CA LYS M 237 -34.28 -51.37 15.76
C LYS M 237 -34.89 -52.30 14.71
N LEU M 238 -35.77 -51.77 13.87
CA LEU M 238 -36.38 -52.55 12.80
C LEU M 238 -35.54 -52.56 11.54
N MET M 239 -34.64 -51.58 11.38
CA MET M 239 -33.76 -51.55 10.21
C MET M 239 -32.84 -52.76 10.17
N ARG M 240 -32.38 -53.21 11.35
CA ARG M 240 -31.49 -54.35 11.46
C ARG M 240 -32.22 -55.63 11.85
N SER M 241 -33.53 -55.69 11.60
CA SER M 241 -34.33 -56.83 12.01
C SER M 241 -34.42 -57.87 10.90
N GLU M 242 -35.07 -58.98 11.20
CA GLU M 242 -35.24 -60.07 10.25
C GLU M 242 -36.40 -59.80 9.29
N PRO M 243 -36.43 -60.48 8.15
CA PRO M 243 -37.55 -60.29 7.21
C PRO M 243 -38.84 -60.90 7.71
N ARG M 244 -39.57 -60.17 8.55
CA ARG M 244 -40.83 -60.66 9.10
C ARG M 244 -41.84 -60.87 7.98
N PRO M 245 -42.72 -61.87 8.12
CA PRO M 245 -43.67 -62.17 7.05
C PRO M 245 -44.64 -61.04 6.73
N GLY M 246 -45.03 -60.25 7.72
CA GLY M 246 -45.99 -59.18 7.49
C GLY M 246 -45.50 -58.11 6.53
N VAL M 247 -46.27 -57.85 5.47
CA VAL M 247 -45.90 -56.80 4.54
C VAL M 247 -46.01 -55.43 5.19
N LEU M 248 -47.12 -55.17 5.86
CA LEU M 248 -47.31 -53.95 6.65
C LEU M 248 -47.53 -54.38 8.10
N LEU M 249 -46.48 -54.24 8.91
CA LEU M 249 -46.55 -54.53 10.34
C LEU M 249 -46.41 -53.23 11.11
N ARG M 250 -47.35 -52.97 12.00
CA ARG M 250 -47.35 -51.74 12.81
C ARG M 250 -46.48 -52.01 14.04
N ALA M 251 -45.18 -51.82 13.88
CA ALA M 251 -44.25 -52.08 14.96
C ALA M 251 -44.44 -51.08 16.10
N PRO M 252 -44.21 -51.51 17.35
CA PRO M 252 -44.43 -50.62 18.49
C PRO M 252 -43.36 -49.53 18.54
N PHE M 253 -43.80 -48.28 18.56
CA PHE M 253 -42.88 -47.14 18.66
C PHE M 253 -42.43 -46.90 20.10
N PRO M 254 -43.34 -46.85 21.09
CA PRO M 254 -42.82 -46.60 22.44
C PRO M 254 -42.15 -47.83 23.05
N ASP N 3 -18.62 5.67 38.92
CA ASP N 3 -17.40 5.33 38.20
C ASP N 3 -16.69 4.15 38.87
N GLN N 4 -17.13 2.94 38.54
CA GLN N 4 -16.66 1.72 39.19
C GLN N 4 -15.40 1.14 38.53
N CYS N 5 -15.01 1.62 37.35
CA CYS N 5 -13.86 1.05 36.66
C CYS N 5 -12.55 1.25 37.41
N ALA N 6 -12.52 2.15 38.40
CA ALA N 6 -11.33 2.31 39.23
C ALA N 6 -11.07 1.10 40.12
N SER N 7 -12.03 0.17 40.23
CA SER N 7 -11.88 -1.02 41.06
C SER N 7 -11.15 -2.17 40.35
N SER N 8 -10.44 -1.88 39.27
CA SER N 8 -9.72 -2.87 38.48
C SER N 8 -10.62 -4.04 38.08
N PRO N 9 -11.66 -3.80 37.27
CA PRO N 9 -12.56 -4.91 36.90
C PRO N 9 -11.93 -5.87 35.90
N CYS N 10 -11.15 -5.36 34.96
CA CYS N 10 -10.56 -6.20 33.92
C CYS N 10 -9.51 -7.14 34.53
N GLN N 11 -9.62 -8.42 34.22
CA GLN N 11 -8.71 -9.44 34.71
C GLN N 11 -8.03 -10.14 33.55
N ASN N 12 -6.85 -10.70 33.82
CA ASN N 12 -6.07 -11.46 32.85
C ASN N 12 -5.69 -10.60 31.64
N GLY N 13 -4.96 -9.52 31.92
CA GLY N 13 -4.39 -8.68 30.88
C GLY N 13 -5.33 -7.66 30.26
N GLY N 14 -6.57 -7.56 30.75
CA GLY N 14 -7.50 -6.61 30.19
C GLY N 14 -7.23 -5.19 30.64
N SER N 15 -7.73 -4.24 29.85
CA SER N 15 -7.62 -2.82 30.14
C SER N 15 -9.02 -2.23 30.23
N CYS N 16 -9.29 -1.50 31.32
CA CYS N 16 -10.60 -0.94 31.58
C CYS N 16 -10.58 0.57 31.42
N LYS N 17 -11.74 1.14 31.08
CA LYS N 17 -11.91 2.58 30.97
C LYS N 17 -13.25 2.97 31.57
N ASP N 18 -13.26 4.08 32.31
CA ASP N 18 -14.42 4.48 33.09
C ASP N 18 -15.37 5.32 32.24
N GLN N 19 -16.66 4.96 32.27
CA GLN N 19 -17.66 5.54 31.38
C GLN N 19 -18.95 5.87 32.14
N LEU N 20 -18.84 6.68 33.20
CA LEU N 20 -20.00 7.16 33.95
C LEU N 20 -20.72 6.02 34.67
N GLN N 21 -20.07 5.48 35.71
CA GLN N 21 -20.62 4.43 36.57
C GLN N 21 -20.76 3.11 35.85
N SER N 22 -20.06 2.95 34.73
CA SER N 22 -19.96 1.70 34.01
C SER N 22 -18.48 1.34 33.85
N TYR N 23 -18.22 0.08 33.55
CA TYR N 23 -16.85 -0.42 33.40
C TYR N 23 -16.79 -1.25 32.12
N ILE N 24 -16.29 -0.65 31.05
CA ILE N 24 -16.10 -1.33 29.78
C ILE N 24 -14.73 -1.99 29.79
N CYS N 25 -14.70 -3.29 29.54
CA CYS N 25 -13.50 -4.10 29.65
C CYS N 25 -12.94 -4.36 28.26
N PHE N 26 -11.78 -3.78 27.97
CA PHE N 26 -11.07 -4.01 26.71
C PHE N 26 -10.03 -5.11 26.96
N CYS N 27 -10.32 -6.32 26.48
CA CYS N 27 -9.53 -7.49 26.79
C CYS N 27 -8.89 -8.07 25.54
N LEU N 28 -7.98 -9.02 25.76
CA LEU N 28 -7.34 -9.72 24.68
C LEU N 28 -8.34 -10.62 23.96
N PRO N 29 -8.09 -10.95 22.69
CA PRO N 29 -9.08 -11.73 21.92
C PRO N 29 -9.35 -13.11 22.50
N ALA N 30 -8.46 -13.64 23.34
CA ALA N 30 -8.65 -14.98 23.89
C ALA N 30 -9.68 -15.04 25.01
N PHE N 31 -10.12 -13.89 25.53
CA PHE N 31 -11.04 -13.87 26.67
C PHE N 31 -12.25 -12.99 26.33
N GLU N 32 -13.36 -13.27 27.02
CA GLU N 32 -14.59 -12.51 26.84
C GLU N 32 -15.36 -12.49 28.15
N GLY N 33 -16.28 -11.53 28.26
CA GLY N 33 -17.07 -11.33 29.45
C GLY N 33 -17.09 -9.87 29.86
N ARG N 34 -18.03 -9.57 30.77
CA ARG N 34 -18.12 -8.21 31.29
C ARG N 34 -16.85 -7.81 32.00
N ASN N 35 -16.29 -8.71 32.80
CA ASN N 35 -14.95 -8.56 33.36
C ASN N 35 -13.94 -9.46 32.67
N CYS N 36 -14.35 -10.18 31.62
CA CYS N 36 -13.49 -11.10 30.88
C CYS N 36 -12.90 -12.17 31.80
N GLU N 37 -13.78 -12.82 32.56
CA GLU N 37 -13.41 -13.94 33.41
C GLU N 37 -13.62 -15.29 32.72
N THR N 38 -14.02 -15.28 31.45
CA THR N 38 -14.29 -16.51 30.71
C THR N 38 -13.15 -16.76 29.73
N HIS N 39 -12.64 -18.00 29.72
CA HIS N 39 -11.56 -18.39 28.83
C HIS N 39 -12.18 -18.98 27.57
N LYS N 40 -12.15 -18.20 26.48
CA LYS N 40 -12.74 -18.66 25.22
C LYS N 40 -12.03 -19.91 24.70
N ASP N 41 -10.75 -20.08 25.04
CA ASP N 41 -10.06 -21.30 24.66
C ASP N 41 -10.67 -22.52 25.32
N ASP N 42 -11.26 -22.35 26.49
CA ASP N 42 -11.97 -23.43 27.18
C ASP N 42 -13.38 -23.55 26.61
N GLN N 43 -14.26 -24.26 27.33
CA GLN N 43 -15.64 -24.51 26.91
C GLN N 43 -15.68 -25.43 25.70
N LEU N 44 -14.78 -26.40 25.65
CA LEU N 44 -14.72 -27.36 24.54
C LEU N 44 -15.76 -28.46 24.76
N ILE N 45 -17.01 -28.03 24.87
CA ILE N 45 -18.16 -28.91 25.05
C ILE N 45 -18.90 -29.02 23.73
N CYS N 46 -19.50 -30.19 23.49
CA CYS N 46 -20.10 -30.48 22.20
C CYS N 46 -21.43 -29.78 21.99
N VAL N 47 -21.98 -29.12 23.01
CA VAL N 47 -23.12 -28.23 22.77
C VAL N 47 -22.64 -26.91 22.17
N ASN N 48 -21.35 -26.62 22.24
CA ASN N 48 -20.77 -25.40 21.68
C ASN N 48 -20.31 -25.71 20.26
N GLU N 49 -21.22 -25.51 19.30
CA GLU N 49 -20.92 -25.69 17.87
C GLU N 49 -20.33 -27.06 17.59
N ASN N 50 -20.97 -28.09 18.15
CA ASN N 50 -20.53 -29.48 18.05
C ASN N 50 -19.14 -29.69 18.65
N GLY N 51 -18.74 -28.83 19.58
CA GLY N 51 -17.44 -28.95 20.22
C GLY N 51 -16.28 -28.78 19.26
N GLY N 52 -16.41 -27.93 18.25
CA GLY N 52 -15.36 -27.77 17.27
C GLY N 52 -15.03 -29.06 16.54
N CYS N 53 -16.05 -29.87 16.25
CA CYS N 53 -15.86 -31.16 15.60
C CYS N 53 -16.65 -31.18 14.30
N GLU N 54 -16.20 -32.04 13.37
CA GLU N 54 -16.77 -32.04 12.03
C GLU N 54 -18.12 -32.76 12.00
N GLN N 55 -18.13 -34.04 12.36
CA GLN N 55 -19.31 -34.89 12.16
C GLN N 55 -19.95 -35.34 13.46
N TYR N 56 -19.21 -36.03 14.33
CA TYR N 56 -19.79 -36.65 15.52
C TYR N 56 -18.88 -36.42 16.71
N CYS N 57 -19.46 -36.53 17.90
CA CYS N 57 -18.72 -36.32 19.14
C CYS N 57 -19.27 -37.23 20.23
N SER N 58 -18.45 -37.42 21.26
CA SER N 58 -18.87 -38.14 22.46
C SER N 58 -18.18 -37.49 23.65
N ASP N 59 -18.95 -36.76 24.45
CA ASP N 59 -18.38 -36.04 25.58
C ASP N 59 -17.99 -37.00 26.69
N HIS N 60 -16.70 -37.03 27.03
CA HIS N 60 -16.23 -37.86 28.12
C HIS N 60 -16.57 -37.19 29.46
N THR N 61 -16.45 -37.98 30.53
CA THR N 61 -16.84 -37.50 31.85
C THR N 61 -15.89 -36.41 32.35
N GLY N 62 -14.62 -36.77 32.53
CA GLY N 62 -13.67 -35.83 33.10
C GLY N 62 -12.68 -35.24 32.11
N THR N 63 -12.18 -36.06 31.20
CA THR N 63 -11.13 -35.63 30.28
C THR N 63 -11.72 -34.85 29.12
N LYS N 64 -10.88 -34.53 28.14
CA LYS N 64 -11.30 -33.76 26.97
C LYS N 64 -12.23 -34.58 26.10
N ARG N 65 -12.97 -33.88 25.24
CA ARG N 65 -13.90 -34.54 24.34
C ARG N 65 -13.16 -35.35 23.28
N SER N 66 -13.79 -36.44 22.85
CA SER N 66 -13.29 -37.28 21.78
C SER N 66 -14.22 -37.17 20.58
N CYS N 67 -13.62 -37.20 19.38
CA CYS N 67 -14.36 -37.01 18.14
C CYS N 67 -14.46 -38.32 17.39
N ARG N 68 -15.70 -38.77 17.13
CA ARG N 68 -15.98 -39.95 16.33
C ARG N 68 -16.60 -39.50 15.00
N CYS N 69 -17.03 -40.48 14.20
CA CYS N 69 -17.61 -40.19 12.91
C CYS N 69 -18.69 -41.20 12.58
N HIS N 70 -19.49 -40.87 11.57
CA HIS N 70 -20.61 -41.70 11.16
C HIS N 70 -20.11 -42.98 10.49
N GLU N 71 -21.03 -43.92 10.31
CA GLU N 71 -20.71 -45.20 9.68
C GLU N 71 -20.12 -44.98 8.30
N GLY N 72 -19.03 -45.70 8.01
CA GLY N 72 -18.31 -45.54 6.76
C GLY N 72 -17.30 -44.42 6.72
N TYR N 73 -17.06 -43.74 7.85
CA TYR N 73 -16.10 -42.66 7.93
C TYR N 73 -15.07 -42.95 9.00
N SER N 74 -13.81 -42.61 8.72
CA SER N 74 -12.71 -42.74 9.67
C SER N 74 -12.03 -41.38 9.79
N LEU N 75 -11.79 -40.95 11.03
CA LEU N 75 -11.19 -39.64 11.24
C LEU N 75 -9.70 -39.66 10.89
N LEU N 76 -9.21 -38.54 10.39
CA LEU N 76 -7.81 -38.40 10.00
C LEU N 76 -6.95 -38.22 11.25
N ALA N 77 -5.63 -38.13 11.05
CA ALA N 77 -4.70 -37.99 12.15
C ALA N 77 -4.88 -36.68 12.91
N ASP N 78 -5.49 -35.67 12.30
CA ASP N 78 -5.70 -34.40 12.98
C ASP N 78 -6.73 -34.52 14.10
N GLY N 79 -7.56 -35.55 14.09
CA GLY N 79 -8.56 -35.74 15.12
C GLY N 79 -9.82 -34.93 14.95
N VAL N 80 -9.91 -34.11 13.90
CA VAL N 80 -11.10 -33.29 13.68
C VAL N 80 -11.71 -33.51 12.30
N SER N 81 -10.99 -34.08 11.35
CA SER N 81 -11.49 -34.29 10.00
C SER N 81 -11.61 -35.78 9.70
N CYS N 82 -12.62 -36.13 8.89
CA CYS N 82 -12.90 -37.51 8.53
C CYS N 82 -12.82 -37.69 7.02
N THR N 83 -12.22 -38.80 6.60
CA THR N 83 -12.15 -39.17 5.20
C THR N 83 -12.95 -40.44 4.95
N PRO N 84 -13.63 -40.53 3.81
CA PRO N 84 -14.39 -41.75 3.49
C PRO N 84 -13.45 -42.91 3.21
N THR N 85 -13.94 -44.13 3.48
CA THR N 85 -13.19 -45.34 3.19
C THR N 85 -13.81 -46.19 2.10
N VAL N 86 -15.14 -46.30 2.06
CA VAL N 86 -15.80 -47.02 0.98
C VAL N 86 -15.77 -46.18 -0.29
N GLU N 87 -16.02 -46.84 -1.42
CA GLU N 87 -15.98 -46.14 -2.71
C GLU N 87 -17.03 -45.04 -2.78
N TYR N 88 -18.24 -45.32 -2.32
CA TYR N 88 -19.33 -44.35 -2.35
C TYR N 88 -19.81 -44.07 -0.93
N PRO N 89 -19.31 -43.01 -0.28
CA PRO N 89 -19.73 -42.71 1.10
C PRO N 89 -21.17 -42.24 1.18
N CYS N 90 -21.65 -42.00 2.39
CA CYS N 90 -23.02 -41.58 2.62
C CYS N 90 -23.09 -40.07 2.82
N GLY N 91 -24.21 -39.48 2.39
CA GLY N 91 -24.43 -38.07 2.60
C GLY N 91 -23.51 -37.16 1.82
N LYS N 92 -22.88 -37.66 0.77
CA LYS N 92 -21.98 -36.87 -0.06
C LYS N 92 -22.39 -37.03 -1.52
N ILE N 93 -22.53 -35.90 -2.22
CA ILE N 93 -22.88 -35.92 -3.64
C ILE N 93 -21.64 -36.30 -4.43
N PRO N 94 -21.67 -37.42 -5.18
CA PRO N 94 -20.45 -37.88 -5.85
C PRO N 94 -20.09 -37.11 -7.11
N ILE N 95 -21.04 -36.42 -7.74
CA ILE N 95 -20.73 -35.68 -8.96
C ILE N 95 -19.95 -34.41 -8.68
N LEU N 96 -19.87 -33.98 -7.42
CA LEU N 96 -19.12 -32.80 -7.05
C LEU N 96 -17.70 -33.11 -6.59
N GLU N 97 -17.30 -34.38 -6.64
CA GLU N 97 -15.95 -34.77 -6.23
C GLU N 97 -15.10 -35.15 -7.43
N THR O 4 -40.08 -27.72 41.29
CA THR O 4 -41.07 -28.13 40.29
C THR O 4 -40.58 -27.80 38.88
N ASN O 5 -41.51 -27.40 38.01
CA ASN O 5 -41.18 -27.09 36.64
C ASN O 5 -40.30 -25.84 36.56
N THR O 6 -39.85 -25.52 35.35
CA THR O 6 -38.96 -24.38 35.13
C THR O 6 -39.74 -23.18 34.59
N VAL O 7 -39.22 -22.00 34.87
CA VAL O 7 -39.85 -20.75 34.46
C VAL O 7 -39.17 -20.25 33.20
N ALA O 8 -39.85 -19.37 32.48
CA ALA O 8 -39.34 -18.78 31.25
C ALA O 8 -38.76 -17.40 31.53
N ALA O 9 -37.72 -17.06 30.77
CA ALA O 9 -37.06 -15.77 30.95
C ALA O 9 -38.00 -14.63 30.59
N TYR O 10 -37.84 -13.51 31.29
CA TYR O 10 -38.68 -12.34 31.09
C TYR O 10 -37.86 -11.09 31.33
N ASN O 11 -38.40 -9.94 30.91
CA ASN O 11 -37.74 -8.65 31.04
C ASN O 11 -36.37 -8.66 30.37
N LEU O 12 -36.28 -9.32 29.22
CA LEU O 12 -35.03 -9.40 28.48
C LEU O 12 -34.76 -8.07 27.79
N THR O 13 -33.57 -7.51 28.02
CA THR O 13 -33.22 -6.21 27.48
C THR O 13 -31.79 -6.25 26.95
N TRP O 14 -31.50 -5.34 26.03
CA TRP O 14 -30.17 -5.20 25.45
C TRP O 14 -29.47 -4.01 26.09
N LYS O 15 -28.26 -4.25 26.63
CA LYS O 15 -27.46 -3.21 27.27
C LYS O 15 -26.15 -3.08 26.51
N SER O 16 -26.02 -2.01 25.72
CA SER O 16 -24.85 -1.80 24.89
C SER O 16 -24.27 -0.42 25.16
N THR O 17 -23.05 -0.39 25.67
CA THR O 17 -22.31 0.85 25.90
C THR O 17 -20.99 0.76 25.14
N ASN O 18 -20.66 1.83 24.41
CA ASN O 18 -19.55 1.81 23.47
C ASN O 18 -19.78 0.70 22.45
N PHE O 19 -18.98 -0.36 22.53
CA PHE O 19 -19.23 -1.58 21.76
C PHE O 19 -19.23 -2.81 22.65
N LYS O 20 -19.11 -2.64 23.96
CA LYS O 20 -19.24 -3.74 24.92
C LYS O 20 -20.72 -4.07 25.09
N THR O 21 -21.28 -4.74 24.08
CA THR O 21 -22.68 -5.14 24.11
C THR O 21 -22.83 -6.39 24.97
N ILE O 22 -23.54 -6.25 26.09
CA ILE O 22 -23.77 -7.35 27.02
C ILE O 22 -25.26 -7.57 27.13
N LEU O 23 -25.69 -8.82 26.95
CA LEU O 23 -27.10 -9.14 27.02
C LEU O 23 -27.51 -9.37 28.48
N GLU O 24 -28.56 -8.69 28.92
CA GLU O 24 -29.05 -8.77 30.28
C GLU O 24 -30.48 -9.30 30.27
N TRP O 25 -30.78 -10.20 31.21
CA TRP O 25 -32.11 -10.78 31.28
C TRP O 25 -32.41 -11.23 32.70
N GLU O 26 -33.67 -11.09 33.09
CA GLU O 26 -34.23 -11.58 34.34
C GLU O 26 -34.96 -12.89 34.12
N PRO O 27 -35.24 -13.66 35.17
CA PRO O 27 -34.89 -13.46 36.59
C PRO O 27 -33.61 -14.19 36.98
N LYS O 28 -33.11 -13.95 38.19
CA LYS O 28 -32.02 -14.75 38.71
C LYS O 28 -32.50 -16.19 38.86
N PRO O 29 -31.67 -17.17 38.50
CA PRO O 29 -32.16 -18.55 38.39
C PRO O 29 -32.70 -19.08 39.72
N VAL O 30 -33.81 -19.80 39.65
CA VAL O 30 -34.45 -20.43 40.79
C VAL O 30 -34.66 -21.88 40.41
N ASN O 31 -33.72 -22.75 40.82
CA ASN O 31 -33.75 -24.17 40.48
C ASN O 31 -33.81 -24.38 38.98
N GLN O 32 -33.06 -23.57 38.23
CA GLN O 32 -33.04 -23.65 36.78
C GLN O 32 -31.75 -23.04 36.26
N VAL O 33 -31.47 -23.27 34.98
CA VAL O 33 -30.27 -22.79 34.33
C VAL O 33 -30.67 -22.13 33.01
N TYR O 34 -29.75 -21.32 32.46
CA TYR O 34 -30.01 -20.56 31.25
C TYR O 34 -28.97 -20.85 30.18
N THR O 35 -29.38 -20.65 28.92
CA THR O 35 -28.48 -20.72 27.78
C THR O 35 -28.95 -19.70 26.74
N VAL O 36 -27.99 -19.11 26.02
CA VAL O 36 -28.24 -17.99 25.13
C VAL O 36 -27.82 -18.36 23.72
N GLN O 37 -28.61 -17.90 22.73
CA GLN O 37 -28.32 -18.13 21.32
C GLN O 37 -28.45 -16.81 20.55
N ILE O 38 -27.65 -16.68 19.50
CA ILE O 38 -27.60 -15.48 18.67
C ILE O 38 -27.64 -15.89 17.20
N SER O 39 -28.46 -15.19 16.42
CA SER O 39 -28.60 -15.45 14.98
C SER O 39 -28.44 -14.13 14.22
N THR O 40 -28.34 -14.27 12.90
CA THR O 40 -28.16 -13.12 12.01
C THR O 40 -29.32 -13.01 11.04
N LYS O 41 -30.55 -13.07 11.57
CA LYS O 41 -31.78 -13.13 10.78
C LYS O 41 -31.84 -14.42 9.99
N SER O 42 -31.52 -14.36 8.71
CA SER O 42 -31.47 -15.56 7.87
C SER O 42 -30.06 -16.17 7.87
N GLY O 43 -29.53 -16.42 9.06
CA GLY O 43 -28.20 -16.98 9.19
C GLY O 43 -28.17 -18.34 9.86
N ASP O 44 -27.46 -18.43 10.98
CA ASP O 44 -27.34 -19.69 11.72
C ASP O 44 -27.27 -19.38 13.20
N TRP O 45 -27.96 -20.19 14.00
CA TRP O 45 -28.00 -19.97 15.45
C TRP O 45 -26.66 -20.36 16.08
N LYS O 46 -26.08 -19.43 16.82
CA LYS O 46 -24.82 -19.65 17.53
C LYS O 46 -25.08 -19.63 19.03
N SER O 47 -24.64 -20.68 19.72
CA SER O 47 -24.91 -20.82 21.14
C SER O 47 -23.80 -20.19 21.98
N LYS O 48 -24.19 -19.61 23.11
CA LYS O 48 -23.23 -19.01 24.04
C LYS O 48 -23.82 -19.06 25.45
N CYS O 49 -22.94 -18.88 26.44
CA CYS O 49 -23.31 -18.95 27.86
C CYS O 49 -23.97 -20.29 28.19
N PHE O 50 -23.19 -21.35 28.02
CA PHE O 50 -23.71 -22.71 28.09
C PHE O 50 -23.91 -23.12 29.54
N TYR O 51 -25.17 -23.34 29.92
CA TYR O 51 -25.53 -23.88 31.23
C TYR O 51 -24.98 -23.02 32.37
N THR O 52 -24.96 -21.71 32.17
CA THR O 52 -24.47 -20.79 33.18
C THR O 52 -25.60 -20.35 34.11
N THR O 53 -25.23 -20.03 35.34
CA THR O 53 -26.17 -19.58 36.36
C THR O 53 -26.23 -18.06 36.47
N ASP O 54 -25.53 -17.34 35.60
CA ASP O 54 -25.54 -15.89 35.63
C ASP O 54 -26.83 -15.34 35.03
N THR O 55 -27.02 -14.03 35.19
CA THR O 55 -28.17 -13.33 34.62
C THR O 55 -27.76 -12.43 33.46
N GLU O 56 -26.56 -12.62 32.91
CA GLU O 56 -26.07 -11.81 31.82
C GLU O 56 -25.20 -12.65 30.91
N CYS O 57 -25.13 -12.26 29.65
CA CYS O 57 -24.33 -12.97 28.65
C CYS O 57 -23.55 -11.96 27.83
N ASP O 58 -22.26 -12.24 27.62
CA ASP O 58 -21.40 -11.36 26.82
C ASP O 58 -21.41 -11.86 25.38
N LEU O 59 -21.94 -11.04 24.47
CA LEU O 59 -21.97 -11.35 23.05
C LEU O 59 -21.08 -10.42 22.24
N THR O 60 -20.09 -9.79 22.90
CA THR O 60 -19.25 -8.80 22.21
C THR O 60 -18.47 -9.44 21.08
N ASP O 61 -17.89 -10.62 21.32
CA ASP O 61 -17.03 -11.25 20.32
C ASP O 61 -17.82 -11.81 19.14
N GLU O 62 -19.14 -11.84 19.21
CA GLU O 62 -19.98 -12.38 18.14
C GLU O 62 -20.69 -11.31 17.32
N ILE O 63 -21.12 -10.21 17.93
CA ILE O 63 -21.84 -9.19 17.17
C ILE O 63 -20.92 -8.29 16.37
N VAL O 64 -19.62 -8.23 16.72
CA VAL O 64 -18.70 -7.32 16.02
C VAL O 64 -18.25 -7.85 14.68
N LYS O 65 -18.58 -9.10 14.34
CA LYS O 65 -18.22 -9.64 13.03
C LYS O 65 -18.89 -8.82 11.93
N ASP O 66 -20.19 -8.59 12.04
CA ASP O 66 -20.95 -7.73 11.13
C ASP O 66 -21.68 -6.71 11.99
N VAL O 67 -21.09 -5.53 12.15
CA VAL O 67 -21.61 -4.52 13.06
C VAL O 67 -22.86 -3.87 12.48
N LYS O 68 -23.24 -4.27 11.26
CA LYS O 68 -24.47 -3.80 10.64
C LYS O 68 -25.56 -4.87 10.59
N GLN O 69 -25.22 -6.13 10.80
CA GLN O 69 -26.16 -7.23 10.62
C GLN O 69 -27.12 -7.29 11.81
N THR O 70 -28.42 -7.18 11.53
CA THR O 70 -29.42 -7.23 12.58
C THR O 70 -29.39 -8.59 13.27
N TYR O 71 -29.36 -8.58 14.60
CA TYR O 71 -29.26 -9.79 15.41
C TYR O 71 -30.51 -9.94 16.27
N LEU O 72 -30.89 -11.19 16.50
CA LEU O 72 -31.97 -11.54 17.41
C LEU O 72 -31.48 -12.63 18.35
N ALA O 73 -31.93 -12.58 19.60
CA ALA O 73 -31.43 -13.47 20.63
C ALA O 73 -32.59 -14.23 21.29
N ARG O 74 -32.23 -15.38 21.88
CA ARG O 74 -33.17 -16.18 22.65
C ARG O 74 -32.43 -16.75 23.85
N VAL O 75 -33.17 -16.97 24.94
CA VAL O 75 -32.61 -17.48 26.19
C VAL O 75 -33.36 -18.74 26.57
N PHE O 76 -32.64 -19.86 26.64
CA PHE O 76 -33.23 -21.12 27.07
C PHE O 76 -33.31 -21.18 28.59
N SER O 77 -34.19 -22.05 29.09
CA SER O 77 -34.38 -22.27 30.52
C SER O 77 -34.43 -23.77 30.78
N TYR O 78 -33.27 -24.37 30.99
CA TYR O 78 -33.21 -25.78 31.34
C TYR O 78 -33.54 -25.98 32.82
N PRO O 79 -34.18 -27.10 33.17
CA PRO O 79 -34.48 -27.37 34.57
C PRO O 79 -33.25 -27.86 35.31
N ALA O 80 -33.42 -28.12 36.60
CA ALA O 80 -32.34 -28.61 37.45
C ALA O 80 -32.26 -30.14 37.42
N GLY O 81 -32.15 -30.69 36.22
CA GLY O 81 -32.08 -32.13 36.04
C GLY O 81 -32.82 -32.62 34.81
N GLY O 90 -39.33 -33.29 24.90
CA GLY O 90 -39.86 -32.22 24.08
C GLY O 90 -38.84 -31.16 23.71
N GLU O 91 -39.27 -29.91 23.68
CA GLU O 91 -38.41 -28.80 23.34
C GLU O 91 -38.25 -27.86 24.53
N PRO O 92 -37.04 -27.32 24.75
CA PRO O 92 -36.83 -26.46 25.93
C PRO O 92 -37.66 -25.19 25.88
N LEU O 93 -38.04 -24.71 27.06
CA LEU O 93 -38.74 -23.45 27.19
C LEU O 93 -37.77 -22.29 27.02
N TYR O 94 -38.25 -21.23 26.37
CA TYR O 94 -37.40 -20.08 26.07
C TYR O 94 -38.27 -18.85 25.82
N GLU O 95 -37.60 -17.73 25.56
CA GLU O 95 -38.28 -16.47 25.24
C GLU O 95 -37.37 -15.66 24.34
N ASN O 96 -37.97 -14.98 23.36
CA ASN O 96 -37.23 -14.22 22.36
C ASN O 96 -36.79 -12.87 22.93
N SER O 97 -35.86 -12.25 22.22
CA SER O 97 -35.30 -10.95 22.57
C SER O 97 -35.65 -9.93 21.50
N PRO O 98 -35.65 -8.63 21.86
CA PRO O 98 -35.89 -7.60 20.84
C PRO O 98 -34.78 -7.55 19.80
N GLU O 99 -35.14 -7.03 18.63
CA GLU O 99 -34.20 -6.92 17.53
C GLU O 99 -33.06 -5.99 17.89
N PHE O 100 -31.90 -6.21 17.26
CA PHE O 100 -30.70 -5.46 17.59
C PHE O 100 -29.88 -5.20 16.34
N THR O 101 -29.52 -3.94 16.12
CA THR O 101 -28.67 -3.53 15.00
C THR O 101 -27.37 -2.96 15.58
N PRO O 102 -26.26 -3.70 15.51
CA PRO O 102 -25.16 -3.54 16.48
C PRO O 102 -24.69 -2.13 16.76
N TYR O 103 -24.15 -1.42 15.76
CA TYR O 103 -23.55 -0.12 16.04
C TYR O 103 -24.58 0.99 16.00
N LEU O 104 -25.58 0.87 15.13
CA LEU O 104 -26.63 1.88 15.05
C LEU O 104 -27.46 1.94 16.32
N GLU O 105 -27.44 0.88 17.14
CA GLU O 105 -28.18 0.83 18.39
C GLU O 105 -27.31 1.09 19.61
N THR O 106 -26.03 0.76 19.55
CA THR O 106 -25.15 0.91 20.70
C THR O 106 -24.94 2.38 21.05
N ASN O 107 -24.67 2.64 22.32
CA ASN O 107 -24.46 3.99 22.82
C ASN O 107 -22.99 4.37 22.73
N LEU O 108 -22.75 5.68 22.65
CA LEU O 108 -21.39 6.20 22.57
C LEU O 108 -20.87 6.54 23.95
N GLY O 109 -19.65 6.08 24.25
CA GLY O 109 -19.05 6.37 25.53
C GLY O 109 -18.51 7.78 25.62
N GLN O 110 -18.23 8.19 26.86
CA GLN O 110 -17.65 9.51 27.09
C GLN O 110 -16.23 9.56 26.54
N PRO O 111 -15.89 10.57 25.74
CA PRO O 111 -14.51 10.69 25.27
C PRO O 111 -13.62 11.42 26.26
N THR O 112 -12.35 11.65 25.88
CA THR O 112 -11.38 12.33 26.75
C THR O 112 -10.51 13.24 25.90
N ILE O 113 -10.48 14.52 26.25
CA ILE O 113 -9.54 15.46 25.64
C ILE O 113 -8.13 14.94 25.83
N GLN O 114 -7.39 14.84 24.73
CA GLN O 114 -6.07 14.19 24.80
C GLN O 114 -5.01 15.16 25.30
N SER O 115 -4.86 16.31 24.66
CA SER O 115 -3.82 17.26 25.05
C SER O 115 -4.20 18.64 24.49
N PHE O 116 -3.34 19.62 24.78
CA PHE O 116 -3.57 20.99 24.35
C PHE O 116 -2.25 21.73 24.27
N GLU O 117 -2.23 22.77 23.43
CA GLU O 117 -1.05 23.62 23.24
C GLU O 117 -1.38 25.08 23.56
N GLN O 118 -0.34 25.91 23.55
CA GLN O 118 -0.45 27.32 23.86
C GLN O 118 -0.93 28.13 22.66
N VAL O 119 -0.76 29.46 22.72
CA VAL O 119 -1.23 30.45 21.74
C VAL O 119 -2.64 30.14 21.25
N VAL O 123 -5.87 27.42 21.11
CA VAL O 123 -6.10 26.11 21.72
C VAL O 123 -5.84 25.00 20.70
N ASN O 124 -5.34 23.88 21.18
CA ASN O 124 -5.00 22.72 20.36
C ASN O 124 -5.54 21.45 21.00
N VAL O 125 -6.81 21.50 21.39
CA VAL O 125 -7.46 20.37 22.06
C VAL O 125 -7.77 19.29 21.02
N THR O 126 -7.27 18.08 21.27
CA THR O 126 -7.57 16.91 20.46
C THR O 126 -8.22 15.86 21.36
N VAL O 127 -9.21 15.15 20.82
CA VAL O 127 -10.00 14.21 21.60
C VAL O 127 -9.99 12.86 20.89
N GLU O 128 -9.55 11.83 21.60
CA GLU O 128 -9.58 10.46 21.08
C GLU O 128 -9.30 9.46 22.20
N VAL O 134 -14.78 -3.81 17.79
CA VAL O 134 -14.51 -4.56 16.57
C VAL O 134 -13.05 -4.98 16.55
N ARG O 135 -12.77 -6.21 16.99
CA ARG O 135 -11.41 -6.71 17.08
C ARG O 135 -10.99 -7.25 15.73
N ARG O 136 -10.17 -6.47 15.00
CA ARG O 136 -9.62 -6.87 13.73
C ARG O 136 -8.13 -7.09 13.87
N ASN O 137 -7.68 -8.32 13.62
CA ASN O 137 -6.26 -8.68 13.66
C ASN O 137 -5.61 -8.28 14.98
N ASN O 138 -6.21 -8.75 16.07
CA ASN O 138 -5.76 -8.52 17.45
C ASN O 138 -5.77 -7.04 17.84
N THR O 139 -6.42 -6.19 17.06
CA THR O 139 -6.47 -4.76 17.32
C THR O 139 -7.92 -4.29 17.28
N PHE O 140 -8.25 -3.36 18.18
CA PHE O 140 -9.60 -2.82 18.28
C PHE O 140 -9.71 -1.57 17.40
N LEU O 141 -10.62 -1.61 16.44
CA LEU O 141 -10.84 -0.44 15.58
C LEU O 141 -11.50 0.67 16.38
N SER O 142 -10.94 1.87 16.29
CA SER O 142 -11.45 3.00 17.06
C SER O 142 -12.80 3.45 16.50
N LEU O 143 -13.47 4.30 17.28
CA LEU O 143 -14.79 4.79 16.88
C LEU O 143 -14.72 5.58 15.59
N ARG O 144 -13.62 6.32 15.37
CA ARG O 144 -13.44 7.06 14.13
C ARG O 144 -12.96 6.19 12.99
N ASP O 145 -12.53 4.95 13.27
CA ASP O 145 -12.16 4.01 12.22
C ASP O 145 -13.33 3.22 11.69
N VAL O 146 -14.43 3.14 12.43
CA VAL O 146 -15.62 2.41 12.02
C VAL O 146 -16.72 3.35 11.55
N PHE O 147 -17.00 4.40 12.32
CA PHE O 147 -18.04 5.35 11.95
C PHE O 147 -17.63 6.12 10.71
N GLY O 148 -18.53 6.19 9.73
CA GLY O 148 -18.22 6.84 8.47
C GLY O 148 -19.12 8.02 8.15
N LYS O 149 -18.53 9.22 8.11
CA LYS O 149 -19.22 10.46 7.76
C LYS O 149 -20.32 10.82 8.75
N ASP O 150 -20.48 10.02 9.80
CA ASP O 150 -21.52 10.27 10.79
C ASP O 150 -20.97 10.68 12.15
N LEU O 151 -19.67 10.54 12.38
CA LEU O 151 -19.07 10.92 13.67
C LEU O 151 -18.69 12.40 13.61
N ILE O 152 -19.67 13.24 13.92
CA ILE O 152 -19.50 14.68 13.92
C ILE O 152 -19.84 15.15 15.34
N TYR O 153 -18.81 15.29 16.18
CA TYR O 153 -19.01 15.67 17.57
C TYR O 153 -18.99 17.19 17.70
N THR O 154 -19.72 17.69 18.71
CA THR O 154 -19.96 19.11 18.89
C THR O 154 -19.40 19.59 20.23
N LEU O 155 -18.82 20.79 20.23
CA LEU O 155 -18.29 21.42 21.42
C LEU O 155 -18.93 22.79 21.61
N TYR O 156 -19.32 23.09 22.84
CA TYR O 156 -19.90 24.39 23.15
C TYR O 156 -19.00 25.18 24.09
N LYS O 166 -21.77 29.66 23.60
CA LYS O 166 -21.43 29.57 22.19
C LYS O 166 -21.06 28.14 21.81
N THR O 167 -21.82 27.57 20.87
CA THR O 167 -21.61 26.20 20.43
C THR O 167 -20.85 26.19 19.10
N ALA O 168 -19.91 25.25 18.99
CA ALA O 168 -19.10 25.09 17.79
C ALA O 168 -19.25 23.67 17.27
N LYS O 169 -19.48 23.53 15.97
CA LYS O 169 -19.68 22.24 15.33
C LYS O 169 -18.64 22.02 14.24
N THR O 170 -18.09 20.81 14.17
CA THR O 170 -17.12 20.47 13.15
C THR O 170 -17.15 18.98 12.89
N ASN O 171 -16.86 18.59 11.65
CA ASN O 171 -16.85 17.20 11.23
C ASN O 171 -15.46 16.58 11.33
N THR O 172 -14.47 17.31 11.82
CA THR O 172 -13.10 16.82 11.94
C THR O 172 -12.84 16.35 13.36
N ASN O 173 -12.16 15.21 13.48
CA ASN O 173 -11.84 14.63 14.79
C ASN O 173 -10.49 15.12 15.30
N GLU O 174 -10.33 16.44 15.37
CA GLU O 174 -9.09 17.04 15.87
C GLU O 174 -9.33 18.48 16.30
N CYS O 186 -11.47 26.16 28.02
CA CYS O 186 -12.21 25.41 29.03
C CYS O 186 -13.59 25.04 28.52
N PHE O 187 -13.70 23.82 27.97
CA PHE O 187 -14.98 23.32 27.48
C PHE O 187 -14.94 21.80 27.52
N SER O 188 -16.13 21.20 27.65
CA SER O 188 -16.27 19.75 27.70
C SER O 188 -16.72 19.22 26.34
N VAL O 189 -16.11 18.11 25.92
CA VAL O 189 -16.41 17.51 24.63
C VAL O 189 -17.48 16.46 24.79
N GLN O 190 -18.23 16.23 23.71
CA GLN O 190 -19.30 15.24 23.70
C GLN O 190 -19.47 14.72 22.29
N ALA O 191 -19.81 13.44 22.18
CA ALA O 191 -19.95 12.77 20.89
C ALA O 191 -21.42 12.71 20.48
N VAL O 192 -21.69 13.02 19.22
CA VAL O 192 -23.03 12.97 18.66
C VAL O 192 -22.95 12.49 17.22
N ILE O 193 -23.82 11.56 16.85
CA ILE O 193 -23.87 10.99 15.52
C ILE O 193 -25.29 11.19 14.96
N PRO O 194 -25.45 11.95 13.87
CA PRO O 194 -26.80 12.24 13.36
C PRO O 194 -27.43 11.02 12.71
N SER O 195 -28.73 11.17 12.41
CA SER O 195 -29.59 10.19 11.76
C SER O 195 -29.82 8.94 12.59
N ARG O 196 -29.25 8.86 13.79
CA ARG O 196 -29.34 7.66 14.61
C ARG O 196 -30.68 7.58 15.32
N THR O 197 -31.06 6.36 15.68
CA THR O 197 -32.37 6.14 16.30
C THR O 197 -32.39 6.64 17.73
N VAL O 198 -31.57 6.07 18.61
CA VAL O 198 -31.50 6.45 20.00
C VAL O 198 -30.13 7.00 20.37
N ASN O 199 -29.07 6.41 19.85
CA ASN O 199 -27.72 6.89 20.17
C ASN O 199 -27.41 8.17 19.38
N ARG O 200 -28.24 9.19 19.53
CA ARG O 200 -27.97 10.46 18.88
C ARG O 200 -26.76 11.15 19.50
N LYS O 201 -26.84 11.44 20.79
CA LYS O 201 -25.79 12.14 21.52
C LYS O 201 -25.25 11.23 22.62
N SER O 202 -24.12 11.65 23.20
CA SER O 202 -23.45 10.91 24.26
C SER O 202 -23.41 11.75 25.54
N THR O 203 -22.67 11.25 26.52
CA THR O 203 -22.51 11.97 27.79
C THR O 203 -21.29 12.87 27.76
N ASP O 204 -21.36 13.95 28.53
CA ASP O 204 -20.30 14.94 28.53
C ASP O 204 -19.04 14.40 29.18
N SER O 205 -17.88 14.82 28.65
CA SER O 205 -16.59 14.43 29.18
C SER O 205 -16.23 15.27 30.40
N PRO O 206 -15.34 14.79 31.26
CA PRO O 206 -14.83 15.63 32.34
C PRO O 206 -14.12 16.86 31.79
N VAL O 207 -14.29 17.98 32.49
CA VAL O 207 -13.78 19.27 32.05
C VAL O 207 -12.58 19.65 32.91
N GLU O 208 -11.58 20.25 32.27
CA GLU O 208 -10.40 20.77 32.96
C GLU O 208 -9.97 22.04 32.24
N CYS O 209 -10.11 23.18 32.91
CA CYS O 209 -9.83 24.48 32.30
C CYS O 209 -8.39 24.92 32.54
N MET O 210 -7.45 24.07 32.15
CA MET O 210 -6.00 24.33 32.30
C MET O 210 -5.59 24.61 33.74
N GLU P 1 21.17 -45.63 26.21
CA GLU P 1 21.63 -44.26 26.40
C GLU P 1 23.03 -44.24 27.01
N ILE P 2 23.93 -43.47 26.38
CA ILE P 2 25.29 -43.32 26.87
C ILE P 2 25.32 -42.11 27.79
N VAL P 3 25.56 -42.36 29.08
CA VAL P 3 25.62 -41.30 30.08
C VAL P 3 27.07 -40.84 30.19
N LEU P 4 27.31 -39.56 29.91
CA LEU P 4 28.64 -38.97 29.98
C LEU P 4 28.71 -38.07 31.21
N THR P 5 29.67 -38.36 32.09
CA THR P 5 29.85 -37.60 33.32
C THR P 5 31.14 -36.81 33.23
N GLN P 6 31.07 -35.52 33.54
CA GLN P 6 32.22 -34.63 33.50
C GLN P 6 32.58 -34.19 34.91
N SER P 7 33.86 -34.30 35.26
CA SER P 7 34.37 -33.89 36.55
C SER P 7 35.68 -33.14 36.35
N PRO P 8 35.98 -32.15 37.20
CA PRO P 8 35.17 -31.65 38.32
C PRO P 8 34.07 -30.70 37.85
N ALA P 9 33.03 -30.51 38.65
CA ALA P 9 31.95 -29.61 38.27
C ALA P 9 32.45 -28.17 38.17
N THR P 10 33.27 -27.74 39.12
CA THR P 10 33.81 -26.39 39.16
C THR P 10 35.33 -26.46 39.28
N LEU P 11 36.02 -25.71 38.42
CA LEU P 11 37.48 -25.65 38.43
C LEU P 11 37.91 -24.19 38.31
N SER P 12 38.81 -23.76 39.20
CA SER P 12 39.29 -22.39 39.23
C SER P 12 40.81 -22.39 39.15
N LEU P 13 41.35 -22.02 37.99
CA LEU P 13 42.79 -21.98 37.77
C LEU P 13 43.18 -20.62 37.20
N SER P 14 44.36 -20.16 37.60
CA SER P 14 44.90 -18.89 37.16
C SER P 14 45.41 -18.99 35.71
N PRO P 15 45.40 -17.87 34.97
CA PRO P 15 45.98 -17.90 33.62
C PRO P 15 47.43 -18.29 33.64
N GLY P 16 47.86 -19.03 32.62
CA GLY P 16 49.19 -19.57 32.54
C GLY P 16 49.35 -20.93 33.18
N GLU P 17 48.32 -21.45 33.86
CA GLU P 17 48.37 -22.75 34.49
C GLU P 17 47.91 -23.82 33.49
N ARG P 18 47.70 -25.03 33.97
CA ARG P 18 47.23 -26.15 33.16
C ARG P 18 45.94 -26.70 33.74
N ALA P 19 44.94 -26.88 32.88
CA ALA P 19 43.63 -27.37 33.29
C ALA P 19 43.38 -28.72 32.66
N THR P 20 42.89 -29.68 33.46
CA THR P 20 42.56 -31.01 32.99
C THR P 20 41.08 -31.29 33.25
N LEU P 21 40.38 -31.73 32.21
CA LEU P 21 38.97 -32.06 32.30
C LEU P 21 38.76 -33.53 31.95
N SER P 22 37.89 -34.20 32.69
CA SER P 22 37.67 -35.63 32.54
C SER P 22 36.25 -35.91 32.05
N CYS P 23 36.11 -36.98 31.28
CA CYS P 23 34.84 -37.38 30.70
C CYS P 23 34.73 -38.90 30.77
N ARG P 24 33.90 -39.39 31.69
CA ARG P 24 33.68 -40.81 31.87
C ARG P 24 32.45 -41.24 31.09
N ALA P 25 32.56 -42.34 30.36
CA ALA P 25 31.49 -42.85 29.51
C ALA P 25 30.90 -44.12 30.11
N SER P 26 29.61 -44.34 29.84
CA SER P 26 28.95 -45.55 30.30
C SER P 26 29.24 -46.77 29.43
N GLN P 27 29.79 -46.56 28.23
CA GLN P 27 30.13 -47.64 27.32
C GLN P 27 31.46 -47.32 26.66
N GLY P 28 31.94 -48.26 25.83
CA GLY P 28 33.13 -48.02 25.05
C GLY P 28 32.80 -47.39 23.72
N ILE P 29 32.99 -46.07 23.61
CA ILE P 29 32.62 -45.34 22.41
C ILE P 29 33.83 -45.10 21.50
N SER P 30 34.92 -45.84 21.72
CA SER P 30 36.13 -45.76 20.91
C SER P 30 36.63 -44.32 20.96
N ASP P 31 37.02 -43.71 19.83
CA ASP P 31 37.43 -42.32 19.81
C ASP P 31 36.29 -41.37 19.46
N TYR P 32 35.06 -41.89 19.34
CA TYR P 32 33.91 -41.09 18.94
C TYR P 32 33.44 -40.24 20.12
N LEU P 33 34.23 -39.20 20.42
CA LEU P 33 33.89 -38.25 21.46
C LEU P 33 34.37 -36.88 21.03
N HIS P 34 33.48 -35.88 21.13
CA HIS P 34 33.76 -34.52 20.72
C HIS P 34 33.54 -33.57 21.89
N TRP P 35 34.39 -32.54 21.98
CA TRP P 35 34.36 -31.60 23.08
C TRP P 35 33.82 -30.26 22.60
N TYR P 36 33.11 -29.57 23.49
CA TYR P 36 32.48 -28.30 23.16
C TYR P 36 32.81 -27.26 24.23
N GLN P 37 32.81 -26.00 23.81
CA GLN P 37 32.98 -24.86 24.71
C GLN P 37 31.84 -23.89 24.48
N GLN P 38 31.18 -23.49 25.57
CA GLN P 38 30.02 -22.60 25.50
C GLN P 38 30.29 -21.39 26.40
N LYS P 39 30.72 -20.29 25.81
CA LYS P 39 30.79 -19.04 26.54
C LYS P 39 29.38 -18.52 26.82
N PRO P 40 29.15 -17.90 27.97
CA PRO P 40 27.81 -17.41 28.29
C PRO P 40 27.31 -16.41 27.27
N GLY P 41 26.04 -16.54 26.91
CA GLY P 41 25.45 -15.70 25.88
C GLY P 41 25.82 -16.09 24.46
N GLU P 42 26.41 -17.26 24.25
CA GLU P 42 26.85 -17.68 22.93
C GLU P 42 26.51 -19.15 22.73
N ALA P 43 26.41 -19.55 21.46
CA ALA P 43 26.17 -20.93 21.11
C ALA P 43 27.41 -21.77 21.39
N PRO P 44 27.24 -23.08 21.60
CA PRO P 44 28.40 -23.95 21.83
C PRO P 44 29.34 -23.96 20.62
N ARG P 45 30.62 -24.16 20.90
CA ARG P 45 31.66 -24.18 19.87
C ARG P 45 32.29 -25.57 19.80
N LEU P 46 32.51 -26.05 18.58
CA LEU P 46 33.13 -27.35 18.35
C LEU P 46 34.62 -27.23 18.65
N LEU P 47 35.04 -27.74 19.81
CA LEU P 47 36.43 -27.61 20.23
C LEU P 47 37.31 -28.70 19.62
N ILE P 48 37.04 -29.96 19.95
CA ILE P 48 37.89 -31.08 19.57
C ILE P 48 37.04 -32.14 18.91
N LYS P 49 37.48 -32.63 17.75
CA LYS P 49 36.81 -33.70 17.03
C LYS P 49 37.62 -34.98 17.16
N TYR P 50 36.92 -36.10 17.39
CA TYR P 50 37.51 -37.43 17.49
C TYR P 50 38.54 -37.52 18.61
N THR P 51 38.44 -36.63 19.60
CA THR P 51 39.21 -36.66 20.84
C THR P 51 40.67 -36.27 20.60
N SER P 52 41.08 -36.15 19.35
CA SER P 52 42.44 -35.72 19.06
C SER P 52 42.51 -34.60 18.03
N GLN P 53 41.63 -34.61 17.02
CA GLN P 53 41.70 -33.64 15.94
C GLN P 53 41.10 -32.31 16.39
N PRO P 54 41.85 -31.21 16.31
CA PRO P 54 41.25 -29.89 16.57
C PRO P 54 40.37 -29.44 15.42
N ALA P 55 39.45 -28.53 15.73
CA ALA P 55 38.53 -28.00 14.73
C ALA P 55 39.20 -26.87 13.97
N THR P 56 38.42 -26.15 13.16
CA THR P 56 38.93 -25.04 12.37
C THR P 56 38.81 -23.75 13.17
N GLY P 57 39.88 -22.96 13.18
CA GLY P 57 39.92 -21.72 13.94
C GLY P 57 40.16 -21.89 15.42
N ILE P 58 40.34 -23.11 15.89
CA ILE P 58 40.54 -23.37 17.31
C ILE P 58 42.02 -23.18 17.65
N PRO P 59 42.34 -22.42 18.70
CA PRO P 59 43.75 -22.25 19.07
C PRO P 59 44.41 -23.57 19.45
N ALA P 60 45.72 -23.63 19.25
CA ALA P 60 46.48 -24.86 19.47
C ALA P 60 46.64 -25.23 20.94
N ARG P 61 46.24 -24.35 21.86
CA ARG P 61 46.38 -24.66 23.27
C ARG P 61 45.54 -25.86 23.68
N PHE P 62 44.37 -26.04 23.06
CA PHE P 62 43.50 -27.16 23.39
C PHE P 62 44.03 -28.46 22.80
N SER P 63 43.81 -29.55 23.52
CA SER P 63 44.25 -30.86 23.09
C SER P 63 43.40 -31.90 23.81
N GLY P 64 43.45 -33.13 23.30
CA GLY P 64 42.68 -34.22 23.88
C GLY P 64 43.39 -35.55 23.72
N SER P 65 42.94 -36.52 24.52
CA SER P 65 43.50 -37.86 24.49
C SER P 65 42.51 -38.81 25.13
N GLY P 66 42.78 -40.10 24.99
CA GLY P 66 41.95 -41.13 25.58
C GLY P 66 41.12 -41.86 24.53
N SER P 67 40.73 -43.08 24.88
CA SER P 67 39.91 -43.91 24.00
C SER P 67 39.22 -44.97 24.84
N GLY P 68 37.94 -45.19 24.56
CA GLY P 68 37.18 -46.21 25.27
C GLY P 68 36.21 -45.64 26.27
N THR P 69 36.55 -45.75 27.56
CA THR P 69 35.68 -45.33 28.64
C THR P 69 36.00 -43.93 29.17
N ASP P 70 37.28 -43.61 29.32
CA ASP P 70 37.70 -42.34 29.92
C ASP P 70 38.43 -41.50 28.88
N PHE P 71 38.11 -40.20 28.88
CA PHE P 71 38.77 -39.23 28.00
C PHE P 71 39.17 -38.01 28.82
N THR P 72 40.22 -37.34 28.38
CA THR P 72 40.76 -36.18 29.08
C THR P 72 40.94 -35.02 28.11
N LEU P 73 40.52 -33.83 28.53
CA LEU P 73 40.70 -32.60 27.78
C LEU P 73 41.65 -31.69 28.54
N THR P 74 42.71 -31.24 27.88
CA THR P 74 43.78 -30.49 28.51
C THR P 74 43.93 -29.12 27.86
N ILE P 75 44.07 -28.09 28.69
CA ILE P 75 44.37 -26.73 28.25
C ILE P 75 45.76 -26.40 28.79
N SER P 76 46.76 -26.44 27.91
CA SER P 76 48.14 -26.31 28.37
C SER P 76 48.42 -24.93 28.94
N SER P 77 48.06 -23.88 28.20
CA SER P 77 48.33 -22.49 28.61
C SER P 77 46.99 -21.76 28.64
N LEU P 78 46.35 -21.74 29.81
CA LEU P 78 45.06 -21.08 29.95
C LEU P 78 45.20 -19.57 29.76
N GLU P 79 44.17 -18.97 29.18
CA GLU P 79 44.14 -17.57 28.83
C GLU P 79 42.88 -16.94 29.40
N PRO P 80 42.91 -15.63 29.69
CA PRO P 80 41.73 -15.00 30.31
C PRO P 80 40.47 -15.07 29.46
N GLU P 81 40.58 -15.30 28.16
CA GLU P 81 39.39 -15.43 27.32
C GLU P 81 38.81 -16.84 27.32
N ASP P 82 39.40 -17.76 28.07
CA ASP P 82 38.96 -19.16 28.10
C ASP P 82 37.80 -19.40 29.06
N PHE P 83 37.33 -18.38 29.78
CA PHE P 83 36.22 -18.55 30.71
C PHE P 83 34.96 -18.98 29.97
N ALA P 84 34.54 -20.22 30.20
CA ALA P 84 33.36 -20.77 29.53
C ALA P 84 33.00 -22.09 30.21
N VAL P 85 31.83 -22.61 29.85
CA VAL P 85 31.37 -23.92 30.31
C VAL P 85 31.63 -24.91 29.19
N TYR P 86 32.36 -25.99 29.51
CA TYR P 86 32.78 -26.97 28.52
C TYR P 86 31.94 -28.22 28.61
N TYR P 87 31.63 -28.81 27.45
CA TYR P 87 30.69 -29.92 27.38
C TYR P 87 31.32 -31.11 26.68
N CYS P 88 30.87 -32.30 27.05
CA CYS P 88 31.30 -33.56 26.46
C CYS P 88 30.14 -34.17 25.70
N GLN P 89 30.38 -34.55 24.45
CA GLN P 89 29.32 -35.00 23.55
C GLN P 89 29.48 -36.47 23.19
N ASN P 90 28.35 -37.18 23.18
CA ASN P 90 28.32 -38.52 22.62
C ASN P 90 28.37 -38.45 21.11
N GLY P 91 29.26 -39.23 20.51
CA GLY P 91 29.42 -39.21 19.07
C GLY P 91 29.50 -40.59 18.45
N HIS P 92 29.03 -41.61 19.19
CA HIS P 92 29.10 -42.99 18.76
C HIS P 92 27.73 -43.60 18.50
N SER P 93 26.82 -43.51 19.46
CA SER P 93 25.50 -44.12 19.35
C SER P 93 24.42 -43.14 19.77
N PHE P 94 23.25 -43.27 19.15
CA PHE P 94 22.08 -42.50 19.51
C PHE P 94 21.40 -43.11 20.74
N PRO P 95 20.62 -42.31 21.49
CA PRO P 95 20.37 -40.87 21.34
C PRO P 95 21.60 -40.04 21.73
N LEU P 96 21.89 -38.97 20.98
CA LEU P 96 23.05 -38.14 21.28
C LEU P 96 22.88 -37.49 22.65
N THR P 97 23.86 -37.70 23.52
CA THR P 97 23.83 -37.19 24.88
C THR P 97 25.05 -36.32 25.13
N PHE P 98 24.83 -35.20 25.81
CA PHE P 98 25.90 -34.27 26.15
C PHE P 98 26.24 -34.40 27.63
N GLY P 99 27.39 -33.83 28.00
CA GLY P 99 27.88 -33.91 29.35
C GLY P 99 27.17 -32.96 30.30
N GLN P 100 27.52 -33.09 31.58
CA GLN P 100 26.94 -32.22 32.60
C GLN P 100 27.41 -30.78 32.44
N GLY P 101 28.65 -30.59 32.03
CA GLY P 101 29.21 -29.25 31.90
C GLY P 101 30.25 -29.01 32.98
N THR P 102 31.36 -28.40 32.59
CA THR P 102 32.47 -28.11 33.49
C THR P 102 32.74 -26.60 33.45
N LYS P 103 32.25 -25.88 34.45
CA LYS P 103 32.50 -24.44 34.55
C LYS P 103 33.97 -24.19 34.84
N LEU P 104 34.52 -23.17 34.19
CA LEU P 104 35.94 -22.81 34.34
C LEU P 104 36.01 -21.32 34.67
N GLU P 105 35.99 -21.00 35.96
CA GLU P 105 36.16 -19.63 36.42
C GLU P 105 37.65 -19.33 36.53
N ILE P 106 38.11 -18.29 35.87
CA ILE P 106 39.52 -17.92 35.86
C ILE P 106 39.79 -16.93 36.99
N LYS P 107 40.95 -17.07 37.61
CA LYS P 107 41.32 -16.23 38.74
C LYS P 107 42.15 -15.04 38.27
N ARG P 108 42.25 -14.04 39.14
CA ARG P 108 42.86 -12.76 38.80
C ARG P 108 43.24 -12.07 40.10
N THR P 109 44.09 -11.03 39.98
CA THR P 109 44.45 -10.23 41.15
C THR P 109 43.22 -9.55 41.74
N VAL P 110 43.29 -9.26 43.04
CA VAL P 110 42.18 -8.62 43.72
C VAL P 110 41.94 -7.24 43.12
N ALA P 111 40.66 -6.83 43.10
CA ALA P 111 40.26 -5.58 42.46
C ALA P 111 39.40 -4.77 43.41
N ALA P 112 39.34 -3.46 43.15
CA ALA P 112 38.52 -2.54 43.93
C ALA P 112 37.35 -2.07 43.09
N PRO P 113 36.14 -2.55 43.34
CA PRO P 113 34.99 -2.18 42.50
C PRO P 113 34.70 -0.69 42.55
N SER P 114 34.27 -0.17 41.41
CA SER P 114 33.80 1.21 41.30
C SER P 114 32.31 1.26 41.60
N VAL P 115 31.92 2.15 42.51
CA VAL P 115 30.55 2.24 42.99
C VAL P 115 29.93 3.54 42.51
N PHE P 116 28.76 3.45 41.90
CA PHE P 116 28.01 4.61 41.45
C PHE P 116 26.55 4.44 41.85
N ILE P 117 25.87 5.56 42.03
CA ILE P 117 24.48 5.58 42.47
C ILE P 117 23.66 6.39 41.47
N PHE P 118 22.46 5.91 41.17
CA PHE P 118 21.57 6.53 40.20
C PHE P 118 20.23 6.84 40.86
N PRO P 119 19.77 8.09 40.86
CA PRO P 119 18.44 8.37 41.39
C PRO P 119 17.37 7.79 40.48
N PRO P 120 16.20 7.47 41.02
CA PRO P 120 15.09 7.06 40.15
C PRO P 120 14.69 8.20 39.23
N SER P 121 14.33 7.84 38.00
CA SER P 121 13.97 8.84 37.01
C SER P 121 12.68 9.55 37.41
N ASP P 122 12.60 10.84 37.07
CA ASP P 122 11.41 11.63 37.41
C ASP P 122 10.18 11.11 36.67
N GLU P 123 10.36 10.65 35.44
CA GLU P 123 9.24 10.06 34.69
C GLU P 123 8.80 8.73 35.27
N GLN P 124 9.67 8.04 36.02
CA GLN P 124 9.27 6.78 36.64
C GLN P 124 8.25 7.00 37.75
N LEU P 125 8.33 8.13 38.46
CA LEU P 125 7.38 8.43 39.52
C LEU P 125 5.97 8.65 38.99
N LYS P 126 5.82 8.91 37.69
CA LYS P 126 4.49 9.11 37.12
C LYS P 126 3.65 7.83 37.19
N SER P 127 4.30 6.66 37.14
CA SER P 127 3.59 5.39 37.23
C SER P 127 3.39 4.93 38.67
N GLY P 128 3.93 5.65 39.65
CA GLY P 128 3.73 5.31 41.05
C GLY P 128 4.73 4.34 41.63
N THR P 129 5.88 4.14 40.99
CA THR P 129 6.90 3.24 41.49
C THR P 129 8.26 3.93 41.43
N ALA P 130 9.10 3.65 42.42
CA ALA P 130 10.45 4.21 42.49
C ALA P 130 11.46 3.10 42.74
N SER P 131 12.63 3.22 42.13
CA SER P 131 13.70 2.24 42.29
C SER P 131 15.04 2.95 42.26
N VAL P 132 15.87 2.69 43.27
CA VAL P 132 17.21 3.24 43.36
C VAL P 132 18.20 2.10 43.14
N VAL P 133 19.20 2.33 42.28
CA VAL P 133 20.14 1.29 41.88
C VAL P 133 21.54 1.68 42.35
N CYS P 134 22.19 0.76 43.07
CA CYS P 134 23.58 0.89 43.47
C CYS P 134 24.40 -0.15 42.71
N LEU P 135 25.50 0.28 42.11
CA LEU P 135 26.26 -0.53 41.17
C LEU P 135 27.69 -0.73 41.64
N LEU P 136 28.21 -1.93 41.45
CA LEU P 136 29.63 -2.24 41.64
C LEU P 136 30.19 -2.73 40.31
N ASN P 137 31.30 -2.14 39.89
CA ASN P 137 31.85 -2.38 38.56
C ASN P 137 33.29 -2.88 38.65
N ASN P 138 33.57 -3.95 37.92
CA ASN P 138 34.93 -4.45 37.69
C ASN P 138 35.62 -4.84 38.99
N PHE P 139 35.03 -5.81 39.69
CA PHE P 139 35.62 -6.39 40.88
C PHE P 139 35.91 -7.87 40.63
N TYR P 140 37.16 -8.28 40.86
CA TYR P 140 37.48 -9.71 40.72
C TYR P 140 36.78 -10.57 41.76
N PRO P 141 36.83 -10.26 43.07
CA PRO P 141 36.13 -11.12 44.03
C PRO P 141 34.63 -10.97 43.95
N ARG P 142 33.97 -11.99 43.38
CA ARG P 142 32.51 -11.96 43.25
C ARG P 142 31.82 -12.03 44.60
N GLU P 143 32.51 -12.49 45.64
CA GLU P 143 31.92 -12.63 46.97
C GLU P 143 31.85 -11.25 47.64
N ALA P 144 30.91 -10.45 47.15
CA ALA P 144 30.67 -9.12 47.68
C ALA P 144 29.19 -8.95 47.99
N LYS P 145 28.89 -8.09 48.96
CA LYS P 145 27.52 -7.85 49.39
C LYS P 145 27.24 -6.36 49.43
N VAL P 146 26.00 -6.00 49.11
CA VAL P 146 25.55 -4.61 49.06
C VAL P 146 24.58 -4.38 50.20
N GLN P 147 24.85 -3.37 51.02
CA GLN P 147 24.02 -3.01 52.15
C GLN P 147 23.36 -1.66 51.89
N TRP P 148 22.04 -1.62 51.99
CA TRP P 148 21.27 -0.40 51.79
C TRP P 148 20.94 0.22 53.13
N LYS P 149 21.49 1.41 53.39
CA LYS P 149 21.28 2.13 54.63
C LYS P 149 20.54 3.43 54.34
N VAL P 150 19.27 3.50 54.73
CA VAL P 150 18.45 4.68 54.54
C VAL P 150 18.21 5.33 55.90
N ASP P 151 18.50 6.63 55.99
CA ASP P 151 18.39 7.39 57.23
C ASP P 151 19.17 6.70 58.36
N ASN P 152 20.45 6.46 58.10
CA ASN P 152 21.35 5.78 59.02
C ASN P 152 20.83 4.38 59.38
N SER P 156 15.43 -2.84 53.68
CA SER P 156 15.80 -4.26 53.58
C SER P 156 14.57 -5.13 53.31
N GLY P 157 14.78 -6.23 52.59
CA GLY P 157 13.73 -7.14 52.23
C GLY P 157 13.14 -6.91 50.85
N ASN P 158 13.39 -5.74 50.26
CA ASN P 158 12.91 -5.42 48.93
C ASN P 158 14.04 -5.22 47.92
N SER P 159 15.30 -5.40 48.32
CA SER P 159 16.41 -5.21 47.43
C SER P 159 16.67 -6.46 46.60
N GLN P 160 16.87 -6.28 45.30
CA GLN P 160 17.20 -7.37 44.39
C GLN P 160 18.55 -7.10 43.78
N GLU P 161 19.45 -8.09 43.86
CA GLU P 161 20.82 -7.96 43.38
C GLU P 161 21.07 -8.97 42.28
N SER P 162 21.63 -8.50 41.17
CA SER P 162 21.98 -9.35 40.03
C SER P 162 23.46 -9.15 39.72
N VAL P 163 24.17 -10.26 39.48
CA VAL P 163 25.60 -10.24 39.22
C VAL P 163 25.87 -10.85 37.86
N THR P 164 26.82 -10.28 37.13
CA THR P 164 27.19 -10.74 35.81
C THR P 164 28.26 -11.83 35.92
N GLU P 165 28.37 -12.64 34.86
CA GLU P 165 29.40 -13.66 34.80
C GLU P 165 30.77 -13.01 34.59
N GLN P 166 31.81 -13.82 34.72
CA GLN P 166 33.17 -13.34 34.56
C GLN P 166 33.39 -12.79 33.16
N ASP P 167 33.98 -11.60 33.07
CA ASP P 167 34.22 -10.98 31.78
C ASP P 167 35.36 -11.67 31.05
N SER P 168 35.29 -11.65 29.71
CA SER P 168 36.31 -12.28 28.89
C SER P 168 37.53 -11.40 28.68
N LYS P 169 37.45 -10.11 28.99
CA LYS P 169 38.56 -9.20 28.75
C LYS P 169 39.45 -9.03 29.99
N ASP P 170 38.87 -8.53 31.08
CA ASP P 170 39.61 -8.25 32.29
C ASP P 170 39.29 -9.21 33.43
N SER P 171 38.42 -10.20 33.21
CA SER P 171 38.06 -11.19 34.22
C SER P 171 37.54 -10.52 35.49
N THR P 172 36.58 -9.62 35.33
CA THR P 172 36.01 -8.87 36.43
C THR P 172 34.50 -9.01 36.43
N TYR P 173 33.92 -9.18 37.62
CA TYR P 173 32.48 -9.31 37.76
C TYR P 173 31.83 -7.93 37.84
N SER P 174 30.50 -7.92 37.72
CA SER P 174 29.71 -6.70 37.85
C SER P 174 28.40 -7.05 38.54
N LEU P 175 28.04 -6.25 39.56
CA LEU P 175 26.84 -6.48 40.35
C LEU P 175 25.97 -5.23 40.34
N SER P 176 24.66 -5.44 40.22
CA SER P 176 23.69 -4.36 40.26
C SER P 176 22.68 -4.65 41.36
N SER P 177 22.51 -3.69 42.27
CA SER P 177 21.56 -3.82 43.38
C SER P 177 20.42 -2.82 43.16
N THR P 178 19.20 -3.32 43.14
CA THR P 178 18.01 -2.50 42.90
C THR P 178 17.12 -2.56 44.13
N LEU P 179 16.79 -1.40 44.68
CA LEU P 179 15.88 -1.28 45.82
C LEU P 179 14.58 -0.67 45.31
N THR P 180 13.52 -1.46 45.32
CA THR P 180 12.22 -1.04 44.80
C THR P 180 11.35 -0.56 45.95
N LEU P 181 10.91 0.70 45.87
CA LEU P 181 10.04 1.30 46.87
C LEU P 181 8.83 1.90 46.19
N SER P 182 7.72 1.94 46.92
CA SER P 182 6.53 2.62 46.42
C SER P 182 6.78 4.12 46.40
N LYS P 183 6.03 4.81 45.53
CA LYS P 183 6.21 6.25 45.40
C LYS P 183 5.88 6.96 46.71
N ALA P 184 4.89 6.46 47.45
CA ALA P 184 4.60 7.02 48.77
C ALA P 184 5.75 6.78 49.73
N ASP P 185 6.32 5.57 49.73
CA ASP P 185 7.45 5.29 50.61
C ASP P 185 8.70 6.05 50.18
N TYR P 186 8.86 6.29 48.88
CA TYR P 186 9.98 7.09 48.40
C TYR P 186 9.87 8.54 48.83
N GLU P 187 8.67 9.00 49.22
CA GLU P 187 8.45 10.35 49.70
C GLU P 187 8.39 10.43 51.23
N LYS P 188 8.76 9.35 51.91
CA LYS P 188 8.75 9.32 53.37
C LYS P 188 10.11 9.61 53.99
N HIS P 189 11.19 9.56 53.21
CA HIS P 189 12.54 9.82 53.67
C HIS P 189 13.21 10.84 52.76
N LYS P 190 14.47 11.14 53.04
CA LYS P 190 15.14 12.23 52.34
C LYS P 190 16.49 11.81 51.75
N VAL P 191 17.18 10.86 52.39
CA VAL P 191 18.48 10.41 51.94
C VAL P 191 18.49 8.89 51.83
N TYR P 192 18.78 8.37 50.64
CA TYR P 192 18.92 6.95 50.39
C TYR P 192 20.35 6.67 49.97
N ALA P 193 21.02 5.76 50.68
CA ALA P 193 22.43 5.48 50.43
C ALA P 193 22.66 3.98 50.46
N CYS P 194 23.68 3.53 49.74
CA CYS P 194 24.09 2.13 49.71
C CYS P 194 25.49 2.00 50.29
N GLU P 195 25.66 1.02 51.18
CA GLU P 195 26.94 0.75 51.81
C GLU P 195 27.60 -0.43 51.10
N VAL P 196 28.81 -0.23 50.61
CA VAL P 196 29.54 -1.24 49.85
C VAL P 196 30.77 -1.64 50.64
N THR P 197 30.88 -2.94 50.94
CA THR P 197 32.04 -3.50 51.61
C THR P 197 32.71 -4.51 50.69
N HIS P 198 34.02 -4.39 50.53
CA HIS P 198 34.75 -5.25 49.60
C HIS P 198 36.20 -5.35 50.06
N GLN P 199 36.84 -6.47 49.71
CA GLN P 199 38.23 -6.68 50.09
C GLN P 199 39.16 -5.67 49.42
N GLY P 200 38.88 -5.33 48.15
CA GLY P 200 39.67 -4.34 47.46
C GLY P 200 39.55 -2.94 48.02
N LEU P 201 38.47 -2.65 48.75
CA LEU P 201 38.29 -1.37 49.41
C LEU P 201 38.88 -1.42 50.81
N SER P 202 39.76 -0.46 51.11
CA SER P 202 40.34 -0.40 52.44
C SER P 202 39.28 -0.15 53.49
N SER P 203 38.33 0.74 53.21
CA SER P 203 37.22 1.06 54.09
C SER P 203 35.92 0.97 53.30
N PRO P 204 34.81 0.63 53.95
CA PRO P 204 33.53 0.57 53.22
C PRO P 204 33.05 1.95 52.82
N VAL P 205 33.16 2.26 51.53
CA VAL P 205 32.76 3.57 51.02
C VAL P 205 31.27 3.55 50.73
N THR P 206 30.63 4.69 50.96
CA THR P 206 29.20 4.85 50.73
C THR P 206 28.96 6.03 49.80
N LYS P 207 28.14 5.81 48.77
CA LYS P 207 27.76 6.84 47.83
C LYS P 207 26.29 7.15 48.02
N SER P 208 25.97 8.44 48.18
CA SER P 208 24.61 8.86 48.52
C SER P 208 24.22 10.04 47.66
N PHE P 209 22.93 10.36 47.70
CA PHE P 209 22.38 11.53 47.03
C PHE P 209 21.15 12.00 47.78
N ASN P 210 20.85 13.29 47.67
CA ASN P 210 19.65 13.88 48.25
C ASN P 210 18.69 14.24 47.13
N ARG P 211 17.43 13.84 47.29
CA ARG P 211 16.43 14.12 46.27
C ARG P 211 16.26 15.63 46.07
N GLY P 212 16.10 16.04 44.82
CA GLY P 212 16.05 17.44 44.49
C GLY P 212 17.39 18.13 44.44
N GLU P 213 18.48 17.39 44.57
CA GLU P 213 19.82 17.97 44.54
C GLU P 213 20.74 17.17 43.64
N GLN Q 1 30.14 -19.43 4.23
CA GLN Q 1 28.95 -18.63 4.02
C GLN Q 1 27.74 -19.25 4.71
N VAL Q 2 27.91 -20.47 5.21
CA VAL Q 2 26.80 -21.19 5.84
C VAL Q 2 26.39 -20.47 7.11
N GLN Q 3 25.10 -20.17 7.22
CA GLN Q 3 24.56 -19.48 8.38
C GLN Q 3 23.22 -20.10 8.74
N LEU Q 4 22.90 -20.04 10.04
CA LEU Q 4 21.68 -20.62 10.58
C LEU Q 4 20.95 -19.56 11.41
N GLN Q 5 19.61 -19.62 11.39
CA GLN Q 5 18.80 -18.70 12.15
C GLN Q 5 17.55 -19.42 12.67
N GLU Q 6 17.15 -19.08 13.88
CA GLU Q 6 15.98 -19.67 14.52
C GLU Q 6 14.80 -18.70 14.46
N SER Q 7 13.61 -19.26 14.27
CA SER Q 7 12.37 -18.48 14.29
C SER Q 7 11.38 -19.18 15.21
N GLY Q 8 10.83 -18.44 16.17
CA GLY Q 8 9.89 -18.99 17.11
C GLY Q 8 8.97 -17.95 17.70
N PRO Q 9 7.93 -18.40 18.42
CA PRO Q 9 6.97 -17.45 19.01
C PRO Q 9 7.53 -16.74 20.23
N GLY Q 10 8.37 -17.44 20.99
CA GLY Q 10 8.93 -16.91 22.21
C GLY Q 10 8.13 -17.17 23.46
N LEU Q 11 6.90 -17.71 23.32
CA LEU Q 11 6.08 -18.03 24.49
C LEU Q 11 4.97 -18.97 24.03
N VAL Q 12 4.87 -20.13 24.69
CA VAL Q 12 3.84 -21.11 24.42
C VAL Q 12 3.19 -21.52 25.74
N LYS Q 13 1.87 -21.40 25.81
CA LYS Q 13 1.16 -21.78 27.02
C LYS Q 13 1.20 -23.30 27.22
N PRO Q 14 1.10 -23.77 28.47
CA PRO Q 14 1.12 -25.21 28.72
C PRO Q 14 -0.10 -25.90 28.10
N SER Q 15 0.05 -27.21 27.90
CA SER Q 15 -0.96 -28.04 27.25
C SER Q 15 -1.23 -27.58 25.82
N GLN Q 16 -0.21 -27.04 25.16
CA GLN Q 16 -0.33 -26.59 23.77
C GLN Q 16 0.82 -27.17 22.95
N THR Q 17 0.97 -26.73 21.71
CA THR Q 17 2.01 -27.22 20.82
C THR Q 17 3.08 -26.16 20.63
N LEU Q 18 4.34 -26.59 20.72
CA LEU Q 18 5.50 -25.70 20.54
C LEU Q 18 6.05 -25.88 19.14
N SER Q 19 6.20 -24.77 18.42
CA SER Q 19 6.67 -24.79 17.04
C SER Q 19 7.82 -23.83 16.85
N LEU Q 20 8.84 -24.29 16.14
CA LEU Q 20 9.97 -23.45 15.75
C LEU Q 20 10.31 -23.71 14.30
N THR Q 21 10.79 -22.68 13.61
CA THR Q 21 11.19 -22.78 12.21
C THR Q 21 12.63 -22.31 12.07
N CYS Q 22 13.44 -23.09 11.35
CA CYS Q 22 14.85 -22.78 11.14
C CYS Q 22 15.11 -22.61 9.65
N THR Q 23 15.81 -21.54 9.30
CA THR Q 23 16.15 -21.24 7.91
C THR Q 23 17.66 -21.31 7.73
N VAL Q 24 18.08 -21.95 6.64
CA VAL Q 24 19.50 -22.16 6.34
C VAL Q 24 19.87 -21.32 5.13
N SER Q 25 21.02 -20.65 5.20
CA SER Q 25 21.54 -19.84 4.12
C SER Q 25 22.93 -20.30 3.74
N GLY Q 26 23.22 -20.32 2.44
CA GLY Q 26 24.52 -20.70 1.95
C GLY Q 26 24.77 -22.19 1.84
N TYR Q 27 23.79 -23.02 2.19
CA TYR Q 27 23.94 -24.46 2.09
C TYR Q 27 22.58 -25.08 1.81
N SER Q 28 22.59 -26.25 1.17
CA SER Q 28 21.37 -26.94 0.80
C SER Q 28 21.02 -27.98 1.87
N ILE Q 29 19.78 -27.93 2.35
CA ILE Q 29 19.34 -28.86 3.39
C ILE Q 29 19.18 -30.28 2.89
N SER Q 30 19.22 -30.49 1.57
CA SER Q 30 19.08 -31.81 0.96
C SER Q 30 20.42 -32.36 0.48
N SER Q 31 21.48 -32.12 1.24
CA SER Q 31 22.82 -32.55 0.91
C SER Q 31 23.39 -33.39 2.06
N ASP Q 32 24.70 -33.64 2.01
CA ASP Q 32 25.34 -34.49 3.01
C ASP Q 32 25.41 -33.78 4.37
N SER Q 33 24.25 -33.51 4.96
CA SER Q 33 24.18 -32.87 6.26
C SER Q 33 22.99 -33.43 7.02
N ALA Q 34 23.12 -33.46 8.35
CA ALA Q 34 22.04 -33.85 9.23
C ALA Q 34 21.67 -32.65 10.09
N TRP Q 35 20.38 -32.31 10.10
CA TRP Q 35 19.88 -31.14 10.80
C TRP Q 35 19.20 -31.57 12.09
N SER Q 36 19.56 -30.91 13.19
CA SER Q 36 19.12 -31.33 14.52
C SER Q 36 18.56 -30.14 15.29
N TRP Q 37 17.68 -30.45 16.24
CA TRP Q 37 17.15 -29.48 17.18
C TRP Q 37 17.67 -29.82 18.57
N ILE Q 38 18.33 -28.85 19.20
CA ILE Q 38 19.00 -29.04 20.48
C ILE Q 38 18.48 -28.00 21.46
N ARG Q 39 18.11 -28.44 22.65
CA ARG Q 39 17.54 -27.55 23.66
C ARG Q 39 18.49 -27.42 24.84
N GLN Q 40 18.44 -26.24 25.47
CA GLN Q 40 19.26 -25.96 26.66
C GLN Q 40 18.42 -25.22 27.69
N PRO Q 41 18.03 -25.87 28.78
CA PRO Q 41 17.27 -25.20 29.84
C PRO Q 41 18.12 -24.15 30.54
N PRO Q 42 17.49 -23.18 31.18
CA PRO Q 42 18.28 -22.14 31.86
C PRO Q 42 18.82 -22.65 33.20
N GLY Q 43 19.41 -23.85 33.20
CA GLY Q 43 19.95 -24.43 34.41
C GLY Q 43 21.25 -25.18 34.16
N LYS Q 44 22.00 -24.76 33.13
CA LYS Q 44 23.27 -25.37 32.75
C LYS Q 44 23.09 -26.85 32.42
N GLY Q 45 22.32 -27.09 31.36
CA GLY Q 45 22.10 -28.44 30.88
C GLY Q 45 21.86 -28.44 29.39
N LEU Q 46 22.22 -29.55 28.74
CA LEU Q 46 22.09 -29.67 27.29
C LEU Q 46 21.40 -30.98 26.96
N GLU Q 47 20.35 -30.91 26.15
CA GLU Q 47 19.58 -32.07 25.73
C GLU Q 47 19.39 -32.03 24.22
N TRP Q 48 19.62 -33.16 23.55
CA TRP Q 48 19.46 -33.28 22.11
C TRP Q 48 18.07 -33.84 21.83
N ILE Q 49 17.17 -32.98 21.33
CA ILE Q 49 15.79 -33.39 21.11
C ILE Q 49 15.71 -34.41 19.97
N GLY Q 50 16.34 -34.11 18.84
CA GLY Q 50 16.26 -34.98 17.69
C GLY Q 50 16.96 -34.36 16.51
N TYR Q 51 16.94 -35.11 15.40
CA TYR Q 51 17.60 -34.66 14.19
C TYR Q 51 16.84 -35.17 12.97
N ILE Q 52 17.00 -34.47 11.85
CA ILE Q 52 16.40 -34.85 10.57
C ILE Q 52 17.52 -34.98 9.55
N GLN Q 53 17.59 -36.14 8.91
CA GLN Q 53 18.56 -36.43 7.86
C GLN Q 53 18.03 -35.96 6.51
N TYR Q 54 18.95 -35.84 5.54
CA TYR Q 54 18.54 -35.62 4.16
C TYR Q 54 17.60 -36.73 3.71
N SER Q 55 16.81 -36.44 2.67
CA SER Q 55 15.80 -37.31 2.09
C SER Q 55 14.61 -37.56 3.01
N GLY Q 56 14.59 -36.97 4.20
CA GLY Q 56 13.43 -37.02 5.07
C GLY Q 56 13.47 -38.06 6.18
N SER Q 57 14.53 -38.86 6.27
CA SER Q 57 14.63 -39.84 7.34
C SER Q 57 14.86 -39.15 8.68
N THR Q 58 14.13 -39.60 9.70
CA THR Q 58 14.15 -38.98 11.02
C THR Q 58 14.48 -40.00 12.09
N ASN Q 59 15.15 -39.52 13.14
CA ASN Q 59 15.38 -40.28 14.36
C ASN Q 59 15.22 -39.34 15.54
N TYR Q 60 14.55 -39.82 16.59
CA TYR Q 60 14.19 -38.98 17.72
C TYR Q 60 14.75 -39.57 19.02
N ASN Q 61 14.92 -38.69 20.01
CA ASN Q 61 15.30 -39.13 21.34
C ASN Q 61 14.18 -39.95 21.95
N PRO Q 62 14.45 -41.14 22.48
CA PRO Q 62 13.38 -41.92 23.13
C PRO Q 62 12.73 -41.20 24.30
N SER Q 63 13.38 -40.19 24.87
CA SER Q 63 12.78 -39.44 25.96
C SER Q 63 11.53 -38.68 25.49
N LEU Q 64 11.54 -38.19 24.24
CA LEU Q 64 10.42 -37.41 23.72
C LEU Q 64 9.99 -37.89 22.34
N LYS Q 65 10.22 -39.17 22.04
CA LYS Q 65 9.91 -39.69 20.71
C LYS Q 65 8.42 -39.74 20.43
N SER Q 66 7.57 -39.74 21.47
CA SER Q 66 6.14 -39.89 21.30
C SER Q 66 5.41 -38.57 21.10
N ARG Q 67 6.10 -37.42 21.23
CA ARG Q 67 5.45 -36.12 21.12
C ARG Q 67 6.24 -35.15 20.25
N VAL Q 68 7.11 -35.66 19.39
CA VAL Q 68 7.97 -34.82 18.56
C VAL Q 68 7.78 -35.21 17.10
N THR Q 69 7.55 -34.21 16.25
CA THR Q 69 7.44 -34.38 14.81
C THR Q 69 8.29 -33.33 14.12
N ILE Q 70 9.15 -33.77 13.20
CA ILE Q 70 10.05 -32.89 12.46
C ILE Q 70 9.74 -32.99 10.98
N SER Q 71 9.50 -31.83 10.35
CA SER Q 71 9.23 -31.75 8.92
C SER Q 71 10.21 -30.75 8.30
N ARG Q 72 10.15 -30.63 6.98
CA ARG Q 72 11.07 -29.77 6.25
C ARG Q 72 10.42 -29.30 4.96
N ASP Q 73 10.96 -28.22 4.41
CA ASP Q 73 10.54 -27.67 3.12
C ASP Q 73 11.80 -27.47 2.28
N THR Q 74 12.00 -28.36 1.30
CA THR Q 74 13.23 -28.34 0.53
C THR Q 74 13.35 -27.07 -0.31
N SER Q 75 12.24 -26.57 -0.84
CA SER Q 75 12.27 -25.40 -1.71
C SER Q 75 12.76 -24.17 -0.95
N LYS Q 76 12.28 -23.97 0.28
CA LYS Q 76 12.60 -22.79 1.06
C LYS Q 76 13.82 -22.98 1.96
N ASN Q 77 14.44 -24.16 1.93
CA ASN Q 77 15.61 -24.46 2.76
C ASN Q 77 15.32 -24.26 4.25
N GLN Q 78 14.17 -24.79 4.69
CA GLN Q 78 13.75 -24.67 6.08
C GLN Q 78 13.27 -26.01 6.60
N PHE Q 79 13.55 -26.27 7.88
CA PHE Q 79 13.03 -27.43 8.58
C PHE Q 79 12.53 -26.99 9.95
N SER Q 80 11.42 -27.57 10.38
CA SER Q 80 10.72 -27.13 11.58
C SER Q 80 10.59 -28.26 12.58
N LEU Q 81 10.15 -27.90 13.78
CA LEU Q 81 9.92 -28.84 14.88
C LEU Q 81 8.54 -28.58 15.47
N LYS Q 82 7.86 -29.65 15.86
CA LYS Q 82 6.53 -29.58 16.47
C LYS Q 82 6.54 -30.42 17.74
N LEU Q 83 6.69 -29.77 18.88
CA LEU Q 83 6.68 -30.42 20.18
C LEU Q 83 5.36 -30.12 20.87
N SER Q 84 4.59 -31.16 21.18
CA SER Q 84 3.26 -31.04 21.75
C SER Q 84 3.29 -31.40 23.23
N SER Q 85 2.19 -31.07 23.92
CA SER Q 85 2.01 -31.37 25.34
C SER Q 85 3.16 -30.78 26.18
N VAL Q 86 3.41 -29.49 25.97
CA VAL Q 86 4.49 -28.81 26.68
C VAL Q 86 4.11 -28.61 28.14
N THR Q 87 5.08 -28.79 29.03
CA THR Q 87 4.90 -28.59 30.46
C THR Q 87 5.89 -27.53 30.94
N ALA Q 88 5.92 -27.32 32.26
CA ALA Q 88 6.84 -26.34 32.83
C ALA Q 88 8.29 -26.76 32.65
N ALA Q 89 8.56 -28.07 32.55
CA ALA Q 89 9.90 -28.56 32.36
C ALA Q 89 10.46 -28.27 30.97
N ASP Q 90 9.62 -27.85 30.03
CA ASP Q 90 10.04 -27.57 28.66
C ASP Q 90 10.57 -26.16 28.46
N THR Q 91 10.59 -25.34 29.51
CA THR Q 91 11.18 -24.00 29.43
C THR Q 91 12.67 -24.12 29.15
N ALA Q 92 13.09 -23.74 27.95
CA ALA Q 92 14.49 -23.91 27.54
C ALA Q 92 14.77 -23.02 26.34
N VAL Q 93 16.05 -22.90 26.02
CA VAL Q 93 16.51 -22.21 24.82
C VAL Q 93 16.80 -23.27 23.77
N TYR Q 94 16.08 -23.21 22.64
CA TYR Q 94 16.15 -24.24 21.62
C TYR Q 94 17.13 -23.80 20.53
N TYR Q 95 18.13 -24.63 20.28
CA TYR Q 95 19.20 -24.32 19.34
C TYR Q 95 19.01 -25.10 18.05
N CYS Q 96 19.10 -24.40 16.92
CA CYS Q 96 19.12 -25.03 15.61
C CYS Q 96 20.57 -25.25 15.19
N ALA Q 97 20.85 -26.43 14.66
CA ALA Q 97 22.25 -26.80 14.42
C ALA Q 97 22.36 -27.74 13.24
N ARG Q 98 23.57 -27.79 12.68
CA ARG Q 98 23.92 -28.67 11.56
C ARG Q 98 25.01 -29.62 11.99
N SER Q 99 25.00 -30.82 11.40
CA SER Q 99 25.95 -31.86 11.74
C SER Q 99 27.23 -31.74 10.90
N VAL Q 100 28.37 -31.94 11.54
CA VAL Q 100 29.67 -31.97 10.88
C VAL Q 100 30.21 -33.39 11.00
N ASN Q 101 30.85 -33.85 9.93
CA ASN Q 101 31.40 -35.22 9.86
C ASN Q 101 30.30 -36.25 10.06
N TYR Q 102 29.23 -36.12 9.29
CA TYR Q 102 28.06 -36.99 9.39
C TYR Q 102 28.18 -38.10 8.36
N TYR Q 103 28.90 -39.16 8.73
CA TYR Q 103 29.12 -40.30 7.84
C TYR Q 103 28.19 -41.46 8.19
N GLY Q 104 26.88 -41.24 8.02
CA GLY Q 104 25.97 -42.34 8.34
C GLY Q 104 25.46 -42.29 9.76
N ASN Q 105 26.18 -42.97 10.65
CA ASN Q 105 25.83 -43.08 12.06
C ASN Q 105 26.11 -41.78 12.79
N SER Q 106 26.16 -41.84 14.13
CA SER Q 106 26.24 -40.64 14.96
C SER Q 106 27.31 -39.66 14.47
N PHE Q 107 27.07 -38.39 14.78
CA PHE Q 107 27.84 -37.28 14.20
C PHE Q 107 28.30 -36.30 15.27
N ALA Q 108 28.82 -35.15 14.85
CA ALA Q 108 29.14 -34.03 15.70
C ALA Q 108 28.27 -32.84 15.30
N VAL Q 109 28.43 -31.73 16.01
CA VAL Q 109 27.63 -30.53 15.78
C VAL Q 109 28.60 -29.35 15.67
N GLY Q 110 28.95 -28.97 14.45
CA GLY Q 110 29.90 -27.90 14.24
C GLY Q 110 29.26 -26.54 14.01
N TYR Q 111 28.10 -26.53 13.35
CA TYR Q 111 27.40 -25.29 13.02
C TYR Q 111 26.19 -25.14 13.92
N TRP Q 112 26.06 -23.98 14.54
CA TRP Q 112 25.00 -23.70 15.50
C TRP Q 112 24.22 -22.46 15.08
N GLY Q 113 22.99 -22.37 15.57
CA GLY Q 113 22.19 -21.17 15.40
C GLY Q 113 22.36 -20.22 16.56
N GLN Q 114 21.80 -19.01 16.41
CA GLN Q 114 21.89 -18.02 17.46
C GLN Q 114 21.04 -18.37 18.67
N GLY Q 115 20.03 -19.22 18.49
CA GLY Q 115 19.22 -19.68 19.61
C GLY Q 115 18.10 -18.73 19.99
N THR Q 116 16.91 -19.27 20.18
CA THR Q 116 15.75 -18.49 20.61
C THR Q 116 15.22 -19.07 21.91
N LEU Q 117 14.77 -18.18 22.80
CA LEU Q 117 14.28 -18.57 24.12
C LEU Q 117 12.78 -18.78 24.06
N VAL Q 118 12.32 -19.92 24.58
CA VAL Q 118 10.90 -20.26 24.63
C VAL Q 118 10.52 -20.41 26.10
N THR Q 119 9.54 -19.64 26.54
CA THR Q 119 9.06 -19.67 27.92
C THR Q 119 7.67 -20.29 27.95
N VAL Q 120 7.49 -21.29 28.81
CA VAL Q 120 6.21 -21.97 28.97
C VAL Q 120 5.61 -21.52 30.30
N SER Q 121 4.50 -20.79 30.22
CA SER Q 121 3.83 -20.27 31.40
C SER Q 121 2.39 -19.94 31.06
N SER Q 122 1.58 -19.80 32.10
CA SER Q 122 0.16 -19.46 31.96
C SER Q 122 -0.09 -17.97 32.10
N ALA Q 123 0.88 -17.13 31.76
CA ALA Q 123 0.77 -15.68 31.86
C ALA Q 123 0.63 -15.07 30.47
N SER Q 124 0.60 -13.74 30.44
CA SER Q 124 0.45 -12.98 29.21
C SER Q 124 1.70 -12.16 28.93
N THR Q 125 1.84 -11.75 27.68
CA THR Q 125 3.00 -10.95 27.27
C THR Q 125 2.76 -9.48 27.62
N LYS Q 126 3.72 -8.88 28.33
CA LYS Q 126 3.64 -7.49 28.73
C LYS Q 126 4.91 -6.77 28.30
N GLY Q 127 4.75 -5.62 27.66
CA GLY Q 127 5.88 -4.83 27.23
C GLY Q 127 6.39 -3.93 28.33
N PRO Q 128 7.71 -3.74 28.38
CA PRO Q 128 8.31 -2.91 29.43
C PRO Q 128 8.38 -1.44 29.06
N SER Q 129 8.55 -0.62 30.09
CA SER Q 129 8.80 0.81 29.94
C SER Q 129 10.21 1.11 30.43
N VAL Q 130 11.01 1.73 29.57
CA VAL Q 130 12.43 1.97 29.85
C VAL Q 130 12.58 3.27 30.61
N PHE Q 131 13.29 3.23 31.74
CA PHE Q 131 13.56 4.39 32.56
C PHE Q 131 15.06 4.67 32.58
N PRO Q 132 15.48 5.91 32.37
CA PRO Q 132 16.91 6.21 32.38
C PRO Q 132 17.49 6.29 33.78
N LEU Q 133 18.80 6.07 33.86
CA LEU Q 133 19.56 6.17 35.11
C LEU Q 133 20.76 7.05 34.87
N ALA Q 134 20.72 8.28 35.38
CA ALA Q 134 21.80 9.24 35.18
C ALA Q 134 22.16 9.91 36.49
N PRO Q 135 23.42 10.27 36.66
CA PRO Q 135 23.82 11.01 37.87
C PRO Q 135 23.19 12.39 37.92
N CYS Q 136 22.97 12.87 39.14
CA CYS Q 136 22.31 14.16 39.33
C CYS Q 136 23.20 15.35 38.98
N SER Q 137 24.52 15.21 39.11
CA SER Q 137 25.44 16.32 38.93
C SER Q 137 26.74 15.79 38.35
N ARG Q 138 27.79 16.59 38.40
CA ARG Q 138 29.11 16.21 37.90
C ARG Q 138 29.82 15.28 38.88
N SER Q 143 35.82 12.32 36.87
CA SER Q 143 36.78 11.66 36.00
C SER Q 143 36.09 10.69 35.05
N THR Q 144 35.23 9.84 35.61
CA THR Q 144 34.47 8.87 34.83
C THR Q 144 33.03 8.85 35.31
N ALA Q 145 32.10 8.77 34.37
CA ALA Q 145 30.68 8.76 34.67
C ALA Q 145 30.03 7.49 34.14
N ALA Q 146 28.92 7.11 34.76
CA ALA Q 146 28.19 5.90 34.38
C ALA Q 146 26.75 6.27 34.03
N LEU Q 147 26.24 5.65 32.96
CA LEU Q 147 24.88 5.84 32.51
C LEU Q 147 24.22 4.48 32.30
N GLY Q 148 22.90 4.45 32.44
CA GLY Q 148 22.20 3.18 32.29
C GLY Q 148 20.73 3.37 32.01
N CYS Q 149 20.08 2.25 31.68
CA CYS Q 149 18.65 2.19 31.40
C CYS Q 149 18.01 1.13 32.27
N LEU Q 150 16.77 1.36 32.66
CA LEU Q 150 16.04 0.48 33.58
C LEU Q 150 14.89 -0.17 32.84
N VAL Q 151 14.82 -1.50 32.91
CA VAL Q 151 13.71 -2.29 32.37
C VAL Q 151 13.05 -3.00 33.54
N LYS Q 152 11.75 -2.76 33.73
CA LYS Q 152 11.12 -3.11 34.99
C LYS Q 152 10.05 -4.19 34.86
N ASP Q 153 9.08 -4.03 33.97
CA ASP Q 153 7.91 -4.91 33.92
C ASP Q 153 7.81 -5.53 32.53
N TYR Q 154 8.42 -6.70 32.36
CA TYR Q 154 8.34 -7.42 31.10
C TYR Q 154 8.39 -8.92 31.35
N PHE Q 155 7.66 -9.65 30.50
CA PHE Q 155 7.58 -11.12 30.52
C PHE Q 155 7.25 -11.58 29.10
N PRO Q 156 7.98 -12.56 28.53
CA PRO Q 156 9.08 -13.37 29.08
C PRO Q 156 10.41 -12.60 29.15
N GLU Q 157 11.54 -13.30 29.15
CA GLU Q 157 12.83 -12.64 29.35
C GLU Q 157 13.75 -12.68 28.12
N PRO Q 158 13.36 -12.09 26.99
CA PRO Q 158 14.29 -11.98 25.85
C PRO Q 158 14.97 -10.62 25.70
N VAL Q 159 14.80 -9.69 26.64
CA VAL Q 159 15.18 -8.30 26.40
C VAL Q 159 16.70 -8.17 26.31
N THR Q 160 17.16 -7.53 25.24
CA THR Q 160 18.56 -7.18 25.05
C THR Q 160 18.66 -5.67 24.82
N VAL Q 161 19.69 -5.06 25.39
CA VAL Q 161 19.89 -3.61 25.30
C VAL Q 161 21.23 -3.34 24.62
N SER Q 162 21.20 -2.53 23.58
CA SER Q 162 22.41 -2.07 22.89
C SER Q 162 22.43 -0.56 22.89
N TRP Q 163 23.63 0.01 22.88
CA TRP Q 163 23.83 1.44 23.04
C TRP Q 163 24.27 2.06 21.72
N ASN Q 164 23.52 3.06 21.27
CA ASN Q 164 23.83 3.82 20.06
C ASN Q 164 23.95 2.91 18.83
N SER Q 165 23.09 1.90 18.78
CA SER Q 165 23.03 0.97 17.64
C SER Q 165 24.40 0.32 17.38
N GLY Q 166 25.09 -0.05 18.44
CA GLY Q 166 26.37 -0.71 18.34
C GLY Q 166 27.57 0.22 18.20
N ALA Q 167 27.35 1.55 18.25
CA ALA Q 167 28.47 2.47 18.16
C ALA Q 167 29.41 2.31 19.36
N LEU Q 168 28.86 2.12 20.55
CA LEU Q 168 29.63 1.91 21.77
C LEU Q 168 29.45 0.47 22.23
N THR Q 169 30.56 -0.25 22.37
CA THR Q 169 30.52 -1.63 22.82
C THR Q 169 31.41 -1.92 24.03
N SER Q 170 32.29 -1.00 24.41
CA SER Q 170 33.17 -1.20 25.56
C SER Q 170 32.53 -0.56 26.79
N GLY Q 171 32.48 -1.31 27.88
CA GLY Q 171 31.91 -0.83 29.12
C GLY Q 171 30.43 -1.10 29.30
N VAL Q 172 29.75 -1.62 28.27
CA VAL Q 172 28.35 -1.96 28.39
C VAL Q 172 28.20 -3.27 29.17
N HIS Q 173 27.33 -3.27 30.17
CA HIS Q 173 27.12 -4.43 31.03
C HIS Q 173 25.61 -4.62 31.21
N THR Q 174 25.02 -5.50 30.41
CA THR Q 174 23.61 -5.82 30.54
C THR Q 174 23.47 -6.88 31.62
N PHE Q 175 23.00 -6.46 32.80
CA PHE Q 175 22.89 -7.35 33.93
C PHE Q 175 21.80 -8.40 33.68
N PRO Q 176 21.98 -9.61 34.20
CA PRO Q 176 20.93 -10.64 34.06
C PRO Q 176 19.65 -10.19 34.77
N ALA Q 177 18.52 -10.55 34.16
CA ALA Q 177 17.24 -10.13 34.70
C ALA Q 177 16.92 -10.87 36.00
N VAL Q 178 16.20 -10.17 36.88
CA VAL Q 178 15.75 -10.73 38.15
C VAL Q 178 14.22 -10.77 38.12
N LEU Q 179 13.66 -11.93 38.48
CA LEU Q 179 12.22 -12.09 38.50
C LEU Q 179 11.65 -11.38 39.72
N GLN Q 180 10.82 -10.37 39.48
CA GLN Q 180 10.23 -9.62 40.58
C GLN Q 180 9.20 -10.48 41.32
N SER Q 181 8.82 -10.01 42.51
CA SER Q 181 7.84 -10.74 43.33
C SER Q 181 6.48 -10.81 42.65
N SER Q 182 6.18 -9.89 41.73
CA SER Q 182 4.91 -9.91 41.02
C SER Q 182 4.89 -10.88 39.85
N GLY Q 183 6.01 -11.51 39.53
CA GLY Q 183 6.09 -12.42 38.40
C GLY Q 183 6.49 -11.80 37.09
N LEU Q 184 7.00 -10.57 37.10
CA LEU Q 184 7.45 -9.88 35.90
C LEU Q 184 8.94 -9.66 35.98
N TYR Q 185 9.66 -10.02 34.92
CA TYR Q 185 11.11 -9.88 34.91
C TYR Q 185 11.52 -8.41 34.84
N SER Q 186 12.71 -8.13 35.34
CA SER Q 186 13.28 -6.78 35.31
C SER Q 186 14.77 -6.87 35.07
N LEU Q 187 15.29 -6.04 34.16
CA LEU Q 187 16.68 -6.07 33.77
C LEU Q 187 17.23 -4.66 33.73
N SER Q 188 18.54 -4.53 33.97
CA SER Q 188 19.22 -3.25 33.93
C SER Q 188 20.48 -3.36 33.08
N SER Q 189 20.69 -2.37 32.23
CA SER Q 189 21.89 -2.28 31.39
C SER Q 189 22.64 -1.01 31.75
N VAL Q 190 23.94 -1.13 31.97
CA VAL Q 190 24.77 0.00 32.38
C VAL Q 190 25.97 0.11 31.44
N VAL Q 191 26.49 1.33 31.29
CA VAL Q 191 27.65 1.60 30.46
C VAL Q 191 28.57 2.57 31.20
N THR Q 192 29.84 2.52 30.83
CA THR Q 192 30.87 3.38 31.40
C THR Q 192 31.42 4.30 30.33
N VAL Q 193 31.38 5.61 30.59
CA VAL Q 193 31.84 6.60 29.61
C VAL Q 193 32.67 7.66 30.33
N PRO Q 194 33.62 8.25 29.61
CA PRO Q 194 34.36 9.38 30.17
C PRO Q 194 33.44 10.56 30.45
N SER Q 195 33.77 11.31 31.51
CA SER Q 195 32.94 12.44 31.92
C SER Q 195 32.99 13.60 30.92
N SER Q 196 33.99 13.64 30.06
CA SER Q 196 34.09 14.74 29.09
C SER Q 196 32.99 14.65 28.04
N SER Q 197 32.66 13.45 27.59
CA SER Q 197 31.67 13.25 26.53
C SER Q 197 30.27 13.10 27.10
N LEU Q 198 29.85 14.12 27.86
CA LEU Q 198 28.52 14.16 28.44
C LEU Q 198 27.69 15.33 27.94
N GLY Q 199 28.24 16.18 27.07
CA GLY Q 199 27.50 17.32 26.56
C GLY Q 199 27.36 17.31 25.06
N THR Q 200 28.19 16.53 24.38
CA THR Q 200 28.19 16.44 22.92
C THR Q 200 27.68 15.10 22.41
N LYS Q 201 28.27 14.00 22.85
CA LYS Q 201 27.84 12.68 22.39
C LYS Q 201 26.48 12.34 22.95
N THR Q 202 25.63 11.75 22.11
CA THR Q 202 24.29 11.34 22.50
C THR Q 202 24.29 9.83 22.74
N TYR Q 203 23.87 9.43 23.94
CA TYR Q 203 23.83 8.02 24.33
C TYR Q 203 22.38 7.56 24.36
N THR Q 204 22.05 6.56 23.55
CA THR Q 204 20.70 6.06 23.40
C THR Q 204 20.66 4.57 23.71
N CYS Q 205 19.53 4.13 24.26
CA CYS Q 205 19.31 2.72 24.58
C CYS Q 205 18.43 2.11 23.48
N ASN Q 206 18.93 1.05 22.86
CA ASN Q 206 18.18 0.31 21.84
C ASN Q 206 17.66 -0.97 22.49
N VAL Q 207 16.38 -0.97 22.87
CA VAL Q 207 15.76 -2.08 23.58
C VAL Q 207 14.85 -2.82 22.61
N ASP Q 208 15.03 -4.14 22.55
CA ASP Q 208 14.23 -4.98 21.66
C ASP Q 208 13.57 -6.09 22.49
N HIS Q 209 12.28 -6.31 22.25
CA HIS Q 209 11.50 -7.33 22.94
C HIS Q 209 10.75 -8.11 21.87
N LYS Q 210 11.17 -9.34 21.60
CA LYS Q 210 10.60 -10.10 20.49
C LYS Q 210 9.12 -10.42 20.68
N PRO Q 211 8.66 -11.01 21.81
CA PRO Q 211 7.21 -11.28 21.94
C PRO Q 211 6.39 -10.01 22.04
N SER Q 212 6.74 -9.12 22.96
CA SER Q 212 6.02 -7.87 23.14
C SER Q 212 6.55 -6.84 22.15
N ASN Q 213 5.75 -6.51 21.14
CA ASN Q 213 6.23 -5.72 20.02
C ASN Q 213 6.40 -4.25 20.40
N THR Q 214 7.29 -3.99 21.35
CA THR Q 214 7.63 -2.64 21.77
C THR Q 214 9.14 -2.45 21.67
N LYS Q 215 9.55 -1.32 21.12
CA LYS Q 215 10.96 -0.96 21.01
C LYS Q 215 11.09 0.53 21.33
N VAL Q 216 11.68 0.84 22.47
CA VAL Q 216 11.79 2.21 22.97
C VAL Q 216 13.25 2.64 22.88
N ASP Q 217 13.47 3.79 22.24
CA ASP Q 217 14.80 4.38 22.09
C ASP Q 217 14.85 5.62 22.98
N LYS Q 218 15.51 5.50 24.13
CA LYS Q 218 15.61 6.57 25.10
C LYS Q 218 17.04 7.10 25.15
N ARG Q 219 17.19 8.42 25.06
CA ARG Q 219 18.49 9.07 25.07
C ARG Q 219 18.57 10.04 26.25
N VAL Q 220 19.67 9.97 26.99
CA VAL Q 220 19.90 10.86 28.12
C VAL Q 220 21.37 11.26 28.18
N ILE R 1 33.30 -64.05 -10.33
CA ILE R 1 32.95 -65.25 -9.60
C ILE R 1 32.61 -66.37 -10.58
N VAL R 2 33.27 -67.51 -10.43
CA VAL R 2 33.03 -68.69 -11.26
C VAL R 2 32.59 -69.83 -10.34
N GLY R 3 31.52 -70.52 -10.74
CA GLY R 3 30.97 -71.58 -9.92
C GLY R 3 30.05 -71.11 -8.81
N GLY R 4 29.76 -69.82 -8.72
CA GLY R 4 28.90 -69.30 -7.69
C GLY R 4 27.43 -69.39 -8.05
N LYS R 5 26.60 -68.72 -7.25
CA LYS R 5 25.16 -68.70 -7.44
C LYS R 5 24.67 -67.26 -7.49
N VAL R 6 23.46 -67.10 -8.01
CA VAL R 6 22.88 -65.77 -8.15
C VAL R 6 22.56 -65.19 -6.78
N CYS R 7 23.04 -63.98 -6.52
CA CYS R 7 22.76 -63.31 -5.27
C CYS R 7 21.33 -62.78 -5.26
N PRO R 8 20.48 -63.19 -4.32
CA PRO R 8 19.12 -62.66 -4.28
C PRO R 8 19.12 -61.16 -4.05
N LYS R 9 18.11 -60.50 -4.60
CA LYS R 9 18.02 -59.04 -4.51
C LYS R 9 17.93 -58.61 -3.05
N GLY R 10 18.79 -57.66 -2.67
CA GLY R 10 18.82 -57.16 -1.31
C GLY R 10 19.75 -57.88 -0.37
N GLU R 11 20.23 -59.07 -0.74
CA GLU R 11 21.14 -59.81 0.12
C GLU R 11 22.59 -59.39 -0.03
N CYS R 12 22.91 -58.60 -1.07
CA CYS R 12 24.27 -58.11 -1.30
C CYS R 12 24.21 -56.60 -1.53
N PRO R 13 23.85 -55.83 -0.51
CA PRO R 13 23.62 -54.39 -0.72
C PRO R 13 24.88 -53.53 -0.70
N TRP R 14 25.97 -54.01 -0.12
CA TRP R 14 27.17 -53.19 0.01
C TRP R 14 28.04 -53.20 -1.24
N GLN R 15 27.64 -53.92 -2.28
CA GLN R 15 28.39 -53.94 -3.54
C GLN R 15 27.97 -52.78 -4.42
N VAL R 16 28.94 -52.15 -5.06
CA VAL R 16 28.70 -51.06 -5.99
C VAL R 16 29.37 -51.38 -7.31
N LEU R 17 28.81 -50.86 -8.39
CA LEU R 17 29.33 -51.07 -9.73
C LEU R 17 29.99 -49.78 -10.21
N LEU R 18 31.29 -49.85 -10.47
CA LEU R 18 32.07 -48.69 -10.89
C LEU R 18 32.13 -48.66 -12.41
N LEU R 19 31.64 -47.58 -13.00
CA LEU R 19 31.64 -47.40 -14.45
C LEU R 19 32.41 -46.15 -14.81
N VAL R 20 33.32 -46.27 -15.77
CA VAL R 20 34.05 -45.14 -16.33
C VAL R 20 33.66 -44.99 -17.79
N ASN R 21 33.22 -43.78 -18.16
CA ASN R 21 32.76 -43.50 -19.51
C ASN R 21 31.68 -44.49 -19.94
N GLY R 22 30.80 -44.84 -19.01
CA GLY R 22 29.74 -45.79 -19.28
C GLY R 22 30.22 -47.18 -19.65
N ALA R 23 31.28 -47.65 -18.99
CA ALA R 23 31.84 -48.96 -19.27
C ALA R 23 32.20 -49.64 -17.97
N GLN R 24 32.06 -50.97 -17.95
CA GLN R 24 32.38 -51.75 -16.76
C GLN R 24 33.87 -51.72 -16.49
N LEU R 25 34.25 -51.27 -15.29
CA LEU R 25 35.65 -51.20 -14.89
C LEU R 25 35.98 -52.17 -13.76
N CYS R 26 35.29 -52.05 -12.63
CA CYS R 26 35.59 -52.90 -11.47
C CYS R 26 34.40 -52.85 -10.52
N GLY R 27 34.41 -53.76 -9.56
CA GLY R 27 33.45 -53.74 -8.48
C GLY R 27 33.87 -52.80 -7.37
N GLY R 28 33.06 -52.78 -6.31
CA GLY R 28 33.35 -51.91 -5.19
C GLY R 28 32.56 -52.32 -3.97
N THR R 29 32.99 -51.79 -2.82
CA THR R 29 32.39 -52.08 -1.53
C THR R 29 31.96 -50.78 -0.87
N LEU R 30 30.71 -50.74 -0.41
CA LEU R 30 30.19 -49.57 0.29
C LEU R 30 30.36 -49.79 1.79
N ILE R 31 31.13 -48.91 2.43
CA ILE R 31 31.38 -49.01 3.86
C ILE R 31 30.61 -47.97 4.66
N ASN R 32 30.28 -46.83 4.06
CA ASN R 32 29.44 -45.82 4.70
C ASN R 32 28.81 -44.98 3.60
N THR R 33 28.04 -43.97 4.00
CA THR R 33 27.25 -43.22 3.04
C THR R 33 28.09 -42.37 2.08
N ILE R 34 29.35 -42.09 2.43
CA ILE R 34 30.17 -41.17 1.65
C ILE R 34 31.37 -41.88 1.02
N TRP R 35 32.02 -42.77 1.76
CA TRP R 35 33.26 -43.38 1.30
C TRP R 35 32.99 -44.78 0.75
N VAL R 36 33.67 -45.11 -0.35
CA VAL R 36 33.55 -46.39 -1.02
C VAL R 36 34.95 -46.97 -1.19
N VAL R 37 35.09 -48.27 -0.95
CA VAL R 37 36.38 -48.95 -1.04
C VAL R 37 36.36 -49.91 -2.21
N SER R 38 37.37 -49.81 -3.07
CA SER R 38 37.55 -50.69 -4.22
C SER R 38 39.04 -50.93 -4.42
N ALA R 39 39.36 -51.69 -5.46
CA ALA R 39 40.74 -52.05 -5.72
C ALA R 39 41.51 -50.88 -6.33
N ALA R 40 42.84 -50.97 -6.26
CA ALA R 40 43.71 -49.93 -6.78
C ALA R 40 44.24 -50.23 -8.18
N HIS R 41 44.39 -51.51 -8.54
CA HIS R 41 44.88 -51.86 -9.87
C HIS R 41 43.88 -51.56 -10.97
N CYS R 42 42.61 -51.31 -10.63
CA CYS R 42 41.62 -51.01 -11.64
C CYS R 42 41.85 -49.66 -12.32
N PHE R 43 42.55 -48.75 -11.65
CA PHE R 43 42.69 -47.37 -12.13
C PHE R 43 44.03 -47.11 -12.80
N ASP R 44 44.80 -48.15 -13.11
CA ASP R 44 46.11 -47.96 -13.73
C ASP R 44 45.97 -47.39 -15.13
N LYS R 45 45.14 -48.00 -15.96
CA LYS R 45 44.99 -47.59 -17.36
C LYS R 45 43.77 -46.67 -17.51
N ILE R 46 43.87 -45.50 -16.88
CA ILE R 46 42.81 -44.50 -16.92
C ILE R 46 43.44 -43.12 -17.01
N LYS R 47 42.79 -42.23 -17.77
CA LYS R 47 43.22 -40.84 -17.86
C LYS R 47 42.09 -39.83 -17.78
N ASN R 48 40.83 -40.23 -17.94
CA ASN R 48 39.67 -39.36 -17.76
C ASN R 48 39.02 -39.76 -16.44
N TRP R 49 39.41 -39.08 -15.36
CA TRP R 49 38.97 -39.43 -14.02
C TRP R 49 37.74 -38.65 -13.58
N ARG R 50 37.24 -37.72 -14.40
CA ARG R 50 36.06 -36.96 -14.03
C ARG R 50 34.76 -37.74 -14.23
N ASN R 51 34.79 -38.80 -15.03
CA ASN R 51 33.59 -39.55 -15.37
C ASN R 51 33.42 -40.82 -14.55
N LEU R 52 34.10 -40.90 -13.40
CA LEU R 52 33.98 -42.07 -12.54
C LEU R 52 32.68 -42.00 -11.75
N ILE R 53 31.79 -42.96 -11.99
CA ILE R 53 30.48 -43.00 -11.36
C ILE R 53 30.33 -44.33 -10.63
N ALA R 54 29.70 -44.29 -9.46
CA ALA R 54 29.42 -45.49 -8.67
C ALA R 54 27.92 -45.74 -8.68
N VAL R 55 27.52 -46.96 -9.03
CA VAL R 55 26.12 -47.36 -9.10
C VAL R 55 25.83 -48.29 -7.94
N LEU R 56 24.80 -47.95 -7.16
CA LEU R 56 24.44 -48.69 -5.96
C LEU R 56 23.06 -49.30 -6.10
N GLY R 57 22.90 -50.49 -5.52
CA GLY R 57 21.63 -51.19 -5.55
C GLY R 57 21.35 -51.95 -6.82
N GLU R 58 22.27 -51.96 -7.78
CA GLU R 58 22.05 -52.66 -9.03
C GLU R 58 22.14 -54.16 -8.83
N HIS R 59 21.14 -54.89 -9.34
CA HIS R 59 21.13 -56.34 -9.31
C HIS R 59 21.11 -56.94 -10.70
N ASP R 60 20.22 -56.46 -11.57
CA ASP R 60 20.09 -56.97 -12.94
C ASP R 60 20.66 -55.92 -13.88
N LEU R 61 21.76 -56.25 -14.55
CA LEU R 61 22.42 -55.30 -15.44
C LEU R 61 21.61 -54.98 -16.69
N SER R 62 20.56 -55.74 -16.98
CA SER R 62 19.73 -55.51 -18.17
C SER R 62 18.50 -54.69 -17.87
N GLU R 63 17.86 -54.89 -16.72
CA GLU R 63 16.64 -54.19 -16.35
C GLU R 63 16.94 -53.08 -15.34
N HIS R 64 16.31 -51.93 -15.53
CA HIS R 64 16.49 -50.78 -14.66
C HIS R 64 15.25 -50.64 -13.77
N ASP R 65 15.35 -51.10 -12.54
CA ASP R 65 14.30 -50.87 -11.55
C ASP R 65 14.58 -49.58 -10.79
N GLY R 66 13.59 -49.16 -10.01
CA GLY R 66 13.68 -47.87 -9.33
C GLY R 66 14.62 -47.84 -8.15
N ASP R 67 15.14 -49.00 -7.72
CA ASP R 67 16.01 -49.05 -6.56
C ASP R 67 17.46 -48.69 -6.88
N GLU R 68 17.84 -48.67 -8.16
CA GLU R 68 19.21 -48.33 -8.51
C GLU R 68 19.45 -46.83 -8.35
N GLN R 69 20.61 -46.50 -7.80
CA GLN R 69 21.03 -45.11 -7.66
C GLN R 69 22.50 -44.99 -8.03
N SER R 70 22.87 -43.83 -8.56
CA SER R 70 24.23 -43.56 -8.98
C SER R 70 24.67 -42.20 -8.47
N ARG R 71 25.92 -42.11 -8.02
CA ARG R 71 26.50 -40.87 -7.52
C ARG R 71 27.88 -40.67 -8.15
N ARG R 72 28.25 -39.40 -8.30
CA ARG R 72 29.53 -39.05 -8.90
C ARG R 72 30.66 -39.16 -7.88
N VAL R 73 31.79 -39.70 -8.32
CA VAL R 73 32.97 -39.83 -7.48
C VAL R 73 33.85 -38.61 -7.71
N ALA R 74 34.19 -37.91 -6.62
CA ALA R 74 34.97 -36.69 -6.71
C ALA R 74 36.42 -36.84 -6.24
N GLN R 75 36.78 -37.98 -5.64
CA GLN R 75 38.13 -38.17 -5.14
C GLN R 75 38.44 -39.66 -5.03
N VAL R 76 39.66 -40.02 -5.38
CA VAL R 76 40.17 -41.39 -5.25
C VAL R 76 41.50 -41.33 -4.53
N ILE R 77 41.66 -42.16 -3.50
CA ILE R 77 42.85 -42.17 -2.66
C ILE R 77 43.54 -43.51 -2.80
N ILE R 78 44.84 -43.48 -3.12
CA ILE R 78 45.65 -44.69 -3.24
C ILE R 78 46.85 -44.56 -2.33
N PRO R 79 47.28 -45.62 -1.65
CA PRO R 79 48.49 -45.51 -0.81
C PRO R 79 49.72 -45.15 -1.63
N SER R 80 50.60 -44.37 -1.01
CA SER R 80 51.81 -43.93 -1.70
C SER R 80 52.75 -45.09 -2.00
N THR R 81 52.69 -46.16 -1.20
CA THR R 81 53.55 -47.32 -1.39
C THR R 81 53.03 -48.29 -2.44
N TYR R 82 52.11 -47.84 -3.30
CA TYR R 82 51.56 -48.67 -4.37
C TYR R 82 52.10 -48.18 -5.70
N VAL R 83 52.62 -49.10 -6.50
CA VAL R 83 53.11 -48.82 -7.84
C VAL R 83 52.15 -49.47 -8.84
N PRO R 84 51.72 -48.77 -9.88
CA PRO R 84 50.80 -49.39 -10.85
C PRO R 84 51.40 -50.64 -11.48
N GLY R 85 50.56 -51.63 -11.70
CA GLY R 85 51.01 -52.92 -12.19
C GLY R 85 51.53 -53.86 -11.12
N THR R 86 51.38 -53.51 -9.85
CA THR R 86 51.84 -54.32 -8.74
C THR R 86 50.66 -54.73 -7.86
N THR R 87 50.74 -55.94 -7.31
CA THR R 87 49.68 -56.48 -6.48
C THR R 87 49.72 -55.96 -5.05
N ASN R 88 50.88 -55.53 -4.57
CA ASN R 88 51.00 -55.06 -3.20
C ASN R 88 50.26 -53.74 -3.02
N HIS R 89 49.63 -53.58 -1.85
CA HIS R 89 48.86 -52.39 -1.51
C HIS R 89 47.75 -52.13 -2.53
N ASP R 90 46.91 -53.16 -2.74
CA ASP R 90 45.83 -53.08 -3.71
C ASP R 90 44.54 -52.72 -2.98
N ILE R 91 44.41 -51.43 -2.68
CA ILE R 91 43.22 -50.89 -2.03
C ILE R 91 43.05 -49.44 -2.47
N ALA R 92 41.80 -49.00 -2.53
CA ALA R 92 41.49 -47.64 -2.95
C ALA R 92 40.29 -47.13 -2.16
N LEU R 93 40.34 -45.85 -1.80
CA LEU R 93 39.26 -45.19 -1.08
C LEU R 93 38.66 -44.12 -1.97
N LEU R 94 37.34 -44.18 -2.15
CA LEU R 94 36.63 -43.30 -3.08
C LEU R 94 35.67 -42.41 -2.32
N ARG R 95 35.60 -41.14 -2.72
CA ARG R 95 34.71 -40.16 -2.13
C ARG R 95 33.62 -39.79 -3.13
N LEU R 96 32.37 -39.89 -2.69
CA LEU R 96 31.23 -39.50 -3.53
C LEU R 96 30.96 -38.01 -3.38
N HIS R 97 30.58 -37.38 -4.49
CA HIS R 97 30.23 -35.96 -4.45
C HIS R 97 29.03 -35.71 -3.54
N GLN R 98 28.04 -36.58 -3.60
CA GLN R 98 26.86 -36.52 -2.76
C GLN R 98 26.63 -37.88 -2.11
N PRO R 99 26.02 -37.90 -0.93
CA PRO R 99 25.84 -39.17 -0.22
C PRO R 99 24.76 -40.02 -0.87
N VAL R 100 24.65 -41.26 -0.41
CA VAL R 100 23.63 -42.18 -0.86
C VAL R 100 22.48 -42.16 0.14
N VAL R 101 21.31 -42.55 -0.35
CA VAL R 101 20.12 -42.62 0.49
C VAL R 101 19.99 -44.04 1.03
N LEU R 102 19.94 -44.17 2.35
CA LEU R 102 19.86 -45.48 3.00
C LEU R 102 18.51 -46.12 2.67
N THR R 103 18.55 -47.19 1.89
CA THR R 103 17.34 -47.91 1.49
C THR R 103 17.55 -49.40 1.74
N ASP R 104 16.50 -50.19 1.51
CA ASP R 104 16.55 -51.62 1.76
C ASP R 104 17.50 -52.35 0.82
N HIS R 105 17.85 -51.74 -0.32
CA HIS R 105 18.75 -52.36 -1.28
C HIS R 105 20.12 -51.69 -1.32
N VAL R 106 20.33 -50.65 -0.51
CA VAL R 106 21.64 -50.02 -0.39
C VAL R 106 21.96 -49.82 1.09
N VAL R 107 22.78 -50.70 1.65
CA VAL R 107 23.19 -50.60 3.05
C VAL R 107 24.71 -50.76 3.10
N PRO R 108 25.40 -50.01 3.96
CA PRO R 108 26.86 -50.14 4.02
C PRO R 108 27.30 -51.39 4.76
N LEU R 109 28.57 -51.72 4.59
CA LEU R 109 29.21 -52.86 5.25
C LEU R 109 30.14 -52.34 6.32
N CYS R 110 30.07 -52.95 7.51
CA CYS R 110 30.86 -52.48 8.64
C CYS R 110 32.36 -52.65 8.38
N LEU R 111 33.13 -51.63 8.74
CA LEU R 111 34.58 -51.71 8.71
C LEU R 111 35.06 -52.12 10.09
N PRO R 112 35.61 -53.33 10.26
CA PRO R 112 35.95 -53.80 11.61
C PRO R 112 37.19 -53.08 12.15
N GLU R 113 37.27 -53.05 13.48
CA GLU R 113 38.47 -52.55 14.13
C GLU R 113 39.63 -53.51 13.87
N ARG R 114 40.85 -52.95 13.91
CA ARG R 114 42.03 -53.76 13.60
C ARG R 114 42.19 -54.90 14.58
N THR R 115 42.00 -54.64 15.87
CA THR R 115 42.13 -55.71 16.87
C THR R 115 41.05 -56.76 16.69
N PHE R 116 39.81 -56.34 16.45
CA PHE R 116 38.71 -57.28 16.26
C PHE R 116 38.90 -58.09 14.97
N SER R 117 39.36 -57.44 13.90
CA SER R 117 39.50 -58.12 12.63
C SER R 117 40.71 -59.05 12.58
N GLU R 118 41.80 -58.70 13.26
CA GLU R 118 43.04 -59.45 13.14
C GLU R 118 43.07 -60.72 13.98
N ARG R 119 42.28 -60.79 15.06
CA ARG R 119 42.36 -61.90 16.00
C ARG R 119 41.11 -62.74 16.04
N THR R 120 39.94 -62.12 16.22
CA THR R 120 38.69 -62.87 16.37
C THR R 120 38.00 -63.10 15.04
N LEU R 121 37.84 -62.05 14.24
CA LEU R 121 37.07 -62.16 13.00
C LEU R 121 37.83 -62.95 11.95
N ALA R 122 39.17 -62.86 11.95
CA ALA R 122 39.97 -63.51 10.91
C ALA R 122 40.04 -65.02 11.04
N PHE R 123 39.55 -65.59 12.14
CA PHE R 123 39.68 -67.03 12.40
C PHE R 123 38.40 -67.80 12.15
N VAL R 124 37.56 -67.32 11.23
CA VAL R 124 36.42 -68.07 10.73
C VAL R 124 36.64 -68.30 9.24
N ARG R 125 36.54 -69.56 8.82
CA ARG R 125 37.01 -69.97 7.51
C ARG R 125 35.99 -69.74 6.40
N PHE R 126 34.73 -69.45 6.73
CA PHE R 126 33.68 -69.36 5.72
C PHE R 126 33.36 -67.89 5.46
N SER R 127 34.07 -67.30 4.50
CA SER R 127 33.82 -65.96 4.02
C SER R 127 33.40 -66.03 2.55
N LEU R 128 32.45 -65.19 2.16
CA LEU R 128 31.89 -65.22 0.82
C LEU R 128 32.28 -63.97 0.05
N VAL R 129 32.53 -64.14 -1.25
CA VAL R 129 32.87 -63.05 -2.15
C VAL R 129 31.79 -62.93 -3.20
N SER R 130 31.67 -61.74 -3.78
CA SER R 130 30.65 -61.46 -4.78
C SER R 130 31.20 -60.50 -5.82
N GLY R 131 30.67 -60.61 -7.04
CA GLY R 131 31.11 -59.75 -8.12
C GLY R 131 30.38 -60.08 -9.40
N TRP R 132 30.64 -59.23 -10.41
CA TRP R 132 30.04 -59.38 -11.73
C TRP R 132 31.04 -59.88 -12.76
N GLY R 133 32.08 -60.59 -12.32
CA GLY R 133 33.13 -61.04 -13.21
C GLY R 133 32.63 -62.06 -14.23
N GLN R 134 33.56 -62.50 -15.06
CA GLN R 134 33.25 -63.45 -16.12
C GLN R 134 32.71 -64.75 -15.53
N LEU R 135 31.58 -65.21 -16.06
CA LEU R 135 30.93 -66.41 -15.56
C LEU R 135 31.67 -67.65 -16.04
N THR R 141 31.43 -61.69 -19.00
CA THR R 141 30.86 -60.94 -17.89
C THR R 141 29.44 -61.41 -17.60
N ALA R 142 29.18 -61.73 -16.33
CA ALA R 142 27.87 -62.23 -15.93
C ALA R 142 26.81 -61.13 -16.05
N LEU R 143 25.58 -61.56 -16.29
CA LEU R 143 24.45 -60.65 -16.40
C LEU R 143 23.83 -60.34 -15.03
N GLU R 144 23.93 -61.27 -14.09
CA GLU R 144 23.39 -61.10 -12.74
C GLU R 144 24.52 -61.22 -11.72
N LEU R 145 24.29 -60.62 -10.56
CA LEU R 145 25.28 -60.67 -9.49
C LEU R 145 25.47 -62.09 -8.98
N MET R 146 26.72 -62.50 -8.81
CA MET R 146 27.07 -63.85 -8.41
C MET R 146 27.83 -63.82 -7.09
N VAL R 147 27.45 -64.68 -6.16
CA VAL R 147 28.10 -64.82 -4.87
C VAL R 147 28.80 -66.15 -4.82
N LEU R 148 29.98 -66.18 -4.18
CA LEU R 148 30.78 -67.39 -4.06
C LEU R 148 31.25 -67.55 -2.63
N ASN R 149 31.17 -68.77 -2.12
CA ASN R 149 31.64 -69.11 -0.77
C ASN R 149 33.03 -69.75 -0.89
N VAL R 150 34.01 -69.14 -0.25
CA VAL R 150 35.40 -69.59 -0.33
C VAL R 150 35.96 -69.80 1.06
N PRO R 151 36.92 -70.72 1.25
CA PRO R 151 37.57 -70.86 2.56
C PRO R 151 38.81 -69.98 2.67
N ARG R 152 39.02 -69.44 3.87
CA ARG R 152 40.15 -68.57 4.14
C ARG R 152 41.33 -69.40 4.63
N LEU R 153 42.50 -69.18 4.03
CA LEU R 153 43.70 -69.92 4.35
C LEU R 153 44.82 -68.97 4.76
N MET R 154 45.67 -69.44 5.67
CA MET R 154 46.82 -68.66 6.07
C MET R 154 47.87 -68.66 4.97
N THR R 155 48.72 -67.63 4.98
CA THR R 155 49.73 -67.48 3.94
C THR R 155 50.72 -68.65 3.95
N GLN R 156 51.12 -69.10 5.15
CA GLN R 156 52.07 -70.20 5.24
C GLN R 156 51.50 -71.48 4.63
N ASP R 157 50.24 -71.80 4.96
CA ASP R 157 49.62 -72.99 4.39
C ASP R 157 49.30 -72.81 2.91
N CYS R 158 49.03 -71.58 2.48
CA CYS R 158 48.70 -71.32 1.09
C CYS R 158 49.89 -71.61 0.17
N LEU R 159 51.09 -71.24 0.58
CA LEU R 159 52.26 -71.39 -0.29
C LEU R 159 52.58 -72.86 -0.56
N GLN R 160 52.48 -73.71 0.47
CA GLN R 160 52.87 -75.10 0.30
C GLN R 160 51.90 -75.85 -0.62
N GLN R 161 50.60 -75.63 -0.45
CA GLN R 161 49.61 -76.35 -1.24
C GLN R 161 49.51 -75.84 -2.67
N SER R 162 50.07 -74.68 -2.97
CA SER R 162 49.94 -74.09 -4.30
C SER R 162 50.92 -74.76 -5.26
N ARG R 163 50.41 -75.19 -6.41
CA ARG R 163 51.23 -75.77 -7.46
C ARG R 163 51.61 -74.70 -8.48
N LYS R 164 52.83 -74.79 -8.99
CA LYS R 164 53.34 -73.89 -10.03
C LYS R 164 53.29 -72.44 -9.55
N VAL R 165 54.10 -72.17 -8.52
CA VAL R 165 54.17 -70.82 -7.96
C VAL R 165 54.74 -69.85 -9.00
N GLY R 166 55.89 -70.20 -9.58
CA GLY R 166 56.43 -69.45 -10.70
C GLY R 166 56.63 -67.97 -10.42
N ASP R 167 56.16 -67.15 -11.35
CA ASP R 167 56.29 -65.71 -11.24
C ASP R 167 55.51 -65.17 -10.04
N SER R 168 56.12 -64.23 -9.33
CA SER R 168 55.52 -63.59 -8.15
C SER R 168 54.98 -64.63 -7.16
N PRO R 169 55.85 -65.46 -6.57
CA PRO R 169 55.36 -66.49 -5.65
C PRO R 169 55.08 -65.97 -4.26
N ASN R 170 55.74 -64.88 -3.88
CA ASN R 170 55.64 -64.37 -2.52
C ASN R 170 54.29 -63.71 -2.28
N ILE R 171 53.65 -64.07 -1.16
CA ILE R 171 52.43 -63.43 -0.70
C ILE R 171 52.80 -62.59 0.51
N THR R 172 52.73 -61.27 0.36
CA THR R 172 53.22 -60.37 1.40
C THR R 172 52.25 -60.34 2.58
N GLU R 173 52.60 -59.53 3.58
CA GLU R 173 51.80 -59.42 4.79
C GLU R 173 50.51 -58.65 4.57
N TYR R 174 50.33 -58.03 3.40
CA TYR R 174 49.13 -57.26 3.10
C TYR R 174 48.13 -58.04 2.26
N MET R 175 48.32 -59.35 2.09
CA MET R 175 47.45 -60.16 1.27
C MET R 175 47.21 -61.51 1.96
N PHE R 176 46.15 -62.19 1.55
CA PHE R 176 45.81 -63.48 2.10
C PHE R 176 45.08 -64.30 1.04
N CYS R 177 45.32 -65.61 1.07
CA CYS R 177 44.70 -66.52 0.12
C CYS R 177 43.30 -66.92 0.59
N ALA R 178 42.44 -67.24 -0.37
CA ALA R 178 41.09 -67.70 -0.08
C ALA R 178 40.52 -68.35 -1.34
N GLY R 179 40.04 -69.58 -1.19
CA GLY R 179 39.45 -70.30 -2.30
C GLY R 179 39.90 -71.75 -2.29
N TYR R 180 39.68 -72.42 -3.41
CA TYR R 180 40.05 -73.82 -3.58
C TYR R 180 41.09 -73.95 -4.68
N SER R 181 41.97 -74.93 -4.54
CA SER R 181 43.05 -75.18 -5.49
C SER R 181 42.70 -76.22 -6.54
N ASP R 182 41.50 -76.80 -6.48
CA ASP R 182 41.09 -77.83 -7.43
C ASP R 182 40.51 -77.24 -8.72
N GLY R 183 40.43 -75.93 -8.84
CA GLY R 183 39.86 -75.32 -10.03
C GLY R 183 38.35 -75.33 -10.09
N SER R 184 37.68 -75.54 -8.96
CA SER R 184 36.23 -75.56 -8.93
C SER R 184 35.65 -74.16 -8.77
N LYS R 185 36.12 -73.41 -7.78
CA LYS R 185 35.59 -72.09 -7.50
C LYS R 185 36.74 -71.12 -7.23
N ASP R 186 36.60 -69.90 -7.73
CA ASP R 186 37.64 -68.88 -7.60
C ASP R 186 37.02 -67.52 -7.93
N SER R 187 37.77 -66.47 -7.63
CA SER R 187 37.39 -65.11 -7.99
C SER R 187 38.06 -64.75 -9.31
N CYS R 188 37.26 -64.50 -10.35
CA CYS R 188 37.77 -64.25 -11.68
C CYS R 188 38.23 -62.80 -11.82
N LYS R 189 38.45 -62.36 -13.05
CA LYS R 189 38.78 -60.98 -13.36
C LYS R 189 37.53 -60.22 -13.76
N GLY R 190 37.52 -58.92 -13.50
CA GLY R 190 36.40 -58.06 -13.77
C GLY R 190 35.50 -57.79 -12.58
N ASP R 191 35.59 -58.63 -11.55
CA ASP R 191 34.91 -58.40 -10.27
C ASP R 191 35.86 -57.89 -9.20
N SER R 192 37.04 -57.42 -9.60
CA SER R 192 38.02 -56.93 -8.63
C SER R 192 37.45 -55.76 -7.86
N GLY R 193 37.80 -55.69 -6.58
CA GLY R 193 37.20 -54.74 -5.67
C GLY R 193 35.92 -55.22 -5.02
N GLY R 194 35.50 -56.46 -5.29
CA GLY R 194 34.32 -57.01 -4.68
C GLY R 194 34.49 -57.30 -3.20
N PRO R 195 33.38 -57.37 -2.46
CA PRO R 195 33.47 -57.57 -1.02
C PRO R 195 33.74 -59.03 -0.67
N HIS R 196 34.82 -59.25 0.10
CA HIS R 196 35.08 -60.55 0.71
C HIS R 196 34.49 -60.53 2.12
N ALA R 197 33.15 -60.54 2.15
CA ALA R 197 32.43 -60.32 3.39
C ALA R 197 32.49 -61.55 4.30
N THR R 198 32.41 -61.28 5.61
CA THR R 198 32.45 -62.32 6.62
C THR R 198 31.36 -62.06 7.65
N HIS R 199 30.78 -63.15 8.17
CA HIS R 199 29.68 -63.09 9.10
C HIS R 199 30.13 -63.51 10.50
N TYR R 200 29.67 -62.78 11.51
CA TYR R 200 30.02 -63.10 12.89
C TYR R 200 28.88 -62.64 13.80
N ARG R 201 28.04 -63.59 14.22
CA ARG R 201 27.01 -63.36 15.23
C ARG R 201 26.03 -62.26 14.81
N GLY R 202 25.36 -62.48 13.70
CA GLY R 202 24.28 -61.61 13.27
C GLY R 202 24.69 -60.29 12.68
N THR R 203 25.99 -60.07 12.45
CA THR R 203 26.47 -58.83 11.85
C THR R 203 27.55 -59.17 10.84
N TRP R 204 27.65 -58.35 9.80
CA TRP R 204 28.56 -58.58 8.68
C TRP R 204 29.63 -57.49 8.65
N TYR R 205 30.88 -57.91 8.51
CA TYR R 205 32.02 -57.00 8.40
C TYR R 205 32.89 -57.43 7.24
N LEU R 206 33.61 -56.47 6.66
CA LEU R 206 34.48 -56.75 5.53
C LEU R 206 35.87 -57.11 6.04
N THR R 207 36.43 -58.18 5.50
CA THR R 207 37.76 -58.65 5.87
C THR R 207 38.76 -58.62 4.73
N GLY R 208 38.31 -58.80 3.48
CA GLY R 208 39.20 -58.78 2.35
C GLY R 208 38.54 -58.10 1.16
N ILE R 209 39.34 -57.91 0.12
CA ILE R 209 38.89 -57.28 -1.12
C ILE R 209 39.47 -58.07 -2.29
N VAL R 210 38.62 -58.40 -3.26
CA VAL R 210 39.08 -59.16 -4.43
C VAL R 210 40.01 -58.28 -5.24
N SER R 211 41.27 -58.69 -5.34
CA SER R 211 42.30 -57.89 -6.01
C SER R 211 42.84 -58.57 -7.26
N TRP R 212 43.26 -59.83 -7.16
CA TRP R 212 43.82 -60.53 -8.30
C TRP R 212 43.67 -62.03 -8.09
N GLY R 213 43.06 -62.71 -9.05
CA GLY R 213 42.95 -64.15 -9.04
C GLY R 213 43.85 -64.74 -10.12
N GLN R 214 44.73 -65.66 -9.70
CA GLN R 214 45.71 -66.24 -10.61
C GLN R 214 45.00 -67.17 -11.58
N GLY R 215 44.72 -66.66 -12.78
CA GLY R 215 44.11 -67.48 -13.83
C GLY R 215 42.75 -68.03 -13.49
N CYS R 216 41.98 -67.33 -12.64
CA CYS R 216 40.64 -67.75 -12.23
C CYS R 216 40.74 -69.14 -11.61
N ALA R 217 40.01 -70.14 -12.10
CA ALA R 217 40.03 -71.47 -11.51
C ALA R 217 41.20 -72.29 -12.05
N THR R 218 42.42 -71.76 -11.94
CA THR R 218 43.60 -72.49 -12.36
C THR R 218 43.88 -73.63 -11.39
N VAL R 219 44.21 -74.80 -11.94
CA VAL R 219 44.47 -75.97 -11.11
C VAL R 219 45.70 -75.72 -10.24
N GLY R 220 45.58 -76.03 -8.95
CA GLY R 220 46.68 -75.88 -8.04
C GLY R 220 46.98 -74.46 -7.62
N HIS R 221 45.96 -73.61 -7.50
CA HIS R 221 46.16 -72.24 -7.06
C HIS R 221 44.91 -71.74 -6.35
N PHE R 222 45.10 -70.76 -5.48
CA PHE R 222 44.03 -70.14 -4.72
C PHE R 222 43.76 -68.73 -5.22
N GLY R 223 42.72 -68.11 -4.65
CA GLY R 223 42.39 -66.74 -4.98
C GLY R 223 42.94 -65.77 -3.96
N VAL R 224 44.06 -65.12 -4.29
CA VAL R 224 44.74 -64.23 -3.36
C VAL R 224 44.00 -62.89 -3.31
N TYR R 225 43.58 -62.50 -2.10
CA TYR R 225 42.89 -61.24 -1.89
C TYR R 225 43.73 -60.35 -0.97
N THR R 226 43.54 -59.04 -1.09
CA THR R 226 44.22 -58.09 -0.23
C THR R 226 43.60 -58.10 1.15
N ARG R 227 44.43 -58.20 2.18
CA ARG R 227 43.97 -58.26 3.57
C ARG R 227 43.63 -56.86 4.05
N VAL R 228 42.36 -56.61 4.34
CA VAL R 228 41.96 -55.32 4.94
C VAL R 228 42.06 -55.51 6.45
N SER R 229 43.29 -55.45 6.95
CA SER R 229 43.56 -55.35 8.38
C SER R 229 44.67 -54.37 8.71
N GLN R 230 45.58 -54.08 7.78
CA GLN R 230 46.66 -53.14 7.99
C GLN R 230 46.33 -51.74 7.47
N TYR R 231 45.11 -51.55 6.98
CA TYR R 231 44.69 -50.27 6.41
C TYR R 231 43.56 -49.63 7.21
N ILE R 232 43.02 -50.30 8.22
CA ILE R 232 41.85 -49.77 8.93
C ILE R 232 42.17 -48.44 9.59
N GLU R 233 43.33 -48.35 10.25
CA GLU R 233 43.77 -47.06 10.77
C GLU R 233 44.03 -46.06 9.65
N TRP R 234 44.64 -46.53 8.56
CA TRP R 234 44.88 -45.66 7.41
C TRP R 234 43.57 -45.23 6.76
N LEU R 235 42.60 -46.14 6.66
CA LEU R 235 41.32 -45.82 6.02
C LEU R 235 40.56 -44.76 6.80
N GLN R 236 40.50 -44.89 8.14
CA GLN R 236 39.71 -43.98 8.93
C GLN R 236 40.38 -42.61 9.07
N LYS R 237 41.72 -42.56 8.94
CA LYS R 237 42.40 -41.28 9.06
C LYS R 237 42.07 -40.35 7.89
N LEU R 238 41.81 -40.92 6.71
CA LEU R 238 41.43 -40.11 5.55
C LEU R 238 39.93 -40.00 5.38
N MET R 239 39.16 -40.93 5.94
CA MET R 239 37.70 -40.86 5.84
C MET R 239 37.16 -39.63 6.52
N ARG R 240 37.77 -39.21 7.63
CA ARG R 240 37.30 -38.06 8.40
C ARG R 240 38.14 -36.81 8.15
N SER R 241 38.84 -36.75 7.03
CA SER R 241 39.66 -35.60 6.68
C SER R 241 38.86 -34.62 5.81
N GLU R 242 39.50 -33.52 5.46
CA GLU R 242 38.86 -32.49 4.65
C GLU R 242 38.90 -32.86 3.16
N PRO R 243 37.95 -32.36 2.38
CA PRO R 243 37.99 -32.62 0.93
C PRO R 243 39.06 -31.80 0.23
N ARG R 244 40.31 -32.24 0.33
CA ARG R 244 41.41 -31.52 -0.28
C ARG R 244 41.33 -31.61 -1.81
N PRO R 245 41.80 -30.59 -2.52
CA PRO R 245 41.73 -30.62 -3.99
C PRO R 245 42.59 -31.73 -4.57
N GLY R 246 42.15 -32.26 -5.71
CA GLY R 246 42.87 -33.32 -6.38
C GLY R 246 42.07 -34.61 -6.47
N VAL R 247 41.76 -35.04 -7.69
CA VAL R 247 41.01 -36.27 -7.88
C VAL R 247 41.84 -37.48 -7.43
N LEU R 248 43.11 -37.51 -7.83
CA LEU R 248 44.01 -38.60 -7.46
C LEU R 248 44.97 -38.08 -6.40
N LEU R 249 44.88 -38.66 -5.20
CA LEU R 249 45.75 -38.32 -4.09
C LEU R 249 46.49 -39.58 -3.64
N ARG R 250 47.82 -39.52 -3.65
CA ARG R 250 48.64 -40.65 -3.21
C ARG R 250 48.96 -40.43 -1.73
N ALA R 251 48.04 -40.87 -0.88
CA ALA R 251 48.22 -40.70 0.56
C ALA R 251 49.40 -41.53 1.05
N PRO R 252 50.19 -41.02 1.98
CA PRO R 252 51.36 -41.77 2.47
C PRO R 252 50.94 -42.89 3.41
N PHE R 253 51.38 -44.11 3.10
CA PHE R 253 51.15 -45.26 3.97
C PHE R 253 52.33 -45.45 4.91
N PRO R 254 52.10 -45.64 6.22
CA PRO R 254 50.77 -45.69 6.84
C PRO R 254 50.24 -44.30 7.22
N GLN S 4 45.49 -98.04 40.72
CA GLN S 4 46.85 -98.08 40.19
C GLN S 4 47.48 -96.69 40.19
N CYS S 5 46.92 -95.76 39.40
CA CYS S 5 47.47 -94.41 39.38
C CYS S 5 47.36 -93.74 40.74
N ALA S 6 46.14 -93.38 41.15
CA ALA S 6 45.79 -93.07 42.54
C ALA S 6 46.80 -92.19 43.29
N SER S 7 47.57 -91.38 42.57
CA SER S 7 48.51 -90.46 43.24
C SER S 7 47.89 -89.08 43.39
N SER S 8 46.65 -89.05 43.88
CA SER S 8 45.77 -87.89 43.82
C SER S 8 45.97 -87.14 42.50
N PRO S 9 45.98 -87.85 41.35
CA PRO S 9 46.40 -87.19 40.10
C PRO S 9 45.36 -86.21 39.60
N CYS S 10 44.11 -86.65 39.59
CA CYS S 10 43.01 -85.80 39.18
C CYS S 10 42.79 -84.72 40.24
N GLN S 11 42.71 -83.47 39.79
CA GLN S 11 42.56 -82.33 40.69
C GLN S 11 41.16 -81.75 40.55
N ASN S 12 40.66 -81.19 41.67
CA ASN S 12 39.36 -80.54 41.72
C ASN S 12 38.24 -81.52 41.37
N GLY S 13 38.15 -82.59 42.16
CA GLY S 13 37.01 -83.50 42.09
C GLY S 13 37.09 -84.57 41.03
N GLY S 14 38.22 -84.74 40.36
CA GLY S 14 38.34 -85.75 39.32
C GLY S 14 38.60 -87.14 39.88
N SER S 15 38.62 -88.11 38.96
CA SER S 15 38.87 -89.51 39.29
C SER S 15 39.89 -90.08 38.33
N CYS S 16 40.92 -90.74 38.86
CA CYS S 16 42.00 -91.29 38.05
C CYS S 16 41.72 -92.73 37.67
N LYS S 17 41.93 -93.05 36.40
CA LYS S 17 41.81 -94.40 35.87
C LYS S 17 42.92 -94.61 34.86
N ASP S 18 43.50 -95.80 34.85
CA ASP S 18 44.62 -96.10 33.96
C ASP S 18 44.17 -96.22 32.50
N GLN S 21 51.17 -97.77 32.21
CA GLN S 21 50.67 -96.98 33.33
C GLN S 21 50.14 -95.65 32.82
N SER S 22 48.95 -95.26 33.29
CA SER S 22 48.29 -94.05 32.80
C SER S 22 47.48 -93.44 33.93
N TYR S 23 47.05 -92.20 33.72
CA TYR S 23 46.34 -91.42 34.74
C TYR S 23 45.15 -90.69 34.11
N ILE S 24 44.38 -91.38 33.28
CA ILE S 24 43.27 -90.74 32.57
C ILE S 24 42.33 -90.08 33.56
N CYS S 25 42.08 -88.79 33.35
CA CYS S 25 41.35 -87.97 34.31
C CYS S 25 39.90 -87.80 33.86
N PHE S 26 38.97 -88.35 34.65
CA PHE S 26 37.55 -88.15 34.44
C PHE S 26 37.07 -87.08 35.41
N CYS S 27 36.82 -85.88 34.88
CA CYS S 27 36.56 -84.71 35.71
C CYS S 27 35.14 -84.21 35.51
N LEU S 28 34.70 -83.37 36.45
CA LEU S 28 33.39 -82.75 36.36
C LEU S 28 33.39 -81.70 35.25
N PRO S 29 32.19 -81.35 34.74
CA PRO S 29 32.13 -80.54 33.51
C PRO S 29 32.81 -79.18 33.59
N ALA S 30 32.98 -78.61 34.78
CA ALA S 30 33.55 -77.27 34.88
C ALA S 30 35.07 -77.24 34.74
N PHE S 31 35.73 -78.39 34.69
CA PHE S 31 37.18 -78.45 34.61
C PHE S 31 37.61 -79.32 33.44
N GLU S 32 38.81 -79.03 32.92
CA GLU S 32 39.39 -79.80 31.83
C GLU S 32 40.91 -79.72 31.94
N GLY S 33 41.58 -80.66 31.29
CA GLY S 33 43.03 -80.72 31.28
C GLY S 33 43.54 -82.12 31.55
N ARG S 34 44.85 -82.28 31.34
CA ARG S 34 45.49 -83.56 31.64
C ARG S 34 45.39 -83.86 33.14
N ASN S 35 45.62 -82.86 33.98
CA ASN S 35 45.40 -82.96 35.42
C ASN S 35 44.20 -82.15 35.87
N CYS S 36 43.45 -81.57 34.93
CA CYS S 36 42.25 -80.78 35.23
C CYS S 36 42.58 -79.61 36.14
N GLU S 37 43.58 -78.82 35.74
CA GLU S 37 43.98 -77.63 36.47
C GLU S 37 43.33 -76.36 35.94
N THR S 38 42.44 -76.47 34.96
CA THR S 38 41.79 -75.31 34.34
C THR S 38 40.33 -75.25 34.76
N HIS S 39 39.86 -74.04 35.07
CA HIS S 39 38.48 -73.82 35.49
C HIS S 39 37.58 -73.31 34.36
N LYS S 40 38.16 -72.69 33.33
CA LYS S 40 37.48 -72.26 32.12
C LYS S 40 36.56 -71.06 32.38
N ASP S 41 36.36 -70.69 33.64
CA ASP S 41 35.57 -69.51 33.94
C ASP S 41 36.40 -68.23 33.91
N ASP S 42 37.69 -68.33 34.23
CA ASP S 42 38.60 -67.20 34.12
C ASP S 42 39.23 -67.09 32.74
N GLN S 43 38.86 -67.97 31.81
CA GLN S 43 39.34 -67.93 30.44
C GLN S 43 38.44 -67.07 29.54
N LEU S 44 37.76 -66.08 30.11
CA LEU S 44 36.91 -65.16 29.35
C LEU S 44 37.72 -64.08 28.64
N ILE S 45 39.03 -64.27 28.51
CA ILE S 45 39.86 -63.32 27.79
C ILE S 45 39.36 -63.19 26.35
N CYS S 46 39.45 -61.97 25.81
CA CYS S 46 38.84 -61.68 24.51
C CYS S 46 39.54 -62.38 23.34
N VAL S 47 40.72 -62.97 23.56
CA VAL S 47 41.29 -63.84 22.54
C VAL S 47 40.57 -65.18 22.49
N ASN S 48 39.81 -65.52 23.54
CA ASN S 48 39.03 -66.75 23.59
C ASN S 48 37.63 -66.48 23.05
N GLU S 49 37.48 -66.66 21.73
CA GLU S 49 36.19 -66.51 21.06
C GLU S 49 35.55 -65.16 21.36
N ASN S 50 36.36 -64.11 21.29
CA ASN S 50 35.93 -62.72 21.51
C ASN S 50 35.37 -62.51 22.91
N GLY S 51 35.76 -63.36 23.87
CA GLY S 51 35.28 -63.23 25.23
C GLY S 51 33.78 -63.37 25.37
N GLY S 52 33.15 -64.20 24.52
CA GLY S 52 31.71 -64.38 24.59
C GLY S 52 30.92 -63.11 24.35
N CYS S 53 31.37 -62.28 23.40
CA CYS S 53 30.71 -61.02 23.10
C CYS S 53 30.35 -60.97 21.62
N GLU S 54 29.32 -60.19 21.30
CA GLU S 54 28.74 -60.20 19.96
C GLU S 54 29.63 -59.45 18.95
N GLN S 55 29.92 -58.18 19.21
CA GLN S 55 30.52 -57.32 18.21
C GLN S 55 31.94 -56.89 18.56
N TYR S 56 32.13 -56.22 19.69
CA TYR S 56 33.42 -55.60 20.01
C TYR S 56 33.77 -55.87 21.46
N CYS S 57 35.05 -55.68 21.78
CA CYS S 57 35.55 -55.89 23.13
C CYS S 57 36.72 -54.96 23.39
N SER S 58 37.01 -54.77 24.68
CA SER S 58 38.17 -53.99 25.11
C SER S 58 38.68 -54.62 26.40
N ASP S 59 39.84 -55.26 26.32
CA ASP S 59 40.40 -55.96 27.48
C ASP S 59 40.94 -54.95 28.47
N HIS S 60 40.37 -54.93 29.67
CA HIS S 60 40.84 -54.05 30.72
C HIS S 60 42.08 -54.65 31.39
N THR S 61 42.79 -53.82 32.15
CA THR S 61 44.07 -54.24 32.74
C THR S 61 43.87 -55.27 33.84
N GLY S 62 43.16 -54.90 34.90
CA GLY S 62 43.03 -55.77 36.06
C GLY S 62 41.69 -56.48 36.18
N THR S 63 40.60 -55.76 35.94
CA THR S 63 39.26 -56.30 36.14
C THR S 63 38.87 -57.15 34.94
N LYS S 64 37.62 -57.61 34.92
CA LYS S 64 37.12 -58.40 33.81
C LYS S 64 36.98 -57.55 32.56
N ARG S 65 36.92 -58.23 31.41
CA ARG S 65 36.86 -57.54 30.14
C ARG S 65 35.53 -56.82 29.97
N SER S 66 35.57 -55.66 29.33
CA SER S 66 34.38 -54.90 28.98
C SER S 66 34.22 -54.91 27.47
N CYS S 67 32.97 -55.01 27.01
CA CYS S 67 32.67 -55.16 25.59
C CYS S 67 31.91 -53.94 25.09
N ARG S 68 32.42 -53.32 24.03
CA ARG S 68 31.82 -52.18 23.37
C ARG S 68 31.14 -52.64 22.08
N CYS S 69 30.72 -51.68 21.26
CA CYS S 69 30.06 -52.00 20.00
C CYS S 69 30.34 -50.93 18.96
N HIS S 70 30.06 -51.27 17.71
CA HIS S 70 30.32 -50.40 16.57
C HIS S 70 29.36 -49.22 16.57
N GLU S 71 29.72 -48.19 15.82
CA GLU S 71 28.92 -46.97 15.78
C GLU S 71 27.50 -47.28 15.30
N GLY S 72 26.53 -46.60 15.90
CA GLY S 72 25.13 -46.87 15.64
C GLY S 72 24.55 -48.00 16.46
N TYR S 73 25.33 -48.62 17.35
CA TYR S 73 24.87 -49.72 18.19
C TYR S 73 25.07 -49.34 19.65
N SER S 74 24.09 -49.67 20.49
CA SER S 74 24.16 -49.46 21.92
C SER S 74 24.03 -50.80 22.63
N LEU S 75 24.92 -51.06 23.57
CA LEU S 75 24.94 -52.33 24.28
C LEU S 75 23.80 -52.42 25.28
N LEU S 76 23.15 -53.58 25.32
CA LEU S 76 21.98 -53.80 26.16
C LEU S 76 22.39 -54.04 27.61
N ALA S 77 21.40 -54.20 28.47
CA ALA S 77 21.66 -54.40 29.90
C ALA S 77 22.39 -55.70 30.19
N ASP S 78 22.32 -56.68 29.28
CA ASP S 78 23.00 -57.96 29.51
C ASP S 78 24.51 -57.84 29.39
N GLY S 79 25.01 -56.81 28.71
CA GLY S 79 26.43 -56.61 28.56
C GLY S 79 27.11 -57.42 27.48
N VAL S 80 26.37 -58.26 26.76
CA VAL S 80 26.96 -59.08 25.71
C VAL S 80 26.27 -58.91 24.36
N SER S 81 25.03 -58.43 24.31
CA SER S 81 24.30 -58.23 23.07
C SER S 81 24.10 -56.74 22.82
N CYS S 82 24.03 -56.37 21.54
CA CYS S 82 23.87 -54.99 21.14
C CYS S 82 22.65 -54.86 20.23
N THR S 83 21.88 -53.79 20.45
CA THR S 83 20.72 -53.48 19.64
C THR S 83 20.98 -52.23 18.80
N PRO S 84 20.42 -52.16 17.59
CA PRO S 84 20.61 -50.97 16.76
C PRO S 84 19.90 -49.75 17.33
N THR S 85 20.43 -48.58 17.01
CA THR S 85 19.83 -47.30 17.37
C THR S 85 19.26 -46.58 16.17
N VAL S 86 20.03 -46.48 15.07
CA VAL S 86 19.50 -45.90 13.85
C VAL S 86 18.53 -46.87 13.18
N GLU S 87 17.70 -46.34 12.29
CA GLU S 87 16.71 -47.16 11.62
C GLU S 87 17.38 -48.21 10.73
N TYR S 88 18.40 -47.81 9.99
CA TYR S 88 19.11 -48.72 9.07
C TYR S 88 20.53 -48.90 9.54
N PRO S 89 20.83 -49.99 10.26
CA PRO S 89 22.19 -50.17 10.79
C PRO S 89 23.18 -50.50 9.68
N CYS S 90 24.45 -50.58 10.06
CA CYS S 90 25.53 -50.87 9.14
C CYS S 90 25.95 -52.33 9.28
N GLY S 91 26.27 -52.95 8.15
CA GLY S 91 26.68 -54.34 8.16
C GLY S 91 25.56 -55.32 8.41
N LYS S 92 24.31 -54.91 8.25
CA LYS S 92 23.16 -55.77 8.46
C LYS S 92 22.28 -55.74 7.21
N ILE S 93 21.87 -56.91 6.75
CA ILE S 93 20.98 -57.01 5.59
C ILE S 93 19.56 -56.70 6.05
N PRO S 94 18.92 -55.67 5.48
CA PRO S 94 17.61 -55.25 6.02
C PRO S 94 16.44 -56.11 5.57
N ILE S 95 16.54 -56.84 4.46
CA ILE S 95 15.43 -57.67 4.02
C ILE S 95 15.27 -58.94 4.84
N LEU S 96 16.25 -59.28 5.68
CA LEU S 96 16.16 -60.45 6.54
C LEU S 96 15.61 -60.13 7.92
N GLU S 97 15.23 -58.88 8.18
CA GLU S 97 14.68 -58.51 9.47
C GLU S 97 13.19 -58.24 9.38
N ASN T 5 62.40 -64.33 15.20
CA ASN T 5 63.46 -65.16 15.76
C ASN T 5 62.90 -66.22 16.70
N THR T 6 61.74 -66.75 16.33
CA THR T 6 61.04 -67.77 17.10
C THR T 6 61.08 -69.10 16.38
N VAL T 7 61.12 -70.18 17.16
CA VAL T 7 61.14 -71.54 16.62
C VAL T 7 59.72 -72.05 16.51
N ALA T 8 59.45 -72.82 15.46
CA ALA T 8 58.13 -73.40 15.23
C ALA T 8 58.01 -74.75 15.92
N ALA T 9 56.77 -75.11 16.22
CA ALA T 9 56.49 -76.39 16.88
C ALA T 9 56.83 -77.55 15.95
N TYR T 10 57.12 -78.70 16.56
CA TYR T 10 57.44 -79.91 15.80
C TYR T 10 57.16 -81.12 16.68
N ASN T 11 57.23 -82.30 16.06
CA ASN T 11 56.97 -83.57 16.74
C ASN T 11 55.57 -83.59 17.37
N LEU T 12 54.59 -83.08 16.62
CA LEU T 12 53.21 -83.07 17.11
C LEU T 12 52.62 -84.47 17.00
N THR T 13 52.22 -85.04 18.14
CA THR T 13 51.67 -86.38 18.20
C THR T 13 50.40 -86.36 19.04
N TRP T 14 49.45 -87.21 18.66
CA TRP T 14 48.17 -87.32 19.36
C TRP T 14 48.19 -88.54 20.27
N LYS T 15 47.83 -88.33 21.54
CA LYS T 15 47.72 -89.42 22.51
C LYS T 15 46.27 -89.46 23.00
N SER T 16 45.52 -90.44 22.52
CA SER T 16 44.10 -90.57 22.85
C SER T 16 43.85 -91.96 23.42
N THR T 17 43.53 -92.02 24.70
CA THR T 17 43.13 -93.27 25.36
C THR T 17 41.78 -93.05 26.02
N ASN T 18 40.81 -93.90 25.67
CA ASN T 18 39.44 -93.76 26.15
C ASN T 18 38.90 -92.36 25.83
N PHE T 19 39.18 -91.89 24.61
CA PHE T 19 38.75 -90.62 24.05
C PHE T 19 39.37 -89.41 24.74
N LYS T 20 40.26 -89.61 25.71
CA LYS T 20 40.98 -88.50 26.33
C LYS T 20 42.12 -88.11 25.42
N THR T 21 41.84 -87.19 24.50
CA THR T 21 42.80 -86.78 23.48
C THR T 21 43.57 -85.56 23.99
N ILE T 22 44.90 -85.69 24.07
CA ILE T 22 45.78 -84.61 24.49
C ILE T 22 46.83 -84.41 23.41
N LEU T 23 47.01 -83.16 22.98
CA LEU T 23 47.95 -82.83 21.92
C LEU T 23 49.32 -82.56 22.52
N GLU T 24 50.33 -83.27 22.05
CA GLU T 24 51.70 -83.14 22.53
C GLU T 24 52.57 -82.58 21.42
N TRP T 25 53.40 -81.59 21.74
CA TRP T 25 54.30 -80.98 20.79
C TRP T 25 55.62 -80.63 21.46
N GLU T 26 56.57 -80.20 20.65
CA GLU T 26 57.92 -79.85 21.08
C GLU T 26 58.31 -78.53 20.43
N PRO T 27 59.31 -77.83 21.00
CA PRO T 27 60.13 -78.16 22.18
C PRO T 27 59.63 -77.48 23.44
N LYS T 28 60.36 -77.67 24.54
CA LYS T 28 60.07 -76.91 25.75
C LYS T 28 60.32 -75.42 25.49
N PRO T 29 59.42 -74.54 25.91
CA PRO T 29 59.54 -73.13 25.54
C PRO T 29 60.82 -72.50 26.08
N VAL T 30 61.47 -71.71 25.23
CA VAL T 30 62.66 -70.96 25.59
C VAL T 30 62.43 -69.52 25.12
N ASN T 31 62.07 -68.64 26.06
CA ASN T 31 61.72 -67.25 25.74
C ASN T 31 60.62 -67.18 24.70
N GLN T 32 59.60 -68.02 24.86
CA GLN T 32 58.47 -68.05 23.94
C GLN T 32 57.29 -68.71 24.64
N VAL T 33 56.11 -68.53 24.05
CA VAL T 33 54.87 -69.11 24.57
C VAL T 33 54.07 -69.68 23.40
N TYR T 34 53.14 -70.57 23.71
CA TYR T 34 52.38 -71.29 22.71
C TYR T 34 50.88 -71.07 22.88
N THR T 35 50.16 -71.22 21.77
CA THR T 35 48.71 -71.33 21.78
C THR T 35 48.31 -72.38 20.75
N VAL T 36 47.15 -72.98 20.95
CA VAL T 36 46.70 -74.12 20.16
C VAL T 36 45.37 -73.81 19.51
N GLN T 37 45.24 -74.17 18.23
CA GLN T 37 43.99 -74.03 17.50
C GLN T 37 43.58 -75.40 16.95
N ILE T 38 42.29 -75.72 17.08
CA ILE T 38 41.72 -76.94 16.53
C ILE T 38 40.51 -76.57 15.69
N SER T 39 40.19 -77.43 14.73
CA SER T 39 39.08 -77.15 13.82
C SER T 39 38.61 -78.44 13.17
N THR T 40 37.38 -78.39 12.67
CA THR T 40 36.82 -79.45 11.85
C THR T 40 37.12 -79.19 10.38
N LYS T 41 36.94 -80.23 9.56
CA LYS T 41 37.20 -80.12 8.13
C LYS T 41 36.26 -79.09 7.51
N SER T 42 36.86 -78.04 6.94
CA SER T 42 36.12 -76.94 6.32
C SER T 42 35.08 -76.37 7.28
N GLY T 43 35.51 -76.11 8.51
CA GLY T 43 34.61 -75.60 9.53
C GLY T 43 35.05 -74.28 10.12
N ASP T 44 35.23 -74.24 11.43
CA ASP T 44 35.56 -73.01 12.15
C ASP T 44 36.79 -73.24 13.00
N TRP T 45 37.81 -72.40 12.81
CA TRP T 45 38.99 -72.45 13.65
C TRP T 45 38.66 -71.97 15.06
N LYS T 46 39.02 -72.77 16.06
CA LYS T 46 38.79 -72.43 17.45
C LYS T 46 40.11 -72.46 18.20
N SER T 47 40.32 -71.44 19.04
CA SER T 47 41.58 -71.27 19.76
C SER T 47 41.48 -71.86 21.15
N LYS T 48 42.58 -72.45 21.62
CA LYS T 48 42.62 -73.09 22.92
C LYS T 48 44.04 -73.00 23.49
N CYS T 49 44.16 -73.22 24.79
CA CYS T 49 45.45 -73.20 25.49
C CYS T 49 46.17 -71.87 25.28
N PHE T 50 45.56 -70.81 25.78
CA PHE T 50 45.98 -69.45 25.48
C PHE T 50 47.21 -69.09 26.32
N TYR T 51 48.35 -68.92 25.64
CA TYR T 51 49.57 -68.40 26.27
C TYR T 51 50.00 -69.26 27.46
N THR T 52 50.08 -70.57 27.23
CA THR T 52 50.53 -71.51 28.24
C THR T 52 51.94 -71.98 27.92
N THR T 53 52.69 -72.32 28.97
CA THR T 53 54.10 -72.69 28.84
C THR T 53 54.33 -74.19 28.86
N ASP T 54 53.29 -75.00 28.96
CA ASP T 54 53.47 -76.44 28.89
C ASP T 54 53.43 -76.92 27.44
N THR T 55 53.86 -78.16 27.22
CA THR T 55 53.93 -78.74 25.89
C THR T 55 52.74 -79.67 25.60
N GLU T 56 51.63 -79.51 26.32
CA GLU T 56 50.46 -80.33 26.12
C GLU T 56 49.22 -79.45 26.13
N CYS T 57 48.19 -79.88 25.39
CA CYS T 57 46.92 -79.19 25.34
C CYS T 57 45.79 -80.21 25.34
N ASP T 58 44.77 -79.95 26.15
CA ASP T 58 43.62 -80.85 26.29
C ASP T 58 42.52 -80.36 25.37
N LEU T 59 42.33 -81.06 24.24
CA LEU T 59 41.24 -80.79 23.32
C LEU T 59 40.13 -81.82 23.42
N THR T 60 40.15 -82.65 24.46
CA THR T 60 39.16 -83.72 24.57
C THR T 60 37.74 -83.17 24.68
N ASP T 61 37.55 -82.13 25.48
CA ASP T 61 36.22 -81.55 25.66
C ASP T 61 35.70 -80.85 24.41
N GLU T 62 36.50 -80.79 23.34
CA GLU T 62 36.08 -80.18 22.09
C GLU T 62 35.96 -81.17 20.94
N ILE T 63 36.74 -82.26 20.97
CA ILE T 63 36.67 -83.26 19.90
C ILE T 63 35.50 -84.22 20.06
N VAL T 64 34.87 -84.26 21.25
CA VAL T 64 33.79 -85.22 21.50
C VAL T 64 32.45 -84.74 21.00
N LYS T 65 32.35 -83.53 20.45
CA LYS T 65 31.07 -83.05 19.94
C LYS T 65 30.59 -83.91 18.78
N ASP T 66 31.49 -84.23 17.84
CA ASP T 66 31.20 -85.13 16.74
C ASP T 66 32.32 -86.17 16.70
N VAL T 67 32.02 -87.39 17.16
CA VAL T 67 33.05 -88.40 17.31
C VAL T 67 33.54 -88.93 15.96
N LYS T 68 32.80 -88.71 14.88
CA LYS T 68 33.19 -89.14 13.55
C LYS T 68 33.87 -88.05 12.74
N GLN T 69 34.00 -86.84 13.29
CA GLN T 69 34.43 -85.68 12.52
C GLN T 69 35.94 -85.51 12.61
N THR T 70 36.61 -85.59 11.47
CA THR T 70 38.07 -85.42 11.45
C THR T 70 38.46 -84.01 11.87
N TYR T 71 39.45 -83.92 12.75
CA TYR T 71 39.92 -82.64 13.28
C TYR T 71 41.40 -82.44 12.94
N LEU T 72 41.78 -81.18 12.80
CA LEU T 72 43.16 -80.79 12.56
C LEU T 72 43.55 -79.72 13.57
N ALA T 73 44.80 -79.75 14.01
CA ALA T 73 45.29 -78.86 15.05
C ALA T 73 46.51 -78.10 14.59
N ARG T 74 46.66 -76.88 15.12
CA ARG T 74 47.81 -76.03 14.86
C ARG T 74 48.29 -75.43 16.17
N VAL T 75 49.61 -75.24 16.27
CA VAL T 75 50.24 -74.71 17.48
C VAL T 75 51.10 -73.51 17.10
N PHE T 76 50.73 -72.33 17.58
CA PHE T 76 51.49 -71.11 17.34
C PHE T 76 52.59 -70.95 18.38
N SER T 77 53.58 -70.11 18.04
CA SER T 77 54.73 -69.87 18.91
C SER T 77 55.01 -68.37 18.92
N TYR T 78 54.42 -67.66 19.87
CA TYR T 78 54.67 -66.24 20.03
C TYR T 78 56.04 -66.00 20.67
N PRO T 79 56.69 -64.90 20.34
CA PRO T 79 58.00 -64.58 20.95
C PRO T 79 57.81 -64.05 22.36
N ALA T 80 58.94 -63.74 23.00
CA ALA T 80 58.94 -63.21 24.36
C ALA T 80 58.60 -61.73 24.31
N GLY T 81 57.41 -61.37 24.76
CA GLY T 81 56.97 -59.98 24.74
C GLY T 81 56.72 -59.45 23.35
N GLY T 90 52.68 -58.73 10.45
CA GLY T 90 53.17 -60.04 10.05
C GLY T 90 52.21 -61.16 10.42
N GLU T 91 52.72 -62.39 10.39
CA GLU T 91 51.93 -63.57 10.71
C GLU T 91 52.66 -64.41 11.74
N PRO T 92 51.94 -64.96 12.72
CA PRO T 92 52.60 -65.79 13.74
C PRO T 92 53.16 -67.07 13.15
N LEU T 93 54.25 -67.53 13.75
CA LEU T 93 54.88 -68.77 13.32
C LEU T 93 54.20 -69.97 14.00
N TYR T 94 53.94 -71.01 13.21
CA TYR T 94 53.23 -72.18 13.71
C TYR T 94 53.58 -73.38 12.84
N GLU T 95 53.00 -74.53 13.17
CA GLU T 95 53.19 -75.75 12.41
C GLU T 95 51.92 -76.58 12.49
N ASN T 96 51.57 -77.23 11.38
CA ASN T 96 50.38 -78.05 11.33
C ASN T 96 50.62 -79.39 12.01
N SER T 97 49.52 -80.09 12.29
CA SER T 97 49.55 -81.41 12.91
C SER T 97 48.92 -82.44 11.97
N PRO T 98 49.29 -83.71 12.11
CA PRO T 98 48.66 -84.75 11.28
C PRO T 98 47.16 -84.83 11.53
N GLU T 99 46.43 -85.19 10.47
CA GLU T 99 44.98 -85.27 10.56
C GLU T 99 44.58 -86.31 11.61
N PHE T 100 43.63 -85.94 12.46
CA PHE T 100 43.22 -86.76 13.58
C PHE T 100 41.72 -86.99 13.53
N THR T 101 41.31 -88.24 13.71
CA THR T 101 39.91 -88.63 13.84
C THR T 101 39.61 -89.04 15.27
N PRO T 102 38.47 -88.64 15.82
CA PRO T 102 38.26 -88.79 17.28
C PRO T 102 38.15 -90.24 17.74
N TYR T 103 37.52 -91.11 16.95
CA TYR T 103 37.21 -92.45 17.44
C TYR T 103 38.12 -93.53 16.88
N LEU T 104 38.58 -93.41 15.63
CA LEU T 104 39.49 -94.43 15.10
C LEU T 104 40.85 -94.36 15.76
N GLU T 105 41.37 -93.14 15.99
CA GLU T 105 42.65 -93.00 16.67
C GLU T 105 42.53 -93.19 18.18
N THR T 106 41.32 -93.15 18.71
CA THR T 106 41.13 -93.34 20.15
C THR T 106 41.43 -94.78 20.53
N ASN T 107 42.22 -94.94 21.59
CA ASN T 107 42.52 -96.27 22.11
C ASN T 107 41.44 -96.70 23.09
N LEU T 108 41.03 -97.96 22.97
CA LEU T 108 40.01 -98.50 23.84
C LEU T 108 40.61 -98.82 25.21
N GLY T 109 39.73 -98.83 26.22
CA GLY T 109 40.13 -98.93 27.61
C GLY T 109 41.24 -99.91 27.93
N GLN T 110 42.36 -99.40 28.45
CA GLN T 110 43.35 -100.23 29.12
C GLN T 110 42.66 -100.93 30.29
N PRO T 111 43.27 -102.03 30.86
CA PRO T 111 42.45 -103.08 31.48
C PRO T 111 41.32 -102.53 32.34
N THR T 112 40.08 -102.80 31.93
CA THR T 112 38.93 -102.16 32.56
C THR T 112 38.27 -103.11 33.54
N THR T 132 33.15 -94.09 29.38
CA THR T 132 34.00 -93.28 28.51
C THR T 132 34.01 -91.83 28.95
N LEU T 133 34.22 -90.92 28.00
CA LEU T 133 34.39 -89.51 28.32
C LEU T 133 33.66 -88.57 27.36
N VAL T 134 32.92 -89.10 26.38
CA VAL T 134 32.16 -88.24 25.47
C VAL T 134 30.96 -87.67 26.22
N ARG T 135 30.93 -86.34 26.35
CA ARG T 135 29.87 -85.65 27.08
C ARG T 135 28.79 -85.21 26.10
N ARG T 136 27.73 -86.03 25.99
CA ARG T 136 26.56 -85.67 25.21
C ARG T 136 25.42 -85.17 26.09
N ASN T 137 25.44 -85.50 27.38
CA ASN T 137 24.46 -85.00 28.34
C ASN T 137 25.21 -84.69 29.62
N ASN T 138 24.47 -84.54 30.73
CA ASN T 138 25.10 -84.21 32.01
C ASN T 138 26.11 -85.27 32.43
N THR T 139 25.90 -86.52 32.01
CA THR T 139 26.80 -87.61 32.34
C THR T 139 27.59 -88.04 31.10
N PHE T 140 28.67 -88.78 31.34
CA PHE T 140 29.48 -89.31 30.26
C PHE T 140 28.75 -90.45 29.55
N LEU T 141 29.02 -90.60 28.26
CA LEU T 141 28.44 -91.68 27.46
C LEU T 141 29.19 -92.98 27.72
N SER T 142 29.12 -93.43 28.97
CA SER T 142 29.87 -94.59 29.43
C SER T 142 29.14 -95.91 29.23
N LEU T 143 27.87 -95.89 28.82
CA LEU T 143 27.09 -97.12 28.63
C LEU T 143 27.55 -97.77 27.33
N ARG T 144 28.58 -98.62 27.43
CA ARG T 144 29.16 -99.31 26.29
C ARG T 144 29.60 -98.33 25.20
N ASP T 145 30.07 -97.15 25.60
CA ASP T 145 30.49 -96.07 24.71
C ASP T 145 29.35 -95.58 23.82
N VAL T 146 28.11 -95.95 24.13
CA VAL T 146 26.94 -95.69 23.29
C VAL T 146 27.13 -96.36 21.93
N PHE T 147 28.24 -96.05 21.25
CA PHE T 147 28.62 -96.74 20.03
C PHE T 147 28.76 -98.23 20.31
N GLY T 148 27.87 -99.04 19.73
CA GLY T 148 27.93 -100.47 19.89
C GLY T 148 27.77 -101.18 18.56
N LYS T 149 27.96 -100.43 17.48
CA LYS T 149 27.81 -101.00 16.14
C LYS T 149 28.85 -102.09 15.89
N ASP T 150 30.08 -101.88 16.35
CA ASP T 150 31.15 -102.86 16.19
C ASP T 150 31.76 -103.23 17.54
N LEU T 151 30.97 -103.11 18.60
CA LEU T 151 31.43 -103.44 19.95
C LEU T 151 31.57 -104.96 20.08
N ILE T 152 32.81 -105.45 20.10
CA ILE T 152 33.10 -106.87 20.17
C ILE T 152 34.14 -107.10 21.26
N TYR T 153 33.93 -108.12 22.08
CA TYR T 153 34.86 -108.49 23.13
C TYR T 153 35.43 -109.88 22.85
N THR T 154 36.61 -110.14 23.42
CA THR T 154 37.33 -111.39 23.23
C THR T 154 37.40 -112.15 24.54
N LEU T 155 37.13 -113.46 24.49
CA LEU T 155 37.10 -114.30 25.67
C LEU T 155 38.01 -115.51 25.48
N TYR T 156 38.77 -115.84 26.52
CA TYR T 156 39.63 -117.02 26.53
C TYR T 156 39.97 -117.37 27.96
N TYR T 157 40.47 -118.58 28.16
CA TYR T 157 40.77 -119.08 29.50
C TYR T 157 41.80 -120.19 29.39
N TRP T 158 42.37 -120.55 30.54
CA TRP T 158 43.31 -121.66 30.65
C TRP T 158 42.91 -122.53 31.84
N LYS T 159 43.52 -123.71 31.91
CA LYS T 159 43.11 -124.73 32.88
C LYS T 159 43.73 -124.46 34.25
N SER T 160 43.55 -123.23 34.74
CA SER T 160 43.84 -122.78 36.11
C SER T 160 45.32 -122.64 36.41
N SER T 161 46.18 -123.22 35.57
CA SER T 161 47.59 -122.83 35.52
C SER T 161 48.17 -122.87 34.11
N SER T 162 47.60 -123.64 33.19
CA SER T 162 48.23 -124.00 31.94
C SER T 162 47.14 -124.35 30.93
N SER T 163 47.54 -124.41 29.67
CA SER T 163 46.64 -124.85 28.61
C SER T 163 46.67 -126.38 28.56
N GLY T 164 46.00 -126.96 27.56
CA GLY T 164 45.96 -128.41 27.43
C GLY T 164 44.71 -129.02 28.03
N LYS T 165 44.84 -129.56 29.24
CA LYS T 165 43.69 -130.14 29.94
C LYS T 165 43.83 -129.98 31.45
N GLY T 182 34.44 -128.40 39.87
CA GLY T 182 35.51 -129.33 40.19
C GLY T 182 36.86 -128.64 40.33
N GLU T 183 37.07 -127.57 39.57
CA GLU T 183 38.31 -126.82 39.62
C GLU T 183 38.03 -125.38 39.19
N ASN T 184 38.64 -124.43 39.90
CA ASN T 184 38.45 -123.02 39.63
C ASN T 184 39.45 -122.55 38.59
N TYR T 185 38.95 -121.92 37.52
CA TYR T 185 39.77 -121.47 36.41
C TYR T 185 39.98 -119.95 36.50
N CYS T 186 40.62 -119.38 35.48
CA CYS T 186 40.89 -117.96 35.38
C CYS T 186 40.06 -117.36 34.25
N PHE T 187 40.29 -116.08 33.97
CA PHE T 187 39.53 -115.36 32.96
C PHE T 187 40.39 -114.25 32.37
N SER T 188 39.94 -113.72 31.24
CA SER T 188 40.62 -112.58 30.60
C SER T 188 39.65 -111.94 29.64
N VAL T 189 39.39 -110.64 29.81
CA VAL T 189 38.49 -109.90 28.95
C VAL T 189 39.24 -108.72 28.35
N GLN T 190 38.81 -108.31 27.16
CA GLN T 190 39.43 -107.22 26.43
C GLN T 190 38.46 -106.71 25.37
N ALA T 191 38.79 -105.56 24.81
CA ALA T 191 37.95 -104.92 23.80
C ALA T 191 38.66 -104.93 22.45
N VAL T 192 37.88 -105.05 21.38
CA VAL T 192 38.41 -105.07 20.02
C VAL T 192 37.35 -104.50 19.07
N ILE T 193 37.80 -103.65 18.16
CA ILE T 193 36.93 -103.11 17.10
C ILE T 193 37.52 -103.53 15.76
N PRO T 194 37.06 -104.64 15.18
CA PRO T 194 37.65 -105.13 13.92
C PRO T 194 37.54 -104.13 12.78
N SER T 195 36.45 -103.39 12.68
CA SER T 195 36.28 -102.45 11.57
C SER T 195 37.21 -101.25 11.66
N ARG T 196 37.86 -101.04 12.81
CA ARG T 196 38.79 -99.93 12.97
C ARG T 196 40.12 -100.25 12.32
N THR T 197 40.68 -99.28 11.60
CA THR T 197 41.90 -99.52 10.84
C THR T 197 43.11 -99.69 11.76
N VAL T 198 43.27 -98.81 12.74
CA VAL T 198 44.38 -98.87 13.68
C VAL T 198 43.83 -99.08 15.08
N ASN T 199 44.70 -99.55 15.98
CA ASN T 199 44.33 -99.88 17.35
C ASN T 199 43.13 -100.83 17.37
N ARG T 200 43.27 -101.94 16.63
CA ARG T 200 42.15 -102.86 16.46
C ARG T 200 41.72 -103.48 17.79
N LYS T 201 42.68 -103.90 18.61
CA LYS T 201 42.40 -104.59 19.85
C LYS T 201 42.93 -103.77 21.03
N SER T 202 42.59 -104.23 22.23
CA SER T 202 43.02 -103.63 23.48
C SER T 202 43.84 -104.64 24.27
N THR T 203 44.17 -104.28 25.50
CA THR T 203 44.99 -105.10 26.38
C THR T 203 44.14 -105.89 27.37
N ASP T 204 44.74 -106.95 27.91
CA ASP T 204 44.02 -107.91 28.74
C ASP T 204 43.76 -107.36 30.13
N SER T 205 42.63 -107.77 30.70
CA SER T 205 42.20 -107.33 32.03
C SER T 205 42.93 -108.09 33.12
N PRO T 206 42.92 -107.57 34.36
CA PRO T 206 43.53 -108.31 35.47
C PRO T 206 42.78 -109.61 35.76
N VAL T 207 43.49 -110.57 36.33
CA VAL T 207 42.98 -111.92 36.55
C VAL T 207 42.72 -112.14 38.03
N GLU T 208 41.77 -113.03 38.32
CA GLU T 208 41.47 -113.43 39.69
C GLU T 208 40.87 -114.84 39.62
N CYS T 209 41.70 -115.85 39.92
CA CYS T 209 41.28 -117.24 39.80
C CYS T 209 40.85 -117.77 41.17
N MET T 210 39.69 -117.27 41.62
CA MET T 210 39.11 -117.72 42.88
C MET T 210 37.62 -117.38 42.93
CA CA U . -34.34 103.47 -41.29
CA CA V . -18.32 52.88 13.03
C2 BGC W . -51.76 15.20 -35.24
C3 BGC W . -52.53 16.45 -35.33
C4 BGC W . -51.92 17.39 -36.31
C5 BGC W . -51.81 16.77 -37.70
C6 BGC W . -50.40 16.94 -38.22
C1 BGC W . -51.68 14.49 -36.58
O1 BGC W . -50.39 14.11 -36.82
O2 BGC W . -52.37 14.33 -34.28
O3 BGC W . -52.58 17.09 -34.02
O4 BGC W . -52.72 18.58 -36.40
O5 BGC W . -52.18 15.33 -37.74
CA CA X . -0.10 -13.68 -29.67
CA CA Y . 35.92 36.73 17.35
CA CA Z . 48.27 46.56 -3.25
C2 BGC AA . 19.32 69.67 -42.27
C3 BGC AA . 19.69 70.92 -41.57
C4 BGC AA . 18.54 71.86 -41.34
C5 BGC AA . 17.37 71.16 -40.65
C6 BGC AA . 16.19 72.07 -40.70
C1 BGC AA . 17.82 69.43 -42.43
O1 BGC AA . 17.37 70.03 -43.56
O2 BGC AA . 19.86 68.56 -41.51
O3 BGC AA . 20.70 71.61 -42.36
O4 BGC AA . 18.99 72.94 -40.52
O5 BGC AA . 16.99 69.86 -41.24
CA CA BA . -7.02 -91.84 33.83
CA CA CA . -35.74 -39.40 -15.31
CA CA DA . -46.42 -29.17 3.51
CS CS EA . 37.29 -1.09 38.99
CA CA FA . 18.38 -53.53 -11.86
CA CA GA . 40.93 -65.06 -7.59
C2 BGC HA . 51.74 -91.93 37.65
C3 BGC HA . 52.20 -90.52 37.47
C4 BGC HA . 51.30 -89.49 38.07
C5 BGC HA . 50.93 -89.85 39.50
C6 BGC HA . 50.03 -88.82 40.12
C1 BGC HA . 51.22 -92.22 39.06
O1 BGC HA . 50.57 -93.42 39.06
O2 BGC HA . 52.85 -92.81 37.40
O3 BGC HA . 52.31 -90.27 36.03
O4 BGC HA . 51.96 -88.22 38.05
O5 BGC HA . 50.27 -91.16 39.53
#